data_3J9O
#
_entry.id   3J9O
#
_cell.length_a   1
_cell.length_b   1
_cell.length_c   1
_cell.angle_alpha   90
_cell.angle_beta   90
_cell.angle_gamma   90
#
_symmetry.space_group_name_H-M   'P 1'
#
loop_
_entity.id
_entity.type
_entity.pdbx_description
1 polymer 'Intracellular growth locus protein A'
2 polymer 'Intracellular growth locus protein B'
#
loop_
_entity_poly.entity_id
_entity_poly.type
_entity_poly.pdbx_seq_one_letter_code
_entity_poly.pdbx_strand_id
1 'polypeptide(L)'
;MAKNKIPNSRLMINYETNVDGVLKKKELPYRVLVVGDLSKGRSVDAKKEFADREVRRVNNGVDRVLEEMNISFDFEAPNF
VSKDPSNLKVNYRIESVKDFRPDAVAKKVPEIRALLEMKEILASFAKDIENNRNLKKTIDMIFSDSNELESLKSKIPALT
NYTIKDSCDAAESQDLSNQQVDDK
;
A,C,E,G,I,K
2 'polypeptide(L)'
;MTINKLSLTDELLNNFGGSTEVDSVLKNIDFDVSDDASKVLSLSTDYNARNLMALSLVLANNDNINNYNQKYIQKVITVI
DKLIDLQVNSIISNDEFRALEQEWLKVQEVCQEDYDNVEVSILDVKKEELQYDFERNLYDISSSDFFKKVYVSEFDQYGG
EPYGAILGLYNFENTTNDIIWLTGMGMVAKNSHAPFIASIDKSFFGVKDLSEITHIKSFEALLEHPRYKEWNDFRNLDVA
AYIGLTVGDFMLRQPYNPENNPVQYKLMEGFNEFVDYDKNESYLWGPASIHLVKNMMRSYDKTRWFQYIRGVESGGYVKN
LVACVYDNKGILETKSPLNVLFADYMELSLANIGLIPFVSEKGTSNACFFSVNSAKKVEEFVDGFDSANSRLIANLSYTM
CISRISHYIKCVIRDKIGSIVDVESIQKILSDWISEFVTTVYQPTPLEMARYPFRNVSIEVKTIPGKPGWYSCKINVIPH
IQFEGMNTTMTIDTRLEPELFGTNNN
;
B,D,F,H,J,L
#
# COMPACT_ATOMS: atom_id res chain seq x y z
N ALA A 2 63.35 73.29 -16.66
CA ALA A 2 63.62 74.18 -15.53
C ALA A 2 63.16 73.55 -14.22
N LYS A 3 64.05 73.55 -13.23
CA LYS A 3 63.74 73.00 -11.92
C LYS A 3 62.80 73.91 -11.13
N ASN A 4 62.80 75.20 -11.47
CA ASN A 4 61.94 76.17 -10.79
C ASN A 4 60.48 75.80 -10.89
N LYS A 5 60.14 75.13 -12.00
CA LYS A 5 58.80 74.60 -12.23
C LYS A 5 57.79 75.70 -12.53
N ILE A 6 57.02 75.49 -13.58
CA ILE A 6 56.00 76.44 -14.02
C ILE A 6 54.93 76.62 -12.94
N PRO A 7 54.39 77.83 -12.81
CA PRO A 7 53.27 78.05 -11.89
C PRO A 7 52.04 77.23 -12.27
N ASN A 8 51.45 76.55 -11.29
CA ASN A 8 50.33 75.66 -11.55
C ASN A 8 49.06 76.43 -11.85
N SER A 9 48.42 76.06 -12.96
CA SER A 9 47.14 76.64 -13.33
C SER A 9 46.05 75.85 -12.63
N ARG A 10 44.81 75.98 -13.11
CA ARG A 10 43.69 75.28 -12.53
C ARG A 10 43.46 73.91 -13.18
N LEU A 11 44.03 73.72 -14.36
CA LEU A 11 43.88 72.47 -15.10
C LEU A 11 45.18 72.06 -15.75
N MET A 12 46.13 71.63 -14.94
CA MET A 12 47.46 71.31 -15.44
C MET A 12 47.50 69.87 -15.96
N ILE A 13 47.66 69.73 -17.28
CA ILE A 13 47.86 68.43 -17.92
C ILE A 13 49.33 68.37 -18.37
N ASN A 14 49.96 67.21 -18.25
CA ASN A 14 51.41 67.12 -18.42
C ASN A 14 51.89 66.09 -19.45
N TYR A 15 51.21 64.95 -19.52
CA TYR A 15 51.59 63.86 -20.42
C TYR A 15 52.94 63.25 -20.05
N GLU A 16 52.90 62.09 -19.41
CA GLU A 16 54.12 61.36 -19.03
C GLU A 16 54.68 60.59 -20.22
N THR A 17 55.98 60.76 -20.44
CA THR A 17 56.67 60.13 -21.57
C THR A 17 57.85 59.30 -21.08
N ASN A 18 57.94 59.14 -19.76
CA ASN A 18 59.03 58.40 -19.16
C ASN A 18 58.71 56.92 -19.08
N VAL A 19 59.70 56.09 -19.39
CA VAL A 19 59.52 54.64 -19.37
C VAL A 19 60.71 53.97 -18.71
N ASP A 20 60.43 53.13 -17.71
CA ASP A 20 61.46 52.36 -17.05
C ASP A 20 61.47 50.93 -17.56
N GLY A 21 62.58 50.24 -17.32
CA GLY A 21 62.72 48.86 -17.74
C GLY A 21 64.19 48.50 -17.87
N VAL A 22 64.45 47.20 -17.92
CA VAL A 22 65.82 46.70 -17.97
C VAL A 22 66.24 46.48 -19.42
N LEU A 23 67.36 47.08 -19.79
CA LEU A 23 67.83 47.05 -21.17
C LEU A 23 68.15 45.64 -21.62
N LYS A 24 68.18 45.46 -22.94
CA LYS A 24 68.40 44.15 -23.52
C LYS A 24 69.88 43.87 -23.71
N LYS A 25 70.19 42.61 -24.03
CA LYS A 25 71.56 42.20 -24.30
C LYS A 25 71.62 41.39 -25.60
N LYS A 26 72.46 41.86 -26.53
CA LYS A 26 72.65 41.19 -27.81
C LYS A 26 73.41 39.88 -27.59
N GLU A 27 73.12 38.89 -28.43
CA GLU A 27 73.71 37.56 -28.27
C GLU A 27 75.21 37.57 -28.43
N LEU A 28 75.86 36.55 -27.89
CA LEU A 28 77.32 36.41 -27.98
C LEU A 28 77.71 35.48 -29.13
N PRO A 29 78.46 36.01 -30.12
CA PRO A 29 78.98 35.13 -31.16
C PRO A 29 79.95 34.09 -30.59
N TYR A 30 79.68 32.82 -30.87
CA TYR A 30 80.53 31.74 -30.38
C TYR A 30 81.94 31.87 -30.93
N ARG A 31 82.82 32.49 -30.16
CA ARG A 31 84.18 32.75 -30.61
C ARG A 31 85.03 31.49 -30.62
N VAL A 32 85.90 31.38 -31.61
CA VAL A 32 86.81 30.24 -31.73
C VAL A 32 88.22 30.75 -31.85
N LEU A 33 89.02 30.51 -30.81
CA LEU A 33 90.42 30.87 -30.82
C LEU A 33 91.23 29.76 -31.48
N VAL A 34 92.18 30.14 -32.33
CA VAL A 34 93.13 29.17 -32.87
C VAL A 34 94.54 29.67 -32.57
N VAL A 35 95.42 28.73 -32.22
CA VAL A 35 96.78 29.08 -31.84
C VAL A 35 97.75 28.18 -32.59
N GLY A 36 98.52 28.79 -33.49
CA GLY A 36 99.55 28.10 -34.24
C GLY A 36 100.57 29.06 -34.80
N ASP A 37 101.79 28.56 -35.01
CA ASP A 37 102.86 29.36 -35.57
C ASP A 37 102.55 29.73 -37.02
N LEU A 38 101.99 30.92 -37.22
CA LEU A 38 101.60 31.36 -38.56
C LEU A 38 102.72 32.14 -39.22
N SER A 39 103.21 33.14 -38.51
CA SER A 39 104.18 34.08 -39.06
C SER A 39 105.61 33.56 -38.97
N LYS A 40 105.82 32.52 -38.17
CA LYS A 40 107.15 31.99 -37.89
C LYS A 40 108.06 33.07 -37.28
N GLY A 41 107.44 34.12 -36.74
CA GLY A 41 108.17 35.23 -36.16
C GLY A 41 108.32 36.39 -37.13
N ARG A 42 107.37 36.52 -38.05
CA ARG A 42 107.39 37.61 -39.03
C ARG A 42 106.03 38.27 -39.19
N SER A 43 105.68 39.11 -38.23
CA SER A 43 104.44 39.89 -38.30
C SER A 43 104.47 41.00 -37.27
N VAL A 44 103.63 42.01 -37.47
CA VAL A 44 103.60 43.17 -36.58
C VAL A 44 103.26 42.76 -35.15
N ASP A 45 102.28 41.87 -35.01
CA ASP A 45 101.83 41.42 -33.69
C ASP A 45 102.66 40.23 -33.21
N ALA A 46 103.42 39.61 -34.10
CA ALA A 46 104.25 38.46 -33.77
C ALA A 46 105.63 38.89 -33.28
N LYS A 47 106.12 40.01 -33.81
CA LYS A 47 107.43 40.51 -33.42
C LYS A 47 107.40 41.14 -32.04
N LYS A 48 106.20 41.42 -31.55
CA LYS A 48 106.03 42.04 -30.25
C LYS A 48 106.04 40.99 -29.13
N GLU A 49 106.23 41.45 -27.89
CA GLU A 49 106.27 40.55 -26.75
C GLU A 49 104.90 39.93 -26.51
N PHE A 50 104.89 38.72 -25.96
CA PHE A 50 103.65 37.97 -25.77
C PHE A 50 102.73 38.66 -24.77
N ALA A 51 103.32 39.48 -23.90
CA ALA A 51 102.54 40.21 -22.91
C ALA A 51 101.57 41.19 -23.58
N ASP A 52 101.84 41.51 -24.84
CA ASP A 52 101.01 42.44 -25.60
C ASP A 52 100.83 42.01 -27.06
N ARG A 53 100.03 40.97 -27.28
CA ARG A 53 99.67 40.55 -28.64
C ARG A 53 98.16 40.60 -28.82
N GLU A 54 97.69 41.68 -29.45
CA GLU A 54 96.28 41.82 -29.75
C GLU A 54 95.83 40.72 -30.68
N VAL A 55 94.89 39.90 -30.22
CA VAL A 55 94.33 38.83 -31.04
C VAL A 55 93.59 39.41 -32.24
N ARG A 56 93.66 38.71 -33.37
CA ARG A 56 92.96 39.14 -34.58
C ARG A 56 91.48 38.75 -34.49
N ARG A 57 90.77 38.89 -35.59
CA ARG A 57 89.33 38.63 -35.60
C ARG A 57 88.87 37.91 -36.86
N VAL A 58 89.48 38.24 -37.99
CA VAL A 58 89.08 37.70 -39.28
C VAL A 58 87.63 38.12 -39.56
N ASN A 59 87.32 39.40 -39.31
CA ASN A 59 86.01 39.95 -39.63
C ASN A 59 85.73 39.79 -41.10
N ASN A 60 86.67 40.27 -41.92
CA ASN A 60 86.58 40.09 -43.36
C ASN A 60 86.81 38.64 -43.72
N GLY A 61 88.07 38.29 -44.01
CA GLY A 61 88.43 36.93 -44.36
C GLY A 61 89.91 36.70 -44.17
N VAL A 62 90.33 35.45 -44.33
CA VAL A 62 91.75 35.10 -44.19
C VAL A 62 92.60 35.80 -45.25
N ASP A 63 91.96 36.40 -46.25
CA ASP A 63 92.67 37.11 -47.29
C ASP A 63 93.13 38.48 -46.79
N ARG A 64 92.28 39.16 -46.01
CA ARG A 64 92.56 40.53 -45.60
C ARG A 64 93.16 40.60 -44.20
N VAL A 65 92.84 39.62 -43.35
CA VAL A 65 93.42 39.57 -42.01
C VAL A 65 94.90 39.22 -42.11
N LEU A 66 95.25 38.57 -43.21
CA LEU A 66 96.64 38.24 -43.51
C LEU A 66 97.39 39.49 -43.92
N GLU A 67 96.87 40.17 -44.93
CA GLU A 67 97.47 41.40 -45.45
C GLU A 67 97.63 42.42 -44.34
N GLU A 68 96.79 42.30 -43.31
CA GLU A 68 96.87 43.18 -42.16
C GLU A 68 98.18 42.95 -41.41
N MET A 69 98.70 41.72 -41.50
CA MET A 69 99.99 41.38 -40.91
C MET A 69 101.08 41.44 -41.97
N ASN A 70 102.18 42.11 -41.64
CA ASN A 70 103.30 42.24 -42.56
C ASN A 70 104.12 40.95 -42.64
N ILE A 71 103.56 39.94 -43.28
CA ILE A 71 104.24 38.66 -43.45
C ILE A 71 105.08 38.68 -44.72
N SER A 72 106.36 38.98 -44.56
CA SER A 72 107.31 38.90 -45.66
C SER A 72 108.36 37.85 -45.32
N PHE A 73 109.26 37.60 -46.26
CA PHE A 73 110.34 36.66 -46.03
C PHE A 73 111.45 36.89 -47.05
N ASP A 74 112.69 36.80 -46.58
CA ASP A 74 113.85 37.04 -47.41
C ASP A 74 114.76 35.81 -47.42
N PHE A 75 114.19 34.67 -47.81
CA PHE A 75 114.94 33.42 -47.84
C PHE A 75 115.58 33.21 -49.21
N GLU A 76 116.75 32.59 -49.22
CA GLU A 76 117.52 32.38 -50.44
C GLU A 76 116.94 31.21 -51.24
N ALA A 77 117.32 31.14 -52.51
CA ALA A 77 116.89 30.03 -53.35
C ALA A 77 117.78 29.91 -54.59
N PRO A 78 117.90 28.70 -55.15
CA PRO A 78 118.72 28.49 -56.35
C PRO A 78 118.31 29.40 -57.51
N ASN A 79 119.31 29.95 -58.20
CA ASN A 79 119.07 30.89 -59.29
C ASN A 79 119.16 30.24 -60.65
N PHE A 80 118.21 30.57 -61.52
CA PHE A 80 118.18 30.05 -62.89
C PHE A 80 117.68 31.12 -63.85
N VAL A 81 117.78 32.38 -63.42
CA VAL A 81 117.29 33.50 -64.22
C VAL A 81 118.22 34.70 -64.05
N SER A 82 118.22 35.58 -65.05
CA SER A 82 119.04 36.79 -65.04
C SER A 82 120.53 36.46 -65.06
N LYS A 83 121.35 37.50 -65.08
CA LYS A 83 122.79 37.35 -65.13
C LYS A 83 123.42 37.64 -63.77
N ASP A 84 124.76 37.66 -63.74
CA ASP A 84 125.52 37.95 -62.54
C ASP A 84 125.37 36.85 -61.48
N PRO A 85 126.25 36.84 -60.46
CA PRO A 85 126.15 35.86 -59.38
C PRO A 85 124.94 36.10 -58.46
N SER A 86 125.08 35.71 -57.19
CA SER A 86 124.06 35.90 -56.16
C SER A 86 122.83 35.04 -56.40
N ASN A 87 122.57 34.15 -55.45
CA ASN A 87 121.37 33.31 -55.50
C ASN A 87 120.11 34.17 -55.51
N LEU A 88 119.05 33.63 -56.08
CA LEU A 88 117.79 34.36 -56.17
C LEU A 88 117.23 34.57 -54.76
N LYS A 89 116.84 35.81 -54.49
CA LYS A 89 116.34 36.19 -53.17
C LYS A 89 114.86 36.53 -53.22
N VAL A 90 114.01 35.54 -52.91
CA VAL A 90 112.58 35.75 -52.90
C VAL A 90 112.23 36.72 -51.78
N ASN A 91 111.67 37.88 -52.15
CA ASN A 91 111.38 38.94 -51.19
C ASN A 91 110.11 39.69 -51.55
N TYR A 92 109.00 39.27 -50.93
CA TYR A 92 107.73 39.97 -51.12
C TYR A 92 106.77 39.58 -50.01
N ARG A 93 105.88 40.50 -49.64
CA ARG A 93 104.93 40.27 -48.55
C ARG A 93 103.66 39.61 -49.05
N ILE A 94 103.13 38.70 -48.22
CA ILE A 94 101.92 37.97 -48.56
C ILE A 94 100.68 38.87 -48.41
N GLU A 95 99.91 38.97 -49.48
CA GLU A 95 98.62 39.69 -49.45
C GLU A 95 97.49 38.70 -49.20
N SER A 96 97.15 37.93 -50.24
CA SER A 96 96.09 36.93 -50.15
C SER A 96 96.65 35.55 -49.84
N VAL A 97 95.78 34.57 -49.69
CA VAL A 97 96.20 33.19 -49.43
C VAL A 97 96.59 32.49 -50.72
N LYS A 98 96.24 33.11 -51.85
CA LYS A 98 96.55 32.55 -53.16
C LYS A 98 97.96 32.93 -53.59
N ASP A 99 98.74 33.45 -52.66
CA ASP A 99 100.10 33.92 -52.96
C ASP A 99 101.06 32.73 -53.09
N PHE A 100 100.77 31.65 -52.39
CA PHE A 100 101.59 30.44 -52.48
C PHE A 100 101.34 29.68 -53.78
N ARG A 101 100.41 30.18 -54.58
CA ARG A 101 100.08 29.56 -55.85
C ARG A 101 101.25 29.72 -56.84
N PRO A 102 101.81 28.60 -57.32
CA PRO A 102 102.90 28.71 -58.30
C PRO A 102 102.47 29.47 -59.56
N ASP A 103 102.36 30.79 -59.40
CA ASP A 103 101.88 31.67 -60.45
C ASP A 103 101.95 33.10 -59.95
N ALA A 104 101.32 33.33 -58.80
CA ALA A 104 101.41 34.60 -58.12
C ALA A 104 102.85 34.82 -57.65
N VAL A 105 103.60 33.73 -57.58
CA VAL A 105 105.01 33.79 -57.21
C VAL A 105 105.83 34.40 -58.35
N ALA A 106 105.60 33.91 -59.57
CA ALA A 106 106.31 34.40 -60.74
C ALA A 106 105.96 35.86 -61.04
N LYS A 107 104.82 36.30 -60.51
CA LYS A 107 104.37 37.68 -60.68
C LYS A 107 105.03 38.59 -59.65
N LYS A 108 105.41 38.00 -58.52
CA LYS A 108 105.97 38.76 -57.41
C LYS A 108 107.48 38.85 -57.45
N VAL A 109 108.15 37.70 -57.59
CA VAL A 109 109.60 37.67 -57.64
C VAL A 109 110.12 38.42 -58.87
N PRO A 110 110.87 39.52 -58.67
CA PRO A 110 111.32 40.34 -59.80
C PRO A 110 112.08 39.58 -60.89
N GLU A 111 112.95 38.65 -60.48
CA GLU A 111 113.81 37.94 -61.44
C GLU A 111 113.01 37.05 -62.38
N ILE A 112 112.10 36.26 -61.81
CA ILE A 112 111.32 35.31 -62.60
C ILE A 112 110.42 36.05 -63.59
N ARG A 113 109.95 37.22 -63.17
CA ARG A 113 109.05 38.04 -63.99
C ARG A 113 109.69 38.44 -65.31
N ALA A 114 111.03 38.38 -65.36
CA ALA A 114 111.77 38.73 -66.56
C ALA A 114 111.51 37.71 -67.68
N LEU A 115 111.39 36.44 -67.30
CA LEU A 115 111.10 35.38 -68.26
C LEU A 115 109.63 35.37 -68.67
N LEU A 116 108.77 35.72 -67.71
CA LEU A 116 107.34 35.79 -67.98
C LEU A 116 107.03 36.99 -68.86
N GLU A 117 107.89 38.00 -68.79
CA GLU A 117 107.72 39.20 -69.60
C GLU A 117 107.95 38.90 -71.08
N MET A 118 108.90 38.01 -71.36
CA MET A 118 109.18 37.62 -72.73
C MET A 118 108.05 36.76 -73.31
N LYS A 119 107.47 35.92 -72.47
CA LYS A 119 106.40 35.03 -72.91
C LYS A 119 105.16 35.81 -73.31
N GLU A 120 105.12 37.10 -72.96
CA GLU A 120 104.03 37.97 -73.39
C GLU A 120 104.34 38.54 -74.77
N ILE A 121 105.62 38.83 -75.00
CA ILE A 121 106.05 39.46 -76.25
C ILE A 121 106.55 38.43 -77.25
N LEU A 122 107.49 37.58 -76.81
CA LEU A 122 108.09 36.60 -77.69
C LEU A 122 107.07 35.61 -78.25
N ALA A 123 106.23 35.06 -77.37
CA ALA A 123 105.27 34.04 -77.77
C ALA A 123 104.12 34.63 -78.58
N SER A 124 103.95 35.95 -78.50
CA SER A 124 102.89 36.64 -79.21
C SER A 124 103.30 36.99 -80.64
N PHE A 125 104.39 36.38 -81.10
CA PHE A 125 104.85 36.58 -82.47
C PHE A 125 103.81 36.06 -83.46
N ALA A 126 103.31 36.97 -84.30
CA ALA A 126 102.28 36.62 -85.27
C ALA A 126 102.89 35.92 -86.48
N LYS A 127 103.38 34.70 -86.27
CA LYS A 127 103.85 33.87 -87.37
C LYS A 127 102.71 33.06 -87.97
N ASP A 128 101.48 33.52 -87.71
CA ASP A 128 100.28 32.90 -88.26
C ASP A 128 99.51 33.92 -89.09
N ILE A 129 99.72 35.19 -88.79
CA ILE A 129 99.12 36.29 -89.54
C ILE A 129 100.03 36.67 -90.71
N GLU A 130 101.33 36.55 -90.50
CA GLU A 130 102.31 36.86 -91.53
C GLU A 130 102.51 35.67 -92.46
N ASN A 131 102.49 34.47 -91.90
CA ASN A 131 102.64 33.24 -92.67
C ASN A 131 101.41 33.01 -93.54
N ASN A 132 100.25 33.38 -93.01
CA ASN A 132 99.01 33.34 -93.75
C ASN A 132 98.92 34.56 -94.66
N ARG A 133 99.65 34.51 -95.78
CA ARG A 133 99.77 35.66 -96.67
C ARG A 133 98.57 35.78 -97.61
N ASN A 134 98.27 34.70 -98.33
CA ASN A 134 97.19 34.68 -99.33
C ASN A 134 97.26 35.87 -100.29
N LEU A 135 98.06 35.72 -101.34
CA LEU A 135 98.29 36.77 -102.35
C LEU A 135 98.54 38.14 -101.72
N VAL B 79 111.08 26.88 -74.62
CA VAL B 79 112.12 26.41 -73.71
C VAL B 79 112.20 27.28 -72.46
N ILE B 80 111.55 28.44 -72.50
CA ILE B 80 111.47 29.31 -71.32
C ILE B 80 110.58 28.64 -70.26
N ASP B 81 109.71 27.74 -70.71
CA ASP B 81 108.87 26.95 -69.81
C ASP B 81 109.74 26.00 -68.98
N LYS B 82 110.82 25.51 -69.58
CA LYS B 82 111.74 24.60 -68.91
C LYS B 82 112.40 25.29 -67.72
N LEU B 83 112.67 26.58 -67.85
CA LEU B 83 113.25 27.36 -66.77
C LEU B 83 112.27 27.49 -65.61
N ILE B 84 111.12 28.10 -65.90
CA ILE B 84 110.07 28.33 -64.90
C ILE B 84 109.69 27.03 -64.18
N ASP B 85 109.61 25.94 -64.93
CA ASP B 85 109.30 24.63 -64.35
C ASP B 85 110.41 24.16 -63.42
N LEU B 86 111.52 24.89 -63.40
CA LEU B 86 112.63 24.61 -62.51
C LEU B 86 112.77 25.73 -61.50
N GLN B 87 112.56 26.95 -61.94
CA GLN B 87 112.77 28.12 -61.09
C GLN B 87 111.77 28.15 -59.95
N VAL B 88 110.49 28.21 -60.29
CA VAL B 88 109.44 28.27 -59.28
C VAL B 88 109.42 26.98 -58.47
N ASN B 89 109.59 25.85 -59.14
CA ASN B 89 109.59 24.56 -58.46
C ASN B 89 110.75 24.39 -57.47
N SER B 90 111.64 25.37 -57.43
CA SER B 90 112.77 25.34 -56.50
C SER B 90 112.40 25.97 -55.16
N ILE B 91 111.43 26.87 -55.16
CA ILE B 91 111.03 27.58 -53.94
C ILE B 91 109.72 27.05 -53.35
N ILE B 92 108.90 26.40 -54.19
CA ILE B 92 107.67 25.76 -53.71
C ILE B 92 108.02 24.50 -52.93
N SER B 93 109.11 23.85 -53.33
CA SER B 93 109.60 22.67 -52.65
C SER B 93 110.49 23.04 -51.46
N ASN B 94 110.95 24.29 -51.46
CA ASN B 94 111.83 24.78 -50.40
C ASN B 94 111.13 24.75 -49.06
N ASP B 95 111.89 24.47 -48.01
CA ASP B 95 111.38 24.56 -46.65
C ASP B 95 111.10 26.01 -46.33
N GLU B 96 110.58 26.28 -45.13
CA GLU B 96 110.23 27.64 -44.71
C GLU B 96 109.09 28.22 -45.56
N PHE B 97 109.24 28.20 -46.87
CA PHE B 97 108.22 28.71 -47.76
C PHE B 97 106.94 27.87 -47.68
N ARG B 98 107.12 26.55 -47.72
CA ARG B 98 105.98 25.64 -47.67
C ARG B 98 105.56 25.39 -46.23
N ALA B 99 106.29 25.98 -45.29
CA ALA B 99 105.93 25.89 -43.88
C ALA B 99 104.80 26.88 -43.60
N LEU B 100 104.83 28.03 -44.27
CA LEU B 100 103.77 29.02 -44.16
C LEU B 100 102.51 28.51 -44.87
N GLU B 101 102.69 27.81 -45.98
CA GLU B 101 101.59 27.22 -46.71
C GLU B 101 100.77 26.35 -45.78
N GLN B 102 101.44 25.37 -45.17
CA GLN B 102 100.79 24.47 -44.22
C GLN B 102 100.10 25.26 -43.11
N GLU B 103 100.76 26.32 -42.67
CA GLU B 103 100.27 27.10 -41.54
C GLU B 103 99.34 28.23 -41.97
N TRP B 104 98.79 28.13 -43.18
CA TRP B 104 97.78 29.10 -43.65
C TRP B 104 96.67 28.40 -44.43
N LEU B 105 97.01 27.31 -45.09
CA LEU B 105 96.02 26.52 -45.78
C LEU B 105 95.03 25.96 -44.79
N LYS B 106 95.54 25.52 -43.65
CA LYS B 106 94.69 24.94 -42.62
C LYS B 106 94.02 26.04 -41.80
N VAL B 107 94.44 27.28 -42.00
CA VAL B 107 93.76 28.42 -41.41
C VAL B 107 92.59 28.83 -42.30
N GLN B 108 92.79 28.72 -43.61
CA GLN B 108 91.74 29.03 -44.56
C GLN B 108 90.63 27.98 -44.46
N GLU B 109 91.03 26.76 -44.11
CA GLU B 109 90.10 25.64 -44.05
C GLU B 109 89.06 25.87 -42.96
N VAL B 110 89.46 26.53 -41.88
CA VAL B 110 88.56 26.77 -40.76
C VAL B 110 87.58 27.87 -41.10
N CYS B 111 88.09 28.97 -41.66
CA CYS B 111 87.28 30.15 -41.96
C CYS B 111 86.73 30.12 -43.38
N GLN B 112 86.31 28.93 -43.81
CA GLN B 112 85.75 28.75 -45.14
C GLN B 112 84.23 28.80 -45.10
N GLU B 113 83.66 28.28 -44.02
CA GLU B 113 82.22 28.16 -43.91
C GLU B 113 81.54 29.52 -43.76
N ASP B 114 81.98 30.28 -42.77
CA ASP B 114 81.41 31.59 -42.46
C ASP B 114 79.93 31.48 -42.12
N TYR B 115 79.63 31.37 -40.82
CA TYR B 115 78.25 31.23 -40.35
C TYR B 115 77.67 32.55 -39.88
N ASP B 116 76.46 32.49 -39.34
CA ASP B 116 75.70 33.68 -38.99
C ASP B 116 76.20 34.32 -37.70
N ASN B 117 76.63 33.49 -36.75
CA ASN B 117 77.06 33.99 -35.44
C ASN B 117 78.18 33.13 -34.85
N VAL B 118 79.29 33.03 -35.59
CA VAL B 118 80.45 32.26 -35.16
C VAL B 118 81.72 32.95 -35.60
N GLU B 119 82.14 33.95 -34.82
CA GLU B 119 83.29 34.75 -35.17
C GLU B 119 84.58 34.11 -34.67
N VAL B 120 85.37 33.57 -35.59
CA VAL B 120 86.66 33.00 -35.22
C VAL B 120 87.64 34.10 -34.86
N SER B 121 88.90 33.73 -34.64
CA SER B 121 89.91 34.68 -34.23
C SER B 121 91.28 33.99 -34.16
N ILE B 122 92.32 34.75 -34.41
CA ILE B 122 93.66 34.21 -34.57
C ILE B 122 94.57 34.62 -33.41
N LEU B 123 95.68 33.93 -33.28
CA LEU B 123 96.73 34.31 -32.34
C LEU B 123 98.02 33.60 -32.70
N ASP B 124 98.77 34.15 -33.65
CA ASP B 124 99.97 33.49 -34.16
C ASP B 124 101.08 33.47 -33.12
N VAL B 125 101.35 32.28 -32.57
CA VAL B 125 102.40 32.12 -31.56
C VAL B 125 103.16 30.83 -31.78
N LYS B 126 104.48 30.91 -31.66
CA LYS B 126 105.33 29.74 -31.74
C LYS B 126 105.08 28.84 -30.55
N LYS B 127 105.23 27.54 -30.76
CA LYS B 127 104.99 26.56 -29.70
C LYS B 127 105.95 26.80 -28.56
N GLU B 128 107.17 27.19 -28.88
CA GLU B 128 108.19 27.44 -27.88
C GLU B 128 107.82 28.61 -26.97
N GLU B 129 107.14 29.61 -27.51
CA GLU B 129 106.77 30.80 -26.74
C GLU B 129 105.67 30.48 -25.73
N LEU B 130 105.04 29.31 -25.89
CA LEU B 130 104.06 28.82 -24.93
C LEU B 130 104.66 27.71 -24.08
N GLN B 131 105.59 26.97 -24.66
CA GLN B 131 106.32 25.93 -23.94
C GLN B 131 106.99 26.56 -22.73
N TYR B 132 107.62 27.70 -22.98
CA TYR B 132 108.32 28.44 -21.94
C TYR B 132 107.32 29.05 -20.97
N ASP B 133 106.13 29.34 -21.46
CA ASP B 133 105.12 30.02 -20.66
C ASP B 133 104.56 29.12 -19.56
N PHE B 134 103.96 28.01 -19.97
CA PHE B 134 103.36 27.08 -19.02
C PHE B 134 104.41 26.41 -18.14
N GLU B 135 105.54 26.05 -18.74
CA GLU B 135 106.58 25.33 -18.02
C GLU B 135 107.19 26.23 -16.94
N ARG B 136 107.00 27.54 -17.08
CA ARG B 136 107.46 28.51 -16.11
C ARG B 136 106.39 28.84 -15.08
N ASN B 137 105.12 28.67 -15.48
CA ASN B 137 103.98 29.06 -14.64
C ASN B 137 102.99 27.92 -14.48
N LEU B 138 103.48 26.69 -14.41
CA LEU B 138 102.60 25.54 -14.28
C LEU B 138 102.00 25.56 -12.89
N TYR B 139 102.78 26.00 -11.92
CA TYR B 139 102.36 26.05 -10.53
C TYR B 139 101.97 27.47 -10.15
N ASP B 140 101.50 28.21 -11.13
CA ASP B 140 101.06 29.59 -10.92
C ASP B 140 100.40 30.05 -12.22
N ILE B 141 99.34 29.36 -12.60
CA ILE B 141 98.74 29.55 -13.92
C ILE B 141 98.11 30.93 -14.07
N SER B 142 97.59 31.47 -12.97
CA SER B 142 96.89 32.75 -13.00
C SER B 142 97.80 33.88 -13.47
N SER B 143 99.11 33.63 -13.43
CA SER B 143 100.11 34.61 -13.84
C SER B 143 100.63 34.29 -15.24
N SER B 144 100.14 33.21 -15.83
CA SER B 144 100.52 32.84 -17.20
C SER B 144 100.05 33.91 -18.18
N ASP B 145 100.93 34.31 -19.09
CA ASP B 145 100.63 35.37 -20.04
C ASP B 145 99.45 35.00 -20.93
N PHE B 146 99.42 33.76 -21.41
CA PHE B 146 98.34 33.30 -22.26
C PHE B 146 97.03 33.28 -21.50
N PHE B 147 97.08 32.75 -20.29
CA PHE B 147 95.91 32.71 -19.40
C PHE B 147 95.35 34.11 -19.23
N LYS B 148 96.21 35.12 -19.37
CA LYS B 148 95.81 36.51 -19.23
C LYS B 148 95.46 37.11 -20.59
N LYS B 149 95.00 36.25 -21.50
CA LYS B 149 94.56 36.69 -22.83
C LYS B 149 93.43 35.80 -23.31
N VAL B 150 92.68 35.25 -22.35
CA VAL B 150 91.59 34.34 -22.67
C VAL B 150 90.64 34.21 -21.50
N TYR B 151 91.20 34.16 -20.29
CA TYR B 151 90.40 34.10 -19.08
C TYR B 151 90.17 35.52 -18.54
N VAL B 152 91.18 36.07 -17.88
CA VAL B 152 91.12 37.43 -17.38
C VAL B 152 91.55 38.38 -18.49
N SER B 153 90.60 38.73 -19.35
CA SER B 153 90.86 39.56 -20.51
C SER B 153 89.59 39.71 -21.34
N GLU B 154 88.87 38.61 -21.51
CA GLU B 154 87.66 38.59 -22.31
C GLU B 154 86.56 37.77 -21.66
N PHE B 155 86.92 36.68 -21.00
CA PHE B 155 85.93 35.85 -20.33
C PHE B 155 85.57 36.43 -18.97
N ASP B 156 86.57 36.92 -18.25
CA ASP B 156 86.36 37.40 -16.89
C ASP B 156 85.76 38.79 -16.94
N GLN B 157 86.37 39.67 -17.73
CA GLN B 157 85.95 41.07 -17.78
C GLN B 157 84.51 41.23 -18.23
N TYR B 158 83.94 42.36 -17.86
CA TYR B 158 82.56 42.70 -18.16
C TYR B 158 82.26 42.69 -19.66
N GLY B 159 82.60 43.78 -20.34
CA GLY B 159 82.26 43.95 -21.74
C GLY B 159 82.94 42.97 -22.68
N GLY B 160 83.79 42.10 -22.12
CA GLY B 160 84.54 41.16 -22.93
C GLY B 160 83.70 40.05 -23.52
N GLU B 161 84.10 39.60 -24.70
CA GLU B 161 83.44 38.46 -25.36
C GLU B 161 84.26 37.20 -25.13
N PRO B 162 83.71 36.21 -24.39
CA PRO B 162 84.48 35.01 -24.05
C PRO B 162 84.79 34.13 -25.24
N TYR B 163 85.85 33.33 -25.12
CA TYR B 163 86.22 32.38 -26.16
C TYR B 163 85.48 31.07 -25.97
N GLY B 164 85.55 30.21 -26.97
CA GLY B 164 84.89 28.91 -26.91
C GLY B 164 85.62 27.92 -27.79
N ALA B 165 86.11 26.84 -27.18
CA ALA B 165 86.82 25.79 -27.89
C ALA B 165 88.04 26.32 -28.64
N ILE B 166 89.16 26.37 -27.95
CA ILE B 166 90.45 26.71 -28.57
C ILE B 166 90.85 25.61 -29.55
N LEU B 167 91.70 25.94 -30.51
CA LEU B 167 92.16 24.98 -31.51
C LEU B 167 93.68 25.00 -31.62
N GLY B 168 94.32 23.97 -31.07
CA GLY B 168 95.77 23.86 -31.16
C GLY B 168 96.16 23.29 -32.51
N LEU B 169 96.85 24.10 -33.31
CA LEU B 169 97.26 23.70 -34.64
C LEU B 169 98.54 22.87 -34.60
N TYR B 170 99.03 22.56 -33.40
CA TYR B 170 100.27 21.82 -33.24
C TYR B 170 100.07 20.31 -33.22
N ASN B 171 101.19 19.58 -33.26
CA ASN B 171 101.20 18.14 -33.12
C ASN B 171 101.99 17.73 -31.88
N PHE B 172 101.33 17.04 -30.95
CA PHE B 172 101.94 16.71 -29.67
C PHE B 172 102.40 15.26 -29.60
N GLU B 173 103.65 15.08 -29.20
CA GLU B 173 104.25 13.76 -29.09
C GLU B 173 104.05 13.19 -27.69
N ASN B 174 104.79 12.13 -27.38
CA ASN B 174 104.76 11.51 -26.06
C ASN B 174 105.84 12.10 -25.15
N THR B 175 106.47 13.18 -25.59
CA THR B 175 107.54 13.80 -24.84
C THR B 175 107.04 14.23 -23.47
N THR B 176 107.97 14.36 -22.53
CA THR B 176 107.64 14.84 -21.19
C THR B 176 107.67 16.36 -21.11
N ASN B 177 107.86 17.01 -22.27
CA ASN B 177 107.76 18.46 -22.37
C ASN B 177 106.41 18.85 -22.95
N ASP B 178 106.06 18.26 -24.09
CA ASP B 178 104.79 18.53 -24.76
C ASP B 178 103.61 18.06 -23.91
N ILE B 179 103.90 17.25 -22.89
CA ILE B 179 102.88 16.75 -21.99
C ILE B 179 102.47 17.86 -21.03
N ILE B 180 103.41 18.74 -20.75
CA ILE B 180 103.16 19.88 -19.87
C ILE B 180 102.37 20.93 -20.63
N TRP B 181 102.69 21.06 -21.91
CA TRP B 181 102.02 22.01 -22.80
C TRP B 181 100.51 21.82 -22.76
N LEU B 182 100.09 20.55 -22.72
CA LEU B 182 98.68 20.20 -22.63
C LEU B 182 98.18 20.39 -21.22
N THR B 183 99.05 20.11 -20.26
CA THR B 183 98.71 20.23 -18.85
C THR B 183 98.43 21.68 -18.51
N GLY B 184 99.13 22.58 -19.19
CA GLY B 184 98.96 24.00 -18.97
C GLY B 184 97.76 24.55 -19.73
N MET B 185 97.70 24.26 -21.02
CA MET B 185 96.59 24.73 -21.86
C MET B 185 95.25 24.21 -21.34
N GLY B 186 95.28 23.01 -20.77
CA GLY B 186 94.09 22.43 -20.18
C GLY B 186 93.78 23.09 -18.86
N MET B 187 94.82 23.56 -18.17
CA MET B 187 94.65 24.28 -16.90
C MET B 187 93.87 25.57 -17.16
N VAL B 188 94.06 26.13 -18.35
CA VAL B 188 93.36 27.33 -18.80
C VAL B 188 91.95 26.98 -19.24
N ALA B 189 91.87 26.10 -20.25
CA ALA B 189 90.62 25.65 -20.82
C ALA B 189 89.62 25.24 -19.75
N LYS B 190 90.12 24.50 -18.77
CA LYS B 190 89.33 24.03 -17.65
C LYS B 190 88.61 25.18 -16.96
N ASN B 191 89.32 26.29 -16.78
CA ASN B 191 88.79 27.45 -16.07
C ASN B 191 88.05 28.39 -17.01
N SER B 192 88.66 28.69 -18.16
CA SER B 192 88.05 29.57 -19.13
C SER B 192 86.85 28.90 -19.79
N HIS B 193 86.73 27.58 -19.60
CA HIS B 193 85.66 26.79 -20.18
C HIS B 193 85.70 26.86 -21.69
N ALA B 194 86.67 26.16 -22.26
CA ALA B 194 86.94 26.23 -23.70
C ALA B 194 87.75 25.02 -24.13
N PRO B 195 87.06 23.89 -24.41
CA PRO B 195 87.69 22.61 -24.78
C PRO B 195 88.82 22.78 -25.80
N PHE B 196 90.04 22.48 -25.37
CA PHE B 196 91.20 22.67 -26.23
C PHE B 196 91.43 21.47 -27.14
N ILE B 197 91.11 21.62 -28.42
CA ILE B 197 91.25 20.55 -29.40
C ILE B 197 92.60 20.64 -30.10
N ALA B 198 93.25 19.51 -30.29
CA ALA B 198 94.55 19.48 -30.95
C ALA B 198 94.77 18.17 -31.71
N SER B 199 96.00 17.94 -32.15
CA SER B 199 96.33 16.72 -32.89
C SER B 199 97.60 16.11 -32.32
N ILE B 200 97.77 14.81 -32.54
CA ILE B 200 98.96 14.09 -32.08
C ILE B 200 99.78 13.53 -33.23
N ASP B 201 101.10 13.68 -33.09
CA ASP B 201 102.04 13.27 -34.13
C ASP B 201 102.10 11.75 -34.21
N LYS B 202 102.61 11.26 -35.34
CA LYS B 202 102.81 9.83 -35.51
C LYS B 202 103.90 9.30 -34.59
N SER B 203 104.65 10.22 -33.96
CA SER B 203 105.72 9.85 -33.03
C SER B 203 105.16 9.33 -31.72
N PHE B 204 103.85 9.46 -31.55
CA PHE B 204 103.19 9.02 -30.33
C PHE B 204 103.26 7.50 -30.20
N PHE B 205 102.78 6.83 -31.23
CA PHE B 205 102.72 5.37 -31.25
C PHE B 205 104.09 4.74 -31.50
N GLY B 206 105.12 5.56 -31.54
CA GLY B 206 106.48 5.09 -31.74
C GLY B 206 106.68 4.52 -33.14
N VAL B 207 106.13 5.20 -34.14
CA VAL B 207 106.25 4.77 -35.53
C VAL B 207 106.50 5.95 -36.45
N LYS B 208 107.34 5.75 -37.46
CA LYS B 208 107.82 6.83 -38.31
C LYS B 208 106.91 7.10 -39.50
N ASP B 209 105.88 6.26 -39.66
CA ASP B 209 104.89 6.45 -40.72
C ASP B 209 103.51 6.18 -40.14
N LEU B 210 102.63 7.17 -40.19
CA LEU B 210 101.35 7.06 -39.51
C LEU B 210 100.51 5.95 -40.11
N SER B 211 100.72 5.69 -41.40
CA SER B 211 100.01 4.63 -42.09
C SER B 211 100.27 3.26 -41.45
N GLU B 212 101.38 3.15 -40.73
CA GLU B 212 101.80 1.87 -40.16
C GLU B 212 101.25 1.67 -38.75
N ILE B 213 100.28 2.50 -38.39
CA ILE B 213 99.57 2.35 -37.13
C ILE B 213 98.52 1.24 -37.28
N THR B 214 98.11 1.00 -38.52
CA THR B 214 97.15 -0.04 -38.81
C THR B 214 97.68 -1.42 -38.40
N HIS B 215 99.00 -1.57 -38.36
CA HIS B 215 99.61 -2.85 -38.03
C HIS B 215 99.44 -3.21 -36.55
N ILE B 216 99.32 -2.19 -35.70
CA ILE B 216 99.13 -2.42 -34.27
C ILE B 216 97.76 -3.03 -34.05
N LYS B 217 97.73 -4.11 -33.27
CA LYS B 217 96.49 -4.82 -33.05
C LYS B 217 95.53 -4.00 -32.20
N SER B 218 95.92 -3.77 -30.95
CA SER B 218 95.08 -3.03 -30.01
C SER B 218 95.92 -2.04 -29.22
N PHE B 219 95.56 -0.76 -29.33
CA PHE B 219 96.27 0.30 -28.64
C PHE B 219 96.01 0.23 -27.16
N GLU B 220 94.97 -0.52 -26.79
CA GLU B 220 94.65 -0.69 -25.39
C GLU B 220 95.80 -1.41 -24.68
N ALA B 221 96.35 -2.44 -25.33
CA ALA B 221 97.47 -3.18 -24.77
C ALA B 221 98.77 -2.41 -24.95
N LEU B 222 98.75 -1.42 -25.84
CA LEU B 222 99.94 -0.63 -26.12
C LEU B 222 100.26 0.27 -24.94
N LEU B 223 99.25 0.98 -24.47
CA LEU B 223 99.42 1.95 -23.37
C LEU B 223 99.85 1.30 -22.06
N GLU B 224 99.76 -0.02 -21.99
CA GLU B 224 100.22 -0.74 -20.81
C GLU B 224 101.75 -0.77 -20.78
N HIS B 225 102.36 -0.59 -21.94
CA HIS B 225 103.81 -0.47 -22.08
C HIS B 225 104.35 0.70 -21.23
N PRO B 226 105.46 0.49 -20.52
CA PRO B 226 105.97 1.50 -19.57
C PRO B 226 106.52 2.75 -20.21
N ARG B 227 106.43 2.82 -21.53
CA ARG B 227 106.90 3.98 -22.27
C ARG B 227 105.88 5.11 -22.15
N TYR B 228 104.64 4.75 -21.82
CA TYR B 228 103.54 5.70 -21.73
C TYR B 228 103.18 6.02 -20.29
N LYS B 229 104.10 5.76 -19.37
CA LYS B 229 103.81 5.96 -17.96
C LYS B 229 103.46 7.41 -17.67
N GLU B 230 104.26 8.32 -18.20
CA GLU B 230 104.03 9.74 -18.00
C GLU B 230 102.67 10.14 -18.56
N TRP B 231 102.29 9.51 -19.67
CA TRP B 231 101.06 9.86 -20.36
C TRP B 231 99.84 9.38 -19.60
N ASN B 232 99.91 8.16 -19.05
CA ASN B 232 98.81 7.61 -18.29
C ASN B 232 98.53 8.43 -17.04
N ASP B 233 99.55 9.14 -16.54
CA ASP B 233 99.37 9.98 -15.37
C ASP B 233 98.58 11.23 -15.75
N PHE B 234 98.84 11.74 -16.96
CA PHE B 234 98.17 12.93 -17.45
C PHE B 234 96.69 12.67 -17.75
N ARG B 235 96.39 11.45 -18.18
CA ARG B 235 95.02 11.08 -18.51
C ARG B 235 94.16 11.04 -17.26
N ASN B 236 94.81 10.99 -16.10
CA ASN B 236 94.11 10.92 -14.83
C ASN B 236 93.79 12.30 -14.28
N LEU B 237 94.50 13.32 -14.76
CA LEU B 237 94.25 14.70 -14.35
C LEU B 237 92.86 15.17 -14.75
N ASP B 238 92.32 16.11 -14.00
CA ASP B 238 91.00 16.64 -14.28
C ASP B 238 91.00 17.49 -15.54
N VAL B 239 92.09 18.19 -15.76
CA VAL B 239 92.20 19.11 -16.89
C VAL B 239 92.11 18.38 -18.22
N ALA B 240 92.45 17.10 -18.20
CA ALA B 240 92.48 16.29 -19.42
C ALA B 240 91.07 16.06 -19.98
N ALA B 241 90.06 16.40 -19.19
CA ALA B 241 88.68 16.23 -19.62
C ALA B 241 88.25 17.36 -20.56
N TYR B 242 89.21 18.19 -20.96
CA TYR B 242 88.95 19.30 -21.87
C TYR B 242 89.84 19.22 -23.10
N ILE B 243 90.89 18.41 -23.01
CA ILE B 243 91.74 18.17 -24.16
C ILE B 243 91.07 17.12 -25.04
N GLY B 244 91.16 17.29 -26.35
CA GLY B 244 90.59 16.34 -27.29
C GLY B 244 91.51 16.18 -28.49
N LEU B 245 92.32 15.14 -28.46
CA LEU B 245 93.37 14.96 -29.46
C LEU B 245 92.90 14.13 -30.65
N THR B 246 93.26 14.58 -31.85
CA THR B 246 92.82 13.93 -33.08
C THR B 246 93.94 13.16 -33.78
N VAL B 247 93.56 12.08 -34.46
CA VAL B 247 94.51 11.25 -35.20
C VAL B 247 94.17 11.24 -36.68
N GLY B 248 95.20 11.28 -37.51
CA GLY B 248 95.01 11.35 -38.95
C GLY B 248 95.10 12.79 -39.41
N ASP B 249 95.61 12.97 -40.63
CA ASP B 249 95.80 14.30 -41.20
C ASP B 249 95.23 14.30 -42.61
N PHE B 250 94.36 15.26 -42.91
CA PHE B 250 93.74 15.32 -44.22
C PHE B 250 94.64 16.08 -45.18
N MET B 251 94.62 15.65 -46.44
CA MET B 251 95.39 16.32 -47.46
C MET B 251 94.72 17.64 -47.79
N LEU B 252 95.45 18.75 -47.63
CA LEU B 252 94.87 20.08 -47.75
C LEU B 252 95.20 20.77 -49.07
N ARG B 253 96.14 20.20 -49.81
CA ARG B 253 96.47 20.72 -51.13
C ARG B 253 96.83 19.60 -52.08
N GLN B 254 96.28 19.66 -53.27
CA GLN B 254 96.64 18.75 -54.33
C GLN B 254 97.88 19.29 -55.03
N PRO B 255 98.91 18.44 -55.21
CA PRO B 255 100.12 18.89 -55.91
C PRO B 255 99.81 19.32 -57.35
N TYR B 256 100.73 20.04 -57.98
CA TYR B 256 100.44 20.70 -59.25
C TYR B 256 100.81 19.89 -60.48
N ASN B 257 99.78 19.44 -61.21
CA ASN B 257 99.95 18.81 -62.51
C ASN B 257 99.24 19.63 -63.56
N PRO B 258 99.58 19.41 -64.84
CA PRO B 258 98.89 20.16 -65.90
C PRO B 258 97.50 19.60 -66.15
N GLU B 259 97.39 18.27 -66.17
CA GLU B 259 96.10 17.61 -66.42
C GLU B 259 95.28 17.51 -65.13
N ASN B 260 95.95 17.67 -63.99
CA ASN B 260 95.29 17.64 -62.69
C ASN B 260 95.70 18.82 -61.83
N ASN B 261 94.72 19.64 -61.44
CA ASN B 261 94.97 20.82 -60.61
C ASN B 261 96.01 21.73 -61.28
N PRO B 262 95.68 22.26 -62.46
CA PRO B 262 96.57 23.16 -63.19
C PRO B 262 96.65 24.55 -62.54
N VAL B 263 97.85 25.09 -62.42
CA VAL B 263 98.04 26.42 -61.86
C VAL B 263 97.34 27.43 -62.75
N GLN B 264 96.44 28.21 -62.15
CA GLN B 264 95.69 29.21 -62.90
C GLN B 264 96.64 30.29 -63.40
N TYR B 265 97.08 30.15 -64.64
CA TYR B 265 98.01 31.09 -65.23
C TYR B 265 97.35 32.44 -65.47
N LYS B 266 98.08 33.34 -66.11
CA LYS B 266 97.59 34.68 -66.41
C LYS B 266 96.96 34.74 -67.81
N LEU B 267 96.40 35.89 -68.16
CA LEU B 267 95.62 36.03 -69.41
C LEU B 267 96.50 36.02 -70.66
N MET B 268 97.81 35.86 -70.49
CA MET B 268 98.71 35.79 -71.64
C MET B 268 99.97 34.99 -71.30
N GLU B 269 100.43 35.09 -70.05
CA GLU B 269 101.62 34.36 -69.61
C GLU B 269 101.31 32.88 -69.42
N GLY B 270 101.61 32.10 -70.46
CA GLY B 270 101.38 30.66 -70.42
C GLY B 270 102.09 30.04 -69.24
N PHE B 271 101.31 29.49 -68.31
CA PHE B 271 101.87 28.93 -67.09
C PHE B 271 101.21 27.61 -66.70
N ASN B 272 100.01 27.37 -67.23
CA ASN B 272 99.23 26.18 -66.88
C ASN B 272 100.01 24.89 -67.09
N GLU B 273 100.90 24.88 -68.08
CA GLU B 273 101.80 23.76 -68.27
C GLU B 273 102.92 23.85 -67.24
N PHE B 274 102.67 23.26 -66.07
CA PHE B 274 103.59 23.39 -64.95
C PHE B 274 103.38 22.24 -63.98
N VAL B 275 104.44 21.47 -63.75
CA VAL B 275 104.38 20.29 -62.91
C VAL B 275 105.03 20.51 -61.55
N ASP B 276 104.88 19.53 -60.66
CA ASP B 276 105.52 19.54 -59.35
C ASP B 276 106.32 18.24 -59.24
N TYR B 277 106.76 17.88 -58.02
CA TYR B 277 107.61 16.70 -57.84
C TYR B 277 107.35 15.97 -56.53
N ASP B 278 106.52 14.94 -56.60
CA ASP B 278 106.20 14.11 -55.44
C ASP B 278 105.82 12.71 -55.90
N LYS B 279 105.75 11.77 -54.96
CA LYS B 279 105.42 10.38 -55.29
C LYS B 279 104.69 9.63 -54.17
N ASN B 280 105.45 9.17 -53.17
CA ASN B 280 104.91 8.28 -52.14
C ASN B 280 104.00 9.00 -51.15
N GLU B 281 104.57 9.62 -50.13
CA GLU B 281 103.79 10.30 -49.10
C GLU B 281 104.60 11.42 -48.44
N SER B 282 104.60 12.58 -49.09
CA SER B 282 105.27 13.77 -48.55
C SER B 282 104.91 14.99 -49.41
N TYR B 283 103.65 15.40 -49.36
CA TYR B 283 103.22 16.60 -50.06
C TYR B 283 102.08 17.30 -49.31
N LEU B 284 102.46 17.94 -48.20
CA LEU B 284 101.58 18.81 -47.43
C LEU B 284 100.41 18.09 -46.76
N TRP B 285 100.29 18.32 -45.45
CA TRP B 285 99.23 17.73 -44.66
C TRP B 285 98.68 18.75 -43.69
N GLY B 286 97.53 18.43 -43.09
CA GLY B 286 96.93 19.28 -42.08
C GLY B 286 96.17 18.44 -41.08
N PRO B 287 96.19 18.85 -39.80
CA PRO B 287 95.62 18.05 -38.72
C PRO B 287 94.08 17.98 -38.75
N ALA B 288 93.55 16.82 -38.40
CA ALA B 288 92.11 16.56 -38.45
C ALA B 288 91.35 17.49 -37.51
N SER B 289 92.07 18.04 -36.55
CA SER B 289 91.48 18.91 -35.55
C SER B 289 90.69 20.04 -36.20
N ILE B 290 91.13 20.46 -37.39
CA ILE B 290 90.46 21.56 -38.08
C ILE B 290 89.02 21.20 -38.36
N HIS B 291 88.81 20.11 -39.07
CA HIS B 291 87.47 19.68 -39.43
C HIS B 291 86.65 19.39 -38.19
N LEU B 292 87.34 18.98 -37.13
CA LEU B 292 86.66 18.71 -35.89
C LEU B 292 86.03 19.99 -35.35
N VAL B 293 86.83 21.05 -35.27
CA VAL B 293 86.34 22.33 -34.79
C VAL B 293 85.41 22.93 -35.85
N LYS B 294 85.75 22.74 -37.12
CA LYS B 294 84.94 23.28 -38.20
C LYS B 294 83.58 22.59 -38.28
N ASN B 295 83.39 21.56 -37.48
CA ASN B 295 82.09 20.92 -37.33
C ASN B 295 81.37 21.41 -36.09
N MET B 296 82.14 21.77 -35.06
CA MET B 296 81.57 22.36 -33.87
C MET B 296 80.93 23.70 -34.23
N MET B 297 81.56 24.41 -35.16
CA MET B 297 80.99 25.66 -35.66
C MET B 297 79.70 25.34 -36.38
N ARG B 298 79.76 24.35 -37.25
CA ARG B 298 78.58 23.89 -37.98
C ARG B 298 77.49 23.45 -37.00
N SER B 299 77.92 22.73 -35.97
CA SER B 299 77.02 22.31 -34.91
C SER B 299 76.75 23.46 -33.97
N TYR B 300 76.34 24.58 -34.51
CA TYR B 300 76.05 25.74 -33.70
C TYR B 300 75.21 26.72 -34.51
N ASP B 301 75.58 26.91 -35.77
CA ASP B 301 74.81 27.75 -36.65
C ASP B 301 73.51 27.04 -37.00
N LYS B 302 73.59 25.73 -37.20
CA LYS B 302 72.42 24.93 -37.54
C LYS B 302 71.62 24.62 -36.29
N THR B 303 72.16 23.74 -35.45
CA THR B 303 71.57 23.49 -34.14
C THR B 303 71.94 24.64 -33.23
N ARG B 304 72.27 24.35 -31.98
CA ARG B 304 72.74 25.39 -31.06
C ARG B 304 73.76 24.83 -30.07
N TRP B 305 73.68 23.52 -29.81
CA TRP B 305 74.61 22.83 -28.93
C TRP B 305 75.48 21.86 -29.71
N PHE B 306 76.23 21.02 -29.00
CA PHE B 306 77.27 20.20 -29.62
C PHE B 306 76.98 18.71 -29.58
N GLN B 307 75.78 18.32 -29.99
CA GLN B 307 75.45 16.91 -30.17
C GLN B 307 75.73 16.53 -31.61
N TYR B 308 75.81 17.55 -32.47
CA TYR B 308 75.84 17.35 -33.91
C TYR B 308 77.28 17.28 -34.45
N ILE B 309 78.15 16.55 -33.75
CA ILE B 309 79.55 16.44 -34.13
C ILE B 309 80.05 15.00 -34.09
N ARG B 310 79.11 14.06 -34.14
CA ARG B 310 79.45 12.65 -34.05
C ARG B 310 78.62 11.82 -35.02
N GLY B 311 79.23 10.74 -35.53
CA GLY B 311 78.51 9.81 -36.37
C GLY B 311 78.32 10.33 -37.78
N VAL B 312 77.79 9.46 -38.63
CA VAL B 312 77.55 9.82 -40.02
C VAL B 312 76.24 10.60 -40.16
N GLU B 313 75.16 9.95 -39.74
CA GLU B 313 73.83 10.49 -39.92
C GLU B 313 73.66 11.77 -39.13
N SER B 314 74.29 11.84 -37.97
CA SER B 314 74.20 13.01 -37.10
C SER B 314 75.25 14.05 -37.46
N GLY B 315 76.36 14.07 -36.72
CA GLY B 315 77.36 15.11 -36.86
C GLY B 315 78.41 14.85 -37.91
N GLY B 316 79.62 14.58 -37.45
CA GLY B 316 80.80 14.54 -38.31
C GLY B 316 80.69 13.70 -39.55
N TYR B 317 80.57 14.36 -40.70
CA TYR B 317 80.55 13.69 -41.98
C TYR B 317 81.65 14.24 -42.88
N VAL B 318 81.84 15.56 -42.82
CA VAL B 318 82.91 16.22 -43.57
C VAL B 318 82.88 15.86 -45.05
N LYS B 319 82.00 16.54 -45.77
CA LYS B 319 81.76 16.22 -47.18
C LYS B 319 82.80 16.89 -48.07
N ASN B 320 83.23 16.17 -49.11
CA ASN B 320 84.07 16.72 -50.17
C ASN B 320 85.45 17.16 -49.67
N LEU B 321 86.38 16.21 -49.65
CA LEU B 321 87.76 16.50 -49.25
C LEU B 321 88.70 16.56 -50.44
N VAL B 322 89.87 17.17 -50.24
CA VAL B 322 90.84 17.33 -51.31
C VAL B 322 91.65 16.06 -51.49
N ALA B 323 91.15 15.17 -52.33
CA ALA B 323 91.85 13.93 -52.64
C ALA B 323 93.04 14.21 -53.55
N CYS B 324 93.54 13.17 -54.21
CA CYS B 324 94.63 13.33 -55.16
C CYS B 324 94.66 12.17 -56.14
N VAL B 325 95.03 12.46 -57.38
CA VAL B 325 95.13 11.46 -58.42
C VAL B 325 96.45 11.61 -59.16
N TYR B 326 96.99 10.51 -59.66
CA TYR B 326 98.28 10.54 -60.34
C TYR B 326 98.43 9.39 -61.33
N ASP B 327 99.09 9.68 -62.43
CA ASP B 327 99.34 8.71 -63.49
C ASP B 327 100.80 8.30 -63.51
N ASN B 328 101.13 7.25 -62.77
CA ASN B 328 102.50 6.74 -62.75
C ASN B 328 102.76 5.86 -63.98
N LYS B 329 101.89 4.87 -64.18
CA LYS B 329 101.99 3.96 -65.30
C LYS B 329 100.61 3.41 -65.66
N GLY B 330 99.76 3.24 -64.65
CA GLY B 330 98.40 2.78 -64.86
C GLY B 330 97.53 3.86 -65.46
N ILE B 331 96.34 4.03 -64.90
CA ILE B 331 95.37 5.01 -65.41
C ILE B 331 94.78 5.83 -64.26
N LEU B 332 95.52 6.84 -63.82
CA LEU B 332 95.07 7.75 -62.77
C LEU B 332 94.59 7.00 -61.53
N GLU B 333 95.54 6.45 -60.78
CA GLU B 333 95.23 5.72 -59.56
C GLU B 333 94.99 6.71 -58.43
N THR B 334 93.75 6.80 -57.96
CA THR B 334 93.39 7.81 -56.96
C THR B 334 94.12 7.59 -55.64
N LYS B 335 94.26 8.67 -54.86
CA LYS B 335 94.94 8.63 -53.57
C LYS B 335 93.98 9.12 -52.50
N SER B 336 93.72 8.27 -51.50
CA SER B 336 92.74 8.59 -50.46
C SER B 336 93.11 9.89 -49.75
N PRO B 337 92.11 10.74 -49.47
CA PRO B 337 92.36 12.08 -48.92
C PRO B 337 92.97 12.03 -47.53
N LEU B 338 92.73 10.93 -46.81
CA LEU B 338 93.18 10.81 -45.44
C LEU B 338 94.55 10.15 -45.34
N ASN B 339 95.26 10.51 -44.29
CA ASN B 339 96.59 9.98 -44.03
C ASN B 339 96.55 8.48 -43.84
N VAL B 340 95.55 8.01 -43.08
CA VAL B 340 95.45 6.62 -42.69
C VAL B 340 94.02 6.10 -42.82
N LEU B 341 93.90 4.87 -43.32
CA LEU B 341 92.61 4.25 -43.57
C LEU B 341 92.21 3.37 -42.40
N PHE B 342 91.76 4.00 -41.33
CA PHE B 342 91.34 3.28 -40.13
C PHE B 342 90.26 2.26 -40.44
N ALA B 343 90.41 1.07 -39.87
CA ALA B 343 89.39 0.05 -39.95
C ALA B 343 88.33 0.31 -38.89
N ASP B 344 87.47 -0.67 -38.65
CA ASP B 344 86.35 -0.48 -37.74
C ASP B 344 86.79 -0.52 -36.28
N TYR B 345 87.51 -1.56 -35.89
CA TYR B 345 87.90 -1.71 -34.49
C TYR B 345 89.01 -0.73 -34.14
N MET B 346 89.56 -0.06 -35.14
CA MET B 346 90.50 1.04 -34.90
C MET B 346 89.73 2.25 -34.38
N GLU B 347 88.55 2.49 -34.95
CA GLU B 347 87.69 3.60 -34.54
C GLU B 347 87.42 3.54 -33.05
N LEU B 348 87.31 2.31 -32.54
CA LEU B 348 86.96 2.07 -31.15
C LEU B 348 88.22 1.97 -30.29
N SER B 349 89.17 1.17 -30.75
CA SER B 349 90.39 0.90 -29.99
C SER B 349 91.22 2.17 -29.81
N LEU B 350 90.81 3.26 -30.45
CA LEU B 350 91.43 4.56 -30.21
C LEU B 350 90.62 5.35 -29.19
N ALA B 351 89.30 5.20 -29.24
CA ALA B 351 88.42 5.95 -28.35
C ALA B 351 88.73 5.66 -26.89
N ASN B 352 89.30 4.49 -26.63
CA ASN B 352 89.63 4.07 -25.27
C ASN B 352 90.94 4.70 -24.80
N ILE B 353 91.80 5.03 -25.74
CA ILE B 353 93.08 5.64 -25.42
C ILE B 353 92.89 7.14 -25.14
N GLY B 354 91.77 7.68 -25.60
CA GLY B 354 91.45 9.07 -25.38
C GLY B 354 91.85 9.87 -26.58
N LEU B 355 91.61 9.31 -27.76
CA LEU B 355 91.98 9.93 -29.02
C LEU B 355 90.76 10.05 -29.93
N ILE B 356 90.84 10.97 -30.87
CA ILE B 356 89.75 11.21 -31.80
C ILE B 356 90.21 10.82 -33.21
N PRO B 357 89.81 9.62 -33.66
CA PRO B 357 90.19 9.19 -35.00
C PRO B 357 89.38 9.84 -36.11
N PHE B 358 90.04 10.25 -37.19
CA PHE B 358 89.38 10.88 -38.34
C PHE B 358 89.29 9.87 -39.48
N VAL B 359 88.40 8.89 -39.32
CA VAL B 359 88.34 7.74 -40.21
C VAL B 359 87.73 8.09 -41.56
N SER B 360 88.20 7.40 -42.59
CA SER B 360 87.78 7.69 -43.96
C SER B 360 86.94 6.56 -44.52
N GLU B 361 86.05 6.89 -45.46
CA GLU B 361 85.34 5.88 -46.22
C GLU B 361 86.12 5.62 -47.49
N LYS B 362 86.55 4.38 -47.66
CA LYS B 362 87.45 4.02 -48.75
C LYS B 362 86.88 4.37 -50.12
N GLY B 363 87.57 5.26 -50.84
CA GLY B 363 87.18 5.66 -52.17
C GLY B 363 86.19 6.82 -52.18
N THR B 364 85.30 6.85 -51.20
CA THR B 364 84.24 7.84 -51.15
C THR B 364 84.78 9.28 -51.07
N SER B 365 86.07 9.41 -50.77
CA SER B 365 86.71 10.71 -50.64
C SER B 365 86.05 11.54 -49.55
N ASN B 366 85.65 10.88 -48.47
CA ASN B 366 85.00 11.53 -47.33
C ASN B 366 85.49 10.96 -46.00
N ALA B 367 84.93 11.45 -44.91
CA ALA B 367 85.34 11.04 -43.58
C ALA B 367 84.15 11.02 -42.62
N CYS B 368 84.44 11.00 -41.32
CA CYS B 368 83.44 11.11 -40.25
C CYS B 368 84.10 10.87 -38.91
N PHE B 369 83.62 11.58 -37.89
CA PHE B 369 84.09 11.36 -36.53
C PHE B 369 83.11 10.47 -35.79
N PHE B 370 83.49 9.21 -35.57
CA PHE B 370 82.67 8.30 -34.80
C PHE B 370 82.84 8.57 -33.31
N SER B 371 84.09 8.73 -32.89
CA SER B 371 84.41 8.97 -31.50
C SER B 371 84.80 10.41 -31.30
N VAL B 372 84.34 10.99 -30.20
CA VAL B 372 84.76 12.32 -29.80
C VAL B 372 85.01 12.28 -28.31
N ASN B 373 86.08 11.60 -27.92
CA ASN B 373 86.43 11.45 -26.53
C ASN B 373 87.62 12.31 -26.15
N SER B 374 87.61 12.78 -24.91
CA SER B 374 88.72 13.52 -24.35
C SER B 374 89.81 12.55 -23.97
N ALA B 375 90.91 13.08 -23.43
CA ALA B 375 92.02 12.26 -23.03
C ALA B 375 91.81 11.73 -21.61
N LYS B 376 90.64 11.99 -21.04
CA LYS B 376 90.36 11.56 -19.68
C LYS B 376 90.21 10.03 -19.63
N LYS B 377 90.74 9.42 -18.58
CA LYS B 377 90.67 7.98 -18.41
C LYS B 377 89.22 7.57 -18.20
N VAL B 378 88.85 6.42 -18.76
CA VAL B 378 87.46 5.96 -18.73
C VAL B 378 87.15 5.16 -17.47
N GLU B 379 88.19 4.59 -16.85
CA GLU B 379 88.05 3.74 -15.68
C GLU B 379 87.12 2.56 -15.97
N GLU B 380 86.56 1.95 -14.93
CA GLU B 380 85.63 0.82 -15.13
C GLU B 380 84.67 0.70 -13.96
N PHE B 381 85.22 0.46 -12.77
CA PHE B 381 84.45 0.43 -11.53
C PHE B 381 83.47 -0.75 -11.47
N VAL B 382 83.07 -1.08 -10.24
CA VAL B 382 82.15 -2.18 -10.00
C VAL B 382 80.72 -1.68 -10.02
N ASP B 383 80.45 -0.64 -9.24
CA ASP B 383 79.12 -0.05 -9.20
C ASP B 383 78.76 0.49 -10.59
N GLY B 384 77.60 0.07 -11.11
CA GLY B 384 77.20 0.41 -12.46
C GLY B 384 77.08 1.90 -12.71
N PHE B 385 76.51 2.62 -11.75
CA PHE B 385 76.37 4.07 -11.87
C PHE B 385 77.71 4.74 -12.05
N ASP B 386 78.65 4.44 -11.16
CA ASP B 386 79.99 5.01 -11.19
C ASP B 386 80.64 4.75 -12.55
N SER B 387 80.42 3.55 -13.07
CA SER B 387 81.02 3.14 -14.33
C SER B 387 80.48 3.98 -15.48
N ALA B 388 79.23 4.40 -15.36
CA ALA B 388 78.56 5.17 -16.41
C ALA B 388 78.98 6.63 -16.33
N ASN B 389 79.20 7.11 -15.12
CA ASN B 389 79.69 8.48 -14.90
C ASN B 389 80.95 8.73 -15.73
N SER B 390 81.94 7.87 -15.53
CA SER B 390 83.24 8.03 -16.15
C SER B 390 83.17 7.90 -17.67
N ARG B 391 82.10 7.30 -18.16
CA ARG B 391 81.93 7.09 -19.59
C ARG B 391 81.42 8.35 -20.27
N LEU B 392 80.68 9.16 -19.51
CA LEU B 392 80.08 10.37 -20.03
C LEU B 392 81.02 11.56 -19.83
N ILE B 393 81.87 11.48 -18.82
CA ILE B 393 82.78 12.57 -18.53
C ILE B 393 83.90 12.58 -19.54
N ALA B 394 84.35 11.39 -19.94
CA ALA B 394 85.40 11.25 -20.93
C ALA B 394 84.91 11.79 -22.27
N ASN B 395 83.60 11.71 -22.49
CA ASN B 395 82.99 12.16 -23.73
C ASN B 395 83.08 13.67 -23.88
N LEU B 396 83.80 14.10 -24.91
CA LEU B 396 84.08 15.52 -25.12
C LEU B 396 82.81 16.29 -25.42
N SER B 397 81.95 15.72 -26.25
CA SER B 397 80.78 16.43 -26.77
C SER B 397 79.88 16.97 -25.66
N TYR B 398 79.87 16.32 -24.50
CA TYR B 398 79.07 16.78 -23.38
C TYR B 398 79.75 17.95 -22.65
N THR B 399 81.04 17.80 -22.37
CA THR B 399 81.80 18.85 -21.70
C THR B 399 81.84 20.12 -22.54
N MET B 400 81.54 19.99 -23.83
CA MET B 400 81.37 21.15 -24.68
C MET B 400 80.06 21.84 -24.32
N CYS B 401 79.05 21.03 -24.02
CA CYS B 401 77.72 21.53 -23.71
C CYS B 401 77.64 22.04 -22.29
N ILE B 402 78.15 21.26 -21.35
CA ILE B 402 78.13 21.67 -19.96
C ILE B 402 78.92 22.97 -19.82
N SER B 403 79.91 23.14 -20.70
CA SER B 403 80.70 24.36 -20.70
C SER B 403 79.86 25.56 -21.10
N ARG B 404 78.87 25.32 -21.96
CA ARG B 404 78.04 26.40 -22.46
C ARG B 404 77.09 26.93 -21.41
N ILE B 405 76.97 26.19 -20.30
CA ILE B 405 76.16 26.65 -19.17
C ILE B 405 76.99 27.60 -18.33
N SER B 406 78.28 27.31 -18.20
CA SER B 406 79.19 28.21 -17.51
C SER B 406 79.23 29.56 -18.21
N HIS B 407 79.18 29.53 -19.54
CA HIS B 407 79.15 30.76 -20.33
C HIS B 407 77.80 31.44 -20.22
N TYR B 408 76.86 30.80 -19.53
CA TYR B 408 75.57 31.42 -19.28
C TYR B 408 75.59 32.05 -17.89
N ILE B 409 76.02 31.28 -16.90
CA ILE B 409 76.08 31.78 -15.54
C ILE B 409 77.02 32.98 -15.48
N LYS B 410 78.33 32.74 -15.53
CA LYS B 410 79.30 33.83 -15.56
C LYS B 410 79.22 34.59 -16.88
N CYS B 411 78.11 35.30 -17.09
CA CYS B 411 77.89 36.07 -18.31
C CYS B 411 76.59 36.84 -18.23
N VAL B 412 75.53 36.13 -17.82
CA VAL B 412 74.19 36.68 -17.84
C VAL B 412 73.73 37.08 -16.45
N ILE B 413 73.96 36.22 -15.47
CA ILE B 413 73.55 36.50 -14.09
C ILE B 413 74.34 37.68 -13.52
N ARG B 414 75.40 38.08 -14.23
CA ARG B 414 76.18 39.25 -13.86
C ARG B 414 75.32 40.50 -13.87
N ASP B 415 74.27 40.50 -14.67
CA ASP B 415 73.38 41.63 -14.76
C ASP B 415 72.72 41.91 -13.42
N LYS B 416 72.16 40.86 -12.81
CA LYS B 416 71.50 40.99 -11.52
C LYS B 416 72.47 40.63 -10.40
N ILE B 417 73.54 41.40 -10.29
CA ILE B 417 74.54 41.18 -9.28
C ILE B 417 74.19 41.92 -8.01
N GLY B 418 73.41 42.98 -8.15
CA GLY B 418 73.06 43.84 -7.02
C GLY B 418 71.59 43.73 -6.67
N SER B 419 70.81 43.17 -7.58
CA SER B 419 69.38 43.01 -7.35
C SER B 419 69.12 42.12 -6.17
N ILE B 420 68.00 42.35 -5.50
CA ILE B 420 67.62 41.52 -4.37
C ILE B 420 67.00 40.23 -4.87
N VAL B 421 67.68 39.13 -4.58
CA VAL B 421 67.25 37.82 -5.04
C VAL B 421 67.41 36.80 -3.93
N ASP B 422 66.79 35.64 -4.11
CA ASP B 422 66.76 34.61 -3.10
C ASP B 422 67.18 33.27 -3.63
N VAL B 423 67.18 32.30 -2.73
CA VAL B 423 67.46 30.92 -3.07
C VAL B 423 66.42 30.43 -4.07
N GLU B 424 65.19 30.94 -3.93
CA GLU B 424 64.08 30.49 -4.76
C GLU B 424 63.98 31.30 -6.05
N SER B 425 64.76 32.37 -6.15
CA SER B 425 64.72 33.25 -7.31
C SER B 425 65.82 32.90 -8.31
N ILE B 426 66.97 32.51 -7.79
CA ILE B 426 68.10 32.12 -8.64
C ILE B 426 67.80 30.76 -9.27
N GLN B 427 67.05 29.94 -8.55
CA GLN B 427 66.63 28.63 -9.04
C GLN B 427 65.59 28.79 -10.13
N LYS B 428 65.02 29.99 -10.21
CA LYS B 428 64.02 30.30 -11.23
C LYS B 428 64.70 30.75 -12.51
N ILE B 429 65.52 31.78 -12.41
CA ILE B 429 66.20 32.38 -13.56
C ILE B 429 67.08 31.35 -14.27
N LEU B 430 67.79 30.55 -13.50
CA LEU B 430 68.74 29.61 -14.07
C LEU B 430 68.01 28.41 -14.68
N SER B 431 66.85 28.06 -14.10
CA SER B 431 66.10 26.90 -14.57
C SER B 431 65.18 27.25 -15.73
N ASP B 432 64.52 28.40 -15.64
CA ASP B 432 63.59 28.84 -16.68
C ASP B 432 64.29 28.91 -18.03
N TRP B 433 65.59 29.13 -18.00
CA TRP B 433 66.39 29.17 -19.21
C TRP B 433 66.62 27.76 -19.74
N ILE B 434 67.36 26.97 -18.99
CA ILE B 434 67.79 25.64 -19.41
C ILE B 434 66.61 24.72 -19.71
N SER B 435 65.43 25.10 -19.23
CA SER B 435 64.23 24.29 -19.37
C SER B 435 63.84 24.08 -20.83
N GLU B 436 64.18 25.03 -21.70
CA GLU B 436 63.81 24.95 -23.11
C GLU B 436 64.74 24.01 -23.88
N PHE B 437 65.68 23.40 -23.18
CA PHE B 437 66.69 22.56 -23.81
C PHE B 437 66.72 21.16 -23.21
N VAL B 438 65.67 20.81 -22.49
CA VAL B 438 65.57 19.50 -21.86
C VAL B 438 64.27 18.80 -22.22
N THR B 439 64.39 17.58 -22.73
CA THR B 439 63.23 16.80 -23.13
C THR B 439 63.47 15.33 -22.89
N THR B 440 62.44 14.54 -23.13
CA THR B 440 62.54 13.09 -23.05
C THR B 440 62.06 12.50 -24.36
N VAL B 441 61.08 13.15 -24.98
CA VAL B 441 60.54 12.71 -26.26
C VAL B 441 61.58 12.92 -27.35
N TYR B 442 61.57 12.03 -28.35
CA TYR B 442 62.51 12.11 -29.46
C TYR B 442 61.85 12.66 -30.70
N GLN B 443 62.55 13.59 -31.36
CA GLN B 443 62.03 14.20 -32.58
C GLN B 443 62.54 13.44 -33.80
N PRO B 444 61.75 13.45 -34.89
CA PRO B 444 62.22 12.81 -36.12
C PRO B 444 63.48 13.46 -36.63
N THR B 445 64.35 12.68 -37.26
CA THR B 445 65.63 13.17 -37.76
C THR B 445 66.54 13.54 -36.59
N PRO B 446 67.86 13.54 -36.83
CA PRO B 446 68.80 13.85 -35.74
C PRO B 446 68.84 15.33 -35.42
N LEU B 447 68.85 16.16 -36.46
CA LEU B 447 69.02 17.59 -36.29
C LEU B 447 67.88 18.18 -35.48
N GLU B 448 66.65 17.77 -35.79
CA GLU B 448 65.46 18.31 -35.14
C GLU B 448 65.43 17.96 -33.66
N MET B 449 66.24 16.99 -33.26
CA MET B 449 66.27 16.53 -31.87
C MET B 449 67.51 17.03 -31.15
N ALA B 450 68.61 17.23 -31.88
CA ALA B 450 69.86 17.71 -31.29
C ALA B 450 69.71 19.15 -30.77
N ARG B 451 68.58 19.78 -31.08
CA ARG B 451 68.24 21.06 -30.48
C ARG B 451 68.22 20.88 -28.97
N TYR B 452 67.82 19.69 -28.53
CA TYR B 452 67.75 19.35 -27.11
C TYR B 452 68.93 18.48 -26.68
N PRO B 453 69.99 19.10 -26.14
CA PRO B 453 71.12 18.28 -25.71
C PRO B 453 70.81 17.46 -24.46
N PHE B 454 70.30 18.11 -23.42
CA PHE B 454 70.15 17.46 -22.13
C PHE B 454 68.86 16.66 -22.01
N ARG B 455 68.85 15.73 -21.07
CA ARG B 455 67.67 14.91 -20.79
C ARG B 455 66.89 15.51 -19.62
N ASN B 456 67.59 15.75 -18.52
CA ASN B 456 66.98 16.37 -17.35
C ASN B 456 68.04 16.99 -16.46
N VAL B 457 67.63 17.99 -15.68
CA VAL B 457 68.57 18.77 -14.88
C VAL B 457 68.00 19.08 -13.49
N SER B 458 68.89 19.08 -12.50
CA SER B 458 68.58 19.53 -11.16
C SER B 458 69.39 20.79 -10.87
N ILE B 459 68.81 21.71 -10.09
CA ILE B 459 69.47 22.96 -9.75
C ILE B 459 69.14 23.34 -8.32
N GLU B 460 69.96 22.86 -7.38
CA GLU B 460 69.74 23.08 -5.96
C GLU B 460 70.73 24.10 -5.43
N VAL B 461 70.36 25.38 -5.50
CA VAL B 461 71.17 26.44 -4.94
C VAL B 461 70.76 26.63 -3.48
N LYS B 462 71.62 27.27 -2.70
CA LYS B 462 71.35 27.42 -1.29
C LYS B 462 72.33 28.42 -0.69
N THR B 463 71.81 29.29 0.15
CA THR B 463 72.63 30.31 0.77
C THR B 463 73.55 29.67 1.80
N ILE B 464 74.68 30.33 2.03
CA ILE B 464 75.64 29.86 3.02
C ILE B 464 75.64 30.78 4.23
N PRO B 465 76.03 30.25 5.40
CA PRO B 465 76.13 31.10 6.59
C PRO B 465 77.27 32.10 6.47
N GLY B 466 77.27 33.11 7.32
CA GLY B 466 78.31 34.12 7.29
C GLY B 466 78.03 35.14 6.20
N LYS B 467 78.43 34.82 4.97
CA LYS B 467 78.21 35.70 3.84
C LYS B 467 76.72 35.77 3.51
N PRO B 468 76.10 36.95 3.69
CA PRO B 468 74.65 37.05 3.50
C PRO B 468 74.22 37.12 2.04
N GLY B 469 74.97 37.86 1.23
CA GLY B 469 74.62 38.08 -0.16
C GLY B 469 75.19 37.03 -1.08
N TRP B 470 75.92 36.08 -0.52
CA TRP B 470 76.56 35.03 -1.31
C TRP B 470 75.75 33.74 -1.32
N TYR B 471 75.91 32.96 -2.39
CA TYR B 471 75.23 31.68 -2.52
C TYR B 471 76.18 30.61 -3.03
N SER B 472 75.65 29.42 -3.25
CA SER B 472 76.45 28.30 -3.75
C SER B 472 75.56 27.31 -4.47
N CYS B 473 75.61 27.35 -5.79
CA CYS B 473 74.80 26.49 -6.63
C CYS B 473 75.43 25.11 -6.79
N LYS B 474 74.68 24.19 -7.38
CA LYS B 474 75.16 22.85 -7.64
C LYS B 474 74.21 22.15 -8.60
N ILE B 475 74.49 22.29 -9.90
CA ILE B 475 73.66 21.67 -10.92
C ILE B 475 74.20 20.31 -11.30
N ASN B 476 73.37 19.58 -12.03
CA ASN B 476 73.70 18.23 -12.44
C ASN B 476 72.90 17.88 -13.68
N VAL B 477 73.60 17.64 -14.79
CA VAL B 477 72.96 17.45 -16.07
C VAL B 477 73.21 16.05 -16.63
N ILE B 478 72.15 15.42 -17.10
CA ILE B 478 72.26 14.13 -17.79
C ILE B 478 72.00 14.35 -19.27
N PRO B 479 73.07 14.32 -20.08
CA PRO B 479 72.90 14.55 -21.51
C PRO B 479 72.31 13.35 -22.21
N HIS B 480 71.66 13.57 -23.35
CA HIS B 480 71.13 12.49 -24.16
C HIS B 480 72.25 11.57 -24.60
N ILE B 481 72.32 10.39 -23.97
CA ILE B 481 73.37 9.43 -24.24
C ILE B 481 73.33 8.96 -25.68
N GLN B 482 74.47 9.07 -26.33
CA GLN B 482 74.60 8.73 -27.73
C GLN B 482 74.71 7.23 -27.92
N PHE B 483 74.42 6.77 -29.12
CA PHE B 483 74.68 5.40 -29.50
C PHE B 483 76.19 5.20 -29.49
N GLU B 484 76.64 3.97 -29.24
CA GLU B 484 78.08 3.72 -29.21
C GLU B 484 78.46 2.33 -29.71
N GLY B 485 77.46 1.47 -29.93
CA GLY B 485 77.71 0.13 -30.45
C GLY B 485 76.82 -0.91 -29.81
N MET B 486 76.87 -2.14 -30.32
CA MET B 486 76.06 -3.23 -29.78
C MET B 486 76.46 -4.59 -30.32
N ASN B 487 76.35 -5.61 -29.47
CA ASN B 487 76.53 -6.99 -29.90
C ASN B 487 75.19 -7.58 -30.31
N THR B 488 75.22 -8.73 -30.98
CA THR B 488 73.99 -9.37 -31.44
C THR B 488 74.20 -10.84 -31.73
N THR B 489 73.36 -11.67 -31.13
CA THR B 489 73.41 -13.11 -31.32
C THR B 489 72.19 -13.57 -32.10
N MET B 490 72.41 -13.99 -33.34
CA MET B 490 71.34 -14.55 -34.15
C MET B 490 71.29 -16.05 -33.88
N THR B 491 70.12 -16.66 -34.04
CA THR B 491 69.98 -18.09 -33.80
C THR B 491 68.67 -18.60 -34.37
N ILE B 492 68.67 -19.84 -34.85
CA ILE B 492 67.45 -20.50 -35.25
C ILE B 492 66.85 -21.22 -34.04
N ASP B 493 65.82 -20.62 -33.46
CA ASP B 493 65.23 -21.14 -32.23
C ASP B 493 64.41 -22.40 -32.45
N THR B 494 63.47 -22.32 -33.39
CA THR B 494 62.55 -23.43 -33.67
C THR B 494 61.69 -23.75 -32.45
N ARG B 495 61.60 -22.79 -31.53
CA ARG B 495 60.79 -22.94 -30.31
C ARG B 495 59.82 -21.78 -30.23
N LEU B 496 59.98 -20.83 -31.12
CA LEU B 496 59.16 -19.64 -31.13
C LEU B 496 57.75 -20.02 -31.57
N GLU B 497 57.68 -20.73 -32.69
CA GLU B 497 56.39 -21.22 -33.20
C GLU B 497 56.30 -22.73 -33.02
N PRO B 498 55.84 -23.19 -31.85
CA PRO B 498 55.78 -24.63 -31.57
C PRO B 498 54.68 -25.33 -32.36
N GLU B 499 53.78 -24.55 -32.96
CA GLU B 499 52.67 -25.11 -33.72
C GLU B 499 53.17 -25.90 -34.95
N LEU B 500 54.44 -25.67 -35.32
CA LEU B 500 55.01 -26.30 -36.50
C LEU B 500 56.04 -27.39 -36.16
N PHE B 501 56.55 -27.36 -34.94
CA PHE B 501 57.62 -28.29 -34.54
C PHE B 501 57.26 -29.03 -33.26
N GLY B 502 56.10 -28.73 -32.70
CA GLY B 502 55.68 -29.35 -31.46
C GLY B 502 55.22 -30.78 -31.66
N THR B 503 55.03 -31.50 -30.56
CA THR B 503 54.62 -32.89 -30.63
C THR B 503 53.16 -32.99 -31.08
N ASN B 504 52.29 -32.23 -30.43
CA ASN B 504 50.87 -32.28 -30.71
C ASN B 504 50.54 -31.79 -32.12
N ASN B 505 50.11 -32.71 -32.97
CA ASN B 505 49.75 -32.39 -34.34
C ASN B 505 48.78 -33.40 -34.91
N ALA C 2 90.42 -19.63 -33.22
CA ALA C 2 91.52 -19.06 -32.45
C ALA C 2 91.06 -18.61 -31.07
N LYS C 3 91.79 -19.03 -30.04
CA LYS C 3 91.46 -18.66 -28.67
C LYS C 3 91.82 -17.20 -28.38
N ASN C 4 92.76 -16.66 -29.15
CA ASN C 4 93.20 -15.28 -28.96
C ASN C 4 92.03 -14.31 -29.12
N LYS C 5 91.08 -14.70 -29.95
CA LYS C 5 89.83 -13.95 -30.15
C LYS C 5 90.07 -12.67 -30.94
N ILE C 6 89.22 -12.47 -31.95
CA ILE C 6 89.30 -11.30 -32.81
C ILE C 6 89.06 -10.02 -32.02
N PRO C 7 89.74 -8.93 -32.39
CA PRO C 7 89.47 -7.63 -31.75
C PRO C 7 88.05 -7.16 -31.97
N ASN C 8 87.39 -6.73 -30.89
CA ASN C 8 85.99 -6.34 -30.97
C ASN C 8 85.81 -5.02 -31.68
N SER C 9 84.90 -5.02 -32.65
CA SER C 9 84.54 -3.81 -33.36
C SER C 9 83.44 -3.10 -32.57
N ARG C 10 82.74 -2.18 -33.22
CA ARG C 10 81.67 -1.45 -32.58
C ARG C 10 80.33 -2.15 -32.72
N LEU C 11 80.23 -3.06 -33.69
CA LEU C 11 78.98 -3.79 -33.95
C LEU C 11 79.27 -5.25 -34.25
N MET C 12 79.65 -5.99 -33.21
CA MET C 12 80.04 -7.37 -33.40
C MET C 12 78.82 -8.30 -33.37
N ILE C 13 78.51 -8.89 -34.52
CA ILE C 13 77.45 -9.90 -34.62
C ILE C 13 78.15 -11.24 -34.84
N ASN C 14 77.62 -12.31 -34.24
CA ASN C 14 78.33 -13.58 -34.18
C ASN C 14 77.57 -14.80 -34.71
N TYR C 15 76.26 -14.84 -34.47
CA TYR C 15 75.41 -15.96 -34.87
C TYR C 15 75.80 -17.26 -34.14
N GLU C 16 74.99 -17.62 -33.14
CA GLU C 16 75.19 -18.84 -32.38
C GLU C 16 74.64 -20.05 -33.13
N THR C 17 75.46 -21.09 -33.23
CA THR C 17 75.12 -22.30 -33.98
C THR C 17 75.24 -23.51 -33.07
N ASN C 18 75.47 -23.28 -31.79
CA ASN C 18 75.63 -24.36 -30.82
C ASN C 18 74.29 -24.81 -30.27
N VAL C 19 74.14 -26.13 -30.15
CA VAL C 19 72.90 -26.71 -29.64
C VAL C 19 73.20 -27.80 -28.64
N ASP C 20 72.59 -27.70 -27.46
CA ASP C 20 72.73 -28.72 -26.42
C ASP C 20 71.49 -29.59 -26.39
N GLY C 21 71.63 -30.77 -25.79
CA GLY C 21 70.53 -31.70 -25.67
C GLY C 21 71.05 -33.11 -25.48
N VAL C 22 70.16 -34.00 -25.04
CA VAL C 22 70.54 -35.37 -24.74
C VAL C 22 70.28 -36.26 -25.96
N LEU C 23 71.32 -36.98 -26.37
CA LEU C 23 71.25 -37.78 -27.58
C LEU C 23 70.22 -38.89 -27.46
N LYS C 24 69.81 -39.41 -28.61
CA LYS C 24 68.76 -40.42 -28.66
C LYS C 24 69.34 -41.81 -28.55
N LYS C 25 68.45 -42.79 -28.36
CA LYS C 25 68.85 -44.19 -28.29
C LYS C 25 67.96 -45.04 -29.20
N LYS C 26 68.60 -45.76 -30.11
CA LYS C 26 67.90 -46.64 -31.04
C LYS C 26 67.35 -47.84 -30.29
N GLU C 27 66.22 -48.36 -30.75
CA GLU C 27 65.54 -49.46 -30.06
C GLU C 27 66.37 -50.72 -30.02
N LEU C 28 66.05 -51.60 -29.08
CA LEU C 28 66.75 -52.87 -28.93
C LEU C 28 65.99 -54.01 -29.62
N PRO C 29 66.61 -54.64 -30.62
CA PRO C 29 65.97 -55.82 -31.21
C PRO C 29 65.85 -56.96 -30.20
N TYR C 30 64.63 -57.47 -30.05
CA TYR C 30 64.38 -58.54 -29.10
C TYR C 30 65.16 -59.79 -29.48
N ARG C 31 66.32 -59.95 -28.87
CA ARG C 31 67.19 -61.07 -29.21
C ARG C 31 66.69 -62.39 -28.66
N VAL C 32 66.88 -63.45 -29.44
CA VAL C 32 66.47 -64.80 -29.02
C VAL C 32 67.66 -65.73 -29.14
N LEU C 33 68.14 -66.17 -27.99
CA LEU C 33 69.24 -67.13 -27.95
C LEU C 33 68.67 -68.54 -28.06
N VAL C 34 69.32 -69.38 -28.87
CA VAL C 34 68.99 -70.80 -28.91
C VAL C 34 70.25 -71.61 -28.62
N VAL C 35 70.09 -72.68 -27.85
CA VAL C 35 71.23 -73.49 -27.46
C VAL C 35 70.91 -74.96 -27.72
N GLY C 36 71.63 -75.54 -28.67
CA GLY C 36 71.51 -76.96 -28.98
C GLY C 36 72.72 -77.48 -29.71
N ASP C 37 72.98 -78.77 -29.58
CA ASP C 37 74.10 -79.41 -30.26
C ASP C 37 73.88 -79.41 -31.77
N LEU C 38 74.46 -78.43 -32.44
CA LEU C 38 74.29 -78.28 -33.88
C LEU C 38 75.40 -79.00 -34.63
N SER C 39 76.62 -78.68 -34.26
CA SER C 39 77.80 -79.16 -34.98
C SER C 39 78.23 -80.56 -34.53
N LYS C 40 77.71 -81.00 -33.38
CA LYS C 40 78.12 -82.27 -32.78
C LYS C 40 79.62 -82.27 -32.49
N GLY C 41 80.21 -81.09 -32.43
CA GLY C 41 81.64 -80.94 -32.19
C GLY C 41 82.42 -80.78 -33.48
N ARG C 42 81.78 -80.23 -34.50
CA ARG C 42 82.44 -79.99 -35.79
C ARG C 42 82.13 -78.60 -36.34
N SER C 43 82.82 -77.60 -35.80
CA SER C 43 82.71 -76.24 -36.29
C SER C 43 83.83 -75.38 -35.72
N VAL C 44 84.11 -74.26 -36.37
CA VAL C 44 85.20 -73.39 -35.95
C VAL C 44 84.99 -72.89 -34.53
N ASP C 45 83.77 -72.51 -34.21
CA ASP C 45 83.45 -71.97 -32.89
C ASP C 45 83.09 -73.08 -31.91
N ALA C 46 82.84 -74.28 -32.43
CA ALA C 46 82.47 -75.43 -31.62
C ALA C 46 83.71 -76.18 -31.14
N LYS C 47 84.76 -76.18 -31.96
CA LYS C 47 86.00 -76.88 -31.62
C LYS C 47 86.78 -76.12 -30.56
N LYS C 48 86.42 -74.86 -30.35
CA LYS C 48 87.12 -74.01 -29.38
C LYS C 48 86.54 -74.22 -27.98
N GLU C 49 87.28 -73.76 -26.97
CA GLU C 49 86.84 -73.90 -25.59
C GLU C 49 85.63 -73.03 -25.32
N PHE C 50 84.78 -73.45 -24.38
CA PHE C 50 83.53 -72.78 -24.10
C PHE C 50 83.78 -71.38 -23.52
N ALA C 51 84.95 -71.18 -22.93
CA ALA C 51 85.30 -69.88 -22.38
C ALA C 51 85.37 -68.82 -23.47
N ASP C 52 85.50 -69.25 -24.72
CA ASP C 52 85.59 -68.34 -25.86
C ASP C 52 84.83 -68.85 -27.07
N ARG C 53 83.49 -68.79 -27.02
CA ARG C 53 82.65 -69.11 -28.17
C ARG C 53 81.79 -67.92 -28.56
N GLU C 54 82.23 -67.19 -29.57
CA GLU C 54 81.47 -66.07 -30.07
C GLU C 54 80.13 -66.55 -30.61
N VAL C 55 79.06 -66.05 -30.01
CA VAL C 55 77.71 -66.38 -30.47
C VAL C 55 77.48 -65.85 -31.88
N ARG C 56 76.71 -66.59 -32.67
CA ARG C 56 76.38 -66.18 -34.03
C ARG C 56 75.25 -65.15 -34.00
N ARG C 57 74.71 -64.83 -35.16
CA ARG C 57 73.68 -63.80 -35.25
C ARG C 57 72.56 -64.17 -36.23
N VAL C 58 72.92 -64.84 -37.31
CA VAL C 58 71.98 -65.17 -38.37
C VAL C 58 71.43 -63.87 -38.97
N ASN C 59 72.32 -62.91 -39.22
CA ASN C 59 71.93 -61.67 -39.88
C ASN C 59 71.31 -61.96 -41.23
N ASN C 60 72.04 -62.72 -42.03
CA ASN C 60 71.54 -63.17 -43.31
C ASN C 60 70.43 -64.21 -43.11
N GLY C 61 70.82 -65.49 -43.09
CA GLY C 61 69.87 -66.56 -42.89
C GLY C 61 70.58 -67.82 -42.45
N VAL C 62 69.80 -68.84 -42.10
CA VAL C 62 70.36 -70.11 -41.67
C VAL C 62 71.17 -70.78 -42.79
N ASP C 63 71.04 -70.26 -44.00
CA ASP C 63 71.79 -70.79 -45.13
C ASP C 63 73.24 -70.34 -45.10
N ARG C 64 73.46 -69.08 -44.73
CA ARG C 64 74.80 -68.49 -44.79
C ARG C 64 75.51 -68.50 -43.43
N VAL C 65 74.75 -68.48 -42.34
CA VAL C 65 75.34 -68.57 -41.01
C VAL C 65 75.88 -69.98 -40.80
N LEU C 66 75.32 -70.92 -41.55
CA LEU C 66 75.78 -72.30 -41.53
C LEU C 66 77.11 -72.40 -42.25
N GLU C 67 77.13 -71.95 -43.50
CA GLU C 67 78.32 -71.98 -44.33
C GLU C 67 79.47 -71.25 -43.65
N GLU C 68 79.13 -70.33 -42.76
CA GLU C 68 80.13 -69.60 -41.99
C GLU C 68 80.86 -70.57 -41.04
N MET C 69 80.16 -71.62 -40.63
CA MET C 69 80.76 -72.66 -39.80
C MET C 69 81.20 -73.84 -40.66
N ASN C 70 82.43 -74.29 -40.46
CA ASN C 70 82.97 -75.42 -41.22
C ASN C 70 82.40 -76.75 -40.73
N ILE C 71 81.13 -77.00 -41.04
CA ILE C 71 80.47 -78.25 -40.66
C ILE C 71 80.69 -79.29 -41.74
N SER C 72 81.69 -80.14 -41.53
CA SER C 72 81.94 -81.28 -42.40
C SER C 72 81.78 -82.54 -41.58
N PHE C 73 81.88 -83.68 -42.24
CA PHE C 73 81.80 -84.97 -41.57
C PHE C 73 82.40 -86.06 -42.46
N ASP C 74 83.14 -86.97 -41.83
CA ASP C 74 83.81 -88.05 -42.55
C ASP C 74 83.36 -89.39 -42.01
N PHE C 75 82.04 -89.63 -42.04
CA PHE C 75 81.48 -90.87 -41.53
C PHE C 75 81.37 -91.91 -42.64
N GLU C 76 81.56 -93.16 -42.27
CA GLU C 76 81.55 -94.26 -43.24
C GLU C 76 80.13 -94.63 -43.64
N ALA C 77 80.00 -95.36 -44.75
CA ALA C 77 78.68 -95.81 -45.19
C ALA C 77 78.83 -96.97 -46.19
N PRO C 78 77.81 -97.84 -46.27
CA PRO C 78 77.84 -98.97 -47.20
C PRO C 78 78.08 -98.55 -48.64
N ASN C 79 78.93 -99.27 -49.35
CA ASN C 79 79.30 -98.93 -50.71
C ASN C 79 78.53 -99.76 -51.74
N PHE C 80 78.05 -99.07 -52.79
CA PHE C 80 77.32 -99.73 -53.88
C PHE C 80 77.67 -99.09 -55.21
N VAL C 81 78.80 -98.39 -55.24
CA VAL C 81 79.24 -97.68 -56.44
C VAL C 81 80.75 -97.79 -56.58
N SER C 82 81.23 -97.65 -57.82
CA SER C 82 82.65 -97.68 -58.13
C SER C 82 83.23 -99.06 -57.86
N LYS C 83 84.52 -99.22 -58.12
CA LYS C 83 85.22 -100.48 -57.95
C LYS C 83 86.11 -100.43 -56.71
N ASP C 84 86.89 -101.50 -56.52
CA ASP C 84 87.83 -101.61 -55.41
C ASP C 84 87.11 -101.72 -54.06
N PRO C 85 87.83 -102.13 -53.01
CA PRO C 85 87.24 -102.20 -51.66
C PRO C 85 86.95 -100.84 -51.05
N SER C 86 86.99 -100.77 -49.71
CA SER C 86 86.80 -99.52 -48.97
C SER C 86 85.36 -99.04 -49.03
N ASN C 87 84.72 -98.98 -47.87
CA ASN C 87 83.36 -98.44 -47.77
C ASN C 87 83.32 -97.00 -48.24
N LEU C 88 82.16 -96.57 -48.71
CA LEU C 88 81.99 -95.22 -49.21
C LEU C 88 82.16 -94.24 -48.06
N LYS C 89 82.97 -93.21 -48.29
CA LYS C 89 83.29 -92.23 -47.26
C LYS C 89 82.69 -90.87 -47.62
N VAL C 90 81.50 -90.58 -47.10
CA VAL C 90 80.84 -89.30 -47.34
C VAL C 90 81.66 -88.19 -46.69
N ASN C 91 82.16 -87.28 -47.51
CA ASN C 91 83.05 -86.23 -47.03
C ASN C 91 82.84 -84.91 -47.77
N TYR C 92 82.02 -84.04 -47.21
CA TYR C 92 81.81 -82.72 -47.79
C TYR C 92 81.19 -81.80 -46.73
N ARG C 93 81.49 -80.51 -46.84
CA ARG C 93 81.01 -79.54 -45.87
C ARG C 93 79.64 -78.98 -46.26
N ILE C 94 78.81 -78.76 -45.24
CA ILE C 94 77.46 -78.24 -45.45
C ILE C 94 77.50 -76.75 -45.78
N GLU C 95 76.90 -76.38 -46.91
CA GLU C 95 76.75 -74.99 -47.30
C GLU C 95 75.37 -74.47 -46.87
N SER C 96 74.34 -74.91 -47.58
CA SER C 96 72.96 -74.51 -47.29
C SER C 96 72.27 -75.58 -46.44
N VAL C 97 71.02 -75.32 -46.07
CA VAL C 97 70.23 -76.26 -45.28
C VAL C 97 69.62 -77.33 -46.20
N LYS C 98 69.65 -77.07 -47.50
CA LYS C 98 69.09 -78.00 -48.48
C LYS C 98 70.11 -79.08 -48.83
N ASP C 99 71.18 -79.17 -48.05
CA ASP C 99 72.25 -80.12 -48.32
C ASP C 99 71.84 -81.54 -47.91
N PHE C 100 70.96 -81.64 -46.91
CA PHE C 100 70.47 -82.94 -46.46
C PHE C 100 69.43 -83.51 -47.43
N ARG C 101 69.11 -82.74 -48.47
CA ARG C 101 68.15 -83.17 -49.48
C ARG C 101 68.73 -84.33 -50.29
N PRO C 102 68.05 -85.50 -50.28
CA PRO C 102 68.55 -86.63 -51.08
C PRO C 102 68.64 -86.27 -52.57
N ASP C 103 69.63 -85.47 -52.90
CA ASP C 103 69.83 -84.96 -54.25
C ASP C 103 71.10 -84.15 -54.28
N ALA C 104 71.18 -83.18 -53.38
CA ALA C 104 72.40 -82.40 -53.18
C ALA C 104 73.49 -83.31 -52.64
N VAL C 105 73.08 -84.45 -52.10
CA VAL C 105 74.01 -85.46 -51.60
C VAL C 105 74.71 -86.15 -52.77
N ALA C 106 73.92 -86.58 -53.75
CA ALA C 106 74.46 -87.27 -54.93
C ALA C 106 75.33 -86.34 -55.75
N LYS C 107 75.15 -85.03 -55.57
CA LYS C 107 75.94 -84.03 -56.28
C LYS C 107 77.27 -83.79 -55.55
N LYS C 108 77.28 -84.06 -54.25
CA LYS C 108 78.44 -83.80 -53.41
C LYS C 108 79.36 -85.00 -53.29
N VAL C 109 78.81 -86.15 -52.94
CA VAL C 109 79.60 -87.37 -52.78
C VAL C 109 80.21 -87.78 -54.13
N PRO C 110 81.56 -87.77 -54.23
CA PRO C 110 82.21 -88.08 -55.52
C PRO C 110 81.80 -89.40 -56.15
N GLU C 111 81.65 -90.45 -55.34
CA GLU C 111 81.37 -91.78 -55.87
C GLU C 111 80.01 -91.86 -56.53
N ILE C 112 78.98 -91.36 -55.84
CA ILE C 112 77.61 -91.43 -56.33
C ILE C 112 77.47 -90.64 -57.62
N ARG C 113 78.22 -89.54 -57.71
CA ARG C 113 78.16 -88.65 -58.87
C ARG C 113 78.55 -89.37 -60.16
N ALA C 114 79.26 -90.48 -60.01
CA ALA C 114 79.69 -91.28 -61.15
C ALA C 114 78.49 -91.92 -61.86
N LEU C 115 77.49 -92.34 -61.08
CA LEU C 115 76.29 -92.93 -61.63
C LEU C 115 75.35 -91.87 -62.20
N LEU C 116 75.34 -90.70 -61.54
CA LEU C 116 74.52 -89.59 -61.99
C LEU C 116 75.09 -89.01 -63.28
N GLU C 117 76.40 -89.17 -63.46
CA GLU C 117 77.08 -88.68 -64.65
C GLU C 117 76.62 -89.46 -65.89
N MET C 118 76.42 -90.75 -65.73
CA MET C 118 75.95 -91.61 -66.82
C MET C 118 74.52 -91.29 -67.19
N LYS C 119 73.69 -90.98 -66.18
CA LYS C 119 72.29 -90.69 -66.41
C LYS C 119 72.10 -89.41 -67.23
N GLU C 120 73.17 -88.64 -67.36
CA GLU C 120 73.15 -87.46 -68.20
C GLU C 120 73.47 -87.83 -69.64
N ILE C 121 74.39 -88.78 -69.80
CA ILE C 121 74.85 -89.19 -71.12
C ILE C 121 74.09 -90.43 -71.62
N LEU C 122 74.06 -91.47 -70.80
CA LEU C 122 73.42 -92.74 -71.18
C LEU C 122 71.93 -92.56 -71.49
N ALA C 123 71.22 -91.89 -70.58
CA ALA C 123 69.78 -91.74 -70.72
C ALA C 123 69.41 -90.75 -71.82
N SER C 124 70.38 -89.94 -72.23
CA SER C 124 70.15 -88.94 -73.27
C SER C 124 70.34 -89.53 -74.67
N PHE C 125 70.37 -90.86 -74.74
CA PHE C 125 70.51 -91.54 -76.03
C PHE C 125 69.28 -91.26 -76.89
N ALA C 126 69.51 -90.65 -78.04
CA ALA C 126 68.44 -90.28 -78.96
C ALA C 126 67.97 -91.49 -79.76
N LYS C 127 67.32 -92.44 -79.07
CA LYS C 127 66.69 -93.57 -79.74
C LYS C 127 65.27 -93.23 -80.15
N ASP C 128 64.99 -91.94 -80.23
CA ASP C 128 63.69 -91.44 -80.67
C ASP C 128 63.87 -90.55 -81.90
N ILE C 129 65.07 -89.99 -82.03
CA ILE C 129 65.42 -89.18 -83.20
C ILE C 129 65.98 -90.07 -84.30
N GLU C 130 66.68 -91.13 -83.90
CA GLU C 130 67.26 -92.08 -84.85
C GLU C 130 66.22 -93.12 -85.26
N ASN C 131 65.38 -93.54 -84.32
CA ASN C 131 64.34 -94.52 -84.58
C ASN C 131 63.25 -93.89 -85.47
N ASN C 132 62.99 -92.61 -85.24
CA ASN C 132 62.09 -91.83 -86.08
C ASN C 132 62.80 -91.43 -87.37
N ARG C 133 62.93 -92.38 -88.29
CA ARG C 133 63.70 -92.17 -89.50
C ARG C 133 62.90 -91.43 -90.57
N ASN C 134 61.71 -91.94 -90.89
CA ASN C 134 60.87 -91.39 -91.95
C ASN C 134 61.63 -91.13 -93.24
N LEU C 135 61.73 -92.17 -94.07
CA LEU C 135 62.47 -92.13 -95.34
C LEU C 135 63.84 -91.46 -95.23
N VAL D 79 68.16 -99.10 -64.51
CA VAL D 79 68.57 -99.91 -63.36
C VAL D 79 69.58 -99.16 -62.50
N ILE D 80 70.12 -98.06 -63.03
CA ILE D 80 71.02 -97.21 -62.26
C ILE D 80 70.23 -96.50 -61.16
N ASP D 81 68.92 -96.38 -61.36
CA ASP D 81 68.02 -95.82 -60.34
C ASP D 81 67.95 -96.75 -59.15
N LYS D 82 68.04 -98.06 -59.39
CA LYS D 82 68.00 -99.06 -58.33
C LYS D 82 69.18 -98.89 -57.38
N LEU D 83 70.33 -98.50 -57.93
CA LEU D 83 71.52 -98.25 -57.12
C LEU D 83 71.32 -97.03 -56.22
N ILE D 84 71.07 -95.89 -56.85
CA ILE D 84 70.87 -94.63 -56.14
C ILE D 84 69.80 -94.76 -55.06
N ASP D 85 68.71 -95.45 -55.38
CA ASP D 85 67.64 -95.69 -54.41
C ASP D 85 68.11 -96.54 -53.25
N LEU D 86 69.33 -97.07 -53.35
CA LEU D 86 69.93 -97.86 -52.29
C LEU D 86 71.12 -97.10 -51.71
N GLN D 87 71.87 -96.44 -52.59
CA GLN D 87 73.10 -95.76 -52.19
C GLN D 87 72.81 -94.59 -51.27
N VAL D 88 72.04 -93.63 -51.76
CA VAL D 88 71.71 -92.44 -50.99
C VAL D 88 70.88 -92.85 -49.78
N ASN D 89 69.93 -93.75 -49.98
CA ASN D 89 69.05 -94.19 -48.90
C ASN D 89 69.80 -94.91 -47.77
N SER D 90 71.10 -95.13 -47.97
CA SER D 90 71.92 -95.78 -46.95
C SER D 90 72.50 -94.77 -45.97
N ILE D 91 72.66 -93.52 -46.42
CA ILE D 91 73.26 -92.47 -45.58
C ILE D 91 72.22 -91.50 -45.02
N ILE D 92 71.07 -91.41 -45.67
CA ILE D 92 69.96 -90.59 -45.16
C ILE D 92 69.35 -91.27 -43.94
N SER D 93 69.36 -92.61 -43.95
CA SER D 93 68.85 -93.40 -42.84
C SER D 93 69.92 -93.56 -41.76
N ASN D 94 71.17 -93.32 -42.14
CA ASN D 94 72.29 -93.46 -41.22
C ASN D 94 72.17 -92.49 -40.05
N ASP D 95 72.61 -92.94 -38.87
CA ASP D 95 72.69 -92.07 -37.71
C ASP D 95 73.77 -91.02 -37.97
N GLU D 96 73.94 -90.11 -37.02
CA GLU D 96 74.91 -89.01 -37.16
C GLU D 96 74.52 -88.06 -38.28
N PHE D 97 74.30 -88.59 -39.48
CA PHE D 97 73.93 -87.76 -40.62
C PHE D 97 72.55 -87.13 -40.41
N ARG D 98 71.60 -87.94 -39.95
CA ARG D 98 70.25 -87.46 -39.73
C ARG D 98 70.13 -86.81 -38.36
N ALA D 99 71.21 -86.83 -37.60
CA ALA D 99 71.26 -86.14 -36.31
C ALA D 99 71.45 -84.65 -36.54
N LEU D 100 72.23 -84.31 -37.56
CA LEU D 100 72.42 -82.91 -37.95
C LEU D 100 71.16 -82.36 -38.59
N GLU D 101 70.45 -83.19 -39.34
CA GLU D 101 69.18 -82.81 -39.95
C GLU D 101 68.24 -82.30 -38.88
N GLN D 102 67.98 -83.15 -37.90
CA GLN D 102 67.12 -82.80 -36.78
C GLN D 102 67.60 -81.51 -36.12
N GLU D 103 68.90 -81.38 -35.99
CA GLU D 103 69.50 -80.25 -35.28
C GLU D 103 69.76 -79.06 -36.21
N TRP D 104 69.10 -79.02 -37.36
CA TRP D 104 69.18 -77.87 -38.27
C TRP D 104 67.83 -77.55 -38.88
N LEU D 105 67.02 -78.57 -39.07
CA LEU D 105 65.66 -78.37 -39.57
C LEU D 105 64.87 -77.55 -38.57
N LYS D 106 65.08 -77.84 -37.29
CA LYS D 106 64.36 -77.14 -36.24
C LYS D 106 65.01 -75.79 -35.95
N VAL D 107 66.20 -75.57 -36.52
CA VAL D 107 66.84 -74.26 -36.46
C VAL D 107 66.30 -73.39 -37.58
N GLN D 108 66.04 -74.00 -38.73
CA GLN D 108 65.47 -73.27 -39.85
C GLN D 108 64.04 -72.88 -39.53
N GLU D 109 63.38 -73.70 -38.73
CA GLU D 109 61.98 -73.50 -38.39
C GLU D 109 61.80 -72.21 -37.59
N VAL D 110 62.78 -71.88 -36.77
CA VAL D 110 62.71 -70.69 -35.93
C VAL D 110 62.95 -69.43 -36.76
N CYS D 111 63.98 -69.47 -37.61
CA CYS D 111 64.39 -68.31 -38.39
C CYS D 111 63.73 -68.30 -39.76
N GLN D 112 62.46 -68.69 -39.81
CA GLN D 112 61.70 -68.73 -41.05
C GLN D 112 60.88 -67.46 -41.22
N GLU D 113 60.40 -66.93 -40.11
CA GLU D 113 59.49 -65.79 -40.14
C GLU D 113 60.21 -64.51 -40.57
N ASP D 114 61.30 -64.19 -39.87
CA ASP D 114 62.07 -62.98 -40.11
C ASP D 114 61.20 -61.73 -39.95
N TYR D 115 61.24 -61.15 -38.74
CA TYR D 115 60.45 -59.97 -38.43
C TYR D 115 61.26 -58.69 -38.54
N ASP D 116 60.64 -57.57 -38.18
CA ASP D 116 61.23 -56.26 -38.37
C ASP D 116 62.30 -55.96 -37.33
N ASN D 117 62.11 -56.42 -36.11
CA ASN D 117 63.03 -56.13 -35.00
C ASN D 117 63.13 -57.29 -34.02
N VAL D 118 63.51 -58.46 -34.52
CA VAL D 118 63.66 -59.66 -33.71
C VAL D 118 64.84 -60.48 -34.20
N GLU D 119 66.03 -60.09 -33.77
CA GLU D 119 67.25 -60.72 -34.23
C GLU D 119 67.60 -61.94 -33.38
N VAL D 120 67.41 -63.13 -33.94
CA VAL D 120 67.78 -64.35 -33.23
C VAL D 120 69.29 -64.48 -33.17
N SER D 121 69.76 -65.63 -32.67
CA SER D 121 71.20 -65.85 -32.49
C SER D 121 71.44 -67.27 -32.01
N ILE D 122 72.59 -67.82 -32.39
CA ILE D 122 72.89 -69.23 -32.16
C ILE D 122 73.99 -69.41 -31.13
N LEU D 123 74.11 -70.62 -30.61
CA LEU D 123 75.21 -70.98 -29.74
C LEU D 123 75.31 -72.50 -29.65
N ASP D 124 75.96 -73.11 -30.64
CA ASP D 124 76.01 -74.58 -30.73
C ASP D 124 76.85 -75.19 -29.63
N VAL D 125 76.20 -75.82 -28.66
CA VAL D 125 76.90 -76.45 -27.53
C VAL D 125 76.25 -77.78 -27.18
N LYS D 126 77.10 -78.77 -26.92
CA LYS D 126 76.64 -80.07 -26.49
C LYS D 126 76.05 -79.97 -25.09
N LYS D 127 75.06 -80.81 -24.81
CA LYS D 127 74.39 -80.79 -23.52
C LYS D 127 75.38 -81.08 -22.42
N GLU D 128 76.32 -81.98 -22.70
CA GLU D 128 77.32 -82.39 -21.72
C GLU D 128 78.23 -81.22 -21.34
N GLU D 129 78.50 -80.33 -22.29
CA GLU D 129 79.41 -79.20 -22.04
C GLU D 129 78.76 -78.16 -21.14
N LEU D 130 77.44 -78.29 -20.94
CA LEU D 130 76.70 -77.45 -20.01
C LEU D 130 76.35 -78.23 -18.75
N GLN D 131 76.18 -79.54 -18.91
CA GLN D 131 75.94 -80.43 -17.79
C GLN D 131 77.08 -80.30 -16.81
N TYR D 132 78.29 -80.31 -17.36
CA TYR D 132 79.50 -80.20 -16.56
C TYR D 132 79.63 -78.78 -16.00
N ASP D 133 79.06 -77.82 -16.71
CA ASP D 133 79.20 -76.42 -16.33
C ASP D 133 78.41 -76.09 -15.08
N PHE D 134 77.10 -76.28 -15.14
CA PHE D 134 76.23 -75.96 -14.00
C PHE D 134 76.50 -76.89 -12.82
N GLU D 135 76.73 -78.18 -13.10
CA GLU D 135 76.91 -79.16 -12.05
C GLU D 135 78.22 -78.88 -11.29
N ARG D 136 79.10 -78.12 -11.92
CA ARG D 136 80.36 -77.71 -11.29
C ARG D 136 80.23 -76.35 -10.58
N ASN D 137 79.29 -75.53 -11.06
CA ASN D 137 79.12 -74.17 -10.56
C ASN D 137 77.69 -73.88 -10.14
N LEU D 138 77.02 -74.87 -9.58
CA LEU D 138 75.64 -74.70 -9.16
C LEU D 138 75.61 -73.78 -7.95
N TYR D 139 76.63 -73.91 -7.12
CA TYR D 139 76.73 -73.12 -5.89
C TYR D 139 77.72 -71.98 -6.09
N ASP D 140 77.83 -71.52 -7.33
CA ASP D 140 78.71 -70.42 -7.68
C ASP D 140 78.41 -70.02 -9.11
N ILE D 141 77.16 -69.64 -9.37
CA ILE D 141 76.69 -69.45 -10.73
C ILE D 141 77.38 -68.29 -11.43
N SER D 142 77.75 -67.27 -10.68
CA SER D 142 78.36 -66.07 -11.25
C SER D 142 79.67 -66.38 -11.95
N SER D 143 80.23 -67.55 -11.67
CA SER D 143 81.47 -68.00 -12.27
C SER D 143 81.22 -69.00 -13.39
N SER D 144 79.95 -69.33 -13.61
CA SER D 144 79.57 -70.24 -14.69
C SER D 144 79.93 -69.61 -16.05
N ASP D 145 80.55 -70.40 -16.92
CA ASP D 145 81.01 -69.91 -18.22
C ASP D 145 79.84 -69.40 -19.06
N PHE D 146 78.74 -70.15 -19.07
CA PHE D 146 77.57 -69.76 -19.84
C PHE D 146 76.97 -68.47 -19.29
N PHE D 147 76.85 -68.42 -17.98
CA PHE D 147 76.36 -67.23 -17.29
C PHE D 147 77.18 -66.01 -17.69
N LYS D 148 78.42 -66.25 -18.06
CA LYS D 148 79.33 -65.19 -18.48
C LYS D 148 79.30 -65.01 -20.00
N LYS D 149 78.17 -65.35 -20.61
CA LYS D 149 77.96 -65.17 -22.04
C LYS D 149 76.50 -64.84 -22.32
N VAL D 150 75.86 -64.23 -21.34
CA VAL D 150 74.44 -63.90 -21.44
C VAL D 150 74.06 -62.83 -20.42
N TYR D 151 74.61 -62.93 -19.22
CA TYR D 151 74.38 -61.95 -18.17
C TYR D 151 75.48 -60.90 -18.22
N VAL D 152 76.63 -61.24 -17.66
CA VAL D 152 77.79 -60.36 -17.68
C VAL D 152 78.53 -60.58 -18.99
N SER D 153 78.07 -59.88 -20.03
CA SER D 153 78.62 -60.03 -21.38
C SER D 153 77.84 -59.17 -22.36
N GLU D 154 76.52 -59.19 -22.21
CA GLU D 154 75.64 -58.46 -23.11
C GLU D 154 74.50 -57.78 -22.35
N PHE D 155 74.00 -58.43 -21.31
CA PHE D 155 72.93 -57.84 -20.52
C PHE D 155 73.47 -56.84 -19.51
N ASP D 156 74.59 -57.19 -18.89
CA ASP D 156 75.15 -56.37 -17.83
C ASP D 156 75.91 -55.19 -18.43
N GLN D 157 76.77 -55.49 -19.40
CA GLN D 157 77.62 -54.47 -19.99
C GLN D 157 76.83 -53.35 -20.65
N TYR D 158 77.48 -52.21 -20.78
CA TYR D 158 76.89 -51.01 -21.35
C TYR D 158 76.38 -51.23 -22.78
N GLY D 159 77.29 -51.17 -23.75
CA GLY D 159 76.91 -51.22 -25.14
C GLY D 159 76.33 -52.55 -25.59
N GLY D 160 76.24 -53.50 -24.66
CA GLY D 160 75.75 -54.82 -24.98
C GLY D 160 74.26 -54.88 -25.25
N GLU D 161 73.86 -55.78 -26.13
CA GLU D 161 72.46 -56.02 -26.42
C GLU D 161 71.97 -57.25 -25.65
N PRO D 162 71.04 -57.07 -24.69
CA PRO D 162 70.61 -58.20 -23.86
C PRO D 162 69.82 -59.26 -24.61
N TYR D 163 69.81 -60.48 -24.09
CA TYR D 163 69.05 -61.57 -24.67
C TYR D 163 67.64 -61.57 -24.13
N GLY D 164 66.77 -62.36 -24.74
CA GLY D 164 65.38 -62.45 -24.32
C GLY D 164 64.82 -63.81 -24.69
N ALA D 165 64.39 -64.56 -23.68
CA ALA D 165 63.81 -65.89 -23.88
C ALA D 165 64.75 -66.84 -24.61
N ILE D 166 65.59 -67.51 -23.85
CA ILE D 166 66.45 -68.56 -24.37
C ILE D 166 65.59 -69.74 -24.83
N LEU D 167 66.13 -70.55 -25.74
CA LEU D 167 65.41 -71.71 -26.27
C LEU D 167 66.27 -72.96 -26.19
N GLY D 168 65.96 -73.84 -25.24
CA GLY D 168 66.66 -75.10 -25.09
C GLY D 168 66.14 -76.11 -26.09
N LEU D 169 67.00 -76.49 -27.03
CA LEU D 169 66.61 -77.43 -28.07
C LEU D 169 66.70 -78.88 -27.59
N TYR D 170 67.01 -79.07 -26.30
CA TYR D 170 67.17 -80.40 -25.73
C TYR D 170 65.86 -80.99 -25.21
N ASN D 171 65.91 -82.26 -24.85
CA ASN D 171 64.80 -82.96 -24.20
C ASN D 171 65.22 -83.42 -22.80
N PHE D 172 64.50 -82.95 -21.79
CA PHE D 172 64.87 -83.23 -20.40
C PHE D 172 64.00 -84.30 -19.78
N GLU D 173 64.67 -85.29 -19.18
CA GLU D 173 63.98 -86.41 -18.54
C GLU D 173 63.74 -86.11 -17.06
N ASN D 174 63.39 -87.15 -16.31
CA ASN D 174 63.18 -87.05 -14.87
C ASN D 174 64.46 -87.35 -14.09
N THR D 175 65.56 -87.45 -14.81
CA THR D 175 66.84 -87.78 -14.18
C THR D 175 67.20 -86.75 -13.13
N THR D 176 68.04 -87.15 -12.19
CA THR D 176 68.53 -86.24 -11.16
C THR D 176 69.77 -85.47 -11.63
N ASN D 177 70.13 -85.65 -12.89
CA ASN D 177 71.20 -84.87 -13.52
C ASN D 177 70.60 -83.75 -14.37
N ASP D 178 69.68 -84.13 -15.26
CA ASP D 178 69.02 -83.15 -16.13
C ASP D 178 68.17 -82.17 -15.34
N ILE D 179 67.92 -82.50 -14.08
CA ILE D 179 67.14 -81.66 -13.19
C ILE D 179 68.00 -80.49 -12.73
N ILE D 180 69.29 -80.71 -12.66
CA ILE D 180 70.24 -79.68 -12.28
C ILE D 180 70.45 -78.73 -13.46
N TRP D 181 70.46 -79.31 -14.65
CA TRP D 181 70.63 -78.57 -15.89
C TRP D 181 69.62 -77.43 -15.99
N LEU D 182 68.39 -77.71 -15.56
CA LEU D 182 67.32 -76.71 -15.53
C LEU D 182 67.51 -75.78 -14.34
N THR D 183 67.99 -76.35 -13.24
CA THR D 183 68.20 -75.59 -12.02
C THR D 183 69.27 -74.54 -12.25
N GLY D 184 70.22 -74.85 -13.11
CA GLY D 184 71.30 -73.94 -13.44
C GLY D 184 70.88 -72.91 -14.48
N MET D 185 70.33 -73.39 -15.58
CA MET D 185 69.88 -72.52 -16.67
C MET D 185 68.83 -71.54 -16.17
N GLY D 186 68.02 -71.98 -15.23
CA GLY D 186 67.01 -71.14 -14.62
C GLY D 186 67.65 -70.15 -13.67
N MET D 187 68.77 -70.56 -13.07
CA MET D 187 69.52 -69.68 -12.16
C MET D 187 70.03 -68.47 -12.95
N VAL D 188 70.33 -68.71 -14.22
CA VAL D 188 70.77 -67.68 -15.16
C VAL D 188 69.59 -66.84 -15.63
N ALA D 189 68.64 -67.52 -16.25
CA ALA D 189 67.43 -66.90 -16.80
C ALA D 189 66.78 -65.97 -15.78
N LYS D 190 66.70 -66.46 -14.55
CA LYS D 190 66.11 -65.70 -13.45
C LYS D 190 66.77 -64.34 -13.30
N ASN D 191 68.09 -64.31 -13.44
CA ASN D 191 68.86 -63.09 -13.26
C ASN D 191 68.97 -62.30 -14.55
N SER D 192 69.31 -62.99 -15.63
CA SER D 192 69.44 -62.34 -16.94
C SER D 192 68.08 -61.90 -17.46
N HIS D 193 67.01 -62.41 -16.82
CA HIS D 193 65.64 -62.11 -17.22
C HIS D 193 65.38 -62.57 -18.65
N ALA D 194 65.26 -63.88 -18.81
CA ALA D 194 65.15 -64.49 -20.12
C ALA D 194 64.56 -65.89 -20.00
N PRO D 195 63.22 -65.98 -19.95
CA PRO D 195 62.48 -67.24 -19.77
C PRO D 195 63.02 -68.38 -20.62
N PHE D 196 63.59 -69.39 -19.97
CA PHE D 196 64.21 -70.50 -20.68
C PHE D 196 63.19 -71.56 -21.07
N ILE D 197 62.85 -71.61 -22.35
CA ILE D 197 61.86 -72.56 -22.87
C ILE D 197 62.55 -73.82 -23.37
N ALA D 198 61.98 -74.97 -23.07
CA ALA D 198 62.55 -76.25 -23.51
C ALA D 198 61.47 -77.30 -23.73
N SER D 199 61.89 -78.55 -23.90
CA SER D 199 60.97 -79.66 -24.11
C SER D 199 61.32 -80.82 -23.20
N ILE D 200 60.35 -81.68 -22.93
CA ILE D 200 60.57 -82.86 -22.09
C ILE D 200 60.34 -84.15 -22.87
N ASP D 201 61.24 -85.10 -22.63
CA ASP D 201 61.22 -86.38 -23.32
C ASP D 201 60.04 -87.23 -22.85
N LYS D 202 59.69 -88.22 -23.65
CA LYS D 202 58.63 -89.15 -23.30
C LYS D 202 59.04 -90.01 -22.11
N SER D 203 60.33 -89.98 -21.76
CA SER D 203 60.86 -90.75 -20.64
C SER D 203 60.42 -90.16 -19.29
N PHE D 204 59.81 -88.99 -19.35
CA PHE D 204 59.36 -88.31 -18.15
C PHE D 204 58.23 -89.08 -17.49
N PHE D 205 57.19 -89.35 -18.27
CA PHE D 205 56.00 -90.03 -17.78
C PHE D 205 56.23 -91.53 -17.61
N GLY D 206 57.47 -91.97 -17.82
CA GLY D 206 57.81 -93.37 -17.66
C GLY D 206 57.18 -94.24 -18.73
N VAL D 207 57.18 -93.74 -19.97
CA VAL D 207 56.59 -94.48 -21.09
C VAL D 207 57.47 -94.37 -22.33
N LYS D 208 57.56 -95.46 -23.08
CA LYS D 208 58.50 -95.56 -24.20
C LYS D 208 57.92 -95.04 -25.50
N ASP D 209 56.64 -94.68 -25.49
CA ASP D 209 55.99 -94.10 -26.65
C ASP D 209 55.11 -92.95 -26.21
N LEU D 210 55.39 -91.75 -26.71
CA LEU D 210 54.72 -90.56 -26.21
C LEU D 210 53.23 -90.62 -26.49
N SER D 211 52.86 -91.31 -27.56
CA SER D 211 51.46 -91.46 -27.91
C SER D 211 50.67 -92.17 -26.81
N GLU D 212 51.38 -92.92 -25.96
CA GLU D 212 50.74 -93.72 -24.93
C GLU D 212 50.57 -92.95 -23.62
N ILE D 213 50.75 -91.64 -23.71
CA ILE D 213 50.51 -90.75 -22.57
C ILE D 213 49.01 -90.51 -22.45
N THR D 214 48.30 -90.67 -23.57
CA THR D 214 46.86 -90.51 -23.60
C THR D 214 46.16 -91.50 -22.66
N HIS D 215 46.81 -92.64 -22.40
CA HIS D 215 46.22 -93.67 -21.56
C HIS D 215 46.18 -93.27 -20.09
N ILE D 216 47.10 -92.41 -19.68
CA ILE D 216 47.13 -91.94 -18.29
C ILE D 216 45.91 -91.06 -18.05
N LYS D 217 45.21 -91.34 -16.95
CA LYS D 217 43.99 -90.63 -16.64
C LYS D 217 44.28 -89.18 -16.28
N SER D 218 44.96 -89.01 -15.15
CA SER D 218 45.28 -87.67 -14.65
C SER D 218 46.71 -87.62 -14.16
N PHE D 219 47.49 -86.72 -14.76
CA PHE D 219 48.89 -86.56 -14.40
C PHE D 219 49.01 -85.94 -13.03
N GLU D 220 47.91 -85.36 -12.55
CA GLU D 220 47.90 -84.76 -11.23
C GLU D 220 48.15 -85.84 -10.18
N ALA D 221 47.51 -86.99 -10.36
CA ALA D 221 47.67 -88.10 -9.43
C ALA D 221 48.99 -88.83 -9.70
N LEU D 222 49.57 -88.58 -10.88
CA LEU D 222 50.81 -89.23 -11.27
C LEU D 222 51.97 -88.68 -10.45
N LEU D 223 52.06 -87.37 -10.38
CA LEU D 223 53.16 -86.70 -9.69
C LEU D 223 53.18 -86.96 -8.19
N GLU D 224 52.11 -87.55 -7.67
CA GLU D 224 52.05 -87.92 -6.27
C GLU D 224 52.92 -89.17 -6.03
N HIS D 225 53.15 -89.92 -7.10
CA HIS D 225 54.04 -91.08 -7.08
C HIS D 225 55.46 -90.67 -6.64
N PRO D 226 56.10 -91.47 -5.76
CA PRO D 226 57.39 -91.09 -5.16
C PRO D 226 58.55 -91.09 -6.14
N ARG D 227 58.26 -91.38 -7.40
CA ARG D 227 59.27 -91.40 -8.44
C ARG D 227 59.62 -89.97 -8.85
N TYR D 228 58.71 -89.05 -8.57
CA TYR D 228 58.85 -87.66 -8.96
C TYR D 228 59.21 -86.76 -7.79
N LYS D 229 59.72 -87.36 -6.73
CA LYS D 229 60.04 -86.62 -5.52
C LYS D 229 61.05 -85.50 -5.82
N GLU D 230 62.10 -85.86 -6.53
CA GLU D 230 63.15 -84.91 -6.88
C GLU D 230 62.56 -83.77 -7.71
N TRP D 231 61.60 -84.12 -8.55
CA TRP D 231 61.01 -83.15 -9.47
C TRP D 231 60.11 -82.17 -8.75
N ASN D 232 59.31 -82.68 -7.82
CA ASN D 232 58.41 -81.83 -7.04
C ASN D 232 59.18 -80.81 -6.20
N ASP D 233 60.42 -81.13 -5.88
CA ASP D 233 61.27 -80.21 -5.11
C ASP D 233 61.70 -79.06 -6.00
N PHE D 234 61.99 -79.38 -7.26
CA PHE D 234 62.43 -78.38 -8.22
C PHE D 234 61.33 -77.41 -8.60
N ARG D 235 60.09 -77.91 -8.60
CA ARG D 235 58.94 -77.07 -8.96
C ARG D 235 58.70 -76.01 -7.89
N ASN D 236 59.28 -76.23 -6.71
CA ASN D 236 59.11 -75.31 -5.60
C ASN D 236 60.14 -74.18 -5.62
N LEU D 237 61.25 -74.41 -6.34
CA LEU D 237 62.29 -73.39 -6.47
C LEU D 237 61.77 -72.15 -7.19
N ASP D 238 62.38 -71.01 -6.89
CA ASP D 238 61.97 -69.75 -7.51
C ASP D 238 62.36 -69.71 -8.97
N VAL D 239 63.51 -70.32 -9.29
CA VAL D 239 64.04 -70.28 -10.64
C VAL D 239 63.12 -70.97 -11.63
N ALA D 240 62.30 -71.89 -11.12
CA ALA D 240 61.41 -72.68 -11.97
C ALA D 240 60.30 -71.83 -12.57
N ALA D 241 60.16 -70.60 -12.09
CA ALA D 241 59.14 -69.68 -12.61
C ALA D 241 59.57 -69.06 -13.93
N TYR D 242 60.69 -69.54 -14.47
CA TYR D 242 61.22 -69.05 -15.74
C TYR D 242 61.40 -70.18 -16.73
N ILE D 243 61.38 -71.41 -16.23
CA ILE D 243 61.42 -72.58 -17.11
C ILE D 243 60.01 -72.80 -17.64
N GLY D 244 59.91 -73.21 -18.90
CA GLY D 244 58.62 -73.49 -19.51
C GLY D 244 58.75 -74.68 -20.45
N LEU D 245 58.40 -75.86 -19.95
CA LEU D 245 58.64 -77.09 -20.68
C LEU D 245 57.45 -77.49 -21.55
N THR D 246 57.75 -77.92 -22.78
CA THR D 246 56.71 -78.27 -23.75
C THR D 246 56.58 -79.77 -23.98
N VAL D 247 55.36 -80.22 -24.27
CA VAL D 247 55.08 -81.62 -24.55
C VAL D 247 54.56 -81.79 -25.97
N GLY D 248 55.00 -82.86 -26.62
CA GLY D 248 54.62 -83.11 -28.00
C GLY D 248 55.70 -82.59 -28.94
N ASP D 249 55.87 -83.27 -30.05
CA ASP D 249 56.89 -82.94 -31.03
C ASP D 249 56.27 -82.91 -32.41
N PHE D 250 56.45 -81.81 -33.14
CA PHE D 250 55.86 -81.67 -34.46
C PHE D 250 56.75 -82.30 -35.50
N MET D 251 56.14 -82.88 -36.51
CA MET D 251 56.87 -83.48 -37.61
C MET D 251 57.46 -82.37 -38.46
N LEU D 252 58.79 -82.36 -38.60
CA LEU D 252 59.48 -81.26 -39.26
C LEU D 252 59.92 -81.58 -40.68
N ARG D 253 59.84 -82.86 -41.04
CA ARG D 253 60.14 -83.25 -42.41
C ARG D 253 59.27 -84.40 -42.85
N GLN D 254 58.73 -84.27 -44.06
CA GLN D 254 57.98 -85.35 -44.66
C GLN D 254 58.96 -86.30 -45.36
N PRO D 255 58.84 -87.61 -45.08
CA PRO D 255 59.74 -88.57 -45.74
C PRO D 255 59.58 -88.55 -47.25
N TYR D 256 60.53 -89.12 -47.98
CA TYR D 256 60.61 -88.93 -49.43
C TYR D 256 59.90 -90.01 -50.24
N ASN D 257 58.80 -89.62 -50.89
CA ASN D 257 58.11 -90.48 -51.84
C ASN D 257 58.11 -89.80 -53.21
N PRO D 258 57.85 -90.57 -54.28
CA PRO D 258 57.82 -89.96 -55.60
C PRO D 258 56.52 -89.19 -55.83
N GLU D 259 55.41 -89.76 -55.38
CA GLU D 259 54.10 -89.14 -55.53
C GLU D 259 53.84 -88.13 -54.42
N ASN D 260 54.59 -88.24 -53.33
CA ASN D 260 54.47 -87.32 -52.19
C ASN D 260 55.84 -86.81 -51.77
N ASN D 261 56.01 -85.49 -51.82
CA ASN D 261 57.27 -84.86 -51.43
C ASN D 261 58.44 -85.43 -52.23
N PRO D 262 58.41 -85.26 -53.56
CA PRO D 262 59.47 -85.75 -54.43
C PRO D 262 60.75 -84.92 -54.32
N VAL D 263 61.88 -85.60 -54.24
CA VAL D 263 63.16 -84.90 -54.17
C VAL D 263 63.37 -84.10 -55.45
N GLN D 264 63.62 -82.80 -55.28
CA GLN D 264 63.80 -81.92 -56.41
C GLN D 264 65.09 -82.30 -57.13
N TYR D 265 64.95 -83.09 -58.19
CA TYR D 265 66.11 -83.57 -58.94
C TYR D 265 66.74 -82.42 -59.72
N LYS D 266 67.72 -82.75 -60.55
CA LYS D 266 68.43 -81.77 -61.36
C LYS D 266 67.82 -81.65 -62.75
N LEU D 267 68.32 -80.72 -63.57
CA LEU D 267 67.71 -80.41 -64.86
C LEU D 267 67.93 -81.50 -65.91
N MET D 268 68.58 -82.59 -65.53
CA MET D 268 68.79 -83.71 -66.45
C MET D 268 68.96 -85.03 -65.69
N GLU D 269 69.58 -84.98 -64.52
CA GLU D 269 69.77 -86.17 -63.70
C GLU D 269 68.48 -86.61 -63.05
N GLY D 270 67.79 -87.55 -63.69
CA GLY D 270 66.54 -88.08 -63.19
C GLY D 270 66.71 -88.61 -61.77
N PHE D 271 66.04 -87.97 -60.82
CA PHE D 271 66.19 -88.34 -59.42
C PHE D 271 64.85 -88.34 -58.68
N ASN D 272 63.86 -87.65 -59.24
CA ASN D 272 62.56 -87.51 -58.58
C ASN D 272 61.92 -88.85 -58.23
N GLU D 273 62.20 -89.87 -59.03
CA GLU D 273 61.79 -91.23 -58.71
C GLU D 273 62.73 -91.77 -57.64
N PHE D 274 62.38 -91.53 -56.38
CA PHE D 274 63.26 -91.86 -55.26
C PHE D 274 62.45 -91.98 -53.99
N VAL D 275 62.50 -93.16 -53.37
CA VAL D 275 61.71 -93.44 -52.18
C VAL D 275 62.56 -93.44 -50.92
N ASP D 276 61.90 -93.54 -49.77
CA ASP D 276 62.56 -93.68 -48.47
C ASP D 276 62.02 -94.94 -47.81
N TYR D 277 62.26 -95.11 -46.50
CA TYR D 277 61.86 -96.33 -45.81
C TYR D 277 61.42 -96.08 -44.37
N ASP D 278 60.11 -95.95 -44.18
CA ASP D 278 59.53 -95.76 -42.85
C ASP D 278 58.11 -96.29 -42.83
N LYS D 279 57.53 -96.42 -41.64
CA LYS D 279 56.17 -96.95 -41.50
C LYS D 279 55.42 -96.40 -40.28
N ASN D 280 55.71 -96.95 -39.10
CA ASN D 280 54.92 -96.65 -37.90
C ASN D 280 55.18 -95.24 -37.35
N GLU D 281 56.23 -95.09 -36.55
CA GLU D 281 56.55 -93.80 -35.93
C GLU D 281 58.04 -93.72 -35.61
N SER D 282 58.82 -93.32 -36.62
CA SER D 282 60.25 -93.10 -36.46
C SER D 282 60.83 -92.47 -37.72
N TYR D 283 60.44 -91.22 -37.98
CA TYR D 283 60.99 -90.48 -39.11
C TYR D 283 61.06 -88.98 -38.81
N LEU D 284 62.02 -88.63 -37.96
CA LEU D 284 62.38 -87.24 -37.67
C LEU D 284 61.30 -86.45 -36.93
N TRP D 285 61.70 -85.85 -35.82
CA TRP D 285 60.79 -85.05 -35.02
C TRP D 285 61.51 -83.79 -34.54
N GLY D 286 60.74 -82.84 -34.02
CA GLY D 286 61.29 -81.63 -33.46
C GLY D 286 60.42 -81.13 -32.33
N PRO D 287 61.03 -80.55 -31.29
CA PRO D 287 60.30 -80.17 -30.07
C PRO D 287 59.37 -78.97 -30.27
N ALA D 288 58.22 -79.01 -29.61
CA ALA D 288 57.19 -77.97 -29.74
C ALA D 288 57.69 -76.62 -29.29
N SER D 289 58.76 -76.64 -28.51
CA SER D 289 59.32 -75.42 -27.96
C SER D 289 59.63 -74.41 -29.07
N ILE D 290 59.95 -74.91 -30.27
CA ILE D 290 60.28 -74.03 -31.38
C ILE D 290 59.11 -73.12 -31.69
N HIS D 291 57.96 -73.71 -31.99
CA HIS D 291 56.79 -72.94 -32.34
C HIS D 291 56.36 -72.07 -31.20
N LEU D 292 56.67 -72.51 -29.99
CA LEU D 292 56.34 -71.72 -28.82
C LEU D 292 57.11 -70.41 -28.85
N VAL D 293 58.42 -70.50 -29.05
CA VAL D 293 59.26 -69.31 -29.13
C VAL D 293 58.97 -68.57 -30.43
N LYS D 294 58.73 -69.32 -31.49
CA LYS D 294 58.46 -68.73 -32.80
C LYS D 294 57.12 -68.00 -32.80
N ASN D 295 56.37 -68.12 -31.71
CA ASN D 295 55.15 -67.34 -31.52
C ASN D 295 55.41 -66.13 -30.63
N MET D 296 56.36 -66.27 -29.70
CA MET D 296 56.77 -65.14 -28.88
C MET D 296 57.38 -64.07 -29.78
N MET D 297 58.10 -64.50 -30.80
CA MET D 297 58.65 -63.57 -31.77
C MET D 297 57.50 -62.89 -32.49
N ARG D 298 56.55 -63.70 -32.95
CA ARG D 298 55.35 -63.18 -33.61
C ARG D 298 54.61 -62.24 -32.69
N SER D 299 54.51 -62.64 -31.43
CA SER D 299 53.89 -61.81 -30.41
C SER D 299 54.86 -60.72 -29.97
N TYR D 300 55.39 -59.99 -30.93
CA TYR D 300 56.32 -58.93 -30.62
C TYR D 300 56.44 -58.01 -31.81
N ASP D 301 56.52 -58.59 -33.00
CA ASP D 301 56.54 -57.80 -34.22
C ASP D 301 55.17 -57.21 -34.45
N LYS D 302 54.13 -58.00 -34.17
CA LYS D 302 52.76 -57.55 -34.35
C LYS D 302 52.33 -56.68 -33.18
N THR D 303 52.13 -57.31 -32.04
CA THR D 303 51.88 -56.56 -30.81
C THR D 303 53.21 -56.01 -30.31
N ARG D 304 53.44 -56.03 -29.00
CA ARG D 304 54.74 -55.62 -28.46
C ARG D 304 55.09 -56.43 -27.21
N TRP D 305 54.08 -56.94 -26.54
CA TRP D 305 54.26 -57.78 -25.35
C TRP D 305 53.81 -59.20 -25.63
N PHE D 306 53.74 -60.03 -24.58
CA PHE D 306 53.55 -61.46 -24.74
C PHE D 306 52.21 -61.97 -24.21
N GLN D 307 51.13 -61.30 -24.60
CA GLN D 307 49.79 -61.81 -24.31
C GLN D 307 49.32 -62.66 -25.48
N TYR D 308 49.98 -62.47 -26.63
CA TYR D 308 49.53 -63.02 -27.88
C TYR D 308 50.17 -64.38 -28.17
N ILE D 309 50.25 -65.24 -27.15
CA ILE D 309 50.88 -66.55 -27.30
C ILE D 309 50.03 -67.66 -26.69
N ARG D 310 48.74 -67.39 -26.52
CA ARG D 310 47.84 -68.35 -25.89
C ARG D 310 46.50 -68.39 -26.61
N GLY D 311 45.89 -69.57 -26.63
CA GLY D 311 44.55 -69.72 -27.17
C GLY D 311 44.53 -69.72 -28.68
N VAL D 312 43.36 -69.98 -29.23
CA VAL D 312 43.19 -70.03 -30.68
C VAL D 312 43.03 -68.63 -31.25
N GLU D 313 42.00 -67.95 -30.77
CA GLU D 313 41.62 -66.65 -31.31
C GLU D 313 42.71 -65.62 -31.03
N SER D 314 43.38 -65.76 -29.90
CA SER D 314 44.45 -64.83 -29.51
C SER D 314 45.80 -65.27 -30.08
N GLY D 315 46.60 -65.94 -29.27
CA GLY D 315 47.97 -66.27 -29.63
C GLY D 315 48.13 -67.56 -30.39
N GLY D 316 48.71 -68.56 -29.71
CA GLY D 316 49.17 -69.78 -30.35
C GLY D 316 48.16 -70.49 -31.21
N TYR D 317 48.36 -70.40 -32.52
CA TYR D 317 47.53 -71.11 -33.48
C TYR D 317 48.40 -72.00 -34.36
N VAL D 318 49.56 -71.48 -34.75
CA VAL D 318 50.53 -72.24 -35.54
C VAL D 318 49.89 -72.84 -36.79
N LYS D 319 49.77 -72.01 -37.83
CA LYS D 319 49.07 -72.40 -39.03
C LYS D 319 50.00 -73.17 -39.97
N ASN D 320 49.44 -74.19 -40.63
CA ASN D 320 50.13 -74.91 -41.69
C ASN D 320 51.36 -75.67 -41.21
N LEU D 321 51.16 -76.90 -40.74
CA LEU D 321 52.26 -77.75 -40.30
C LEU D 321 52.58 -78.84 -41.30
N VAL D 322 53.77 -79.41 -41.17
CA VAL D 322 54.22 -80.44 -42.10
C VAL D 322 53.63 -81.80 -41.71
N ALA D 323 52.45 -82.09 -42.25
CA ALA D 323 51.81 -83.38 -42.01
C ALA D 323 52.51 -84.47 -42.81
N CYS D 324 51.84 -85.60 -42.98
CA CYS D 324 52.37 -86.69 -43.78
C CYS D 324 51.25 -87.58 -44.27
N VAL D 325 51.42 -88.12 -45.48
CA VAL D 325 50.45 -89.02 -46.08
C VAL D 325 51.17 -90.24 -46.65
N TYR D 326 50.49 -91.37 -46.66
CA TYR D 326 51.10 -92.60 -47.14
C TYR D 326 50.06 -93.60 -47.62
N ASP D 327 50.42 -94.33 -48.68
CA ASP D 327 49.56 -95.32 -49.28
C ASP D 327 50.07 -96.73 -48.97
N ASN D 328 49.58 -97.31 -47.87
CA ASN D 328 49.97 -98.66 -47.51
C ASN D 328 49.15 -99.68 -48.29
N LYS D 329 47.83 -99.53 -48.24
CA LYS D 329 46.92 -100.41 -48.96
C LYS D 329 45.61 -99.68 -49.27
N GLY D 330 45.21 -98.77 -48.38
CA GLY D 330 44.03 -97.95 -48.58
C GLY D 330 44.25 -96.90 -49.64
N ILE D 331 43.84 -95.67 -49.32
CA ILE D 331 43.94 -94.55 -50.26
C ILE D 331 44.51 -93.32 -49.56
N LEU D 332 45.83 -93.28 -49.41
CA LEU D 332 46.52 -92.14 -48.81
C LEU D 332 45.92 -91.74 -47.47
N GLU D 333 46.20 -92.57 -46.46
CA GLU D 333 45.73 -92.32 -45.11
C GLU D 333 46.63 -91.28 -44.44
N THR D 334 46.09 -90.10 -44.19
CA THR D 334 46.89 -89.00 -43.67
C THR D 334 47.43 -89.30 -42.26
N LYS D 335 48.54 -88.63 -41.91
CA LYS D 335 49.18 -88.81 -40.62
C LYS D 335 49.25 -87.47 -39.92
N SER D 336 48.66 -87.38 -38.73
CA SER D 336 48.59 -86.12 -38.00
C SER D 336 49.99 -85.55 -37.75
N PRO D 337 50.15 -84.22 -37.92
CA PRO D 337 51.46 -83.59 -37.84
C PRO D 337 52.09 -83.69 -36.45
N LEU D 338 51.24 -83.82 -35.44
CA LEU D 338 51.71 -83.84 -34.06
C LEU D 338 51.99 -85.25 -33.57
N ASN D 339 52.92 -85.34 -32.63
CA ASN D 339 53.31 -86.60 -32.04
C ASN D 339 52.13 -87.27 -31.34
N VAL D 340 51.38 -86.45 -30.59
CA VAL D 340 50.30 -86.96 -29.76
C VAL D 340 49.04 -86.09 -29.88
N LEU D 341 47.89 -86.77 -29.92
CA LEU D 341 46.61 -86.11 -30.10
C LEU D 341 45.94 -85.88 -28.75
N PHE D 342 46.42 -84.86 -28.04
CA PHE D 342 45.88 -84.53 -26.73
C PHE D 342 44.39 -84.25 -26.80
N ALA D 343 43.67 -84.80 -25.82
CA ALA D 343 42.25 -84.51 -25.68
C ALA D 343 42.09 -83.20 -24.91
N ASP D 344 40.87 -82.92 -24.45
CA ASP D 344 40.58 -81.65 -23.82
C ASP D 344 41.14 -81.58 -22.40
N TYR D 345 40.81 -82.57 -21.58
CA TYR D 345 41.23 -82.54 -20.19
C TYR D 345 42.72 -82.84 -20.06
N MET D 346 43.33 -83.26 -21.15
CA MET D 346 44.79 -83.39 -21.19
C MET D 346 45.43 -82.01 -21.23
N GLU D 347 44.81 -81.10 -21.99
CA GLU D 347 45.28 -79.72 -22.11
C GLU D 347 45.42 -79.09 -20.74
N LEU D 348 44.49 -79.46 -19.86
CA LEU D 348 44.42 -78.87 -18.54
C LEU D 348 45.24 -79.68 -17.54
N SER D 349 45.04 -81.00 -17.55
CA SER D 349 45.70 -81.89 -16.60
C SER D 349 47.22 -81.88 -16.78
N LEU D 350 47.70 -81.19 -17.81
CA LEU D 350 49.14 -80.96 -17.97
C LEU D 350 49.53 -79.61 -17.40
N ALA D 351 48.65 -78.63 -17.56
CA ALA D 351 48.94 -77.27 -17.11
C ALA D 351 49.21 -77.22 -15.62
N ASN D 352 48.67 -78.19 -14.89
CA ASN D 352 48.82 -78.26 -13.45
C ASN D 352 50.17 -78.86 -13.05
N ILE D 353 50.72 -79.68 -13.94
CA ILE D 353 52.01 -80.32 -13.71
C ILE D 353 53.13 -79.34 -13.98
N GLY D 354 52.83 -78.28 -14.74
CA GLY D 354 53.79 -77.26 -15.08
C GLY D 354 54.39 -77.55 -16.42
N LEU D 355 53.54 -77.99 -17.34
CA LEU D 355 53.96 -78.36 -18.68
C LEU D 355 53.16 -77.59 -19.72
N ILE D 356 53.74 -77.46 -20.91
CA ILE D 356 53.09 -76.76 -22.00
C ILE D 356 52.73 -77.73 -23.12
N PRO D 357 51.46 -78.16 -23.17
CA PRO D 357 51.04 -79.09 -24.20
C PRO D 357 50.83 -78.43 -25.56
N PHE D 358 51.30 -79.09 -26.62
CA PHE D 358 51.16 -78.59 -27.98
C PHE D 358 50.06 -79.36 -28.70
N VAL D 359 48.82 -79.09 -28.32
CA VAL D 359 47.68 -79.89 -28.76
C VAL D 359 47.29 -79.62 -30.21
N SER D 360 46.80 -80.66 -30.87
CA SER D 360 46.49 -80.59 -32.28
C SER D 360 44.99 -80.64 -32.51
N GLU D 361 44.53 -80.05 -33.61
CA GLU D 361 43.15 -80.19 -34.04
C GLU D 361 43.11 -81.34 -35.04
N LYS D 362 42.34 -82.36 -34.71
CA LYS D 362 42.32 -83.60 -35.47
C LYS D 362 41.98 -83.38 -36.94
N GLY D 363 42.92 -83.71 -37.82
CA GLY D 363 42.71 -83.59 -39.26
C GLY D 363 43.06 -82.22 -39.80
N THR D 364 42.80 -81.18 -39.01
CA THR D 364 42.98 -79.80 -39.46
C THR D 364 44.44 -79.50 -39.82
N SER D 365 45.35 -80.39 -39.41
CA SER D 365 46.78 -80.22 -39.68
C SER D 365 47.31 -78.92 -39.04
N ASN D 366 46.78 -78.61 -37.86
CA ASN D 366 47.18 -77.42 -37.11
C ASN D 366 47.31 -77.72 -35.62
N ALA D 367 47.61 -76.67 -34.85
CA ALA D 367 47.82 -76.81 -33.42
C ALA D 367 47.34 -75.56 -32.67
N CYS D 368 47.78 -75.42 -31.42
CA CYS D 368 47.53 -74.23 -30.60
C CYS D 368 48.01 -74.47 -29.18
N PHE D 369 48.53 -73.43 -28.55
CA PHE D 369 48.93 -73.50 -27.15
C PHE D 369 47.82 -72.94 -26.27
N PHE D 370 47.10 -73.82 -25.59
CA PHE D 370 46.08 -73.38 -24.65
C PHE D 370 46.71 -72.92 -23.34
N SER D 371 47.65 -73.73 -22.86
CA SER D 371 48.32 -73.45 -21.61
C SER D 371 49.74 -72.98 -21.88
N VAL D 372 50.18 -71.99 -21.12
CA VAL D 372 51.56 -71.55 -21.16
C VAL D 372 52.00 -71.31 -19.74
N ASN D 373 52.16 -72.40 -19.00
CA ASN D 373 52.56 -72.34 -17.62
C ASN D 373 54.00 -72.76 -17.42
N SER D 374 54.63 -72.15 -16.43
CA SER D 374 55.97 -72.50 -16.03
C SER D 374 55.92 -73.77 -15.21
N ALA D 375 57.08 -74.22 -14.75
CA ALA D 375 57.15 -75.42 -13.94
C ALA D 375 56.93 -75.08 -12.48
N LYS D 376 56.61 -73.83 -12.18
CA LYS D 376 56.40 -73.41 -10.80
C LYS D 376 55.12 -74.05 -10.24
N LYS D 377 55.18 -74.47 -8.98
CA LYS D 377 54.03 -75.07 -8.33
C LYS D 377 52.93 -74.04 -8.18
N VAL D 378 51.69 -74.48 -8.33
CA VAL D 378 50.54 -73.58 -8.32
C VAL D 378 49.99 -73.36 -6.90
N GLU D 379 50.28 -74.30 -6.00
CA GLU D 379 49.79 -74.24 -4.63
C GLU D 379 48.26 -74.17 -4.62
N GLU D 380 47.68 -73.72 -3.50
CA GLU D 380 46.23 -73.59 -3.41
C GLU D 380 45.84 -72.52 -2.39
N PHE D 381 46.23 -72.72 -1.14
CA PHE D 381 46.04 -71.75 -0.07
C PHE D 381 44.57 -71.52 0.27
N VAL D 382 44.35 -70.99 1.47
CA VAL D 382 43.00 -70.73 1.97
C VAL D 382 42.57 -69.32 1.60
N ASP D 383 43.41 -68.34 1.92
CA ASP D 383 43.12 -66.96 1.58
C ASP D 383 43.04 -66.82 0.05
N GLY D 384 41.94 -66.24 -0.42
CA GLY D 384 41.67 -66.14 -1.85
C GLY D 384 42.73 -65.38 -2.63
N PHE D 385 43.19 -64.28 -2.06
CA PHE D 385 44.23 -63.47 -2.71
C PHE D 385 45.49 -64.28 -2.94
N ASP D 386 45.97 -64.92 -1.88
CA ASP D 386 47.19 -65.73 -1.95
C ASP D 386 47.04 -66.80 -3.02
N SER D 387 45.86 -67.38 -3.11
CA SER D 387 45.59 -68.45 -4.06
C SER D 387 45.70 -67.94 -5.50
N ALA D 388 45.34 -66.67 -5.70
CA ALA D 388 45.35 -66.06 -7.02
C ALA D 388 46.75 -65.65 -7.42
N ASN D 389 47.53 -65.22 -6.42
CA ASN D 389 48.93 -64.88 -6.64
C ASN D 389 49.66 -66.01 -7.34
N SER D 390 49.60 -67.19 -6.73
CA SER D 390 50.33 -68.35 -7.20
C SER D 390 49.85 -68.82 -8.56
N ARG D 391 48.65 -68.39 -8.95
CA ARG D 391 48.08 -68.80 -10.22
C ARG D 391 48.63 -67.94 -11.36
N LEU D 392 49.01 -66.72 -11.03
CA LEU D 392 49.52 -65.77 -12.00
C LEU D 392 51.03 -65.89 -12.13
N ILE D 393 51.68 -66.31 -11.06
CA ILE D 393 53.12 -66.41 -11.06
C ILE D 393 53.55 -67.62 -11.86
N ALA D 394 52.78 -68.70 -11.74
CA ALA D 394 53.05 -69.92 -12.49
C ALA D 394 52.90 -69.66 -13.98
N ASN D 395 52.04 -68.70 -14.32
CA ASN D 395 51.77 -68.35 -15.71
C ASN D 395 52.98 -67.71 -16.36
N LEU D 396 53.51 -68.40 -17.37
CA LEU D 396 54.73 -67.97 -18.04
C LEU D 396 54.56 -66.65 -18.76
N SER D 397 53.43 -66.48 -19.43
CA SER D 397 53.21 -65.34 -20.31
C SER D 397 53.38 -64.00 -19.59
N TYR D 398 53.11 -63.98 -18.29
CA TYR D 398 53.26 -62.75 -17.51
C TYR D 398 54.73 -62.51 -17.17
N THR D 399 55.41 -63.54 -16.67
CA THR D 399 56.83 -63.43 -16.32
C THR D 399 57.66 -63.07 -17.55
N MET D 400 57.10 -63.28 -18.73
CA MET D 400 57.74 -62.82 -19.96
C MET D 400 57.61 -61.30 -20.04
N CYS D 401 56.46 -60.80 -19.60
CA CYS D 401 56.16 -59.38 -19.66
C CYS D 401 56.84 -58.62 -18.53
N ILE D 402 56.72 -59.14 -17.33
CA ILE D 402 57.34 -58.51 -16.18
C ILE D 402 58.84 -58.46 -16.41
N SER D 403 59.36 -59.44 -17.16
CA SER D 403 60.77 -59.47 -17.49
C SER D 403 61.15 -58.31 -18.38
N ARG D 404 60.21 -57.88 -19.23
CA ARG D 404 60.48 -56.82 -20.19
C ARG D 404 60.59 -55.46 -19.50
N ILE D 405 60.18 -55.40 -18.24
CA ILE D 405 60.32 -54.18 -17.46
C ILE D 405 61.74 -54.12 -16.90
N SER D 406 62.27 -55.27 -16.52
CA SER D 406 63.66 -55.35 -16.07
C SER D 406 64.60 -54.92 -17.19
N HIS D 407 64.25 -55.30 -18.43
CA HIS D 407 65.03 -54.89 -19.59
C HIS D 407 64.82 -53.42 -19.91
N TYR D 408 63.94 -52.77 -19.15
CA TYR D 408 63.74 -51.34 -19.30
C TYR D 408 64.55 -50.62 -18.24
N ILE D 409 64.41 -51.06 -16.99
CA ILE D 409 65.15 -50.44 -15.90
C ILE D 409 66.65 -50.58 -16.15
N LYS D 410 67.19 -51.78 -15.96
CA LYS D 410 68.60 -52.03 -16.23
C LYS D 410 68.86 -51.99 -17.73
N CYS D 411 68.74 -50.80 -18.32
CA CYS D 411 68.95 -50.60 -19.74
C CYS D 411 68.83 -49.14 -20.11
N VAL D 412 67.76 -48.50 -19.62
CA VAL D 412 67.43 -47.15 -20.00
C VAL D 412 67.79 -46.15 -18.90
N ILE D 413 67.45 -46.48 -17.66
CA ILE D 413 67.75 -45.59 -16.54
C ILE D 413 69.26 -45.47 -16.32
N ARG D 414 70.02 -46.34 -16.99
CA ARG D 414 71.47 -46.28 -16.96
C ARG D 414 71.97 -44.95 -17.51
N ASP D 415 71.19 -44.35 -18.40
CA ASP D 415 71.57 -43.07 -18.99
C ASP D 415 71.70 -42.00 -17.93
N LYS D 416 70.69 -41.89 -17.06
CA LYS D 416 70.69 -40.90 -16.00
C LYS D 416 71.20 -41.52 -14.71
N ILE D 417 72.46 -41.97 -14.75
CA ILE D 417 73.08 -42.60 -13.60
C ILE D 417 73.76 -41.56 -12.73
N GLY D 418 74.10 -40.43 -13.33
CA GLY D 418 74.84 -39.38 -12.64
C GLY D 418 74.00 -38.14 -12.46
N SER D 419 72.89 -38.05 -13.20
CA SER D 419 72.02 -36.90 -13.11
C SER D 419 71.42 -36.79 -11.73
N ILE D 420 71.11 -35.56 -11.33
CA ILE D 420 70.48 -35.33 -10.05
C ILE D 420 69.01 -35.62 -10.13
N VAL D 421 68.58 -36.65 -9.40
CA VAL D 421 67.20 -37.08 -9.41
C VAL D 421 66.74 -37.40 -8.00
N ASP D 422 65.43 -37.53 -7.85
CA ASP D 422 64.82 -37.71 -6.54
C ASP D 422 63.87 -38.88 -6.50
N VAL D 423 63.31 -39.11 -5.33
CA VAL D 423 62.30 -40.12 -5.14
C VAL D 423 61.10 -39.83 -6.02
N GLU D 424 60.84 -38.54 -6.22
CA GLU D 424 59.67 -38.10 -6.97
C GLU D 424 59.96 -38.01 -8.47
N SER D 425 61.23 -38.14 -8.83
CA SER D 425 61.64 -38.01 -10.23
C SER D 425 61.77 -39.38 -10.89
N ILE D 426 62.24 -40.35 -10.13
CA ILE D 426 62.38 -41.72 -10.64
C ILE D 426 60.99 -42.34 -10.78
N GLN D 427 60.08 -41.93 -9.92
CA GLN D 427 58.70 -42.40 -9.96
C GLN D 427 57.98 -41.80 -11.16
N LYS D 428 58.59 -40.77 -11.74
CA LYS D 428 58.04 -40.10 -12.91
C LYS D 428 58.49 -40.82 -14.18
N ILE D 429 59.81 -40.93 -14.35
CA ILE D 429 60.41 -41.53 -15.53
C ILE D 429 59.95 -42.97 -15.72
N LEU D 430 59.89 -43.72 -14.63
CA LEU D 430 59.56 -45.13 -14.71
C LEU D 430 58.06 -45.33 -14.94
N SER D 431 57.26 -44.40 -14.44
CA SER D 431 55.81 -44.51 -14.54
C SER D 431 55.30 -43.94 -15.87
N ASP D 432 55.85 -42.80 -16.28
CA ASP D 432 55.44 -42.13 -17.51
C ASP D 432 55.58 -43.07 -18.69
N TRP D 433 56.52 -44.01 -18.58
CA TRP D 433 56.73 -45.00 -19.61
C TRP D 433 55.62 -46.05 -19.59
N ILE D 434 55.60 -46.82 -18.51
CA ILE D 434 54.69 -47.96 -18.39
C ILE D 434 53.23 -47.56 -18.48
N SER D 435 52.96 -46.26 -18.32
CA SER D 435 51.60 -45.75 -18.32
C SER D 435 50.89 -45.98 -19.65
N GLU D 436 51.66 -46.03 -20.74
CA GLU D 436 51.07 -46.20 -22.06
C GLU D 436 50.68 -47.65 -22.34
N PHE D 437 50.87 -48.52 -21.35
CA PHE D 437 50.66 -49.95 -21.51
C PHE D 437 49.70 -50.49 -20.46
N VAL D 438 48.98 -49.59 -19.80
CA VAL D 438 48.03 -49.99 -18.77
C VAL D 438 46.66 -49.39 -19.02
N THR D 439 45.65 -50.25 -19.06
CA THR D 439 44.28 -49.83 -19.30
C THR D 439 43.32 -50.69 -18.52
N THR D 440 42.05 -50.32 -18.60
CA THR D 440 40.97 -51.10 -18.00
C THR D 440 39.94 -51.40 -19.06
N VAL D 441 39.76 -50.46 -20.00
CA VAL D 441 38.83 -50.64 -21.10
C VAL D 441 39.34 -51.72 -22.05
N TYR D 442 38.41 -52.44 -22.67
CA TYR D 442 38.76 -53.50 -23.61
C TYR D 442 38.54 -53.07 -25.04
N GLN D 443 39.52 -53.36 -25.88
CA GLN D 443 39.44 -53.01 -27.29
C GLN D 443 38.86 -54.17 -28.09
N PRO D 444 38.17 -53.85 -29.20
CA PRO D 444 37.66 -54.92 -30.07
C PRO D 444 38.80 -55.77 -30.62
N THR D 445 38.54 -57.06 -30.80
CA THR D 445 39.54 -58.01 -31.28
C THR D 445 40.62 -58.21 -30.21
N PRO D 446 41.31 -59.35 -30.26
CA PRO D 446 42.33 -59.63 -29.25
C PRO D 446 43.60 -58.82 -29.46
N LEU D 447 44.03 -58.73 -30.71
CA LEU D 447 45.29 -58.09 -31.05
C LEU D 447 45.29 -56.62 -30.64
N GLU D 448 44.19 -55.93 -30.94
CA GLU D 448 44.09 -54.50 -30.68
C GLU D 448 44.12 -54.19 -29.19
N MET D 449 43.90 -55.23 -28.37
CA MET D 449 43.87 -55.06 -26.93
C MET D 449 45.14 -55.60 -26.26
N ALA D 450 45.75 -56.62 -26.88
CA ALA D 450 46.98 -57.20 -26.34
C ALA D 450 48.14 -56.21 -26.39
N ARG D 451 47.92 -55.07 -27.05
CA ARG D 451 48.88 -53.96 -26.97
C ARG D 451 49.07 -53.58 -25.51
N TYR D 452 47.99 -53.72 -24.74
CA TYR D 452 48.00 -53.41 -23.31
C TYR D 452 48.08 -54.67 -22.46
N PRO D 453 49.29 -55.06 -22.04
CA PRO D 453 49.39 -56.26 -21.20
C PRO D 453 48.84 -56.05 -19.80
N PHE D 454 49.28 -54.99 -19.14
CA PHE D 454 48.98 -54.80 -17.72
C PHE D 454 47.64 -54.13 -17.49
N ARG D 455 47.10 -54.30 -16.29
CA ARG D 455 45.85 -53.67 -15.89
C ARG D 455 46.12 -52.38 -15.12
N ASN D 456 46.97 -52.50 -14.10
CA ASN D 456 47.36 -51.34 -13.30
C ASN D 456 48.67 -51.61 -12.57
N VAL D 457 49.38 -50.55 -12.24
CA VAL D 457 50.72 -50.67 -11.66
C VAL D 457 50.95 -49.65 -10.56
N SER D 458 51.67 -50.08 -9.52
CA SER D 458 52.15 -49.19 -8.48
C SER D 458 53.67 -49.12 -8.54
N ILE D 459 54.23 -47.96 -8.22
CA ILE D 459 55.67 -47.76 -8.26
C ILE D 459 56.11 -46.87 -7.11
N GLU D 460 56.40 -47.51 -5.97
CA GLU D 460 56.77 -46.78 -4.76
C GLU D 460 58.26 -46.90 -4.49
N VAL D 461 59.04 -45.99 -5.07
CA VAL D 461 60.47 -45.93 -4.81
C VAL D 461 60.71 -45.08 -3.58
N LYS D 462 61.88 -45.22 -2.97
CA LYS D 462 62.16 -44.49 -1.74
C LYS D 462 63.64 -44.61 -1.42
N THR D 463 64.23 -43.50 -1.03
CA THR D 463 65.63 -43.46 -0.70
C THR D 463 65.88 -44.22 0.59
N ILE D 464 67.09 -44.74 0.73
CA ILE D 464 67.49 -45.45 1.93
C ILE D 464 68.48 -44.63 2.73
N PRO D 465 68.56 -44.87 4.05
CA PRO D 465 69.54 -44.16 4.87
C PRO D 465 70.96 -44.62 4.54
N GLY D 466 71.94 -43.85 4.97
CA GLY D 466 73.33 -44.18 4.72
C GLY D 466 73.73 -43.78 3.33
N LYS D 467 73.44 -44.64 2.36
CA LYS D 467 73.76 -44.36 0.97
C LYS D 467 72.89 -43.22 0.45
N PRO D 468 73.50 -42.06 0.12
CA PRO D 468 72.72 -40.89 -0.27
C PRO D 468 72.21 -40.96 -1.71
N GLY D 469 73.04 -41.44 -2.62
CA GLY D 469 72.71 -41.45 -4.03
C GLY D 469 71.99 -42.73 -4.46
N TRP D 470 71.79 -43.63 -3.51
CA TRP D 470 71.14 -44.91 -3.79
C TRP D 470 69.66 -44.91 -3.44
N TYR D 471 68.90 -45.75 -4.14
CA TYR D 471 67.46 -45.89 -3.90
C TYR D 471 67.05 -47.35 -3.88
N SER D 472 65.76 -47.58 -3.73
CA SER D 472 65.23 -48.94 -3.69
C SER D 472 63.77 -48.93 -4.14
N CYS D 473 63.54 -49.34 -5.37
CA CYS D 473 62.21 -49.37 -5.93
C CYS D 473 61.45 -50.62 -5.53
N LYS D 474 60.15 -50.66 -5.85
CA LYS D 474 59.30 -51.79 -5.54
C LYS D 474 58.01 -51.67 -6.31
N ILE D 475 57.99 -52.21 -7.53
CA ILE D 475 56.80 -52.15 -8.36
C ILE D 475 55.94 -53.39 -8.16
N ASN D 476 54.73 -53.31 -8.69
CA ASN D 476 53.77 -54.38 -8.56
C ASN D 476 52.76 -54.27 -9.69
N VAL D 477 52.73 -55.30 -10.54
CA VAL D 477 51.92 -55.26 -11.74
C VAL D 477 50.83 -56.34 -11.74
N ILE D 478 49.62 -55.93 -12.08
CA ILE D 478 48.52 -56.86 -12.25
C ILE D 478 48.23 -57.00 -13.74
N PRO D 479 48.62 -58.13 -14.33
CA PRO D 479 48.38 -58.31 -15.77
C PRO D 479 46.94 -58.64 -16.08
N HIS D 480 46.50 -58.35 -17.30
CA HIS D 480 45.15 -58.70 -17.72
C HIS D 480 44.96 -60.21 -17.67
N ILE D 481 44.22 -60.65 -16.66
CA ILE D 481 44.01 -62.08 -16.45
C ILE D 481 43.28 -62.71 -17.62
N GLN D 482 43.88 -63.79 -18.11
CA GLN D 482 43.37 -64.47 -19.27
C GLN D 482 42.22 -65.38 -18.90
N PHE D 483 41.42 -65.72 -19.90
CA PHE D 483 40.40 -66.75 -19.74
C PHE D 483 41.10 -68.06 -19.47
N GLU D 484 40.45 -68.98 -18.75
CA GLU D 484 41.08 -70.25 -18.43
C GLU D 484 40.07 -71.42 -18.37
N GLY D 485 38.78 -71.11 -18.39
CA GLY D 485 37.75 -72.14 -18.38
C GLY D 485 36.56 -71.74 -17.53
N MET D 486 35.51 -72.56 -17.56
CA MET D 486 34.32 -72.27 -16.78
C MET D 486 33.33 -73.44 -16.76
N ASN D 487 32.66 -73.62 -15.62
CA ASN D 487 31.58 -74.58 -15.51
C ASN D 487 30.26 -73.90 -15.85
N THR D 488 29.22 -74.71 -16.06
CA THR D 488 27.91 -74.18 -16.41
C THR D 488 26.79 -75.18 -16.13
N THR D 489 25.80 -74.73 -15.40
CA THR D 489 24.63 -75.55 -15.06
C THR D 489 23.40 -75.02 -15.78
N MET D 490 22.93 -75.78 -16.77
CA MET D 490 21.69 -75.45 -17.45
C MET D 490 20.53 -76.08 -16.68
N THR D 491 19.35 -75.48 -16.76
CA THR D 491 18.19 -76.02 -16.06
C THR D 491 16.92 -75.37 -16.56
N ILE D 492 15.84 -76.14 -16.56
CA ILE D 492 14.52 -75.61 -16.86
C ILE D 492 13.89 -75.12 -15.56
N ASP D 493 13.90 -73.80 -15.36
CA ASP D 493 13.43 -73.22 -14.12
C ASP D 493 11.91 -73.24 -13.99
N THR D 494 11.23 -72.73 -15.00
CA THR D 494 9.77 -72.62 -14.99
C THR D 494 9.29 -71.72 -13.86
N ARG D 495 10.20 -70.89 -13.35
CA ARG D 495 9.89 -69.94 -12.28
C ARG D 495 10.27 -68.54 -12.72
N LEU D 496 10.91 -68.47 -13.88
CA LEU D 496 11.38 -67.20 -14.39
C LEU D 496 10.19 -66.39 -14.85
N GLU D 497 9.33 -67.01 -15.64
CA GLU D 497 8.10 -66.38 -16.11
C GLU D 497 6.88 -67.01 -15.43
N PRO D 498 6.52 -66.52 -14.24
CA PRO D 498 5.40 -67.10 -13.48
C PRO D 498 4.05 -66.79 -14.10
N GLU D 499 4.02 -65.86 -15.05
CA GLU D 499 2.78 -65.48 -15.70
C GLU D 499 2.18 -66.64 -16.50
N LEU D 500 2.99 -67.67 -16.76
CA LEU D 500 2.56 -68.81 -17.56
C LEU D 500 2.35 -70.07 -16.74
N PHE D 501 2.95 -70.12 -15.55
CA PHE D 501 2.91 -71.32 -14.70
C PHE D 501 2.41 -71.02 -13.30
N GLY D 502 2.11 -69.76 -13.04
CA GLY D 502 1.65 -69.35 -11.72
C GLY D 502 0.21 -69.77 -11.48
N THR D 503 -0.22 -69.63 -10.22
CA THR D 503 -1.57 -70.01 -9.84
C THR D 503 -2.58 -69.03 -10.41
N ASN D 504 -2.33 -67.75 -10.19
CA ASN D 504 -3.25 -66.70 -10.61
C ASN D 504 -3.35 -66.61 -12.14
N ASN D 505 -4.52 -66.98 -12.65
CA ASN D 505 -4.77 -66.94 -14.09
C ASN D 505 -6.26 -66.83 -14.38
N ALA E 2 28.79 -93.17 -12.37
CA ALA E 2 30.03 -93.55 -11.72
C ALA E 2 30.43 -92.54 -10.66
N LYS E 3 30.74 -93.03 -9.46
CA LYS E 3 31.16 -92.17 -8.36
C LYS E 3 32.58 -91.64 -8.56
N ASN E 4 33.37 -92.36 -9.35
CA ASN E 4 34.75 -91.97 -9.60
C ASN E 4 34.82 -90.58 -10.24
N LYS E 5 33.78 -90.25 -11.00
CA LYS E 5 33.62 -88.93 -11.60
C LYS E 5 34.59 -88.71 -12.76
N ILE E 6 34.04 -88.23 -13.87
CA ILE E 6 34.81 -87.96 -15.07
C ILE E 6 35.87 -86.89 -14.81
N PRO E 7 37.04 -87.01 -15.47
CA PRO E 7 38.05 -85.96 -15.37
C PRO E 7 37.56 -84.62 -15.91
N ASN E 8 37.76 -83.55 -15.15
CA ASN E 8 37.26 -82.24 -15.53
C ASN E 8 38.04 -81.64 -16.69
N SER E 9 37.29 -81.20 -17.70
CA SER E 9 37.89 -80.52 -18.83
C SER E 9 38.00 -79.04 -18.49
N ARG E 10 38.18 -78.20 -19.51
CA ARG E 10 38.29 -76.77 -19.30
C ARG E 10 36.93 -76.07 -19.36
N LEU E 11 35.95 -76.75 -19.94
CA LEU E 11 34.60 -76.18 -20.08
C LEU E 11 33.54 -77.23 -19.80
N MET E 12 33.41 -77.60 -18.55
CA MET E 12 32.50 -78.67 -18.17
C MET E 12 31.08 -78.13 -17.98
N ILE E 13 30.17 -78.51 -18.88
CA ILE E 13 28.75 -78.20 -18.76
C ILE E 13 28.03 -79.50 -18.39
N ASN E 14 27.02 -79.43 -17.53
CA ASN E 14 26.44 -80.63 -16.93
C ASN E 14 24.93 -80.78 -17.10
N TYR E 15 24.20 -79.67 -17.02
CA TYR E 15 22.73 -79.67 -17.10
C TYR E 15 22.09 -80.40 -15.92
N GLU E 16 21.57 -79.63 -14.97
CA GLU E 16 20.89 -80.18 -13.80
C GLU E 16 19.46 -80.57 -14.15
N THR E 17 19.08 -81.79 -13.77
CA THR E 17 17.77 -82.33 -14.07
C THR E 17 17.07 -82.77 -12.79
N ASN E 18 17.68 -82.44 -11.66
CA ASN E 18 17.14 -82.84 -10.37
C ASN E 18 16.13 -81.82 -9.86
N VAL E 19 15.03 -82.30 -9.29
CA VAL E 19 13.98 -81.44 -8.79
C VAL E 19 13.50 -81.92 -7.42
N ASP E 20 13.50 -81.03 -6.45
CA ASP E 20 13.00 -81.34 -5.12
C ASP E 20 11.61 -80.76 -4.94
N GLY E 21 10.89 -81.28 -3.95
CA GLY E 21 9.56 -80.83 -3.64
C GLY E 21 8.78 -81.89 -2.90
N VAL E 22 7.68 -81.48 -2.29
CA VAL E 22 6.88 -82.39 -1.49
C VAL E 22 5.76 -83.00 -2.33
N LEU E 23 5.68 -84.32 -2.32
CA LEU E 23 4.74 -85.04 -3.17
C LEU E 23 3.31 -84.71 -2.80
N LYS E 24 2.40 -84.97 -3.74
CA LYS E 24 1.01 -84.65 -3.57
C LYS E 24 0.25 -85.80 -2.90
N LYS E 25 -0.99 -85.52 -2.49
CA LYS E 25 -1.85 -86.52 -1.88
C LYS E 25 -3.23 -86.50 -2.54
N LYS E 26 -3.64 -87.65 -3.05
CA LYS E 26 -4.94 -87.80 -3.68
C LYS E 26 -6.04 -87.74 -2.63
N GLU E 27 -7.20 -87.21 -3.03
CA GLU E 27 -8.29 -87.00 -2.09
C GLU E 27 -8.81 -88.31 -1.50
N LEU E 28 -9.48 -88.20 -0.36
CA LEU E 28 -10.05 -89.36 0.32
C LEU E 28 -11.53 -89.52 -0.01
N PRO E 29 -11.91 -90.64 -0.64
CA PRO E 29 -13.33 -90.90 -0.86
C PRO E 29 -14.08 -91.05 0.47
N TYR E 30 -15.14 -90.28 0.64
CA TYR E 30 -15.92 -90.33 1.86
C TYR E 30 -16.55 -91.71 2.04
N ARG E 31 -15.88 -92.55 2.81
CA ARG E 31 -16.33 -93.92 3.01
C ARG E 31 -17.55 -94.00 3.92
N VAL E 32 -18.45 -94.91 3.60
CA VAL E 32 -19.65 -95.14 4.41
C VAL E 32 -19.74 -96.61 4.78
N LEU E 33 -19.55 -96.87 6.06
CA LEU E 33 -19.68 -98.23 6.57
C LEU E 33 -21.14 -98.51 6.89
N VAL E 34 -21.60 -99.70 6.52
CA VAL E 34 -22.93 -100.16 6.93
C VAL E 34 -22.78 -101.50 7.65
N VAL E 35 -23.55 -101.68 8.72
CA VAL E 35 -23.45 -102.88 9.52
C VAL E 35 -24.86 -103.44 9.76
N GLY E 36 -25.12 -104.60 9.17
CA GLY E 36 -26.37 -105.30 9.37
C GLY E 36 -26.25 -106.77 9.03
N ASP E 37 -27.09 -107.59 9.65
CA ASP E 37 -27.11 -109.03 9.39
C ASP E 37 -27.58 -109.30 7.96
N LEU E 38 -26.62 -109.48 7.06
CA LEU E 38 -26.92 -109.71 5.64
C LEU E 38 -27.03 -111.19 5.35
N SER E 39 -25.98 -111.92 5.74
CA SER E 39 -25.85 -113.32 5.38
C SER E 39 -26.61 -114.24 6.35
N LYS E 40 -27.01 -113.69 7.50
CA LYS E 40 -27.64 -114.48 8.57
C LYS E 40 -26.72 -115.61 9.02
N GLY E 41 -25.43 -115.47 8.73
CA GLY E 41 -24.45 -116.48 9.08
C GLY E 41 -24.16 -117.43 7.93
N ARG E 42 -24.32 -116.94 6.71
CA ARG E 42 -24.04 -117.74 5.52
C ARG E 42 -23.23 -116.96 4.48
N SER E 43 -21.93 -116.85 4.71
CA SER E 43 -21.02 -116.24 3.76
C SER E 43 -19.58 -116.55 4.13
N VAL E 44 -18.68 -116.40 3.17
CA VAL E 44 -17.29 -116.73 3.38
C VAL E 44 -16.68 -115.88 4.50
N ASP E 45 -17.01 -114.59 4.51
CA ASP E 45 -16.47 -113.67 5.50
C ASP E 45 -17.35 -113.63 6.76
N ALA E 46 -18.55 -114.19 6.66
CA ALA E 46 -19.49 -114.23 7.78
C ALA E 46 -19.27 -115.47 8.64
N LYS E 47 -18.85 -116.57 8.02
CA LYS E 47 -18.62 -117.81 8.74
C LYS E 47 -17.32 -117.74 9.55
N LYS E 48 -16.50 -116.76 9.25
CA LYS E 48 -15.22 -116.60 9.94
C LYS E 48 -15.40 -115.82 11.24
N GLU E 49 -14.40 -115.89 12.12
CA GLU E 49 -14.45 -115.19 13.39
C GLU E 49 -14.39 -113.68 13.17
N PHE E 50 -15.00 -112.93 14.08
CA PHE E 50 -15.11 -111.49 13.94
C PHE E 50 -13.74 -110.81 14.02
N ALA E 51 -12.79 -111.48 14.64
CA ALA E 51 -11.43 -110.96 14.74
C ALA E 51 -10.80 -110.79 13.37
N ASP E 52 -11.35 -111.50 12.38
CA ASP E 52 -10.82 -111.46 11.01
C ASP E 52 -11.94 -111.48 9.96
N ARG E 53 -12.64 -110.34 9.83
CA ARG E 53 -13.62 -110.16 8.77
C ARG E 53 -13.27 -108.98 7.88
N GLU E 54 -12.67 -109.28 6.73
CA GLU E 54 -12.32 -108.26 5.78
C GLU E 54 -13.58 -107.57 5.28
N VAL E 55 -13.67 -106.26 5.53
CA VAL E 55 -14.80 -105.48 5.05
C VAL E 55 -14.83 -105.45 3.53
N ARG E 56 -16.02 -105.45 2.96
CA ARG E 56 -16.20 -105.38 1.50
C ARG E 56 -16.02 -103.94 1.03
N ARG E 57 -16.33 -103.68 -0.23
CA ARG E 57 -16.13 -102.36 -0.81
C ARG E 57 -17.28 -101.94 -1.72
N VAL E 58 -17.84 -102.90 -2.45
CA VAL E 58 -18.87 -102.61 -3.44
C VAL E 58 -18.30 -101.69 -4.51
N ASN E 59 -17.09 -102.01 -4.98
CA ASN E 59 -16.47 -101.27 -6.07
C ASN E 59 -17.36 -101.32 -7.29
N ASN E 60 -17.72 -102.54 -7.68
CA ASN E 60 -18.65 -102.75 -8.77
C ASN E 60 -20.05 -102.31 -8.36
N GLY E 61 -20.83 -103.25 -7.85
CA GLY E 61 -22.18 -102.96 -7.41
C GLY E 61 -22.68 -104.03 -6.45
N VAL E 62 -23.86 -103.81 -5.87
CA VAL E 62 -24.44 -104.77 -4.96
C VAL E 62 -24.76 -106.10 -5.65
N ASP E 63 -24.68 -106.10 -6.98
CA ASP E 63 -24.93 -107.32 -7.74
C ASP E 63 -23.73 -108.25 -7.68
N ARG E 64 -22.53 -107.69 -7.76
CA ARG E 64 -21.31 -108.49 -7.85
C ARG E 64 -20.61 -108.67 -6.50
N VAL E 65 -20.79 -107.72 -5.60
CA VAL E 65 -20.23 -107.84 -4.25
C VAL E 65 -20.99 -108.92 -3.50
N LEU E 66 -22.22 -109.17 -3.93
CA LEU E 66 -23.04 -110.22 -3.36
C LEU E 66 -22.52 -111.57 -3.83
N GLU E 67 -22.43 -111.73 -5.14
CA GLU E 67 -21.97 -112.97 -5.75
C GLU E 67 -20.58 -113.33 -5.23
N GLU E 68 -19.85 -112.32 -4.77
CA GLU E 68 -18.53 -112.54 -4.19
C GLU E 68 -18.66 -113.32 -2.89
N MET E 69 -19.80 -113.17 -2.21
CA MET E 69 -20.10 -113.92 -1.00
C MET E 69 -20.97 -115.13 -1.33
N ASN E 70 -20.58 -116.29 -0.82
CA ASN E 70 -21.33 -117.52 -1.06
C ASN E 70 -22.59 -117.58 -0.21
N ILE E 71 -23.59 -116.77 -0.58
CA ILE E 71 -24.86 -116.75 0.13
C ILE E 71 -25.81 -117.77 -0.47
N SER E 72 -25.86 -118.95 0.14
CA SER E 72 -26.81 -119.97 -0.22
C SER E 72 -27.72 -120.24 0.97
N PHE E 73 -28.71 -121.10 0.76
CA PHE E 73 -29.62 -121.47 1.83
C PHE E 73 -30.34 -122.76 1.47
N ASP E 74 -30.49 -123.63 2.45
CA ASP E 74 -31.12 -124.94 2.26
C ASP E 74 -32.32 -125.08 3.18
N PHE E 75 -33.26 -124.15 3.07
CA PHE E 75 -34.45 -124.16 3.90
C PHE E 75 -35.58 -124.92 3.22
N GLU E 76 -36.40 -125.59 4.04
CA GLU E 76 -37.47 -126.43 3.52
C GLU E 76 -38.67 -125.58 3.10
N ALA E 77 -39.56 -126.16 2.32
CA ALA E 77 -40.77 -125.47 1.90
C ALA E 77 -41.82 -126.47 1.41
N PRO E 78 -43.11 -126.10 1.51
CA PRO E 78 -44.20 -126.98 1.05
C PRO E 78 -44.05 -127.38 -0.41
N ASN E 79 -44.30 -128.66 -0.71
CA ASN E 79 -44.12 -129.19 -2.04
C ASN E 79 -45.44 -129.30 -2.81
N PHE E 80 -45.41 -128.88 -4.07
CA PHE E 80 -46.58 -128.95 -4.94
C PHE E 80 -46.17 -129.32 -6.36
N VAL E 81 -44.98 -129.89 -6.49
CA VAL E 81 -44.43 -130.25 -7.80
C VAL E 81 -43.69 -131.57 -7.71
N SER E 82 -43.58 -132.26 -8.85
CA SER E 82 -42.87 -133.53 -8.94
C SER E 82 -43.56 -134.61 -8.12
N LYS E 83 -43.00 -135.82 -8.15
CA LYS E 83 -43.56 -136.96 -7.46
C LYS E 83 -42.74 -137.29 -6.21
N ASP E 84 -43.10 -138.40 -5.56
CA ASP E 84 -42.41 -138.88 -4.36
C ASP E 84 -42.60 -137.94 -3.17
N PRO E 85 -42.28 -138.41 -1.96
CA PRO E 85 -42.38 -137.57 -0.76
C PRO E 85 -41.32 -136.47 -0.71
N SER E 86 -40.95 -136.06 0.51
CA SER E 86 -39.91 -135.05 0.74
C SER E 86 -40.36 -133.66 0.32
N ASN E 87 -40.43 -132.76 1.30
CA ASN E 87 -40.75 -131.36 1.04
C ASN E 87 -39.73 -130.74 0.08
N LEU E 88 -40.17 -129.74 -0.66
CA LEU E 88 -39.30 -129.07 -1.61
C LEU E 88 -38.18 -128.36 -0.87
N LYS E 89 -36.95 -128.58 -1.34
CA LYS E 89 -35.77 -128.03 -0.71
C LYS E 89 -35.12 -126.97 -1.59
N VAL E 90 -35.46 -125.71 -1.35
CA VAL E 90 -34.87 -124.60 -2.11
C VAL E 90 -33.39 -124.52 -1.79
N ASN E 91 -32.57 -124.72 -2.81
CA ASN E 91 -31.12 -124.76 -2.63
C ASN E 91 -30.36 -124.17 -3.81
N TYR E 92 -30.02 -122.89 -3.70
CA TYR E 92 -29.22 -122.22 -4.72
C TYR E 92 -28.62 -120.95 -4.15
N ARG E 93 -27.46 -120.57 -4.67
CA ARG E 93 -26.74 -119.40 -4.17
C ARG E 93 -27.16 -118.13 -4.89
N ILE E 94 -27.23 -117.04 -4.15
CA ILE E 94 -27.64 -115.75 -4.69
C ILE E 94 -26.52 -115.13 -5.52
N GLU E 95 -26.83 -114.80 -6.77
CA GLU E 95 -25.89 -114.09 -7.64
C GLU E 95 -26.19 -112.59 -7.59
N SER E 96 -27.27 -112.19 -8.24
CA SER E 96 -27.68 -110.78 -8.28
C SER E 96 -28.73 -110.50 -7.21
N VAL E 97 -29.15 -109.24 -7.11
CA VAL E 97 -30.18 -108.85 -6.15
C VAL E 97 -31.57 -109.15 -6.69
N LYS E 98 -31.64 -109.45 -7.99
CA LYS E 98 -32.91 -109.75 -8.64
C LYS E 98 -33.26 -111.23 -8.46
N ASP E 99 -32.55 -111.90 -7.57
CA ASP E 99 -32.76 -113.33 -7.35
C ASP E 99 -34.01 -113.58 -6.53
N PHE E 100 -34.38 -112.63 -5.68
CA PHE E 100 -35.58 -112.74 -4.87
C PHE E 100 -36.84 -112.47 -5.69
N ARG E 101 -36.65 -112.15 -6.96
CA ARG E 101 -37.76 -111.89 -7.86
C ARG E 101 -38.53 -113.18 -8.15
N PRO E 102 -39.82 -113.22 -7.80
CA PRO E 102 -40.62 -114.42 -8.09
C PRO E 102 -40.62 -114.77 -9.58
N ASP E 103 -39.48 -115.27 -10.04
CA ASP E 103 -39.28 -115.57 -11.45
C ASP E 103 -37.91 -116.22 -11.59
N ALA E 104 -36.90 -115.52 -11.09
CA ALA E 104 -35.55 -116.06 -11.03
C ALA E 104 -35.53 -117.24 -10.08
N VAL E 105 -36.54 -117.31 -9.21
CA VAL E 105 -36.68 -118.42 -8.29
C VAL E 105 -37.10 -119.69 -9.03
N ALA E 106 -38.10 -119.56 -9.89
CA ALA E 106 -38.60 -120.69 -10.67
C ALA E 106 -37.55 -121.20 -11.66
N LYS E 107 -36.58 -120.34 -11.98
CA LYS E 107 -35.49 -120.69 -12.88
C LYS E 107 -34.39 -121.42 -12.13
N LYS E 108 -34.30 -121.17 -10.82
CA LYS E 108 -33.24 -121.72 -9.99
C LYS E 108 -33.64 -123.05 -9.34
N VAL E 109 -34.79 -123.06 -8.67
CA VAL E 109 -35.27 -124.28 -8.00
C VAL E 109 -35.54 -125.38 -9.02
N PRO E 110 -34.79 -126.50 -8.96
CA PRO E 110 -34.94 -127.57 -9.95
C PRO E 110 -36.37 -128.09 -10.12
N GLU E 111 -37.09 -128.25 -9.03
CA GLU E 111 -38.42 -128.85 -9.08
C GLU E 111 -39.42 -127.99 -9.83
N ILE E 112 -39.45 -126.70 -9.50
CA ILE E 112 -40.40 -125.77 -10.11
C ILE E 112 -40.14 -125.65 -11.61
N ARG E 113 -38.87 -125.72 -11.98
CA ARG E 113 -38.45 -125.58 -13.37
C ARG E 113 -39.09 -126.64 -14.27
N ALA E 114 -39.53 -127.74 -13.65
CA ALA E 114 -40.17 -128.82 -14.37
C ALA E 114 -41.52 -128.39 -14.95
N LEU E 115 -42.24 -127.56 -14.21
CA LEU E 115 -43.52 -127.04 -14.66
C LEU E 115 -43.33 -125.92 -15.68
N LEU E 116 -42.29 -125.13 -15.48
CA LEU E 116 -41.96 -124.05 -16.39
C LEU E 116 -41.47 -124.61 -17.72
N GLU E 117 -40.89 -125.80 -17.67
CA GLU E 117 -40.37 -126.46 -18.86
C GLU E 117 -41.52 -126.87 -19.78
N MET E 118 -42.64 -127.29 -19.20
CA MET E 118 -43.80 -127.68 -19.98
C MET E 118 -44.47 -126.46 -20.62
N LYS E 119 -44.48 -125.34 -19.89
CA LYS E 119 -45.10 -124.11 -20.39
C LYS E 119 -44.38 -123.58 -21.62
N GLU E 120 -43.18 -124.09 -21.88
CA GLU E 120 -42.44 -123.73 -23.08
C GLU E 120 -42.87 -124.62 -24.23
N ILE E 121 -43.15 -125.88 -23.94
CA ILE E 121 -43.50 -126.87 -24.95
C ILE E 121 -45.02 -127.02 -25.08
N LEU E 122 -45.69 -127.27 -23.96
CA LEU E 122 -47.13 -127.50 -23.95
C LEU E 122 -47.90 -126.30 -24.47
N ALA E 123 -47.59 -125.11 -23.97
CA ALA E 123 -48.32 -123.91 -24.32
C ALA E 123 -48.00 -123.45 -25.75
N SER E 124 -46.89 -123.94 -26.30
CA SER E 124 -46.46 -123.58 -27.64
C SER E 124 -47.14 -124.44 -28.70
N PHE E 125 -48.18 -125.17 -28.30
CA PHE E 125 -48.93 -126.00 -29.23
C PHE E 125 -49.60 -125.13 -30.29
N ALA E 126 -49.23 -125.36 -31.55
CA ALA E 126 -49.77 -124.58 -32.66
C ALA E 126 -51.17 -125.04 -33.03
N LYS E 127 -52.13 -124.79 -32.15
CA LYS E 127 -53.54 -125.05 -32.43
C LYS E 127 -54.17 -123.85 -33.12
N ASP E 128 -53.32 -122.99 -33.68
CA ASP E 128 -53.78 -121.82 -34.44
C ASP E 128 -53.24 -121.89 -35.86
N ILE E 129 -52.15 -122.63 -36.04
CA ILE E 129 -51.57 -122.86 -37.36
C ILE E 129 -52.20 -124.08 -38.00
N GLU E 130 -52.54 -125.06 -37.17
CA GLU E 130 -53.16 -126.30 -37.63
C GLU E 130 -54.67 -126.11 -37.78
N ASN E 131 -55.26 -125.35 -36.86
CA ASN E 131 -56.70 -125.06 -36.91
C ASN E 131 -57.02 -124.14 -38.07
N ASN E 132 -56.10 -123.22 -38.35
CA ASN E 132 -56.21 -122.36 -39.52
C ASN E 132 -55.75 -123.12 -40.76
N ARG E 133 -56.63 -123.98 -41.26
CA ARG E 133 -56.31 -124.86 -42.37
C ARG E 133 -56.41 -124.15 -43.72
N ASN E 134 -57.57 -123.55 -43.99
CA ASN E 134 -57.84 -122.91 -45.28
C ASN E 134 -57.49 -123.79 -46.47
N LEU E 135 -58.44 -124.64 -46.86
CA LEU E 135 -58.27 -125.60 -47.96
C LEU E 135 -56.94 -126.34 -47.90
N VAL F 79 -53.67 -124.44 -16.20
CA VAL F 79 -53.82 -124.83 -14.81
C VAL F 79 -52.46 -125.02 -14.14
N ILE F 80 -51.40 -125.07 -14.95
CA ILE F 80 -50.04 -125.14 -14.42
C ILE F 80 -49.69 -123.80 -13.75
N ASP F 81 -50.39 -122.74 -14.15
CA ASP F 81 -50.23 -121.44 -13.52
C ASP F 81 -50.74 -121.47 -12.08
N LYS F 82 -51.78 -122.28 -11.84
CA LYS F 82 -52.36 -122.42 -10.51
C LYS F 82 -51.34 -123.01 -9.53
N LEU F 83 -50.49 -123.90 -10.04
CA LEU F 83 -49.44 -124.51 -9.22
C LEU F 83 -48.39 -123.46 -8.84
N ILE F 84 -47.76 -122.88 -9.86
CA ILE F 84 -46.73 -121.88 -9.68
C ILE F 84 -47.21 -120.74 -8.77
N ASP F 85 -48.45 -120.31 -8.96
CA ASP F 85 -49.03 -119.26 -8.12
C ASP F 85 -49.18 -119.72 -6.68
N LEU F 86 -48.92 -121.00 -6.43
CA LEU F 86 -48.96 -121.56 -5.09
C LEU F 86 -47.55 -121.97 -4.67
N GLN F 87 -46.80 -122.52 -5.62
CA GLN F 87 -45.48 -123.06 -5.33
C GLN F 87 -44.51 -121.96 -4.92
N VAL F 88 -44.29 -121.00 -5.82
CA VAL F 88 -43.38 -119.91 -5.55
C VAL F 88 -43.90 -119.05 -4.41
N ASN F 89 -45.20 -118.80 -4.40
CA ASN F 89 -45.82 -117.99 -3.35
C ASN F 89 -45.71 -118.62 -1.96
N SER F 90 -45.18 -119.84 -1.89
CA SER F 90 -45.00 -120.53 -0.62
C SER F 90 -43.65 -120.18 0.01
N ILE F 91 -42.67 -119.83 -0.82
CA ILE F 91 -41.31 -119.54 -0.34
C ILE F 91 -41.02 -118.04 -0.30
N ILE F 92 -41.75 -117.26 -1.08
CA ILE F 92 -41.63 -115.80 -1.04
C ILE F 92 -42.25 -115.26 0.25
N SER F 93 -43.29 -115.95 0.71
CA SER F 93 -43.95 -115.59 1.97
C SER F 93 -43.24 -116.22 3.16
N ASN F 94 -42.41 -117.23 2.88
CA ASN F 94 -41.69 -117.93 3.92
C ASN F 94 -40.73 -116.99 4.66
N ASP F 95 -40.57 -117.22 5.96
CA ASP F 95 -39.58 -116.49 6.74
C ASP F 95 -38.20 -116.91 6.27
N GLU F 96 -37.16 -116.31 6.84
CA GLU F 96 -35.77 -116.59 6.46
C GLU F 96 -35.49 -116.13 5.03
N PHE F 97 -36.30 -116.59 4.08
CA PHE F 97 -36.11 -116.21 2.68
C PHE F 97 -36.36 -114.72 2.48
N ARG F 98 -37.44 -114.22 3.07
CA ARG F 98 -37.79 -112.81 2.93
C ARG F 98 -37.04 -111.96 3.96
N ALA F 99 -36.26 -112.63 4.81
CA ALA F 99 -35.41 -111.94 5.77
C ALA F 99 -34.17 -111.42 5.05
N LEU F 100 -33.68 -112.19 4.08
CA LEU F 100 -32.55 -111.75 3.26
C LEU F 100 -32.98 -110.65 2.31
N GLU F 101 -34.21 -110.72 1.81
CA GLU F 101 -34.77 -109.69 0.95
C GLU F 101 -34.67 -108.34 1.64
N GLN F 102 -35.27 -108.26 2.82
CA GLN F 102 -35.23 -107.05 3.63
C GLN F 102 -33.80 -106.58 3.85
N GLU F 103 -32.92 -107.54 4.08
CA GLU F 103 -31.53 -107.25 4.42
C GLU F 103 -30.64 -107.14 3.17
N TRP F 104 -31.25 -106.93 2.00
CA TRP F 104 -30.49 -106.70 0.77
C TRP F 104 -31.14 -105.62 -0.08
N LEU F 105 -32.47 -105.54 0.00
CA LEU F 105 -33.19 -104.48 -0.70
C LEU F 105 -32.76 -103.13 -0.17
N LYS F 106 -32.58 -103.05 1.14
CA LYS F 106 -32.21 -101.80 1.78
C LYS F 106 -30.71 -101.57 1.66
N VAL F 107 -29.98 -102.59 1.20
CA VAL F 107 -28.57 -102.44 0.87
C VAL F 107 -28.44 -101.90 -0.53
N GLN F 108 -29.32 -102.35 -1.42
CA GLN F 108 -29.33 -101.87 -2.79
C GLN F 108 -29.77 -100.41 -2.82
N GLU F 109 -30.61 -100.05 -1.86
CA GLU F 109 -31.17 -98.70 -1.80
C GLU F 109 -30.09 -97.67 -1.55
N VAL F 110 -29.08 -98.06 -0.77
CA VAL F 110 -27.99 -97.14 -0.43
C VAL F 110 -27.04 -96.96 -1.60
N CYS F 111 -26.68 -98.07 -2.24
CA CYS F 111 -25.70 -98.05 -3.33
C CYS F 111 -26.38 -97.93 -4.68
N GLN F 112 -27.42 -97.12 -4.75
CA GLN F 112 -28.17 -96.89 -5.98
C GLN F 112 -27.66 -95.64 -6.69
N GLU F 113 -27.28 -94.64 -5.91
CA GLU F 113 -26.90 -93.35 -6.47
C GLU F 113 -25.58 -93.43 -7.22
N ASP F 114 -24.55 -93.93 -6.53
CA ASP F 114 -23.20 -94.02 -7.10
C ASP F 114 -22.67 -92.64 -7.50
N TYR F 115 -21.92 -92.02 -6.59
CA TYR F 115 -21.37 -90.69 -6.81
C TYR F 115 -19.92 -90.74 -7.25
N ASP F 116 -19.32 -89.56 -7.39
CA ASP F 116 -17.98 -89.44 -7.95
C ASP F 116 -16.90 -89.85 -6.96
N ASN F 117 -17.11 -89.55 -5.68
CA ASN F 117 -16.11 -89.83 -4.66
C ASN F 117 -16.75 -90.18 -3.31
N VAL F 118 -17.56 -91.24 -3.32
CA VAL F 118 -18.25 -91.71 -2.12
C VAL F 118 -18.33 -93.22 -2.13
N GLU F 119 -17.25 -93.87 -1.73
CA GLU F 119 -17.16 -95.32 -1.78
C GLU F 119 -17.72 -95.94 -0.52
N VAL F 120 -18.89 -96.55 -0.64
CA VAL F 120 -19.49 -97.26 0.50
C VAL F 120 -18.72 -98.53 0.80
N SER F 121 -19.24 -99.34 1.72
CA SER F 121 -18.56 -100.56 2.15
C SER F 121 -19.44 -101.32 3.12
N ILE F 122 -19.29 -102.64 3.11
CA ILE F 122 -20.18 -103.51 3.86
C ILE F 122 -19.47 -104.18 5.02
N LEU F 123 -20.24 -104.73 5.95
CA LEU F 123 -19.71 -105.55 7.02
C LEU F 123 -20.83 -106.37 7.65
N ASP F 124 -21.17 -107.50 7.03
CA ASP F 124 -22.32 -108.30 7.47
C ASP F 124 -22.05 -108.95 8.83
N VAL F 125 -22.73 -108.45 9.85
CA VAL F 125 -22.58 -108.98 11.21
C VAL F 125 -23.92 -109.03 11.92
N LYS F 126 -24.16 -110.14 12.61
CA LYS F 126 -25.36 -110.29 13.42
C LYS F 126 -25.31 -109.34 14.60
N LYS F 127 -26.47 -108.87 15.03
CA LYS F 127 -26.54 -107.92 16.12
C LYS F 127 -25.98 -108.53 17.39
N GLU F 128 -26.20 -109.83 17.56
CA GLU F 128 -25.74 -110.55 18.73
C GLU F 128 -24.21 -110.59 18.80
N GLU F 129 -23.56 -110.66 17.64
CA GLU F 129 -22.10 -110.75 17.59
C GLU F 129 -21.44 -109.42 17.98
N LEU F 130 -22.26 -108.37 18.03
CA LEU F 130 -21.81 -107.06 18.51
C LEU F 130 -22.35 -106.79 19.91
N GLN F 131 -23.52 -107.36 20.20
CA GLN F 131 -24.11 -107.27 21.52
C GLN F 131 -23.14 -107.83 22.52
N TYR F 132 -22.58 -108.98 22.18
CA TYR F 132 -21.62 -109.66 23.03
C TYR F 132 -20.32 -108.89 23.07
N ASP F 133 -20.03 -108.17 22.00
CA ASP F 133 -18.76 -107.46 21.87
C ASP F 133 -18.67 -106.28 22.82
N PHE F 134 -19.57 -105.32 22.67
CA PHE F 134 -19.58 -104.12 23.49
C PHE F 134 -19.89 -104.45 24.95
N GLU F 135 -20.84 -105.35 25.17
CA GLU F 135 -21.27 -105.69 26.52
C GLU F 135 -20.15 -106.37 27.30
N ARG F 136 -19.17 -106.89 26.55
CA ARG F 136 -18.00 -107.52 27.15
C ARG F 136 -16.84 -106.52 27.31
N ASN F 137 -16.83 -105.49 26.46
CA ASN F 137 -15.74 -104.52 26.43
C ASN F 137 -16.23 -103.09 26.53
N LEU F 138 -17.28 -102.88 27.31
CA LEU F 138 -17.84 -101.55 27.46
C LEU F 138 -16.87 -100.70 28.25
N TYR F 139 -16.20 -101.33 29.20
CA TYR F 139 -15.24 -100.66 30.06
C TYR F 139 -13.82 -100.93 29.62
N ASP F 140 -13.67 -101.16 28.32
CA ASP F 140 -12.37 -101.43 27.72
C ASP F 140 -12.55 -101.43 26.20
N ILE F 141 -13.02 -100.31 25.68
CA ILE F 141 -13.45 -100.23 24.29
C ILE F 141 -12.29 -100.43 23.31
N SER F 142 -11.10 -99.99 23.70
CA SER F 142 -9.93 -100.05 22.83
C SER F 142 -9.58 -101.49 22.45
N SER F 143 -10.13 -102.44 23.21
CA SER F 143 -9.90 -103.85 22.96
C SER F 143 -11.09 -104.49 22.24
N SER F 144 -12.13 -103.69 21.99
CA SER F 144 -13.29 -104.17 21.26
C SER F 144 -12.89 -104.55 19.83
N ASP F 145 -13.36 -105.71 19.38
CA ASP F 145 -12.99 -106.22 18.06
C ASP F 145 -13.45 -105.29 16.95
N PHE F 146 -14.67 -104.78 17.07
CA PHE F 146 -15.20 -103.86 16.06
C PHE F 146 -14.41 -102.56 16.04
N PHE F 147 -14.14 -102.04 17.23
CA PHE F 147 -13.33 -100.83 17.38
C PHE F 147 -11.99 -101.01 16.69
N LYS F 148 -11.54 -102.26 16.59
CA LYS F 148 -10.28 -102.58 15.95
C LYS F 148 -10.49 -102.93 14.46
N LYS F 149 -11.54 -102.36 13.88
CA LYS F 149 -11.84 -102.54 12.46
C LYS F 149 -12.47 -101.28 11.90
N VAL F 150 -12.14 -100.14 12.51
CA VAL F 150 -12.71 -98.86 12.12
C VAL F 150 -11.85 -97.71 12.63
N TYR F 151 -11.37 -97.86 13.87
CA TYR F 151 -10.49 -96.85 14.45
C TYR F 151 -9.04 -97.23 14.18
N VAL F 152 -8.53 -98.18 14.96
CA VAL F 152 -7.18 -98.67 14.78
C VAL F 152 -7.20 -99.78 13.74
N SER F 153 -7.15 -99.37 12.46
CA SER F 153 -7.26 -100.30 11.35
C SER F 153 -7.24 -99.53 10.04
N GLU F 154 -7.97 -98.42 10.01
CA GLU F 154 -8.11 -97.62 8.81
C GLU F 154 -8.05 -96.13 9.12
N PHE F 155 -8.61 -95.73 10.25
CA PHE F 155 -8.59 -94.32 10.64
C PHE F 155 -7.26 -93.95 11.29
N ASP F 156 -6.76 -94.85 12.13
CA ASP F 156 -5.56 -94.58 12.91
C ASP F 156 -4.34 -94.78 12.02
N GLN F 157 -4.29 -95.92 11.34
CA GLN F 157 -3.12 -96.28 10.55
C GLN F 157 -2.84 -95.28 9.44
N TYR F 158 -1.59 -95.27 9.00
CA TYR F 158 -1.12 -94.36 7.97
C TYR F 158 -1.89 -94.49 6.67
N GLY F 159 -1.54 -95.49 5.86
CA GLY F 159 -2.11 -95.63 4.52
C GLY F 159 -3.59 -95.96 4.51
N GLY F 160 -4.18 -96.08 5.69
CA GLY F 160 -5.58 -96.46 5.81
C GLY F 160 -6.54 -95.35 5.39
N GLU F 161 -7.68 -95.75 4.83
CA GLU F 161 -8.74 -94.81 4.47
C GLU F 161 -9.81 -94.81 5.56
N PRO F 162 -9.98 -93.67 6.26
CA PRO F 162 -10.93 -93.64 7.38
C PRO F 162 -12.39 -93.75 6.95
N TYR F 163 -13.25 -94.21 7.87
CA TYR F 163 -14.67 -94.31 7.61
C TYR F 163 -15.35 -92.99 7.94
N GLY F 164 -16.61 -92.88 7.53
CA GLY F 164 -17.39 -91.67 7.79
C GLY F 164 -18.86 -92.00 7.85
N ALA F 165 -19.48 -91.73 9.00
CA ALA F 165 -20.91 -91.98 9.20
C ALA F 165 -21.28 -93.44 8.97
N ILE F 166 -21.16 -94.23 10.04
CA ILE F 166 -21.62 -95.61 10.02
C ILE F 166 -23.14 -95.65 9.89
N LEU F 167 -23.67 -96.77 9.42
CA LEU F 167 -25.12 -96.93 9.24
C LEU F 167 -25.60 -98.23 9.87
N GLY F 168 -26.26 -98.11 11.02
CA GLY F 168 -26.82 -99.28 11.68
C GLY F 168 -28.13 -99.67 11.05
N LEU F 169 -28.16 -100.84 10.43
CA LEU F 169 -29.35 -101.31 9.74
C LEU F 169 -30.34 -101.97 10.71
N TYR F 170 -30.03 -101.92 12.00
CA TYR F 170 -30.86 -102.54 13.03
C TYR F 170 -31.95 -101.62 13.56
N ASN F 171 -32.85 -102.20 14.34
CA ASN F 171 -33.89 -101.45 15.05
C ASN F 171 -33.72 -101.59 16.56
N PHE F 172 -33.53 -100.48 17.25
CA PHE F 172 -33.23 -100.49 18.68
C PHE F 172 -34.44 -100.14 19.53
N GLU F 173 -34.71 -100.99 20.51
CA GLU F 173 -35.83 -100.80 21.41
C GLU F 173 -35.42 -100.00 22.64
N ASN F 174 -36.27 -100.01 23.66
CA ASN F 174 -35.98 -99.35 24.93
C ASN F 174 -35.32 -100.31 25.92
N THR F 175 -34.92 -101.48 25.43
CA THR F 175 -34.32 -102.49 26.29
C THR F 175 -33.06 -101.95 26.94
N THR F 176 -32.69 -102.55 28.07
CA THR F 176 -31.47 -102.17 28.77
C THR F 176 -30.25 -102.93 28.22
N ASN F 177 -30.47 -103.70 27.15
CA ASN F 177 -29.39 -104.36 26.44
C ASN F 177 -29.03 -103.58 25.18
N ASP F 178 -30.04 -103.29 24.37
CA ASP F 178 -29.84 -102.52 23.13
C ASP F 178 -29.38 -101.10 23.42
N ILE F 179 -29.51 -100.68 24.68
CA ILE F 179 -29.08 -99.36 25.10
C ILE F 179 -27.57 -99.33 25.21
N ILE F 180 -26.99 -100.48 25.52
CA ILE F 180 -25.55 -100.61 25.64
C ILE F 180 -24.94 -100.67 24.24
N TRP F 181 -25.67 -101.31 23.34
CA TRP F 181 -25.26 -101.46 21.95
C TRP F 181 -24.95 -100.09 21.33
N LEU F 182 -25.78 -99.11 21.66
CA LEU F 182 -25.60 -97.74 21.21
C LEU F 182 -24.49 -97.06 22.00
N THR F 183 -24.41 -97.41 23.28
CA THR F 183 -23.42 -96.83 24.18
C THR F 183 -22.03 -97.23 23.73
N GLY F 184 -21.94 -98.43 23.15
CA GLY F 184 -20.67 -98.94 22.68
C GLY F 184 -20.33 -98.40 21.29
N MET F 185 -21.26 -98.52 20.36
CA MET F 185 -21.07 -98.05 19.00
C MET F 185 -20.79 -96.56 18.97
N GLY F 186 -21.39 -95.84 19.90
CA GLY F 186 -21.17 -94.42 20.04
C GLY F 186 -19.81 -94.15 20.66
N MET F 187 -19.36 -95.07 21.51
CA MET F 187 -18.04 -94.97 22.12
C MET F 187 -16.96 -95.02 21.04
N VAL F 188 -17.27 -95.76 19.97
CA VAL F 188 -16.39 -95.89 18.81
C VAL F 188 -16.51 -94.66 17.92
N ALA F 189 -17.74 -94.41 17.45
CA ALA F 189 -18.06 -93.29 16.59
C ALA F 189 -17.48 -91.98 17.12
N LYS F 190 -17.64 -91.79 18.42
CA LYS F 190 -17.13 -90.61 19.10
C LYS F 190 -15.65 -90.40 18.85
N ASN F 191 -14.89 -91.51 18.87
CA ASN F 191 -13.44 -91.46 18.71
C ASN F 191 -13.05 -91.55 17.24
N SER F 192 -13.64 -92.49 16.53
CA SER F 192 -13.34 -92.67 15.11
C SER F 192 -13.90 -91.51 14.29
N HIS F 193 -14.76 -90.71 14.92
CA HIS F 193 -15.39 -89.57 14.27
C HIS F 193 -16.23 -90.01 13.08
N ALA F 194 -17.36 -90.62 13.38
CA ALA F 194 -18.21 -91.23 12.36
C ALA F 194 -19.61 -91.42 12.90
N PRO F 195 -20.45 -90.36 12.79
CA PRO F 195 -21.82 -90.34 13.31
C PRO F 195 -22.60 -91.62 13.01
N PHE F 196 -22.93 -92.38 14.04
CA PHE F 196 -23.61 -93.65 13.84
C PHE F 196 -25.13 -93.48 13.72
N ILE F 197 -25.63 -93.61 12.50
CA ILE F 197 -27.06 -93.44 12.24
C ILE F 197 -27.78 -94.78 12.30
N ALA F 198 -28.95 -94.81 12.91
CA ALA F 198 -29.72 -96.04 13.04
C ALA F 198 -31.22 -95.77 13.06
N SER F 199 -32.01 -96.78 13.40
CA SER F 199 -33.46 -96.65 13.48
C SER F 199 -33.97 -97.25 14.78
N ILE F 200 -35.15 -96.80 15.20
CA ILE F 200 -35.77 -97.33 16.42
C ILE F 200 -37.09 -98.03 16.14
N ASP F 201 -37.28 -99.16 16.81
CA ASP F 201 -38.45 -99.99 16.61
C ASP F 201 -39.69 -99.32 17.20
N LYS F 202 -40.85 -99.78 16.76
CA LYS F 202 -42.11 -99.27 17.28
C LYS F 202 -42.30 -99.69 18.74
N SER F 203 -41.45 -100.60 19.22
CA SER F 203 -41.51 -101.08 20.60
C SER F 203 -41.00 -100.03 21.57
N PHE F 204 -40.43 -98.96 21.03
CA PHE F 204 -39.89 -97.89 21.84
C PHE F 204 -41.00 -97.15 22.59
N PHE F 205 -41.98 -96.69 21.83
CA PHE F 205 -43.09 -95.92 22.37
C PHE F 205 -44.10 -96.80 23.08
N GLY F 206 -43.79 -98.09 23.21
CA GLY F 206 -44.66 -99.02 23.89
C GLY F 206 -45.95 -99.26 23.12
N VAL F 207 -45.84 -99.39 21.80
CA VAL F 207 -47.00 -99.62 20.95
C VAL F 207 -46.69 -100.66 19.87
N LYS F 208 -47.66 -101.51 19.57
CA LYS F 208 -47.45 -102.66 18.69
C LYS F 208 -47.66 -102.33 17.22
N ASP F 209 -48.11 -101.10 16.94
CA ASP F 209 -48.27 -100.64 15.56
C ASP F 209 -47.76 -99.21 15.47
N LEU F 210 -46.78 -98.98 14.62
CA LEU F 210 -46.10 -97.69 14.57
C LEU F 210 -47.07 -96.60 14.14
N SER F 211 -48.06 -96.96 13.35
CA SER F 211 -49.07 -96.01 12.90
C SER F 211 -49.83 -95.40 14.07
N GLU F 212 -49.82 -96.09 15.21
CA GLU F 212 -50.60 -95.66 16.37
C GLU F 212 -49.80 -94.74 17.28
N ILE F 213 -48.68 -94.26 16.78
CA ILE F 213 -47.86 -93.27 17.49
C ILE F 213 -48.50 -91.90 17.31
N THR F 214 -49.28 -91.76 16.25
CA THR F 214 -49.97 -90.51 15.98
C THR F 214 -50.95 -90.16 17.10
N HIS F 215 -51.41 -91.17 17.83
CA HIS F 215 -52.40 -90.96 18.90
C HIS F 215 -51.77 -90.27 20.11
N ILE F 216 -50.48 -90.46 20.31
CA ILE F 216 -49.78 -89.84 21.43
C ILE F 216 -49.73 -88.33 21.20
N LYS F 217 -50.11 -87.58 22.22
CA LYS F 217 -50.17 -86.13 22.10
C LYS F 217 -48.79 -85.53 21.97
N SER F 218 -48.00 -85.65 23.04
CA SER F 218 -46.66 -85.09 23.07
C SER F 218 -45.69 -86.08 23.69
N PHE F 219 -44.67 -86.44 22.93
CA PHE F 219 -43.67 -87.39 23.37
C PHE F 219 -42.79 -86.76 24.44
N GLU F 220 -42.85 -85.43 24.54
CA GLU F 220 -42.10 -84.73 25.55
C GLU F 220 -42.57 -85.15 26.94
N ALA F 221 -43.88 -85.26 27.10
CA ALA F 221 -44.47 -85.68 28.36
C ALA F 221 -44.35 -87.19 28.54
N LEU F 222 -44.10 -87.89 27.44
CA LEU F 222 -43.98 -89.35 27.46
C LEU F 222 -42.70 -89.76 28.18
N LEU F 223 -41.59 -89.15 27.78
CA LEU F 223 -40.29 -89.49 28.32
C LEU F 223 -40.15 -89.19 29.82
N GLU F 224 -41.11 -88.45 30.37
CA GLU F 224 -41.12 -88.18 31.80
C GLU F 224 -41.56 -89.43 32.56
N HIS F 225 -42.26 -90.32 31.86
CA HIS F 225 -42.66 -91.62 32.40
C HIS F 225 -41.44 -92.43 32.85
N PRO F 226 -41.51 -93.08 34.03
CA PRO F 226 -40.34 -93.75 34.62
C PRO F 226 -39.89 -94.99 33.85
N ARG F 227 -40.56 -95.29 32.76
CA ARG F 227 -40.23 -96.43 31.92
C ARG F 227 -39.00 -96.12 31.09
N TYR F 228 -38.73 -94.83 30.91
CA TYR F 228 -37.63 -94.37 30.06
C TYR F 228 -36.46 -93.86 30.90
N LYS F 229 -36.40 -94.26 32.15
CA LYS F 229 -35.37 -93.77 33.05
C LYS F 229 -33.98 -94.12 32.50
N GLU F 230 -33.81 -95.38 32.11
CA GLU F 230 -32.54 -95.84 31.59
C GLU F 230 -32.16 -95.05 30.34
N TRP F 231 -33.16 -94.70 29.55
CA TRP F 231 -32.95 -94.02 28.28
C TRP F 231 -32.53 -92.58 28.49
N ASN F 232 -33.18 -91.90 29.44
CA ASN F 232 -32.84 -90.52 29.74
C ASN F 232 -31.42 -90.37 30.25
N ASP F 233 -30.88 -91.45 30.83
CA ASP F 233 -29.51 -91.43 31.32
C ASP F 233 -28.54 -91.48 30.15
N PHE F 234 -28.92 -92.25 29.13
CA PHE F 234 -28.09 -92.41 27.94
C PHE F 234 -28.03 -91.13 27.11
N ARG F 235 -29.13 -90.37 27.13
CA ARG F 235 -29.21 -89.14 26.36
C ARG F 235 -28.28 -88.09 26.95
N ASN F 236 -27.86 -88.31 28.18
CA ASN F 236 -26.99 -87.38 28.86
C ASN F 236 -25.51 -87.66 28.58
N LEU F 237 -25.21 -88.88 28.14
CA LEU F 237 -23.84 -89.25 27.79
C LEU F 237 -23.31 -88.43 26.62
N ASP F 238 -22.00 -88.26 26.57
CA ASP F 238 -21.37 -87.48 25.51
C ASP F 238 -21.45 -88.22 24.18
N VAL F 239 -21.33 -89.54 24.25
CA VAL F 239 -21.30 -90.37 23.05
C VAL F 239 -22.60 -90.27 22.26
N ALA F 240 -23.67 -89.90 22.95
CA ALA F 240 -25.00 -89.84 22.33
C ALA F 240 -25.09 -88.69 21.33
N ALA F 241 -24.09 -87.82 21.32
CA ALA F 241 -24.06 -86.69 20.40
C ALA F 241 -23.62 -87.13 19.00
N TYR F 242 -23.48 -88.45 18.81
CA TYR F 242 -23.07 -89.02 17.54
C TYR F 242 -24.10 -90.02 17.03
N ILE F 243 -24.96 -90.47 17.92
CA ILE F 243 -26.05 -91.36 17.54
C ILE F 243 -27.15 -90.48 16.94
N GLY F 244 -27.82 -90.99 15.90
CA GLY F 244 -28.91 -90.28 15.26
C GLY F 244 -29.98 -91.26 14.83
N LEU F 245 -31.00 -91.41 15.66
CA LEU F 245 -32.00 -92.45 15.45
C LEU F 245 -33.19 -91.95 14.63
N THR F 246 -33.64 -92.77 13.68
CA THR F 246 -34.71 -92.39 12.77
C THR F 246 -36.03 -93.12 13.08
N VAL F 247 -37.13 -92.44 12.80
CA VAL F 247 -38.46 -93.00 13.00
C VAL F 247 -39.21 -93.09 11.69
N GLY F 248 -39.96 -94.18 11.51
CA GLY F 248 -40.68 -94.42 10.28
C GLY F 248 -39.85 -95.31 9.37
N ASP F 249 -40.55 -96.13 8.59
CA ASP F 249 -39.92 -97.09 7.70
C ASP F 249 -40.55 -96.98 6.32
N PHE F 250 -39.74 -96.81 5.29
CA PHE F 250 -40.26 -96.65 3.95
C PHE F 250 -40.48 -98.01 3.32
N MET F 251 -41.52 -98.11 2.50
CA MET F 251 -41.81 -99.33 1.79
C MET F 251 -40.79 -99.51 0.68
N LEU F 252 -40.06 -100.62 0.71
CA LEU F 252 -38.94 -100.83 -0.20
C LEU F 252 -39.25 -101.78 -1.34
N ARG F 253 -40.38 -102.47 -1.25
CA ARG F 253 -40.83 -103.32 -2.33
C ARG F 253 -42.33 -103.31 -2.44
N GLN F 254 -42.81 -103.18 -3.67
CA GLN F 254 -44.21 -103.30 -3.95
C GLN F 254 -44.57 -104.78 -4.13
N PRO F 255 -45.61 -105.26 -3.43
CA PRO F 255 -46.00 -106.67 -3.59
C PRO F 255 -46.41 -106.97 -5.02
N TYR F 256 -46.47 -108.26 -5.38
CA TYR F 256 -46.61 -108.66 -6.77
C TYR F 256 -48.04 -108.87 -7.24
N ASN F 257 -48.51 -107.99 -8.11
CA ASN F 257 -49.79 -108.14 -8.78
C ASN F 257 -49.56 -108.22 -10.29
N PRO F 258 -50.55 -108.72 -11.04
CA PRO F 258 -50.38 -108.78 -12.49
C PRO F 258 -50.56 -107.41 -13.13
N GLU F 259 -51.56 -106.67 -12.66
CA GLU F 259 -51.84 -105.34 -13.19
C GLU F 259 -50.94 -104.28 -12.55
N ASN F 260 -50.37 -104.62 -11.40
CA ASN F 260 -49.46 -103.73 -10.69
C ASN F 260 -48.17 -104.44 -10.30
N ASN F 261 -47.04 -103.94 -10.79
CA ASN F 261 -45.74 -104.53 -10.49
C ASN F 261 -45.70 -106.01 -10.88
N PRO F 262 -45.87 -106.29 -12.18
CA PRO F 262 -45.85 -107.66 -12.68
C PRO F 262 -44.45 -108.25 -12.71
N VAL F 263 -44.30 -109.48 -12.24
CA VAL F 263 -43.01 -110.15 -12.26
C VAL F 263 -42.54 -110.30 -13.69
N GLN F 264 -41.34 -109.79 -13.97
CA GLN F 264 -40.79 -109.85 -15.31
C GLN F 264 -40.50 -111.30 -15.69
N TYR F 265 -41.45 -111.91 -16.40
CA TYR F 265 -41.33 -113.31 -16.79
C TYR F 265 -40.23 -113.48 -17.83
N LYS F 266 -40.13 -114.70 -18.35
CA LYS F 266 -39.12 -115.02 -19.36
C LYS F 266 -39.69 -114.88 -20.77
N LEU F 267 -38.84 -115.07 -21.78
CA LEU F 267 -39.23 -114.81 -23.18
C LEU F 267 -40.19 -115.85 -23.74
N MET F 268 -40.61 -116.82 -22.91
CA MET F 268 -41.58 -117.83 -23.35
C MET F 268 -42.36 -118.39 -22.16
N GLU F 269 -41.70 -118.51 -21.01
CA GLU F 269 -42.34 -119.03 -19.80
C GLU F 269 -43.29 -117.99 -19.20
N GLY F 270 -44.57 -118.11 -19.57
CA GLY F 270 -45.59 -117.20 -19.06
C GLY F 270 -45.60 -117.18 -17.55
N PHE F 271 -45.26 -116.03 -16.97
CA PHE F 271 -45.16 -115.90 -15.53
C PHE F 271 -45.77 -114.61 -15.02
N ASN F 272 -45.91 -113.62 -15.91
CA ASN F 272 -46.40 -112.29 -15.51
C ASN F 272 -47.74 -112.35 -14.78
N GLU F 273 -48.56 -113.33 -15.14
CA GLU F 273 -49.80 -113.59 -14.41
C GLU F 273 -49.45 -114.29 -13.10
N PHE F 274 -49.18 -113.51 -12.08
CA PHE F 274 -48.69 -114.05 -10.81
C PHE F 274 -48.97 -113.06 -9.69
N VAL F 275 -49.73 -113.51 -8.70
CA VAL F 275 -50.15 -112.65 -7.59
C VAL F 275 -49.38 -112.96 -6.30
N ASP F 276 -49.58 -112.13 -5.30
CA ASP F 276 -49.02 -112.34 -3.97
C ASP F 276 -50.19 -112.33 -2.96
N TYR F 277 -49.90 -112.21 -1.67
CA TYR F 277 -50.94 -112.30 -0.64
C TYR F 277 -50.67 -111.38 0.54
N ASP F 278 -51.27 -110.19 0.51
CA ASP F 278 -51.15 -109.23 1.59
C ASP F 278 -52.39 -108.34 1.62
N LYS F 279 -52.56 -107.57 2.70
CA LYS F 279 -53.72 -106.69 2.84
C LYS F 279 -53.45 -105.44 3.68
N ASN F 280 -53.45 -105.59 5.00
CA ASN F 280 -53.39 -104.44 5.91
C ASN F 280 -52.01 -103.79 5.96
N GLU F 281 -51.11 -104.31 6.78
CA GLU F 281 -49.78 -103.74 6.94
C GLU F 281 -48.79 -104.81 7.39
N SER F 282 -48.25 -105.54 6.42
CA SER F 282 -47.22 -106.55 6.67
C SER F 282 -46.68 -107.08 5.35
N TYR F 283 -45.97 -106.22 4.62
CA TYR F 283 -45.32 -106.63 3.38
C TYR F 283 -44.02 -105.85 3.15
N LEU F 284 -43.01 -106.19 3.93
CA LEU F 284 -41.64 -105.70 3.76
C LEU F 284 -41.48 -104.22 4.03
N TRP F 285 -40.53 -103.89 4.90
CA TRP F 285 -40.22 -102.51 5.24
C TRP F 285 -38.72 -102.32 5.33
N GLY F 286 -38.30 -101.06 5.38
CA GLY F 286 -36.91 -100.72 5.54
C GLY F 286 -36.77 -99.43 6.31
N PRO F 287 -35.72 -99.32 7.15
CA PRO F 287 -35.56 -98.18 8.05
C PRO F 287 -35.18 -96.88 7.32
N ALA F 288 -35.73 -95.76 7.81
CA ALA F 288 -35.54 -94.46 7.18
C ALA F 288 -34.09 -94.05 7.18
N SER F 289 -33.31 -94.68 8.06
CA SER F 289 -31.90 -94.36 8.20
C SER F 289 -31.18 -94.43 6.86
N ILE F 290 -31.65 -95.30 5.97
CA ILE F 290 -31.02 -95.47 4.67
C ILE F 290 -31.03 -94.16 3.91
N HIS F 291 -32.22 -93.62 3.70
CA HIS F 291 -32.37 -92.39 2.94
C HIS F 291 -31.66 -91.25 3.65
N LEU F 292 -31.57 -91.36 4.97
CA LEU F 292 -30.87 -90.35 5.73
C LEU F 292 -29.41 -90.32 5.33
N VAL F 293 -28.78 -91.49 5.35
CA VAL F 293 -27.37 -91.60 4.96
C VAL F 293 -27.23 -91.39 3.46
N LYS F 294 -28.20 -91.90 2.71
CA LYS F 294 -28.17 -91.77 1.25
C LYS F 294 -28.37 -90.32 0.81
N ASN F 295 -28.65 -89.44 1.78
CA ASN F 295 -28.68 -88.00 1.53
C ASN F 295 -27.39 -87.33 1.96
N MET F 296 -26.75 -87.90 2.98
CA MET F 296 -25.44 -87.41 3.40
C MET F 296 -24.45 -87.64 2.28
N MET F 297 -24.60 -88.75 1.57
CA MET F 297 -23.78 -89.03 0.41
C MET F 297 -24.06 -87.96 -0.65
N ARG F 298 -25.34 -87.74 -0.91
CA ARG F 298 -25.76 -86.72 -1.86
C ARG F 298 -25.23 -85.36 -1.42
N SER F 299 -25.32 -85.09 -0.13
CA SER F 299 -24.79 -83.87 0.44
C SER F 299 -23.29 -83.98 0.59
N TYR F 300 -22.61 -84.33 -0.48
CA TYR F 300 -21.17 -84.46 -0.45
C TYR F 300 -20.64 -84.45 -1.87
N ASP F 301 -21.32 -85.17 -2.76
CA ASP F 301 -20.95 -85.17 -4.15
C ASP F 301 -21.32 -83.82 -4.77
N LYS F 302 -22.48 -83.29 -4.36
CA LYS F 302 -22.95 -82.01 -4.86
C LYS F 302 -22.25 -80.87 -4.14
N THR F 303 -22.60 -80.68 -2.87
CA THR F 303 -21.88 -79.73 -2.03
C THR F 303 -20.57 -80.39 -1.60
N ARG F 304 -20.17 -80.19 -0.35
CA ARG F 304 -18.99 -80.86 0.18
C ARG F 304 -19.15 -81.18 1.66
N TRP F 305 -19.98 -80.40 2.34
CA TRP F 305 -20.28 -80.62 3.76
C TRP F 305 -21.72 -81.06 3.95
N PHE F 306 -22.18 -81.09 5.20
CA PHE F 306 -23.46 -81.70 5.53
C PHE F 306 -24.50 -80.71 6.03
N GLN F 307 -24.69 -79.62 5.30
CA GLN F 307 -25.79 -78.70 5.57
C GLN F 307 -26.98 -79.10 4.72
N TYR F 308 -26.71 -79.89 3.69
CA TYR F 308 -27.69 -80.18 2.66
C TYR F 308 -28.47 -81.47 2.95
N ILE F 309 -28.86 -81.66 4.21
CA ILE F 309 -29.58 -82.87 4.61
C ILE F 309 -30.80 -82.56 5.46
N ARG F 310 -31.28 -81.32 5.36
CA ARG F 310 -32.42 -80.88 6.16
C ARG F 310 -33.38 -80.03 5.34
N GLY F 311 -34.67 -80.13 5.66
CA GLY F 311 -35.66 -79.28 5.05
C GLY F 311 -36.01 -79.73 3.65
N VAL F 312 -37.01 -79.08 3.07
CA VAL F 312 -37.47 -79.39 1.73
C VAL F 312 -36.57 -78.74 0.68
N GLU F 313 -36.53 -77.41 0.75
CA GLU F 313 -35.83 -76.62 -0.24
C GLU F 313 -34.33 -76.91 -0.22
N SER F 314 -33.81 -77.18 0.97
CA SER F 314 -32.38 -77.46 1.13
C SER F 314 -32.08 -78.95 0.93
N GLY F 315 -31.97 -79.70 2.03
CA GLY F 315 -31.53 -81.07 1.98
C GLY F 315 -32.63 -82.08 1.75
N GLY F 316 -32.93 -82.84 2.80
CA GLY F 316 -33.78 -84.02 2.71
C GLY F 316 -35.11 -83.83 2.03
N TYR F 317 -35.21 -84.34 0.80
CA TYR F 317 -36.47 -84.31 0.06
C TYR F 317 -36.87 -85.72 -0.33
N VAL F 318 -35.88 -86.52 -0.73
CA VAL F 318 -36.09 -87.93 -1.07
C VAL F 318 -37.21 -88.09 -2.10
N LYS F 319 -36.85 -87.89 -3.36
CA LYS F 319 -37.82 -87.88 -4.43
C LYS F 319 -38.12 -89.30 -4.91
N ASN F 320 -39.39 -89.56 -5.23
CA ASN F 320 -39.80 -90.80 -5.88
C ASN F 320 -39.58 -92.03 -5.01
N LEU F 321 -40.57 -92.34 -4.17
CA LEU F 321 -40.51 -93.52 -3.31
C LEU F 321 -41.42 -94.64 -3.82
N VAL F 322 -41.16 -95.85 -3.34
CA VAL F 322 -41.92 -97.01 -3.78
C VAL F 322 -43.24 -97.11 -3.02
N ALA F 323 -44.27 -96.46 -3.57
CA ALA F 323 -45.59 -96.51 -2.98
C ALA F 323 -46.24 -97.87 -3.24
N CYS F 324 -47.55 -97.93 -3.09
CA CYS F 324 -48.29 -99.15 -3.38
C CYS F 324 -49.75 -98.85 -3.66
N VAL F 325 -50.33 -99.62 -4.58
CA VAL F 325 -51.73 -99.46 -4.94
C VAL F 325 -52.41 -100.83 -4.94
N TYR F 326 -53.70 -100.85 -4.63
CA TYR F 326 -54.44 -102.11 -4.57
C TYR F 326 -55.93 -101.91 -4.80
N ASP F 327 -56.52 -102.88 -5.47
CA ASP F 327 -57.94 -102.87 -5.79
C ASP F 327 -58.69 -103.89 -4.94
N ASN F 328 -59.17 -103.46 -3.78
CA ASN F 328 -59.95 -104.34 -2.92
C ASN F 328 -61.40 -104.43 -3.39
N LYS F 329 -62.02 -103.27 -3.56
CA LYS F 329 -63.40 -103.18 -4.03
C LYS F 329 -63.63 -101.85 -4.75
N GLY F 330 -62.95 -100.81 -4.29
CA GLY F 330 -63.03 -99.49 -4.92
C GLY F 330 -62.29 -99.46 -6.24
N ILE F 331 -61.49 -98.41 -6.44
CA ILE F 331 -60.76 -98.22 -7.69
C ILE F 331 -59.30 -97.85 -7.40
N LEU F 332 -58.48 -98.86 -7.11
CA LEU F 332 -57.06 -98.66 -6.88
C LEU F 332 -56.78 -97.58 -5.83
N GLU F 333 -57.06 -97.91 -4.58
CA GLU F 333 -56.83 -96.99 -3.46
C GLU F 333 -55.34 -97.00 -3.10
N THR F 334 -54.65 -95.90 -3.36
CA THR F 334 -53.21 -95.83 -3.15
C THR F 334 -52.84 -96.00 -1.68
N LYS F 335 -51.61 -96.46 -1.45
CA LYS F 335 -51.09 -96.68 -0.10
C LYS F 335 -49.83 -95.85 0.08
N SER F 336 -49.84 -94.98 1.08
CA SER F 336 -48.71 -94.05 1.30
C SER F 336 -47.41 -94.83 1.50
N PRO F 337 -46.31 -94.35 0.91
CA PRO F 337 -45.04 -95.07 0.92
C PRO F 337 -44.46 -95.21 2.32
N LEU F 338 -44.82 -94.28 3.20
CA LEU F 338 -44.26 -94.25 4.54
C LEU F 338 -45.11 -95.04 5.54
N ASN F 339 -44.43 -95.55 6.56
CA ASN F 339 -45.08 -96.32 7.60
C ASN F 339 -46.12 -95.50 8.33
N VAL F 340 -45.75 -94.25 8.65
CA VAL F 340 -46.58 -93.38 9.46
C VAL F 340 -46.65 -91.97 8.88
N LEU F 341 -47.83 -91.38 8.93
CA LEU F 341 -48.09 -90.06 8.37
C LEU F 341 -47.99 -89.00 9.45
N PHE F 342 -46.75 -88.67 9.82
CA PHE F 342 -46.50 -87.66 10.84
C PHE F 342 -47.16 -86.33 10.50
N ALA F 343 -47.79 -85.72 11.50
CA ALA F 343 -48.33 -84.39 11.36
C ALA F 343 -47.22 -83.37 11.58
N ASP F 344 -47.60 -82.11 11.74
CA ASP F 344 -46.62 -81.04 11.85
C ASP F 344 -45.93 -81.02 13.21
N TYR F 345 -46.71 -81.01 14.28
CA TYR F 345 -46.15 -80.91 15.61
C TYR F 345 -45.50 -82.23 16.03
N MET F 346 -45.72 -83.27 15.23
CA MET F 346 -45.00 -84.53 15.43
C MET F 346 -43.55 -84.36 14.99
N GLU F 347 -43.36 -83.63 13.89
CA GLU F 347 -42.02 -83.37 13.35
C GLU F 347 -41.14 -82.74 14.41
N LEU F 348 -41.77 -81.91 15.25
CA LEU F 348 -41.05 -81.16 16.26
C LEU F 348 -41.01 -81.94 17.57
N SER F 349 -42.16 -82.45 17.99
CA SER F 349 -42.27 -83.13 19.28
C SER F 349 -41.45 -84.41 19.31
N LEU F 350 -40.85 -84.77 18.17
CA LEU F 350 -39.89 -85.86 18.13
C LEU F 350 -38.47 -85.33 18.22
N ALA F 351 -38.23 -84.17 17.61
CA ALA F 351 -36.90 -83.59 17.59
C ALA F 351 -36.36 -83.34 19.00
N ASN F 352 -37.28 -83.16 19.94
CA ASN F 352 -36.92 -82.89 21.32
C ASN F 352 -36.55 -84.16 22.07
N ILE F 353 -37.08 -85.28 21.61
CA ILE F 353 -36.79 -86.57 22.22
C ILE F 353 -35.43 -87.08 21.75
N GLY F 354 -34.96 -86.53 20.64
CA GLY F 354 -33.66 -86.90 20.10
C GLY F 354 -33.85 -87.94 19.02
N LEU F 355 -34.89 -87.76 18.21
CA LEU F 355 -35.23 -88.68 17.15
C LEU F 355 -35.32 -87.97 15.82
N ILE F 356 -35.15 -88.72 14.75
CA ILE F 356 -35.20 -88.18 13.40
C ILE F 356 -36.43 -88.71 12.67
N PRO F 357 -37.50 -87.91 12.62
CA PRO F 357 -38.71 -88.34 11.93
C PRO F 357 -38.60 -88.26 10.41
N PHE F 358 -39.09 -89.29 9.72
CA PHE F 358 -39.08 -89.35 8.25
C PHE F 358 -40.47 -89.05 7.71
N VAL F 359 -40.88 -87.79 7.83
CA VAL F 359 -42.26 -87.40 7.56
C VAL F 359 -42.59 -87.41 6.07
N SER F 360 -43.84 -87.71 5.76
CA SER F 360 -44.28 -87.85 4.38
C SER F 360 -45.22 -86.74 4.00
N GLU F 361 -45.26 -86.40 2.71
CA GLU F 361 -46.26 -85.48 2.18
C GLU F 361 -47.41 -86.32 1.66
N LYS F 362 -48.58 -86.11 2.24
CA LYS F 362 -49.74 -86.95 1.96
C LYS F 362 -50.08 -87.00 0.46
N GLY F 363 -50.02 -88.20 -0.11
CA GLY F 363 -50.35 -88.41 -1.51
C GLY F 363 -49.19 -88.17 -2.45
N THR F 364 -48.35 -87.19 -2.12
CA THR F 364 -47.24 -86.79 -2.99
C THR F 364 -46.25 -87.93 -3.25
N SER F 365 -46.35 -88.98 -2.45
CA SER F 365 -45.46 -90.13 -2.58
C SER F 365 -44.00 -89.72 -2.37
N ASN F 366 -43.78 -88.78 -1.44
CA ASN F 366 -42.45 -88.29 -1.11
C ASN F 366 -42.28 -88.08 0.39
N ALA F 367 -41.11 -87.57 0.76
CA ALA F 367 -40.78 -87.38 2.16
C ALA F 367 -39.91 -86.14 2.36
N CYS F 368 -39.27 -86.04 3.52
CA CYS F 368 -38.29 -85.00 3.83
C CYS F 368 -37.89 -85.09 5.29
N PHE F 369 -36.63 -84.79 5.58
CA PHE F 369 -36.15 -84.73 6.95
C PHE F 369 -36.14 -83.28 7.42
N PHE F 370 -37.09 -82.93 8.29
CA PHE F 370 -37.12 -81.60 8.86
C PHE F 370 -36.11 -81.49 9.99
N SER F 371 -36.10 -82.51 10.84
CA SER F 371 -35.22 -82.54 11.99
C SER F 371 -34.11 -83.54 11.76
N VAL F 372 -32.91 -83.16 12.17
CA VAL F 372 -31.77 -84.06 12.15
C VAL F 372 -31.02 -83.88 13.44
N ASN F 373 -31.63 -84.33 14.53
CA ASN F 373 -31.05 -84.20 15.85
C ASN F 373 -30.51 -85.52 16.36
N SER F 374 -29.44 -85.43 17.14
CA SER F 374 -28.87 -86.58 17.80
C SER F 374 -29.71 -86.92 19.01
N ALA F 375 -29.30 -87.94 19.74
CA ALA F 375 -30.03 -88.37 20.92
C ALA F 375 -29.57 -87.58 22.14
N LYS F 376 -28.70 -86.59 21.93
CA LYS F 376 -28.19 -85.79 23.03
C LYS F 376 -29.29 -84.91 23.61
N LYS F 377 -29.32 -84.79 24.94
CA LYS F 377 -30.30 -83.96 25.61
C LYS F 377 -30.08 -82.50 25.25
N VAL F 378 -31.18 -81.76 25.11
CA VAL F 378 -31.11 -80.38 24.64
C VAL F 378 -30.94 -79.40 25.81
N GLU F 379 -31.31 -79.83 27.01
CA GLU F 379 -31.25 -79.00 28.20
C GLU F 379 -32.06 -77.71 28.00
N GLU F 380 -31.78 -76.68 28.79
CA GLU F 380 -32.49 -75.41 28.65
C GLU F 380 -31.64 -74.25 29.16
N PHE F 381 -31.30 -74.29 30.45
CA PHE F 381 -30.40 -73.32 31.07
C PHE F 381 -31.00 -71.91 31.12
N VAL F 382 -30.44 -71.10 32.02
CA VAL F 382 -30.88 -69.73 32.21
C VAL F 382 -30.10 -68.79 31.32
N ASP F 383 -28.78 -68.88 31.38
CA ASP F 383 -27.92 -68.05 30.54
C ASP F 383 -28.20 -68.38 29.06
N GLY F 384 -28.47 -67.34 28.28
CA GLY F 384 -28.87 -67.51 26.89
C GLY F 384 -27.84 -68.22 26.04
N PHE F 385 -26.58 -67.87 26.22
CA PHE F 385 -25.49 -68.49 25.48
C PHE F 385 -25.46 -69.99 25.72
N ASP F 386 -25.45 -70.39 26.98
CA ASP F 386 -25.41 -71.79 27.35
C ASP F 386 -26.57 -72.55 26.71
N SER F 387 -27.74 -71.90 26.69
CA SER F 387 -28.94 -72.51 26.15
C SER F 387 -28.80 -72.77 24.66
N ALA F 388 -28.05 -71.91 23.98
CA ALA F 388 -27.86 -72.01 22.54
C ALA F 388 -26.81 -73.06 22.20
N ASN F 389 -25.81 -73.18 23.08
CA ASN F 389 -24.78 -74.21 22.93
C ASN F 389 -25.40 -75.58 22.78
N SER F 390 -26.24 -75.92 23.74
CA SER F 390 -26.84 -77.25 23.81
C SER F 390 -27.79 -77.50 22.65
N ARG F 391 -28.23 -76.43 21.99
CA ARG F 391 -29.16 -76.56 20.88
C ARG F 391 -28.42 -76.92 19.59
N LEU F 392 -27.16 -76.52 19.53
CA LEU F 392 -26.34 -76.75 18.34
C LEU F 392 -25.60 -78.08 18.46
N ILE F 393 -25.32 -78.49 19.69
CA ILE F 393 -24.58 -79.71 19.90
C ILE F 393 -25.47 -80.91 19.65
N ALA F 394 -26.73 -80.79 20.04
CA ALA F 394 -27.71 -81.85 19.81
C ALA F 394 -27.92 -82.03 18.31
N ASN F 395 -27.73 -80.96 17.56
CA ASN F 395 -27.92 -80.99 16.11
C ASN F 395 -26.87 -81.85 15.43
N LEU F 396 -27.33 -82.92 14.80
CA LEU F 396 -26.44 -83.91 14.20
C LEU F 396 -25.66 -83.32 13.03
N SER F 397 -26.32 -82.52 12.22
CA SER F 397 -25.74 -82.03 10.97
C SER F 397 -24.43 -81.28 11.18
N TYR F 398 -24.27 -80.65 12.35
CA TYR F 398 -23.03 -79.93 12.65
C TYR F 398 -21.93 -80.90 13.07
N THR F 399 -22.25 -81.82 13.98
CA THR F 399 -21.27 -82.81 14.44
C THR F 399 -20.78 -83.68 13.29
N MET F 400 -21.54 -83.68 12.20
CA MET F 400 -21.08 -84.34 10.97
C MET F 400 -19.97 -83.50 10.37
N CYS F 401 -20.13 -82.19 10.43
CA CYS F 401 -19.19 -81.25 9.84
C CYS F 401 -17.96 -81.08 10.70
N ILE F 402 -18.17 -80.88 11.99
CA ILE F 402 -17.06 -80.72 12.91
C ILE F 402 -16.21 -81.99 12.87
N SER F 403 -16.85 -83.11 12.60
CA SER F 403 -16.15 -84.37 12.48
C SER F 403 -15.21 -84.37 11.28
N ARG F 404 -15.60 -83.65 10.24
CA ARG F 404 -14.82 -83.62 9.01
C ARG F 404 -13.54 -82.82 9.18
N ILE F 405 -13.44 -82.08 10.28
CA ILE F 405 -12.22 -81.34 10.59
C ILE F 405 -11.24 -82.30 11.26
N SER F 406 -11.76 -83.19 12.09
CA SER F 406 -10.93 -84.21 12.71
C SER F 406 -10.31 -85.10 11.63
N HIS F 407 -11.06 -85.39 10.58
CA HIS F 407 -10.56 -86.15 9.46
C HIS F 407 -9.60 -85.35 8.62
N TYR F 408 -9.41 -84.09 8.98
CA TYR F 408 -8.44 -83.25 8.30
C TYR F 408 -7.17 -83.23 9.14
N ILE F 409 -7.31 -82.95 10.43
CA ILE F 409 -6.17 -82.91 11.33
C ILE F 409 -5.48 -84.27 11.33
N LYS F 410 -6.07 -85.25 12.01
CA LYS F 410 -5.52 -86.61 12.01
C LYS F 410 -5.67 -87.25 10.64
N CYS F 411 -4.92 -86.73 9.67
CA CYS F 411 -4.98 -87.24 8.30
C CYS F 411 -3.95 -86.51 7.44
N VAL F 412 -3.97 -85.19 7.52
CA VAL F 412 -3.16 -84.35 6.66
C VAL F 412 -1.93 -83.81 7.37
N ILE F 413 -2.11 -83.33 8.59
CA ILE F 413 -0.98 -82.78 9.34
C ILE F 413 0.02 -83.88 9.70
N ARG F 414 -0.38 -85.13 9.50
CA ARG F 414 0.51 -86.27 9.68
C ARG F 414 1.71 -86.18 8.77
N ASP F 415 1.55 -85.50 7.64
CA ASP F 415 2.64 -85.35 6.67
C ASP F 415 3.80 -84.60 7.31
N LYS F 416 3.50 -83.46 7.93
CA LYS F 416 4.53 -82.65 8.58
C LYS F 416 4.61 -82.99 10.05
N ILE F 417 4.97 -84.24 10.33
CA ILE F 417 5.08 -84.71 11.70
C ILE F 417 6.48 -84.48 12.23
N GLY F 418 7.44 -84.37 11.32
CA GLY F 418 8.84 -84.24 11.69
C GLY F 418 9.38 -82.88 11.31
N SER F 419 8.65 -82.18 10.45
CA SER F 419 9.07 -80.85 10.01
C SER F 419 9.13 -79.89 11.18
N ILE F 420 10.01 -78.90 11.07
CA ILE F 420 10.12 -77.89 12.10
C ILE F 420 9.03 -76.86 11.94
N VAL F 421 8.14 -76.81 12.92
CA VAL F 421 7.01 -75.91 12.89
C VAL F 421 6.81 -75.28 14.25
N ASP F 422 5.99 -74.22 14.27
CA ASP F 422 5.78 -73.44 15.47
C ASP F 422 4.33 -73.25 15.79
N VAL F 423 4.09 -72.55 16.90
CA VAL F 423 2.75 -72.18 17.31
C VAL F 423 2.11 -71.32 16.22
N GLU F 424 2.93 -70.52 15.56
CA GLU F 424 2.43 -69.58 14.56
C GLU F 424 2.34 -70.21 13.17
N SER F 425 2.88 -71.42 13.04
CA SER F 425 2.91 -72.12 11.76
C SER F 425 1.77 -73.11 11.64
N ILE F 426 1.43 -73.75 12.75
CA ILE F 426 0.31 -74.70 12.78
C ILE F 426 -1.00 -73.93 12.70
N GLN F 427 -1.01 -72.73 13.24
CA GLN F 427 -2.18 -71.86 13.18
C GLN F 427 -2.38 -71.33 11.76
N LYS F 428 -1.35 -71.48 10.94
CA LYS F 428 -1.39 -71.07 9.54
C LYS F 428 -1.98 -72.18 8.68
N ILE F 429 -1.35 -73.34 8.73
CA ILE F 429 -1.75 -74.49 7.92
C ILE F 429 -3.20 -74.89 8.19
N LEU F 430 -3.58 -74.89 9.46
CA LEU F 430 -4.90 -75.36 9.85
C LEU F 430 -5.95 -74.30 9.52
N SER F 431 -5.57 -73.03 9.54
CA SER F 431 -6.51 -71.95 9.30
C SER F 431 -6.65 -71.66 7.80
N ASP F 432 -5.52 -71.65 7.10
CA ASP F 432 -5.51 -71.36 5.67
C ASP F 432 -6.43 -72.31 4.91
N TRP F 433 -6.61 -73.50 5.47
CA TRP F 433 -7.51 -74.48 4.89
C TRP F 433 -8.95 -74.10 5.15
N ILE F 434 -9.35 -74.15 6.41
CA ILE F 434 -10.73 -73.94 6.82
C ILE F 434 -11.27 -72.58 6.39
N SER F 435 -10.36 -71.67 6.05
CA SER F 435 -10.73 -70.31 5.70
C SER F 435 -11.63 -70.26 4.46
N GLU F 436 -11.47 -71.23 3.56
CA GLU F 436 -12.23 -71.24 2.31
C GLU F 436 -13.65 -71.73 2.53
N PHE F 437 -14.00 -72.03 3.78
CA PHE F 437 -15.30 -72.61 4.10
C PHE F 437 -16.03 -71.79 5.15
N VAL F 438 -15.60 -70.56 5.35
CA VAL F 438 -16.22 -69.67 6.33
C VAL F 438 -16.59 -68.34 5.70
N THR F 439 -17.86 -67.97 5.84
CA THR F 439 -18.35 -66.72 5.29
C THR F 439 -19.41 -66.13 6.20
N THR F 440 -19.87 -64.94 5.82
CA THR F 440 -20.97 -64.28 6.52
C THR F 440 -22.04 -63.91 5.51
N VAL F 441 -21.60 -63.58 4.30
CA VAL F 441 -22.51 -63.25 3.22
C VAL F 441 -23.28 -64.48 2.78
N TYR F 442 -24.52 -64.28 2.34
CA TYR F 442 -25.37 -65.38 1.89
C TYR F 442 -25.47 -65.42 0.38
N GLN F 443 -25.32 -66.62 -0.17
CA GLN F 443 -25.40 -66.81 -1.61
C GLN F 443 -26.82 -67.15 -2.02
N PRO F 444 -27.22 -66.77 -3.25
CA PRO F 444 -28.55 -67.16 -3.74
C PRO F 444 -28.70 -68.67 -3.80
N THR F 445 -29.91 -69.16 -3.55
CA THR F 445 -30.19 -70.59 -3.53
C THR F 445 -29.49 -71.23 -2.33
N PRO F 446 -30.01 -72.39 -1.89
CA PRO F 446 -29.41 -73.05 -0.73
C PRO F 446 -28.11 -73.74 -1.04
N LEU F 447 -28.06 -74.42 -2.18
CA LEU F 447 -26.92 -75.23 -2.56
C LEU F 447 -25.67 -74.37 -2.70
N GLU F 448 -25.81 -73.22 -3.36
CA GLU F 448 -24.68 -72.34 -3.64
C GLU F 448 -24.09 -71.76 -2.36
N MET F 449 -24.84 -71.86 -1.26
CA MET F 449 -24.42 -71.30 0.02
C MET F 449 -23.97 -72.41 0.98
N ALA F 450 -24.56 -73.60 0.85
CA ALA F 450 -24.20 -74.72 1.72
C ALA F 450 -22.76 -75.18 1.47
N ARG F 451 -22.13 -74.63 0.43
CA ARG F 451 -20.69 -74.83 0.22
C ARG F 451 -19.96 -74.36 1.48
N TYR F 452 -20.51 -73.32 2.11
CA TYR F 452 -19.95 -72.73 3.31
C TYR F 452 -20.72 -73.18 4.56
N PRO F 453 -20.24 -74.22 5.23
CA PRO F 453 -20.94 -74.65 6.45
C PRO F 453 -20.77 -73.68 7.60
N PHE F 454 -19.54 -73.31 7.90
CA PHE F 454 -19.26 -72.54 9.11
C PHE F 454 -19.44 -71.04 8.90
N ARG F 455 -19.60 -70.33 10.02
CA ARG F 455 -19.74 -68.88 10.00
C ARG F 455 -18.40 -68.23 10.30
N ASN F 456 -17.78 -68.65 11.39
CA ASN F 456 -16.46 -68.16 11.78
C ASN F 456 -15.77 -69.12 12.73
N VAL F 457 -14.44 -69.08 12.74
CA VAL F 457 -13.65 -70.05 13.50
C VAL F 457 -12.47 -69.38 14.18
N SER F 458 -12.16 -69.87 15.38
CA SER F 458 -10.95 -69.51 16.10
C SER F 458 -10.05 -70.73 16.20
N ILE F 459 -8.73 -70.49 16.18
CA ILE F 459 -7.77 -71.58 16.25
C ILE F 459 -6.56 -71.14 17.06
N GLU F 460 -6.63 -71.35 18.38
CA GLU F 460 -5.58 -70.92 19.29
C GLU F 460 -4.77 -72.10 19.77
N VAL F 461 -3.73 -72.45 19.02
CA VAL F 461 -2.82 -73.51 19.43
C VAL F 461 -1.73 -72.89 20.29
N LYS F 462 -1.04 -73.73 21.06
CA LYS F 462 -0.03 -73.23 21.97
C LYS F 462 0.78 -74.38 22.50
N THR F 463 2.09 -74.18 22.55
CA THR F 463 3.00 -75.21 23.02
C THR F 463 2.82 -75.40 24.52
N ILE F 464 3.15 -76.61 24.98
CA ILE F 464 3.07 -76.92 26.40
C ILE F 464 4.48 -77.07 26.98
N PRO F 465 4.61 -76.85 28.29
CA PRO F 465 5.91 -77.05 28.92
C PRO F 465 6.29 -78.52 28.96
N GLY F 466 7.56 -78.81 29.23
CA GLY F 466 8.02 -80.17 29.28
C GLY F 466 8.27 -80.71 27.90
N LYS F 467 7.21 -81.20 27.26
CA LYS F 467 7.30 -81.74 25.92
C LYS F 467 7.60 -80.62 24.92
N PRO F 468 8.78 -80.65 24.28
CA PRO F 468 9.17 -79.53 23.41
C PRO F 468 8.51 -79.59 22.03
N GLY F 469 8.41 -80.79 21.46
CA GLY F 469 7.88 -80.95 20.12
C GLY F 469 6.38 -81.13 20.08
N TRP F 470 5.75 -81.13 21.26
CA TRP F 470 4.32 -81.34 21.37
C TRP F 470 3.55 -80.03 21.50
N TYR F 471 2.29 -80.05 21.05
CA TYR F 471 1.43 -78.88 21.13
C TYR F 471 0.03 -79.27 21.62
N SER F 472 -0.85 -78.30 21.67
CA SER F 472 -2.22 -78.53 22.12
C SER F 472 -3.14 -77.47 21.53
N CYS F 473 -3.88 -77.87 20.50
CA CYS F 473 -4.79 -76.97 19.81
C CYS F 473 -6.12 -76.87 20.52
N LYS F 474 -6.95 -75.93 20.08
CA LYS F 474 -8.27 -75.72 20.66
C LYS F 474 -9.08 -74.84 19.73
N ILE F 475 -9.80 -75.47 18.80
CA ILE F 475 -10.61 -74.73 17.85
C ILE F 475 -12.04 -74.59 18.36
N ASN F 476 -12.78 -73.73 17.69
CA ASN F 476 -14.15 -73.44 18.06
C ASN F 476 -14.90 -72.92 16.86
N VAL F 477 -15.91 -73.65 16.43
CA VAL F 477 -16.61 -73.34 15.19
C VAL F 477 -18.07 -73.00 15.43
N ILE F 478 -18.52 -71.92 14.82
CA ILE F 478 -19.93 -71.56 14.85
C ILE F 478 -20.54 -71.83 13.48
N PRO F 479 -21.33 -72.90 13.38
CA PRO F 479 -21.92 -73.23 12.08
C PRO F 479 -23.09 -72.32 11.73
N HIS F 480 -23.38 -72.18 10.43
CA HIS F 480 -24.51 -71.40 9.99
C HIS F 480 -25.80 -71.98 10.55
N ILE F 481 -26.36 -71.30 11.54
CA ILE F 481 -27.56 -71.77 12.22
C ILE F 481 -28.73 -71.86 11.27
N GLN F 482 -29.34 -73.02 11.27
CA GLN F 482 -30.44 -73.31 10.37
C GLN F 482 -31.73 -72.72 10.89
N PHE F 483 -32.68 -72.55 9.98
CA PHE F 483 -34.04 -72.18 10.36
C PHE F 483 -34.62 -73.34 11.16
N GLU F 484 -35.56 -73.04 12.05
CA GLU F 484 -36.13 -74.09 12.89
C GLU F 484 -37.61 -73.85 13.23
N GLY F 485 -38.11 -72.66 12.93
CA GLY F 485 -39.51 -72.33 13.18
C GLY F 485 -39.68 -70.91 13.68
N MET F 486 -40.94 -70.48 13.80
CA MET F 486 -41.23 -69.13 14.27
C MET F 486 -42.71 -68.92 14.59
N ASN F 487 -42.97 -68.11 15.61
CA ASN F 487 -44.33 -67.68 15.91
C ASN F 487 -44.63 -66.38 15.18
N THR F 488 -45.90 -66.01 15.15
CA THR F 488 -46.31 -64.78 14.47
C THR F 488 -47.67 -64.30 14.92
N THR F 489 -47.73 -63.03 15.32
CA THR F 489 -48.96 -62.41 15.78
C THR F 489 -49.42 -61.36 14.78
N MET F 490 -50.50 -61.65 14.07
CA MET F 490 -51.11 -60.69 13.16
C MET F 490 -52.09 -59.84 13.95
N THR F 491 -52.30 -58.60 13.51
CA THR F 491 -53.23 -57.72 14.21
C THR F 491 -53.57 -56.52 13.35
N ILE F 492 -54.80 -56.03 13.48
CA ILE F 492 -55.19 -54.78 12.84
C ILE F 492 -54.88 -53.63 13.79
N ASP F 493 -53.79 -52.92 13.52
CA ASP F 493 -53.32 -51.87 14.40
C ASP F 493 -54.18 -50.61 14.34
N THR F 494 -54.39 -50.11 13.13
CA THR F 494 -55.14 -48.86 12.92
C THR F 494 -54.43 -47.68 13.59
N ARG F 495 -53.16 -47.85 13.88
CA ARG F 495 -52.35 -46.80 14.50
C ARG F 495 -51.12 -46.54 13.65
N LEU F 496 -50.94 -47.37 12.64
CA LEU F 496 -49.79 -47.28 11.77
C LEU F 496 -49.93 -46.04 10.91
N GLU F 497 -51.10 -45.89 10.28
CA GLU F 497 -51.41 -44.72 9.47
C GLU F 497 -52.44 -43.85 10.17
N PRO F 498 -52.00 -42.94 11.05
CA PRO F 498 -52.92 -42.10 11.82
C PRO F 498 -53.60 -41.03 10.96
N GLU F 499 -53.09 -40.84 9.75
CA GLU F 499 -53.64 -39.84 8.85
C GLU F 499 -55.09 -40.16 8.45
N LEU F 500 -55.50 -41.42 8.67
CA LEU F 500 -56.81 -41.88 8.27
C LEU F 500 -57.75 -42.10 9.46
N PHE F 501 -57.18 -42.25 10.65
CA PHE F 501 -57.96 -42.57 11.85
C PHE F 501 -57.70 -41.58 12.98
N GLY F 502 -56.82 -40.62 12.74
CA GLY F 502 -56.46 -39.65 13.76
C GLY F 502 -57.55 -38.62 13.95
N THR F 503 -57.42 -37.83 15.02
CA THR F 503 -58.41 -36.81 15.33
C THR F 503 -58.34 -35.67 14.33
N ASN F 504 -57.12 -35.15 14.11
CA ASN F 504 -56.92 -34.01 13.23
C ASN F 504 -57.25 -34.35 11.77
N ASN F 505 -58.32 -33.74 11.27
CA ASN F 505 -58.75 -33.95 9.89
C ASN F 505 -59.59 -32.78 9.39
N ALA G 2 -59.90 -73.78 25.06
CA ALA G 2 -59.34 -74.79 25.96
C ALA G 2 -58.08 -74.28 26.65
N LYS G 3 -58.02 -74.41 27.97
CA LYS G 3 -56.86 -73.98 28.73
C LYS G 3 -55.67 -74.93 28.55
N ASN G 4 -55.96 -76.17 28.17
CA ASN G 4 -54.92 -77.18 27.97
C ASN G 4 -53.93 -76.73 26.91
N LYS G 5 -54.43 -75.96 25.95
CA LYS G 5 -53.61 -75.34 24.90
C LYS G 5 -53.14 -76.36 23.88
N ILE G 6 -53.32 -76.02 22.61
CA ILE G 6 -52.93 -76.88 21.50
C ILE G 6 -51.43 -77.11 21.49
N PRO G 7 -51.00 -78.32 21.08
CA PRO G 7 -49.56 -78.58 20.93
C PRO G 7 -48.91 -77.67 19.89
N ASN G 8 -47.79 -77.08 20.24
CA ASN G 8 -47.12 -76.12 19.37
C ASN G 8 -46.46 -76.80 18.19
N SER G 9 -46.76 -76.29 17.00
CA SER G 9 -46.13 -76.77 15.78
C SER G 9 -44.82 -76.02 15.59
N ARG G 10 -44.29 -76.05 14.37
CA ARG G 10 -43.05 -75.37 14.08
C ARG G 10 -43.29 -73.93 13.60
N LEU G 11 -44.51 -73.64 13.16
CA LEU G 11 -44.86 -72.32 12.66
C LEU G 11 -46.24 -71.90 13.15
N MET G 12 -46.33 -71.60 14.44
CA MET G 12 -47.61 -71.28 15.04
C MET G 12 -47.95 -69.80 14.85
N ILE G 13 -48.97 -69.54 14.04
CA ILE G 13 -49.51 -68.19 13.85
C ILE G 13 -50.86 -68.15 14.56
N ASN G 14 -51.19 -67.02 15.21
CA ASN G 14 -52.34 -66.97 16.11
C ASN G 14 -53.37 -65.88 15.81
N TYR G 15 -52.89 -64.71 15.41
CA TYR G 15 -53.73 -63.54 15.14
C TYR G 15 -54.42 -63.04 16.41
N GLU G 16 -53.89 -61.94 16.96
CA GLU G 16 -54.47 -61.31 18.14
C GLU G 16 -55.67 -60.44 17.77
N THR G 17 -56.76 -60.63 18.50
CA THR G 17 -58.02 -59.93 18.25
C THR G 17 -58.48 -59.20 19.51
N ASN G 18 -57.62 -59.18 20.52
CA ASN G 18 -57.95 -58.55 21.78
C ASN G 18 -57.60 -57.08 21.76
N VAL G 19 -58.49 -56.26 22.32
CA VAL G 19 -58.31 -54.82 22.35
C VAL G 19 -58.66 -54.26 23.72
N ASP G 20 -57.73 -53.52 24.31
CA ASP G 20 -57.96 -52.86 25.59
C ASP G 20 -58.27 -51.39 25.37
N GLY G 21 -58.87 -50.77 26.38
CA GLY G 21 -59.20 -49.37 26.33
C GLY G 21 -60.33 -49.05 27.29
N VAL G 22 -60.50 -47.76 27.57
CA VAL G 22 -61.50 -47.33 28.53
C VAL G 22 -62.80 -46.97 27.83
N LEU G 23 -63.88 -47.58 28.29
CA LEU G 23 -65.18 -47.43 27.63
C LEU G 23 -65.66 -45.99 27.67
N LYS G 24 -66.60 -45.68 26.79
CA LYS G 24 -67.11 -44.33 26.65
C LYS G 24 -68.29 -44.09 27.58
N LYS G 25 -68.68 -42.83 27.70
CA LYS G 25 -69.83 -42.44 28.50
C LYS G 25 -70.75 -41.52 27.71
N LYS G 26 -72.01 -41.92 27.60
CA LYS G 26 -73.01 -41.13 26.90
C LYS G 26 -73.36 -39.89 27.70
N GLU G 27 -73.69 -38.81 27.01
CA GLU G 27 -73.95 -37.52 27.65
C GLU G 27 -75.14 -37.58 28.60
N LEU G 28 -75.19 -36.64 29.53
CA LEU G 28 -76.28 -36.56 30.50
C LEU G 28 -77.32 -35.53 30.06
N PRO G 29 -78.57 -35.99 29.83
CA PRO G 29 -79.63 -35.02 29.54
C PRO G 29 -79.89 -34.10 30.71
N TYR G 30 -79.84 -32.80 30.47
CA TYR G 30 -80.06 -31.81 31.52
C TYR G 30 -81.46 -31.95 32.09
N ARG G 31 -81.57 -32.67 33.20
CA ARG G 31 -82.87 -32.94 33.80
C ARG G 31 -83.43 -31.71 34.51
N VAL G 32 -84.74 -31.54 34.42
CA VAL G 32 -85.43 -30.44 35.09
C VAL G 32 -86.55 -30.99 35.95
N LEU G 33 -86.37 -30.88 37.26
CA LEU G 33 -87.40 -31.31 38.19
C LEU G 33 -88.39 -30.17 38.40
N VAL G 34 -89.68 -30.50 38.42
CA VAL G 34 -90.71 -29.53 38.79
C VAL G 34 -91.51 -30.10 39.94
N VAL G 35 -91.86 -29.25 40.90
CA VAL G 35 -92.58 -29.68 42.09
C VAL G 35 -93.76 -28.76 42.32
N GLY G 36 -94.97 -29.31 42.16
CA GLY G 36 -96.19 -28.58 42.42
C GLY G 36 -97.36 -29.52 42.65
N ASP G 37 -98.35 -29.05 43.40
CA ASP G 37 -99.55 -29.84 43.65
C ASP G 37 -100.36 -30.04 42.37
N LEU G 38 -100.14 -31.18 41.72
CA LEU G 38 -100.81 -31.47 40.46
C LEU G 38 -102.11 -32.23 40.70
N SER G 39 -102.00 -33.31 41.45
CA SER G 39 -103.12 -34.23 41.63
C SER G 39 -104.06 -33.79 42.75
N LYS G 40 -103.61 -32.84 43.57
CA LYS G 40 -104.35 -32.40 44.75
C LYS G 40 -104.62 -33.56 45.70
N GLY G 41 -103.83 -34.63 45.55
CA GLY G 41 -104.00 -35.83 46.36
C GLY G 41 -104.82 -36.89 45.66
N ARG G 42 -104.80 -36.89 44.33
CA ARG G 42 -105.54 -37.88 43.54
C ARG G 42 -104.70 -38.46 42.42
N SER G 43 -103.82 -39.38 42.76
CA SER G 43 -103.02 -40.09 41.77
C SER G 43 -102.36 -41.31 42.42
N VAL G 44 -101.94 -42.26 41.58
CA VAL G 44 -101.35 -43.49 42.08
C VAL G 44 -100.09 -43.20 42.89
N ASP G 45 -99.25 -42.30 42.40
CA ASP G 45 -98.01 -41.97 43.07
C ASP G 45 -98.19 -40.86 44.11
N ALA G 46 -99.35 -40.20 44.06
CA ALA G 46 -99.66 -39.11 44.99
C ALA G 46 -100.31 -39.65 46.26
N LYS G 47 -101.09 -40.73 46.12
CA LYS G 47 -101.77 -41.32 47.25
C LYS G 47 -100.81 -42.09 48.14
N LYS G 48 -99.62 -42.36 47.63
CA LYS G 48 -98.62 -43.11 48.38
C LYS G 48 -97.81 -42.18 49.28
N GLU G 49 -97.10 -42.76 50.24
CA GLU G 49 -96.29 -41.98 51.17
C GLU G 49 -95.11 -41.33 50.45
N PHE G 50 -94.67 -40.19 50.95
CA PHE G 50 -93.62 -39.42 50.30
C PHE G 50 -92.29 -40.17 50.29
N ALA G 51 -92.14 -41.09 51.23
CA ALA G 51 -90.91 -41.88 51.32
C ALA G 51 -90.74 -42.74 50.07
N ASP G 52 -91.82 -42.95 49.33
CA ASP G 52 -91.81 -43.77 48.12
C ASP G 52 -92.68 -43.18 47.01
N ARG G 53 -92.21 -42.10 46.39
CA ARG G 53 -92.87 -41.52 45.22
C ARG G 53 -91.94 -41.50 44.03
N GLU G 54 -92.09 -42.48 43.15
CA GLU G 54 -91.29 -42.54 41.94
C GLU G 54 -91.58 -41.32 41.08
N VAL G 55 -90.55 -40.52 40.84
CA VAL G 55 -90.67 -39.36 39.97
C VAL G 55 -91.00 -39.78 38.54
N ARG G 56 -91.82 -38.97 37.86
CA ARG G 56 -92.18 -39.25 36.47
C ARG G 56 -91.05 -38.81 35.55
N ARG G 57 -91.31 -38.82 34.25
CA ARG G 57 -90.28 -38.49 33.26
C ARG G 57 -90.80 -37.63 32.12
N VAL G 58 -92.03 -37.87 31.72
CA VAL G 58 -92.62 -37.19 30.57
C VAL G 58 -91.81 -37.52 29.32
N ASN G 59 -91.47 -38.80 29.15
CA ASN G 59 -90.77 -39.27 27.97
C ASN G 59 -91.60 -38.94 26.73
N ASN G 60 -92.85 -39.38 26.76
CA ASN G 60 -93.79 -39.05 25.71
C ASN G 60 -94.15 -37.58 25.75
N GLY G 61 -95.22 -37.26 26.46
CA GLY G 61 -95.68 -35.88 26.59
C GLY G 61 -96.59 -35.74 27.78
N VAL G 62 -96.96 -34.50 28.09
CA VAL G 62 -97.85 -34.23 29.21
C VAL G 62 -99.22 -34.85 28.99
N ASP G 63 -99.49 -35.31 27.77
CA ASP G 63 -100.76 -35.95 27.47
C ASP G 63 -100.80 -37.37 28.00
N ARG G 64 -99.68 -38.09 27.89
CA ARG G 64 -99.64 -39.51 28.25
C ARG G 64 -99.09 -39.74 29.64
N VAL G 65 -98.24 -38.84 30.12
CA VAL G 65 -97.71 -38.95 31.48
C VAL G 65 -98.82 -38.66 32.47
N LEU G 66 -99.82 -37.92 32.00
CA LEU G 66 -101.00 -37.61 32.80
C LEU G 66 -101.87 -38.85 32.91
N GLU G 67 -102.24 -39.40 31.76
CA GLU G 67 -103.09 -40.57 31.69
C GLU G 67 -102.46 -41.73 32.47
N GLU G 68 -101.14 -41.67 32.64
CA GLU G 68 -100.43 -42.67 33.43
C GLU G 68 -100.84 -42.57 34.89
N MET G 69 -101.22 -41.36 35.32
CA MET G 69 -101.71 -41.13 36.67
C MET G 69 -103.24 -41.13 36.67
N ASN G 70 -103.82 -41.88 37.61
CA ASN G 70 -105.27 -41.95 37.72
C ASN G 70 -105.86 -40.70 38.37
N ILE G 71 -105.87 -39.60 37.61
CA ILE G 71 -106.42 -38.34 38.11
C ILE G 71 -107.90 -38.27 37.79
N SER G 72 -108.72 -38.64 38.76
CA SER G 72 -110.16 -38.49 38.66
C SER G 72 -110.63 -37.52 39.74
N PHE G 73 -111.92 -37.21 39.73
CA PHE G 73 -112.50 -36.34 40.73
C PHE G 73 -114.01 -36.52 40.76
N ASP G 74 -114.57 -36.53 41.97
CA ASP G 74 -115.99 -36.73 42.17
C ASP G 74 -116.59 -35.55 42.91
N PHE G 75 -116.41 -34.35 42.36
CA PHE G 75 -116.92 -33.14 42.98
C PHE G 75 -118.32 -32.82 42.49
N GLU G 76 -119.14 -32.25 43.36
CA GLU G 76 -120.53 -31.95 43.05
C GLU G 76 -120.63 -30.68 42.20
N ALA G 77 -121.78 -30.49 41.57
CA ALA G 77 -122.01 -29.29 40.78
C ALA G 77 -123.51 -29.09 40.54
N PRO G 78 -123.94 -27.83 40.35
CA PRO G 78 -125.36 -27.53 40.09
C PRO G 78 -125.91 -28.30 38.90
N ASN G 79 -127.12 -28.83 39.05
CA ASN G 79 -127.75 -29.65 38.01
C ASN G 79 -128.75 -28.85 37.17
N PHE G 80 -128.69 -29.06 35.86
CA PHE G 80 -129.59 -28.41 34.92
C PHE G 80 -129.95 -29.35 33.79
N VAL G 81 -129.78 -30.65 34.03
CA VAL G 81 -130.04 -31.67 33.02
C VAL G 81 -130.64 -32.91 33.67
N SER G 82 -131.36 -33.69 32.87
CA SER G 82 -131.99 -34.93 33.32
C SER G 82 -133.06 -34.65 34.37
N LYS G 83 -133.69 -35.73 34.84
CA LYS G 83 -134.77 -35.63 35.82
C LYS G 83 -134.28 -36.07 37.19
N ASP G 84 -135.21 -36.15 38.14
CA ASP G 84 -134.93 -36.59 39.50
C ASP G 84 -134.02 -35.60 40.25
N PRO G 85 -133.96 -35.73 41.59
CA PRO G 85 -133.07 -34.87 42.39
C PRO G 85 -131.59 -35.15 42.18
N SER G 86 -130.79 -34.89 43.21
CA SER G 86 -129.34 -35.15 43.21
C SER G 86 -128.59 -34.21 42.26
N ASN G 87 -127.70 -33.41 42.84
CA ASN G 87 -126.85 -32.53 42.06
C ASN G 87 -126.00 -33.32 41.09
N LEU G 88 -125.61 -32.68 39.99
CA LEU G 88 -124.80 -33.35 38.98
C LEU G 88 -123.43 -33.68 39.57
N LYS G 89 -123.01 -34.92 39.36
CA LYS G 89 -121.75 -35.41 39.92
C LYS G 89 -120.74 -35.68 38.81
N VAL G 90 -119.88 -34.70 38.53
CA VAL G 90 -118.84 -34.84 37.52
C VAL G 90 -117.86 -35.91 37.97
N ASN G 91 -117.77 -36.99 37.20
CA ASN G 91 -116.94 -38.13 37.57
C ASN G 91 -116.30 -38.80 36.36
N TYR G 92 -115.06 -38.40 36.05
CA TYR G 92 -114.31 -39.03 34.97
C TYR G 92 -112.83 -38.71 35.13
N ARG G 93 -111.98 -39.62 34.67
CA ARG G 93 -110.54 -39.46 34.81
C ARG G 93 -109.95 -38.69 33.63
N ILE G 94 -108.96 -37.86 33.94
CA ILE G 94 -108.29 -37.05 32.92
C ILE G 94 -107.35 -37.91 32.09
N GLU G 95 -107.54 -37.88 30.77
CA GLU G 95 -106.63 -38.53 29.83
C GLU G 95 -105.60 -37.53 29.31
N SER G 96 -106.06 -36.64 28.42
CA SER G 96 -105.19 -35.62 27.83
C SER G 96 -105.33 -34.30 28.59
N VAL G 97 -104.56 -33.31 28.19
CA VAL G 97 -104.61 -31.98 28.81
C VAL G 97 -105.78 -31.18 28.23
N LYS G 98 -106.33 -31.65 27.13
CA LYS G 98 -107.45 -30.98 26.46
C LYS G 98 -108.77 -31.37 27.11
N ASP G 99 -108.69 -32.02 28.27
CA ASP G 99 -109.89 -32.50 28.94
C ASP G 99 -110.63 -31.36 29.64
N PHE G 100 -109.90 -30.33 30.05
CA PHE G 100 -110.49 -29.16 30.68
C PHE G 100 -111.19 -28.26 29.67
N ARG G 101 -111.10 -28.64 28.39
CA ARG G 101 -111.73 -27.88 27.32
C ARG G 101 -113.25 -27.99 27.42
N PRO G 102 -113.95 -26.85 27.58
CA PRO G 102 -115.42 -26.90 27.65
C PRO G 102 -116.02 -27.53 26.38
N ASP G 103 -115.88 -28.84 26.27
CA ASP G 103 -116.31 -29.59 25.10
C ASP G 103 -116.07 -31.06 25.36
N ALA G 104 -114.82 -31.39 25.72
CA ALA G 104 -114.46 -32.72 26.14
C ALA G 104 -115.17 -33.05 27.46
N VAL G 105 -115.62 -32.00 28.14
CA VAL G 105 -116.37 -32.15 29.37
C VAL G 105 -117.78 -32.69 29.08
N ALA G 106 -118.44 -32.07 28.11
CA ALA G 106 -119.79 -32.46 27.72
C ALA G 106 -119.80 -33.87 27.12
N LYS G 107 -118.64 -34.32 26.65
CA LYS G 107 -118.50 -35.65 26.08
C LYS G 107 -118.28 -36.68 27.17
N LYS G 108 -117.75 -36.23 28.31
CA LYS G 108 -117.39 -37.11 29.41
C LYS G 108 -118.52 -37.25 30.42
N VAL G 109 -119.04 -36.13 30.91
CA VAL G 109 -120.12 -36.15 31.89
C VAL G 109 -121.37 -36.80 31.29
N PRO G 110 -121.82 -37.95 31.85
CA PRO G 110 -122.96 -38.67 31.28
C PRO G 110 -124.23 -37.83 31.12
N GLU G 111 -124.52 -36.98 32.11
CA GLU G 111 -125.78 -36.22 32.11
C GLU G 111 -125.83 -35.20 30.97
N ILE G 112 -124.76 -34.43 30.82
CA ILE G 112 -124.70 -33.39 29.81
C ILE G 112 -124.80 -33.99 28.41
N ARG G 113 -124.21 -35.17 28.25
CA ARG G 113 -124.16 -35.86 26.96
C ARG G 113 -125.57 -36.15 26.43
N ALA G 114 -126.54 -36.15 27.33
CA ALA G 114 -127.93 -36.40 26.97
C ALA G 114 -128.49 -35.27 26.10
N LEU G 115 -128.08 -34.03 26.41
CA LEU G 115 -128.50 -32.87 25.63
C LEU G 115 -127.75 -32.77 24.32
N LEU G 116 -126.47 -33.17 24.36
CA LEU G 116 -125.64 -33.17 23.17
C LEU G 116 -126.08 -34.25 22.20
N GLU G 117 -126.69 -35.30 22.75
CA GLU G 117 -127.18 -36.40 21.94
C GLU G 117 -128.36 -35.95 21.07
N MET G 118 -129.21 -35.09 21.63
CA MET G 118 -130.35 -34.56 20.90
C MET G 118 -129.91 -33.62 19.79
N LYS G 119 -128.87 -32.84 20.06
CA LYS G 119 -128.36 -31.87 19.10
C LYS G 119 -127.80 -32.56 17.86
N GLU G 120 -127.58 -33.86 17.95
CA GLU G 120 -127.13 -34.64 16.80
C GLU G 120 -128.35 -35.08 15.98
N ILE G 121 -129.43 -35.41 16.68
CA ILE G 121 -130.64 -35.93 16.04
C ILE G 121 -131.66 -34.81 15.78
N LEU G 122 -131.98 -34.06 16.83
CA LEU G 122 -132.99 -33.00 16.73
C LEU G 122 -132.60 -31.93 15.71
N ALA G 123 -131.38 -31.43 15.81
CA ALA G 123 -130.92 -30.35 14.95
C ALA G 123 -130.68 -30.81 13.52
N SER G 124 -130.57 -32.12 13.33
CA SER G 124 -130.32 -32.69 12.01
C SER G 124 -131.63 -32.90 11.25
N PHE G 125 -132.71 -32.30 11.74
CA PHE G 125 -134.01 -32.39 11.07
C PHE G 125 -133.93 -31.73 9.70
N ALA G 126 -134.19 -32.52 8.67
CA ALA G 126 -134.13 -32.03 7.29
C ALA G 126 -135.37 -31.25 6.92
N LYS G 127 -135.52 -30.07 7.54
CA LYS G 127 -136.61 -29.15 7.18
C LYS G 127 -136.17 -28.24 6.04
N ASP G 128 -135.13 -28.67 5.32
CA ASP G 128 -134.64 -27.95 4.15
C ASP G 128 -134.70 -28.85 2.92
N ILE G 129 -134.70 -30.16 3.16
CA ILE G 129 -134.84 -31.14 2.10
C ILE G 129 -136.31 -31.44 1.86
N GLU G 130 -137.09 -31.40 2.93
CA GLU G 130 -138.53 -31.65 2.85
C GLU G 130 -139.28 -30.38 2.45
N ASN G 131 -138.81 -29.24 2.96
CA ASN G 131 -139.42 -27.95 2.63
C ASN G 131 -139.13 -27.58 1.19
N ASN G 132 -137.94 -27.94 0.72
CA ASN G 132 -137.57 -27.79 -0.69
C ASN G 132 -138.20 -28.91 -1.50
N ARG G 133 -139.49 -28.78 -1.78
CA ARG G 133 -140.25 -29.83 -2.45
C ARG G 133 -140.04 -29.80 -3.96
N ASN G 134 -140.29 -28.64 -4.58
CA ASN G 134 -140.22 -28.48 -6.03
C ASN G 134 -140.99 -29.58 -6.78
N LEU G 135 -142.29 -29.35 -6.95
CA LEU G 135 -143.20 -30.30 -7.62
C LEU G 135 -143.00 -31.73 -7.14
N VAL H 79 -132.58 -23.78 22.01
CA VAL H 79 -132.68 -23.44 23.42
C VAL H 79 -131.89 -24.44 24.27
N ILE H 80 -131.51 -25.55 23.67
CA ILE H 80 -130.66 -26.53 24.36
C ILE H 80 -129.26 -25.94 24.56
N ASP H 81 -128.92 -24.97 23.73
CA ASP H 81 -127.65 -24.24 23.87
C ASP H 81 -127.66 -23.42 25.15
N LYS H 82 -128.83 -22.92 25.52
CA LYS H 82 -128.98 -22.11 26.73
C LYS H 82 -128.65 -22.94 27.98
N LEU H 83 -128.98 -24.23 27.93
CA LEU H 83 -128.67 -25.14 29.02
C LEU H 83 -127.17 -25.34 29.15
N ILE H 84 -126.57 -25.87 28.08
CA ILE H 84 -125.14 -26.15 28.03
C ILE H 84 -124.31 -24.92 28.41
N ASP H 85 -124.72 -23.75 27.93
CA ASP H 85 -124.05 -22.50 28.27
C ASP H 85 -124.18 -22.17 29.74
N LEU H 86 -124.99 -22.95 30.45
CA LEU H 86 -125.15 -22.80 31.89
C LEU H 86 -124.59 -24.02 32.60
N GLN H 87 -124.80 -25.20 32.00
CA GLN H 87 -124.40 -26.45 32.64
C GLN H 87 -122.88 -26.55 32.75
N VAL H 88 -122.21 -26.52 31.61
CA VAL H 88 -120.76 -26.63 31.58
C VAL H 88 -120.13 -25.43 32.28
N ASN H 89 -120.67 -24.25 32.04
CA ASN H 89 -120.15 -23.03 32.64
C ASN H 89 -120.27 -23.02 34.17
N SER H 90 -120.92 -24.03 34.73
CA SER H 90 -121.09 -24.15 36.18
C SER H 90 -119.90 -24.88 36.82
N ILE H 91 -119.24 -25.74 36.04
CA ILE H 91 -118.14 -26.55 36.55
C ILE H 91 -116.77 -26.03 36.10
N ILE H 92 -116.75 -25.28 35.01
CA ILE H 92 -115.51 -24.63 34.55
C ILE H 92 -115.16 -23.48 35.48
N SER H 93 -116.19 -22.83 36.02
CA SER H 93 -116.02 -21.74 36.96
C SER H 93 -115.84 -22.28 38.38
N ASN H 94 -116.22 -23.53 38.58
CA ASN H 94 -116.13 -24.16 39.89
C ASN H 94 -114.67 -24.24 40.36
N ASP H 95 -114.48 -24.09 41.67
CA ASP H 95 -113.17 -24.29 42.27
C ASP H 95 -112.82 -25.77 42.15
N GLU H 96 -111.61 -26.13 42.61
CA GLU H 96 -111.13 -27.51 42.52
C GLU H 96 -110.93 -27.95 41.08
N PHE H 97 -111.96 -27.80 40.24
CA PHE H 97 -111.86 -28.19 38.84
C PHE H 97 -110.87 -27.31 38.10
N ARG H 98 -110.96 -26.00 38.33
CA ARG H 98 -110.08 -25.06 37.66
C ARG H 98 -108.76 -24.93 38.41
N ALA H 99 -108.65 -25.63 39.54
CA ALA H 99 -107.40 -25.69 40.28
C ALA H 99 -106.44 -26.65 39.60
N LEU H 100 -106.98 -27.72 39.03
CA LEU H 100 -106.18 -28.67 38.26
C LEU H 100 -105.75 -28.04 36.94
N GLU H 101 -106.63 -27.25 36.35
CA GLU H 101 -106.33 -26.53 35.12
C GLU H 101 -105.05 -25.73 35.30
N GLN H 102 -105.06 -24.84 36.28
CA GLN H 102 -103.90 -24.02 36.60
C GLN H 102 -102.68 -24.89 36.82
N GLU H 103 -102.88 -26.01 37.49
CA GLU H 103 -101.77 -26.88 37.88
C GLU H 103 -101.46 -27.93 36.80
N TRP H 104 -101.90 -27.68 35.57
CA TRP H 104 -101.55 -28.55 34.43
C TRP H 104 -101.27 -27.74 33.19
N LEU H 105 -101.94 -26.60 33.05
CA LEU H 105 -101.67 -25.70 31.95
C LEU H 105 -100.25 -25.20 32.02
N LYS H 106 -99.79 -24.91 33.23
CA LYS H 106 -98.44 -24.40 33.43
C LYS H 106 -97.43 -25.54 33.42
N VAL H 107 -97.94 -26.78 33.45
CA VAL H 107 -97.08 -27.95 33.28
C VAL H 107 -96.88 -28.21 31.80
N GLN H 108 -97.94 -27.98 31.02
CA GLN H 108 -97.86 -28.15 29.57
C GLN H 108 -96.97 -27.07 28.98
N GLU H 109 -96.96 -25.91 29.63
CA GLU H 109 -96.20 -24.77 29.15
C GLU H 109 -94.71 -25.05 29.16
N VAL H 110 -94.26 -25.83 30.13
CA VAL H 110 -92.85 -26.16 30.28
C VAL H 110 -92.43 -27.18 29.24
N CYS H 111 -93.23 -28.22 29.08
CA CYS H 111 -92.90 -29.34 28.20
C CYS H 111 -93.50 -29.14 26.81
N GLN H 112 -93.46 -27.89 26.34
CA GLN H 112 -93.98 -27.56 25.01
C GLN H 112 -92.87 -27.55 23.98
N GLU H 113 -91.68 -27.13 24.40
CA GLU H 113 -90.57 -26.96 23.48
C GLU H 113 -90.04 -28.29 22.98
N ASP H 114 -89.70 -29.18 23.91
CA ASP H 114 -89.12 -30.48 23.60
C ASP H 114 -87.82 -30.35 22.81
N TYR H 115 -86.70 -30.36 23.54
CA TYR H 115 -85.38 -30.21 22.93
C TYR H 115 -84.69 -31.54 22.71
N ASP H 116 -83.44 -31.48 22.25
CA ASP H 116 -82.71 -32.67 21.86
C ASP H 116 -82.19 -33.46 23.06
N ASN H 117 -81.80 -32.75 24.11
CA ASN H 117 -81.22 -33.39 25.28
C ASN H 117 -81.57 -32.66 26.58
N VAL H 118 -82.86 -32.51 26.83
CA VAL H 118 -83.35 -31.84 28.02
C VAL H 118 -84.60 -32.54 28.54
N GLU H 119 -84.41 -33.62 29.28
CA GLU H 119 -85.51 -34.44 29.75
C GLU H 119 -86.05 -33.91 31.07
N VAL H 120 -87.22 -33.30 31.03
CA VAL H 120 -87.88 -32.82 32.25
C VAL H 120 -88.38 -34.00 33.08
N SER H 121 -89.10 -33.70 34.15
CA SER H 121 -89.58 -34.73 35.06
C SER H 121 -90.47 -34.11 36.12
N ILE H 122 -91.43 -34.89 36.60
CA ILE H 122 -92.47 -34.38 37.49
C ILE H 122 -92.33 -34.95 38.89
N LEU H 123 -93.00 -34.31 39.84
CA LEU H 123 -93.10 -34.83 41.19
C LEU H 123 -94.26 -34.15 41.92
N ASP H 124 -95.48 -34.62 41.70
CA ASP H 124 -96.67 -33.97 42.25
C ASP H 124 -96.75 -34.10 43.77
N VAL H 125 -96.49 -32.99 44.46
CA VAL H 125 -96.53 -32.98 45.91
C VAL H 125 -97.17 -31.69 46.42
N LYS H 126 -98.03 -31.84 47.43
CA LYS H 126 -98.65 -30.70 48.07
C LYS H 126 -97.61 -29.92 48.85
N LYS H 127 -97.81 -28.61 48.92
CA LYS H 127 -96.87 -27.73 49.61
C LYS H 127 -96.75 -28.13 51.07
N GLU H 128 -97.86 -28.53 51.65
CA GLU H 128 -97.90 -28.92 53.05
C GLU H 128 -97.05 -30.16 53.32
N GLU H 129 -96.99 -31.07 52.35
CA GLU H 129 -96.23 -32.32 52.53
C GLU H 129 -94.73 -32.07 52.50
N LEU H 130 -94.34 -30.86 52.08
CA LEU H 130 -92.95 -30.42 52.11
C LEU H 130 -92.74 -29.43 53.24
N GLN H 131 -93.78 -28.68 53.56
CA GLN H 131 -93.76 -27.75 54.69
C GLN H 131 -93.42 -28.52 55.94
N TYR H 132 -94.09 -29.66 56.09
CA TYR H 132 -93.89 -30.52 57.24
C TYR H 132 -92.53 -31.18 57.18
N ASP H 133 -92.03 -31.37 55.96
CA ASP H 133 -90.78 -32.09 55.76
C ASP H 133 -89.58 -31.27 56.23
N PHE H 134 -89.38 -30.11 55.64
CA PHE H 134 -88.25 -29.26 55.99
C PHE H 134 -88.36 -28.72 57.41
N GLU H 135 -89.57 -28.35 57.82
CA GLU H 135 -89.78 -27.76 59.13
C GLU H 135 -89.50 -28.78 60.22
N ARG H 136 -89.53 -30.06 59.85
CA ARG H 136 -89.21 -31.14 60.77
C ARG H 136 -87.74 -31.53 60.71
N ASN H 137 -87.10 -31.27 59.57
CA ASN H 137 -85.72 -31.69 59.32
C ASN H 137 -84.85 -30.53 58.86
N LEU H 138 -85.11 -29.35 59.38
CA LEU H 138 -84.34 -28.18 58.98
C LEU H 138 -82.93 -28.31 59.53
N TYR H 139 -82.84 -28.88 60.73
CA TYR H 139 -81.57 -29.05 61.41
C TYR H 139 -81.08 -30.49 61.28
N ASP H 140 -81.46 -31.11 60.16
CA ASP H 140 -81.07 -32.47 59.87
C ASP H 140 -81.51 -32.79 58.45
N ILE H 141 -80.99 -32.01 57.50
CA ILE H 141 -81.49 -32.04 56.13
C ILE H 141 -81.20 -33.37 55.44
N SER H 142 -80.09 -33.99 55.79
CA SER H 142 -79.66 -35.24 55.16
C SER H 142 -80.68 -36.36 55.36
N SER H 143 -81.58 -36.17 56.33
CA SER H 143 -82.63 -37.13 56.63
C SER H 143 -83.96 -36.69 56.03
N SER H 144 -83.98 -35.54 55.38
CA SER H 144 -85.19 -35.05 54.72
C SER H 144 -85.58 -35.99 53.59
N ASP H 145 -86.86 -36.34 53.52
CA ASP H 145 -87.35 -37.28 52.53
C ASP H 145 -87.11 -36.78 51.10
N PHE H 146 -87.38 -35.50 50.88
CA PHE H 146 -87.19 -34.92 49.55
C PHE H 146 -85.72 -34.92 49.18
N PHE H 147 -84.88 -34.51 50.14
CA PHE H 147 -83.44 -34.51 49.95
C PHE H 147 -82.96 -35.90 49.54
N LYS H 148 -83.72 -36.92 49.94
CA LYS H 148 -83.39 -38.30 49.62
C LYS H 148 -84.12 -38.75 48.34
N LYS H 149 -84.40 -37.79 47.46
CA LYS H 149 -85.02 -38.07 46.18
C LYS H 149 -84.51 -37.09 45.13
N VAL H 150 -83.30 -36.60 45.34
CA VAL H 150 -82.69 -35.62 44.45
C VAL H 150 -81.19 -35.58 44.64
N TYR H 151 -80.73 -35.68 45.89
CA TYR H 151 -79.32 -35.70 46.19
C TYR H 151 -78.84 -37.15 46.26
N VAL H 152 -79.11 -37.80 47.38
CA VAL H 152 -78.78 -39.22 47.56
C VAL H 152 -79.91 -40.06 46.98
N SER H 153 -79.84 -40.28 45.67
CA SER H 153 -80.88 -41.00 44.94
C SER H 153 -80.56 -41.02 43.46
N GLU H 154 -80.10 -39.87 42.94
CA GLU H 154 -79.81 -39.73 41.53
C GLU H 154 -78.53 -38.93 41.30
N PHE H 155 -78.28 -37.93 42.13
CA PHE H 155 -77.07 -37.13 42.01
C PHE H 155 -75.89 -37.82 42.65
N ASP H 156 -76.12 -38.42 43.82
CA ASP H 156 -75.04 -39.03 44.59
C ASP H 156 -74.71 -40.38 43.99
N GLN H 157 -75.73 -41.21 43.77
CA GLN H 157 -75.52 -42.57 43.31
C GLN H 157 -74.81 -42.63 41.96
N TYR H 158 -74.20 -43.78 41.71
CA TYR H 158 -73.43 -44.02 40.49
C TYR H 158 -74.26 -43.84 39.23
N GLY H 159 -75.03 -44.87 38.88
CA GLY H 159 -75.77 -44.89 37.62
C GLY H 159 -76.87 -43.85 37.54
N GLY H 160 -77.05 -43.08 38.60
CA GLY H 160 -78.12 -42.10 38.65
C GLY H 160 -77.88 -40.89 37.76
N GLU H 161 -78.97 -40.33 37.24
CA GLU H 161 -78.91 -39.12 36.44
C GLU H 161 -79.29 -37.91 37.31
N PRO H 162 -78.34 -36.99 37.54
CA PRO H 162 -78.60 -35.87 38.45
C PRO H 162 -79.62 -34.87 37.91
N TYR H 163 -80.25 -34.13 38.80
CA TYR H 163 -81.21 -33.11 38.42
C TYR H 163 -80.50 -31.80 38.17
N GLY H 164 -81.20 -30.83 37.60
CA GLY H 164 -80.64 -29.52 37.31
C GLY H 164 -81.74 -28.47 37.30
N ALA H 165 -81.62 -27.50 38.18
CA ALA H 165 -82.57 -26.40 38.28
C ALA H 165 -84.00 -26.91 38.54
N ILE H 166 -84.31 -27.07 39.82
CA ILE H 166 -85.68 -27.40 40.24
C ILE H 166 -86.60 -26.22 39.94
N LEU H 167 -87.90 -26.49 39.83
CA LEU H 167 -88.88 -25.46 39.53
C LEU H 167 -90.05 -25.52 40.51
N GLY H 168 -90.08 -24.60 41.46
CA GLY H 168 -91.18 -24.52 42.41
C GLY H 168 -92.37 -23.84 41.79
N LEU H 169 -93.46 -24.60 41.61
CA LEU H 169 -94.66 -24.07 41.00
C LEU H 169 -95.52 -23.31 42.00
N TYR H 170 -95.02 -23.15 43.23
CA TYR H 170 -95.77 -22.48 44.28
C TYR H 170 -95.54 -20.97 44.31
N ASN H 171 -96.34 -20.29 45.13
CA ASN H 171 -96.18 -18.86 45.39
C ASN H 171 -95.86 -18.62 46.87
N PHE H 172 -94.72 -18.00 47.13
CA PHE H 172 -94.24 -17.82 48.50
C PHE H 172 -94.46 -16.42 49.01
N GLU H 173 -95.07 -16.32 50.19
CA GLU H 173 -95.37 -15.04 50.82
C GLU H 173 -94.23 -14.61 51.73
N ASN H 174 -94.50 -13.61 52.57
CA ASN H 174 -93.53 -13.13 53.55
C ASN H 174 -93.69 -13.85 54.88
N THR H 175 -94.50 -14.91 54.90
CA THR H 175 -94.75 -15.64 56.13
C THR H 175 -93.46 -16.19 56.70
N THR H 176 -93.47 -16.45 58.01
CA THR H 176 -92.32 -17.05 58.68
C THR H 176 -92.36 -18.58 58.59
N ASN H 177 -93.32 -19.11 57.84
CA ASN H 177 -93.39 -20.54 57.56
C ASN H 177 -92.84 -20.81 56.16
N ASP H 178 -93.36 -20.09 55.17
CA ASP H 178 -92.93 -20.24 53.79
C ASP H 178 -91.47 -19.81 53.60
N ILE H 179 -90.94 -19.13 54.61
CA ILE H 179 -89.56 -18.67 54.59
C ILE H 179 -88.65 -19.85 54.87
N ILE H 180 -89.15 -20.80 55.64
CA ILE H 180 -88.41 -22.01 55.97
C ILE H 180 -88.42 -22.95 54.78
N TRP H 181 -89.55 -22.96 54.07
CA TRP H 181 -89.73 -23.78 52.88
C TRP H 181 -88.61 -23.53 51.88
N LEU H 182 -88.23 -22.26 51.73
CA LEU H 182 -87.14 -21.86 50.85
C LEU H 182 -85.81 -22.19 51.48
N THR H 183 -85.75 -22.03 52.80
CA THR H 183 -84.53 -22.27 53.55
C THR H 183 -84.15 -23.74 53.46
N GLY H 184 -85.17 -24.59 53.36
CA GLY H 184 -84.95 -26.02 53.26
C GLY H 184 -84.64 -26.44 51.84
N MET H 185 -85.48 -26.02 50.90
CA MET H 185 -85.30 -26.36 49.48
C MET H 185 -83.96 -25.84 48.98
N GLY H 186 -83.54 -24.71 49.51
CA GLY H 186 -82.26 -24.14 49.16
C GLY H 186 -81.13 -24.92 49.81
N MET H 187 -81.41 -25.49 50.98
CA MET H 187 -80.44 -26.33 51.68
C MET H 187 -80.11 -27.56 50.83
N VAL H 188 -81.10 -28.00 50.07
CA VAL H 188 -80.96 -29.12 49.15
C VAL H 188 -80.26 -28.68 47.87
N ALA H 189 -80.86 -27.69 47.20
CA ALA H 189 -80.35 -27.13 45.95
C ALA H 189 -78.87 -26.80 46.06
N LYS H 190 -78.52 -26.17 47.19
CA LYS H 190 -77.14 -25.79 47.46
C LYS H 190 -76.20 -26.98 47.34
N ASN H 191 -76.63 -28.12 47.85
CA ASN H 191 -75.80 -29.32 47.86
C ASN H 191 -75.96 -30.13 46.59
N SER H 192 -77.21 -30.34 46.18
CA SER H 192 -77.49 -31.10 44.97
C SER H 192 -77.07 -30.32 43.73
N HIS H 193 -76.79 -29.03 43.92
CA HIS H 193 -76.40 -28.13 42.83
C HIS H 193 -77.49 -28.04 41.78
N ALA H 194 -78.56 -27.34 42.13
CA ALA H 194 -79.75 -27.26 41.30
C ALA H 194 -80.58 -26.05 41.68
N PRO H 195 -80.24 -24.88 41.11
CA PRO H 195 -80.90 -23.59 41.41
C PRO H 195 -82.41 -23.70 41.47
N PHE H 196 -82.99 -23.50 42.65
CA PHE H 196 -84.42 -23.66 42.83
C PHE H 196 -85.17 -22.37 42.47
N ILE H 197 -85.84 -22.38 41.33
CA ILE H 197 -86.58 -21.22 40.83
C ILE H 197 -88.03 -21.31 41.28
N ALA H 198 -88.59 -20.18 41.70
CA ALA H 198 -89.98 -20.14 42.15
C ALA H 198 -90.61 -18.77 41.89
N SER H 199 -91.79 -18.55 42.46
CA SER H 199 -92.49 -17.28 42.30
C SER H 199 -92.97 -16.77 43.65
N ILE H 200 -93.20 -15.47 43.74
CA ILE H 200 -93.69 -14.85 44.97
C ILE H 200 -95.06 -14.22 44.79
N ASP H 201 -95.92 -14.44 45.78
CA ASP H 201 -97.30 -13.96 45.75
C ASP H 201 -97.33 -12.45 45.90
N LYS H 202 -98.46 -11.86 45.50
CA LYS H 202 -98.66 -10.43 45.65
C LYS H 202 -98.78 -10.04 47.13
N SER H 203 -98.92 -11.05 48.00
CA SER H 203 -99.02 -10.82 49.44
C SER H 203 -97.68 -10.42 50.04
N PHE H 204 -96.63 -10.50 49.23
CA PHE H 204 -95.29 -10.16 49.68
C PHE H 204 -95.18 -8.67 49.97
N PHE H 205 -95.55 -7.87 48.97
CA PHE H 205 -95.44 -6.42 49.06
C PHE H 205 -96.57 -5.82 49.90
N GLY H 206 -97.37 -6.69 50.51
CA GLY H 206 -98.45 -6.25 51.36
C GLY H 206 -99.54 -5.54 50.57
N VAL H 207 -99.89 -6.10 49.41
CA VAL H 207 -100.93 -5.53 48.55
C VAL H 207 -101.80 -6.63 47.96
N LYS H 208 -103.10 -6.36 47.86
CA LYS H 208 -104.08 -7.36 47.47
C LYS H 208 -104.27 -7.48 45.96
N ASP H 209 -103.61 -6.59 45.22
CA ASP H 209 -103.65 -6.63 43.77
C ASP H 209 -102.25 -6.36 43.23
N LEU H 210 -101.69 -7.30 42.49
CA LEU H 210 -100.30 -7.21 42.08
C LEU H 210 -100.08 -6.02 41.18
N SER H 211 -101.12 -5.63 40.44
CA SER H 211 -101.04 -4.48 39.56
C SER H 211 -100.73 -3.20 40.33
N GLU H 212 -101.01 -3.20 41.63
CA GLU H 212 -100.87 -2.01 42.46
C GLU H 212 -99.48 -1.93 43.09
N ILE H 213 -98.56 -2.74 42.58
CA ILE H 213 -97.17 -2.69 43.00
C ILE H 213 -96.49 -1.55 42.28
N THR H 214 -97.05 -1.16 41.13
CA THR H 214 -96.52 -0.05 40.36
C THR H 214 -96.55 1.26 41.16
N HIS H 215 -97.46 1.35 42.12
CA HIS H 215 -97.61 2.56 42.92
C HIS H 215 -96.45 2.78 43.88
N ILE H 216 -95.81 1.68 44.30
CA ILE H 216 -94.67 1.77 45.20
C ILE H 216 -93.50 2.42 44.46
N LYS H 217 -92.90 3.41 45.10
CA LYS H 217 -91.83 4.15 44.46
C LYS H 217 -90.58 3.28 44.31
N SER H 218 -89.99 2.92 45.45
CA SER H 218 -88.77 2.12 45.45
C SER H 218 -88.86 1.02 46.49
N PHE H 219 -88.74 -0.22 46.03
CA PHE H 219 -88.81 -1.37 46.92
C PHE H 219 -87.58 -1.44 47.79
N GLU H 220 -86.55 -0.70 47.41
CA GLU H 220 -85.32 -0.65 48.20
C GLU H 220 -85.63 -0.06 49.57
N ALA H 221 -86.43 1.01 49.59
CA ALA H 221 -86.81 1.65 50.84
C ALA H 221 -87.90 0.84 51.55
N LEU H 222 -88.55 -0.05 50.81
CA LEU H 222 -89.63 -0.86 51.36
C LEU H 222 -89.07 -1.88 52.33
N LEU H 223 -88.04 -2.60 51.90
CA LEU H 223 -87.44 -3.67 52.68
C LEU H 223 -86.80 -3.18 53.97
N GLU H 224 -86.64 -1.87 54.10
CA GLU H 224 -86.12 -1.29 55.33
C GLU H 224 -87.18 -1.33 56.42
N HIS H 225 -88.44 -1.43 56.00
CA HIS H 225 -89.58 -1.58 56.91
C HIS H 225 -89.42 -2.85 57.77
N PRO H 226 -89.70 -2.76 59.08
CA PRO H 226 -89.44 -3.88 60.01
C PRO H 226 -90.34 -5.09 59.80
N ARG H 227 -91.20 -5.02 58.80
CA ARG H 227 -92.10 -6.11 58.48
C ARG H 227 -91.34 -7.21 57.74
N TYR H 228 -90.20 -6.84 57.15
CA TYR H 228 -89.39 -7.75 56.35
C TYR H 228 -88.13 -8.19 57.08
N LYS H 229 -88.14 -8.05 58.40
CA LYS H 229 -86.96 -8.39 59.20
C LYS H 229 -86.57 -9.85 58.99
N GLU H 230 -87.56 -10.73 59.09
CA GLU H 230 -87.31 -12.15 58.92
C GLU H 230 -86.75 -12.44 57.54
N TRP H 231 -87.22 -11.68 56.55
CA TRP H 231 -86.84 -11.91 55.16
C TRP H 231 -85.40 -11.46 54.91
N ASN H 232 -85.04 -10.31 55.46
CA ASN H 232 -83.69 -9.79 55.30
C ASN H 232 -82.65 -10.72 55.90
N ASP H 233 -83.06 -11.52 56.89
CA ASP H 233 -82.15 -12.47 57.51
C ASP H 233 -81.90 -13.63 56.56
N PHE H 234 -82.95 -14.03 55.85
CA PHE H 234 -82.87 -15.13 54.90
C PHE H 234 -82.01 -14.79 53.68
N ARG H 235 -82.04 -13.52 53.30
CA ARG H 235 -81.28 -13.06 52.13
C ARG H 235 -79.79 -13.12 52.43
N ASN H 236 -79.44 -13.20 53.71
CA ASN H 236 -78.05 -13.24 54.12
C ASN H 236 -77.50 -14.66 54.16
N LEU H 237 -78.39 -15.64 54.20
CA LEU H 237 -77.97 -17.05 54.19
C LEU H 237 -77.28 -17.42 52.88
N ASP H 238 -76.41 -18.41 52.94
CA ASP H 238 -75.68 -18.85 51.76
C ASP H 238 -76.59 -19.56 50.78
N VAL H 239 -77.56 -20.29 51.32
CA VAL H 239 -78.46 -21.09 50.51
C VAL H 239 -79.30 -20.23 49.58
N ALA H 240 -79.48 -18.97 49.95
CA ALA H 240 -80.32 -18.05 49.19
C ALA H 240 -79.69 -17.70 47.84
N ALA H 241 -78.43 -18.08 47.65
CA ALA H 241 -77.73 -17.81 46.41
C ALA H 241 -78.13 -18.81 45.32
N TYR H 242 -79.13 -19.64 45.62
CA TYR H 242 -79.63 -20.64 44.69
C TYR H 242 -81.12 -20.47 44.45
N ILE H 243 -81.77 -19.74 45.33
CA ILE H 243 -83.18 -19.40 45.14
C ILE H 243 -83.25 -18.25 44.14
N GLY H 244 -84.25 -18.28 43.27
CA GLY H 244 -84.46 -17.23 42.29
C GLY H 244 -85.94 -16.99 42.10
N LEU H 245 -86.46 -15.98 42.79
CA LEU H 245 -87.91 -15.76 42.83
C LEU H 245 -88.37 -14.79 41.75
N THR H 246 -89.48 -15.13 41.10
CA THR H 246 -90.00 -14.34 39.98
C THR H 246 -91.25 -13.54 40.36
N VAL H 247 -91.42 -12.38 39.73
CA VAL H 247 -92.57 -11.53 39.95
C VAL H 247 -93.37 -11.37 38.66
N GLY H 248 -94.68 -11.36 38.79
CA GLY H 248 -95.57 -11.27 37.63
C GLY H 248 -96.00 -12.66 37.20
N ASP H 249 -97.23 -12.74 36.69
CA ASP H 249 -97.81 -14.01 36.27
C ASP H 249 -98.40 -13.85 34.88
N PHE H 250 -98.02 -14.73 33.97
CA PHE H 250 -98.49 -14.64 32.60
C PHE H 250 -99.83 -15.33 32.47
N MET H 251 -100.68 -14.78 31.61
CA MET H 251 -101.98 -15.38 31.35
C MET H 251 -101.78 -16.63 30.51
N LEU H 252 -102.24 -17.77 31.02
CA LEU H 252 -101.97 -19.06 30.40
C LEU H 252 -103.14 -19.62 29.64
N ARG H 253 -104.31 -19.02 29.82
CA ARG H 253 -105.49 -19.41 29.06
C ARG H 253 -106.36 -18.23 28.76
N GLN H 254 -106.80 -18.15 27.51
CA GLN H 254 -107.77 -17.15 27.12
C GLN H 254 -109.17 -17.66 27.42
N PRO H 255 -109.99 -16.84 28.11
CA PRO H 255 -111.36 -17.27 28.41
C PRO H 255 -112.16 -17.53 27.14
N TYR H 256 -113.29 -18.22 27.26
CA TYR H 256 -113.99 -18.75 26.07
C TYR H 256 -115.09 -17.83 25.55
N ASN H 257 -114.84 -17.28 24.37
CA ASN H 257 -115.85 -16.51 23.63
C ASN H 257 -116.10 -17.19 22.29
N PRO H 258 -117.23 -16.87 21.65
CA PRO H 258 -117.51 -17.48 20.35
C PRO H 258 -116.67 -16.83 19.25
N GLU H 259 -116.55 -15.51 19.29
CA GLU H 259 -115.77 -14.77 18.30
C GLU H 259 -114.29 -14.78 18.63
N ASN H 260 -113.98 -15.07 19.89
CA ASN H 260 -112.58 -15.15 20.36
C ASN H 260 -112.34 -16.43 21.13
N ASN H 261 -111.40 -17.23 20.65
CA ASN H 261 -111.05 -18.50 21.29
C ASN H 261 -112.28 -19.39 21.45
N PRO H 262 -112.89 -19.79 20.33
CA PRO H 262 -114.08 -20.65 20.35
C PRO H 262 -113.74 -22.08 20.71
N VAL H 263 -114.54 -22.68 21.60
CA VAL H 263 -114.33 -24.07 21.97
C VAL H 263 -114.49 -24.95 20.75
N GLN H 264 -113.48 -25.76 20.48
CA GLN H 264 -113.50 -26.63 19.33
C GLN H 264 -114.56 -27.70 19.53
N TYR H 265 -115.74 -27.46 18.96
CA TYR H 265 -116.87 -28.37 19.11
C TYR H 265 -116.61 -29.66 18.33
N LYS H 266 -117.63 -30.52 18.30
CA LYS H 266 -117.53 -31.80 17.60
C LYS H 266 -118.06 -31.69 16.17
N LEU H 267 -117.95 -32.78 15.41
CA LEU H 267 -118.28 -32.77 13.98
C LEU H 267 -119.78 -32.67 13.69
N MET H 268 -120.59 -32.57 14.75
CA MET H 268 -122.03 -32.42 14.59
C MET H 268 -122.67 -31.72 15.79
N GLU H 269 -122.13 -31.96 16.97
CA GLU H 269 -122.64 -31.34 18.19
C GLU H 269 -122.23 -29.87 18.26
N GLY H 270 -123.13 -28.99 17.81
CA GLY H 270 -122.88 -27.57 17.83
C GLY H 270 -122.54 -27.08 19.22
N PHE H 271 -121.32 -26.61 19.39
CA PHE H 271 -120.83 -26.19 20.70
C PHE H 271 -120.03 -24.90 20.64
N ASN H 272 -119.54 -24.55 19.45
CA ASN H 272 -118.68 -23.38 19.29
C ASN H 272 -119.33 -22.10 19.80
N GLU H 273 -120.65 -22.03 19.72
CA GLU H 273 -121.40 -20.94 20.33
C GLU H 273 -121.47 -21.17 21.84
N PHE H 274 -120.47 -20.69 22.55
CA PHE H 274 -120.33 -20.98 23.97
C PHE H 274 -119.46 -19.92 24.64
N VAL H 275 -120.04 -19.22 25.61
CA VAL H 275 -119.35 -18.12 26.28
C VAL H 275 -118.87 -18.51 27.68
N ASP H 276 -118.10 -17.63 28.29
CA ASP H 276 -117.66 -17.79 29.67
C ASP H 276 -118.09 -16.54 30.45
N TYR H 277 -117.55 -16.33 31.65
CA TYR H 277 -117.98 -15.22 32.50
C TYR H 277 -116.84 -14.60 33.31
N ASP H 278 -116.25 -13.53 32.78
CA ASP H 278 -115.18 -12.83 33.47
C ASP H 278 -115.17 -11.37 33.02
N LYS H 279 -114.42 -10.52 33.74
CA LYS H 279 -114.37 -9.09 33.40
C LYS H 279 -113.03 -8.43 33.77
N ASN H 280 -112.86 -8.11 35.05
CA ASN H 280 -111.72 -7.31 35.49
C ASN H 280 -110.40 -8.08 35.48
N GLU H 281 -110.12 -8.83 36.54
CA GLU H 281 -108.87 -9.57 36.66
C GLU H 281 -109.04 -10.77 37.58
N SER H 282 -109.54 -11.87 37.00
CA SER H 282 -109.68 -13.13 37.73
C SER H 282 -110.09 -14.24 36.76
N TYR H 283 -109.17 -14.60 35.87
CA TYR H 283 -109.40 -15.71 34.96
C TYR H 283 -108.09 -16.44 34.62
N LEU H 284 -107.61 -17.19 35.60
CA LEU H 284 -106.47 -18.11 35.44
C LEU H 284 -105.15 -17.41 35.19
N TRP H 285 -104.16 -17.76 36.00
CA TRP H 285 -102.83 -17.21 35.87
C TRP H 285 -101.79 -18.31 36.08
N GLY H 286 -100.54 -18.00 35.73
CA GLY H 286 -99.45 -18.92 35.94
C GLY H 286 -98.17 -18.16 36.22
N PRO H 287 -97.30 -18.69 37.09
CA PRO H 287 -96.11 -17.98 37.54
C PRO H 287 -95.02 -17.85 36.45
N ALA H 288 -94.35 -16.70 36.43
CA ALA H 288 -93.35 -16.39 35.42
C ALA H 288 -92.19 -17.36 35.47
N SER H 289 -92.06 -18.04 36.59
CA SER H 289 -90.97 -18.98 36.80
C SER H 289 -90.92 -20.02 35.67
N ILE H 290 -92.07 -20.32 35.10
CA ILE H 290 -92.12 -21.33 34.04
C ILE H 290 -91.27 -20.88 32.86
N HIS H 291 -91.57 -19.71 32.33
CA HIS H 291 -90.85 -19.19 31.17
C HIS H 291 -89.38 -18.99 31.52
N LEU H 292 -89.12 -18.73 32.79
CA LEU H 292 -87.75 -18.55 33.21
C LEU H 292 -86.99 -19.85 33.03
N VAL H 293 -87.55 -20.94 33.54
CA VAL H 293 -86.92 -22.25 33.40
C VAL H 293 -87.01 -22.71 31.95
N LYS H 294 -88.12 -22.40 31.31
CA LYS H 294 -88.33 -22.80 29.92
C LYS H 294 -87.39 -22.04 28.97
N ASN H 295 -86.65 -21.09 29.53
CA ASN H 295 -85.59 -20.41 28.79
C ASN H 295 -84.22 -21.00 29.11
N MET H 296 -84.07 -21.49 30.34
CA MET H 296 -82.84 -22.18 30.72
C MET H 296 -82.71 -23.45 29.89
N MET H 297 -83.84 -24.09 29.60
CA MET H 297 -83.83 -25.25 28.73
C MET H 297 -83.39 -24.81 27.34
N ARG H 298 -84.01 -23.73 26.86
CA ARG H 298 -83.64 -23.16 25.56
C ARG H 298 -82.18 -22.78 25.55
N SER H 299 -81.73 -22.18 26.64
CA SER H 299 -80.33 -21.83 26.81
C SER H 299 -79.52 -23.05 27.18
N TYR H 300 -79.67 -24.11 26.39
CA TYR H 300 -78.94 -25.32 26.65
C TYR H 300 -78.94 -26.18 25.40
N ASP H 301 -80.09 -26.25 24.75
CA ASP H 301 -80.19 -26.97 23.49
C ASP H 301 -79.48 -26.18 22.41
N LYS H 302 -79.62 -24.86 22.45
CA LYS H 302 -78.99 -23.98 21.47
C LYS H 302 -77.53 -23.76 21.84
N THR H 303 -77.30 -23.00 22.89
CA THR H 303 -75.95 -22.85 23.43
C THR H 303 -75.63 -24.12 24.23
N ARG H 304 -74.97 -23.96 25.37
CA ARG H 304 -74.71 -25.10 26.25
C ARG H 304 -74.72 -24.69 27.72
N TRP H 305 -74.43 -23.41 27.97
CA TRP H 305 -74.45 -22.85 29.32
C TRP H 305 -75.58 -21.84 29.46
N PHE H 306 -75.58 -21.11 30.58
CA PHE H 306 -76.73 -20.28 30.94
C PHE H 306 -76.43 -18.78 30.92
N GLN H 307 -75.84 -18.31 29.84
CA GLN H 307 -75.68 -16.88 29.62
C GLN H 307 -76.87 -16.36 28.83
N TYR H 308 -77.56 -17.29 28.18
CA TYR H 308 -78.59 -16.96 27.20
C TYR H 308 -79.98 -16.88 27.83
N ILE H 309 -80.07 -16.28 29.01
CA ILE H 309 -81.36 -16.18 29.72
C ILE H 309 -81.62 -14.78 30.24
N ARG H 310 -80.95 -13.80 29.65
CA ARG H 310 -81.07 -12.41 30.10
C ARG H 310 -81.12 -11.46 28.91
N GLY H 311 -81.87 -10.37 29.08
CA GLY H 311 -81.89 -9.32 28.09
C GLY H 311 -82.76 -9.69 26.90
N VAL H 312 -82.96 -8.73 26.01
CA VAL H 312 -83.76 -8.92 24.82
C VAL H 312 -82.95 -9.63 23.74
N GLU H 313 -81.87 -8.98 23.34
CA GLU H 313 -81.07 -9.44 22.22
C GLU H 313 -80.45 -10.80 22.54
N SER H 314 -80.08 -11.00 23.79
CA SER H 314 -79.46 -12.25 24.23
C SER H 314 -80.51 -13.30 24.61
N GLY H 315 -80.79 -13.43 25.90
CA GLY H 315 -81.64 -14.49 26.40
C GLY H 315 -83.12 -14.17 26.41
N GLY H 316 -83.65 -13.99 27.61
CA GLY H 316 -85.08 -13.94 27.83
C GLY H 316 -85.84 -12.96 26.95
N TYR H 317 -86.58 -13.50 25.99
CA TYR H 317 -87.43 -12.69 25.13
C TYR H 317 -88.87 -13.20 25.21
N VAL H 318 -89.02 -14.52 25.26
CA VAL H 318 -90.34 -15.15 25.41
C VAL H 318 -91.33 -14.64 24.37
N LYS H 319 -91.24 -15.21 23.17
CA LYS H 319 -92.04 -14.75 22.05
C LYS H 319 -93.43 -15.36 22.07
N ASN H 320 -94.43 -14.55 21.70
CA ASN H 320 -95.79 -15.04 21.48
C ASN H 320 -96.45 -15.57 22.76
N LEU H 321 -97.07 -14.67 23.52
CA LEU H 321 -97.78 -15.06 24.74
C LEU H 321 -99.29 -15.03 24.55
N VAL H 322 -100.00 -15.70 25.45
CA VAL H 322 -101.45 -15.81 25.34
C VAL H 322 -102.11 -14.55 25.91
N ALA H 323 -102.30 -13.56 25.06
CA ALA H 323 -102.97 -12.33 25.45
C ALA H 323 -104.47 -12.57 25.61
N CYS H 324 -105.24 -11.49 25.60
CA CYS H 324 -106.69 -11.59 25.67
C CYS H 324 -107.34 -10.34 25.12
N VAL H 325 -108.48 -10.53 24.47
CA VAL H 325 -109.24 -9.42 23.89
C VAL H 325 -110.71 -9.56 24.29
N TYR H 326 -111.40 -8.43 24.41
CA TYR H 326 -112.79 -8.45 24.83
C TYR H 326 -113.54 -7.22 24.35
N ASP H 327 -114.80 -7.42 24.00
CA ASP H 327 -115.67 -6.36 23.51
C ASP H 327 -116.72 -6.01 24.57
N ASN H 328 -116.39 -5.04 25.43
CA ASN H 328 -117.34 -4.60 26.45
C ASN H 328 -118.34 -3.61 25.85
N LYS H 329 -117.82 -2.57 25.21
CA LYS H 329 -118.64 -1.56 24.56
C LYS H 329 -117.89 -0.92 23.40
N GLY H 330 -116.57 -0.81 23.54
CA GLY H 330 -115.72 -0.28 22.49
C GLY H 330 -115.56 -1.25 21.34
N ILE H 331 -114.33 -1.44 20.89
CA ILE H 331 -114.03 -2.31 19.77
C ILE H 331 -112.84 -3.22 20.08
N LEU H 332 -113.11 -4.31 20.81
CA LEU H 332 -112.08 -5.29 21.14
C LEU H 332 -110.84 -4.65 21.76
N GLU H 333 -110.98 -4.22 23.01
CA GLU H 333 -109.88 -3.61 23.74
C GLU H 333 -108.96 -4.71 24.28
N THR H 334 -107.75 -4.79 23.73
CA THR H 334 -106.82 -5.87 24.08
C THR H 334 -106.42 -5.81 25.56
N LYS H 335 -106.02 -6.97 26.09
CA LYS H 335 -105.61 -7.09 27.48
C LYS H 335 -104.19 -7.64 27.52
N SER H 336 -103.28 -6.90 28.13
CA SER H 336 -101.86 -7.27 28.16
C SER H 336 -101.68 -8.66 28.79
N PRO H 337 -100.81 -9.48 28.20
CA PRO H 337 -100.65 -10.88 28.63
C PRO H 337 -100.12 -10.99 30.05
N LEU H 338 -99.40 -9.97 30.50
CA LEU H 338 -98.75 -10.01 31.80
C LEU H 338 -99.64 -9.42 32.89
N ASN H 339 -99.43 -9.91 34.10
CA ASN H 339 -100.18 -9.47 35.27
C ASN H 339 -99.95 -7.98 35.51
N VAL H 340 -98.70 -7.57 35.40
CA VAL H 340 -98.29 -6.21 35.75
C VAL H 340 -97.34 -5.62 34.71
N LEU H 341 -97.55 -4.35 34.40
CA LEU H 341 -96.78 -3.65 33.38
C LEU H 341 -95.64 -2.88 34.03
N PHE H 342 -94.59 -3.60 34.40
CA PHE H 342 -93.43 -2.97 35.03
C PHE H 342 -92.83 -1.89 34.16
N ALA H 343 -92.49 -0.78 34.80
CA ALA H 343 -91.77 0.29 34.12
C ALA H 343 -90.28 -0.02 34.11
N ASP H 344 -89.46 0.96 33.78
CA ASP H 344 -88.03 0.73 33.62
C ASP H 344 -87.34 0.59 34.96
N TYR H 345 -87.53 1.56 35.85
CA TYR H 345 -86.83 1.56 37.13
C TYR H 345 -87.41 0.50 38.06
N MET H 346 -88.54 -0.10 37.66
CA MET H 346 -89.08 -1.24 38.38
C MET H 346 -88.22 -2.47 38.10
N GLU H 347 -87.77 -2.60 36.84
CA GLU H 347 -86.92 -3.71 36.42
C GLU H 347 -85.69 -3.79 37.30
N LEU H 348 -85.20 -2.62 37.70
CA LEU H 348 -83.98 -2.51 38.46
C LEU H 348 -84.27 -2.55 39.95
N SER H 349 -85.24 -1.73 40.37
CA SER H 349 -85.56 -1.60 41.79
C SER H 349 -86.09 -2.91 42.37
N LEU H 350 -86.29 -3.91 41.53
CA LEU H 350 -86.61 -5.25 41.99
C LEU H 350 -85.35 -6.11 42.08
N ALA H 351 -84.44 -5.90 41.14
CA ALA H 351 -83.22 -6.70 41.07
C ALA H 351 -82.41 -6.57 42.36
N ASN H 352 -82.59 -5.46 43.05
CA ASN H 352 -81.86 -5.19 44.28
C ASN H 352 -82.49 -5.92 45.48
N ILE H 353 -83.78 -6.19 45.38
CA ILE H 353 -84.50 -6.88 46.43
C ILE H 353 -84.22 -8.39 46.36
N GLY H 354 -83.76 -8.83 45.19
CA GLY H 354 -83.44 -10.23 44.98
C GLY H 354 -84.61 -10.92 44.32
N LEU H 355 -85.23 -10.23 43.38
CA LEU H 355 -86.40 -10.74 42.67
C LEU H 355 -86.17 -10.71 41.17
N ILE H 356 -86.92 -11.55 40.47
CA ILE H 356 -86.81 -11.64 39.02
C ILE H 356 -88.10 -11.13 38.38
N PRO H 357 -88.08 -9.88 37.91
CA PRO H 357 -89.28 -9.31 37.27
C PRO H 357 -89.49 -9.83 35.84
N PHE H 358 -90.73 -10.15 35.51
CA PHE H 358 -91.08 -10.63 34.18
C PHE H 358 -91.78 -9.51 33.40
N VAL H 359 -90.99 -8.52 33.00
CA VAL H 359 -91.53 -7.29 32.43
C VAL H 359 -92.04 -7.46 31.01
N SER H 360 -93.08 -6.71 30.68
CA SER H 360 -93.74 -6.84 29.39
C SER H 360 -93.49 -5.62 28.52
N GLU H 361 -93.52 -5.82 27.21
CA GLU H 361 -93.48 -4.70 26.27
C GLU H 361 -94.92 -4.35 25.94
N LYS H 362 -95.31 -3.11 26.24
CA LYS H 362 -96.69 -2.68 26.13
C LYS H 362 -97.26 -2.88 24.73
N GLY H 363 -98.29 -3.71 24.62
CA GLY H 363 -98.96 -3.97 23.36
C GLY H 363 -98.32 -5.07 22.54
N THR H 364 -96.99 -5.17 22.61
CA THR H 364 -96.23 -6.12 21.80
C THR H 364 -96.62 -7.57 22.09
N SER H 365 -97.34 -7.78 23.19
CA SER H 365 -97.77 -9.12 23.60
C SER H 365 -96.57 -10.03 23.83
N ASN H 366 -95.49 -9.46 24.38
CA ASN H 366 -94.26 -10.19 24.68
C ASN H 366 -93.66 -9.78 26.02
N ALA H 367 -92.52 -10.35 26.34
CA ALA H 367 -91.86 -10.10 27.62
C ALA H 367 -90.35 -10.13 27.47
N CYS H 368 -89.64 -10.25 28.60
CA CYS H 368 -88.19 -10.43 28.63
C CYS H 368 -87.71 -10.35 30.08
N PHE H 369 -86.69 -11.15 30.39
CA PHE H 369 -86.06 -11.08 31.71
C PHE H 369 -84.81 -10.22 31.64
N PHE H 370 -84.88 -9.02 32.19
CA PHE H 370 -83.71 -8.15 32.25
C PHE H 370 -82.81 -8.57 33.39
N SER H 371 -83.41 -8.83 34.54
CA SER H 371 -82.67 -9.22 35.72
C SER H 371 -82.88 -10.69 36.00
N VAL H 372 -81.81 -11.35 36.40
CA VAL H 372 -81.88 -12.74 36.85
C VAL H 372 -81.02 -12.86 38.09
N ASN H 373 -81.48 -12.26 39.17
CA ASN H 373 -80.75 -12.27 40.42
C ASN H 373 -81.38 -13.22 41.43
N SER H 374 -80.52 -13.80 42.25
CA SER H 374 -80.95 -14.64 43.35
C SER H 374 -81.44 -13.76 44.48
N ALA H 375 -81.86 -14.39 45.57
CA ALA H 375 -82.34 -13.66 46.72
C ALA H 375 -81.18 -13.27 47.63
N LYS H 376 -79.96 -13.53 47.19
CA LYS H 376 -78.78 -13.23 48.00
C LYS H 376 -78.58 -11.71 48.09
N LYS H 377 -78.21 -11.23 49.27
CA LYS H 377 -77.97 -9.81 49.49
C LYS H 377 -76.78 -9.37 48.66
N VAL H 378 -76.85 -8.16 48.12
CA VAL H 378 -75.82 -7.65 47.23
C VAL H 378 -74.68 -6.95 47.98
N GLU H 379 -74.98 -6.50 49.19
CA GLU H 379 -74.02 -5.76 50.01
C GLU H 379 -73.51 -4.53 49.27
N GLU H 380 -72.36 -4.00 49.68
CA GLU H 380 -71.79 -2.83 49.01
C GLU H 380 -70.28 -2.78 49.18
N PHE H 381 -69.83 -2.69 50.43
CA PHE H 381 -68.41 -2.74 50.78
C PHE H 381 -67.62 -1.54 50.27
N VAL H 382 -66.46 -1.32 50.88
CA VAL H 382 -65.59 -0.21 50.51
C VAL H 382 -64.60 -0.65 49.45
N ASP H 383 -63.91 -1.75 49.71
CA ASP H 383 -62.96 -2.28 48.75
C ASP H 383 -63.69 -2.66 47.46
N GLY H 384 -63.21 -2.15 46.34
CA GLY H 384 -63.88 -2.33 45.05
C GLY H 384 -64.03 -3.78 44.65
N PHE H 385 -62.98 -4.58 44.86
CA PHE H 385 -63.03 -5.99 44.52
C PHE H 385 -64.14 -6.71 45.27
N ASP H 386 -64.18 -6.52 46.58
CA ASP H 386 -65.18 -7.16 47.43
C ASP H 386 -66.58 -6.77 46.97
N SER H 387 -66.74 -5.52 46.55
CA SER H 387 -68.03 -5.01 46.12
C SER H 387 -68.49 -5.71 44.85
N ALA H 388 -67.52 -6.09 44.01
CA ALA H 388 -67.81 -6.73 42.73
C ALA H 388 -68.11 -8.20 42.93
N ASN H 389 -67.45 -8.82 43.90
CA ASN H 389 -67.70 -10.21 44.26
C ASN H 389 -69.18 -10.44 44.53
N SER H 390 -69.72 -9.63 45.44
CA SER H 390 -71.09 -9.79 45.89
C SER H 390 -72.10 -9.50 44.78
N ARG H 391 -71.64 -8.81 43.75
CA ARG H 391 -72.52 -8.45 42.63
C ARG H 391 -72.67 -9.62 41.67
N LEU H 392 -71.65 -10.46 41.62
CA LEU H 392 -71.63 -11.60 40.71
C LEU H 392 -72.22 -12.83 41.38
N ILE H 393 -72.11 -12.88 42.69
CA ILE H 393 -72.61 -14.04 43.42
C ILE H 393 -74.12 -14.00 43.49
N ALA H 394 -74.66 -12.79 43.65
CA ALA H 394 -76.10 -12.60 43.68
C ALA H 394 -76.71 -12.98 42.34
N ASN H 395 -75.92 -12.83 41.29
CA ASN H 395 -76.37 -13.12 39.93
C ASN H 395 -76.60 -14.61 39.74
N LEU H 396 -77.85 -14.96 39.47
CA LEU H 396 -78.26 -16.36 39.36
C LEU H 396 -77.60 -17.05 38.19
N SER H 397 -77.54 -16.36 37.05
CA SER H 397 -77.09 -16.96 35.81
C SER H 397 -75.70 -17.58 35.91
N TYR H 398 -74.86 -17.05 36.78
CA TYR H 398 -73.52 -17.59 36.97
C TYR H 398 -73.54 -18.84 37.84
N THR H 399 -74.26 -18.78 38.97
CA THR H 399 -74.38 -19.92 39.87
C THR H 399 -75.05 -21.10 39.17
N MET H 400 -75.72 -20.83 38.06
CA MET H 400 -76.25 -21.89 37.22
C MET H 400 -75.09 -22.56 36.49
N CYS H 401 -74.12 -21.74 36.08
CA CYS H 401 -72.97 -22.22 35.31
C CYS H 401 -71.95 -22.87 36.22
N ILE H 402 -71.63 -22.20 37.31
CA ILE H 402 -70.66 -22.75 38.25
C ILE H 402 -71.18 -24.09 38.76
N SER H 403 -72.51 -24.22 38.83
CA SER H 403 -73.12 -25.45 39.25
C SER H 403 -72.85 -26.57 38.25
N ARG H 404 -72.73 -26.20 36.98
CA ARG H 404 -72.53 -27.20 35.93
C ARG H 404 -71.14 -27.79 35.97
N ILE H 405 -70.26 -27.17 36.74
CA ILE H 405 -68.91 -27.69 36.93
C ILE H 405 -68.94 -28.76 38.01
N SER H 406 -69.77 -28.54 39.03
CA SER H 406 -69.96 -29.54 40.06
C SER H 406 -70.54 -30.81 39.47
N HIS H 407 -71.44 -30.66 38.49
CA HIS H 407 -72.02 -31.79 37.78
C HIS H 407 -71.01 -32.42 36.85
N TYR H 408 -69.83 -31.83 36.76
CA TYR H 408 -68.75 -32.40 35.97
C TYR H 408 -67.83 -33.17 36.89
N ILE H 409 -67.41 -32.52 37.97
CA ILE H 409 -66.52 -33.15 38.93
C ILE H 409 -67.21 -34.40 39.50
N LYS H 410 -68.16 -34.21 40.40
CA LYS H 410 -68.92 -35.33 40.95
C LYS H 410 -69.82 -35.94 39.89
N CYS H 411 -69.20 -36.58 38.90
CA CYS H 411 -69.93 -37.22 37.80
C CYS H 411 -68.97 -37.93 36.87
N VAL H 412 -67.91 -37.24 36.49
CA VAL H 412 -66.98 -37.72 35.49
C VAL H 412 -65.69 -38.24 36.12
N ILE H 413 -65.14 -37.50 37.06
CA ILE H 413 -63.90 -37.89 37.71
C ILE H 413 -64.12 -39.16 38.55
N ARG H 414 -65.38 -39.52 38.76
CA ARG H 414 -65.73 -40.76 39.44
C ARG H 414 -65.17 -41.97 38.71
N ASP H 415 -64.98 -41.84 37.41
CA ASP H 415 -64.46 -42.92 36.60
C ASP H 415 -63.06 -43.31 37.06
N LYS H 416 -62.19 -42.31 37.21
CA LYS H 416 -60.82 -42.53 37.66
C LYS H 416 -60.72 -42.32 39.15
N ILE H 417 -61.44 -43.14 39.90
CA ILE H 417 -61.44 -43.07 41.34
C ILE H 417 -60.33 -43.92 41.93
N GLY H 418 -59.91 -44.93 41.17
CA GLY H 418 -58.92 -45.88 41.64
C GLY H 418 -57.62 -45.75 40.87
N SER H 419 -57.67 -45.06 39.75
CA SER H 419 -56.47 -44.88 38.92
C SER H 419 -55.42 -44.09 39.67
N ILE H 420 -54.17 -44.34 39.34
CA ILE H 420 -53.08 -43.62 39.96
C ILE H 420 -52.93 -42.26 39.30
N VAL H 421 -53.18 -41.23 40.08
CA VAL H 421 -53.13 -39.86 39.59
C VAL H 421 -52.42 -38.97 40.60
N ASP H 422 -52.07 -37.78 40.15
CA ASP H 422 -51.29 -36.85 40.96
C ASP H 422 -51.90 -35.48 41.01
N VAL H 423 -51.25 -34.60 41.75
CA VAL H 423 -51.63 -33.21 41.83
C VAL H 423 -51.56 -32.58 40.44
N GLU H 424 -50.60 -33.04 39.64
CA GLU H 424 -50.36 -32.47 38.33
C GLU H 424 -51.23 -33.14 37.26
N SER H 425 -51.90 -34.22 37.62
CA SER H 425 -52.71 -34.98 36.68
C SER H 425 -54.18 -34.58 36.78
N ILE H 426 -54.64 -34.30 37.99
CA ILE H 426 -56.01 -33.86 38.21
C ILE H 426 -56.18 -32.44 37.70
N GLN H 427 -55.11 -31.66 37.77
CA GLN H 427 -55.10 -30.29 37.26
C GLN H 427 -55.12 -30.30 35.74
N LYS H 428 -54.83 -31.46 35.16
CA LYS H 428 -54.83 -31.64 33.72
C LYS H 428 -56.24 -31.96 33.24
N ILE H 429 -56.79 -33.06 33.77
CA ILE H 429 -58.10 -33.55 33.38
C ILE H 429 -59.19 -32.49 33.58
N LEU H 430 -59.12 -31.81 34.71
CA LEU H 430 -60.16 -30.84 35.06
C LEU H 430 -60.01 -29.56 34.25
N SER H 431 -58.77 -29.23 33.88
CA SER H 431 -58.51 -28.00 33.15
C SER H 431 -58.68 -28.19 31.65
N ASP H 432 -58.19 -29.32 31.13
CA ASP H 432 -58.28 -29.62 29.70
C ASP H 432 -59.71 -29.57 29.22
N TRP H 433 -60.63 -29.85 30.14
CA TRP H 433 -62.05 -29.79 29.82
C TRP H 433 -62.53 -28.35 29.75
N ILE H 434 -62.50 -27.68 30.89
CA ILE H 434 -63.06 -26.33 31.01
C ILE H 434 -62.37 -25.33 30.08
N SER H 435 -61.21 -25.71 29.56
CA SER H 435 -60.42 -24.83 28.69
C SER H 435 -61.16 -24.46 27.40
N GLU H 436 -62.04 -25.35 26.95
CA GLU H 436 -62.76 -25.12 25.69
C GLU H 436 -63.92 -24.14 25.88
N PHE H 437 -64.08 -23.62 27.10
CA PHE H 437 -65.21 -22.77 27.44
C PHE H 437 -64.75 -21.44 28.03
N VAL H 438 -63.48 -21.13 27.85
CA VAL H 438 -62.92 -19.88 28.35
C VAL H 438 -62.20 -19.10 27.26
N THR H 439 -62.61 -17.85 27.10
CA THR H 439 -62.02 -16.98 26.09
C THR H 439 -61.97 -15.55 26.58
N THR H 440 -61.37 -14.69 25.76
CA THR H 440 -61.32 -13.27 26.03
C THR H 440 -61.87 -12.53 24.83
N VAL H 441 -61.63 -13.08 23.65
CA VAL H 441 -62.12 -12.49 22.41
C VAL H 441 -63.64 -12.62 22.33
N TYR H 442 -64.28 -11.64 21.70
CA TYR H 442 -65.74 -11.64 21.57
C TYR H 442 -66.16 -12.04 20.17
N GLN H 443 -67.15 -12.92 20.10
CA GLN H 443 -67.66 -13.38 18.82
C GLN H 443 -68.84 -12.54 18.38
N PRO H 444 -69.04 -12.39 17.05
CA PRO H 444 -70.21 -11.65 16.57
C PRO H 444 -71.50 -12.31 17.03
N THR H 445 -72.52 -11.50 17.28
CA THR H 445 -73.81 -11.99 17.76
C THR H 445 -73.65 -12.51 19.19
N PRO H 446 -74.76 -12.54 19.95
CA PRO H 446 -74.70 -13.00 21.33
C PRO H 446 -74.56 -14.51 21.45
N LEU H 447 -75.32 -15.22 20.63
CA LEU H 447 -75.39 -16.67 20.72
C LEU H 447 -74.02 -17.30 20.43
N GLU H 448 -73.35 -16.81 19.41
CA GLU H 448 -72.07 -17.37 18.99
C GLU H 448 -70.99 -17.16 20.04
N MET H 449 -71.26 -16.26 20.99
CA MET H 449 -70.29 -15.95 22.04
C MET H 449 -70.69 -16.58 23.38
N ALA H 450 -72.00 -16.74 23.60
CA ALA H 450 -72.50 -17.33 24.84
C ALA H 450 -72.09 -18.80 24.96
N ARG H 451 -71.53 -19.36 23.88
CA ARG H 451 -70.90 -20.68 23.95
C ARG H 451 -69.83 -20.65 25.03
N TYR H 452 -69.20 -19.50 25.18
CA TYR H 452 -68.14 -19.30 26.17
C TYR H 452 -68.65 -18.52 27.39
N PRO H 453 -69.05 -19.24 28.44
CA PRO H 453 -69.53 -18.52 29.63
C PRO H 453 -68.40 -17.82 30.38
N PHE H 454 -67.34 -18.53 30.68
CA PHE H 454 -66.29 -18.01 31.56
C PHE H 454 -65.27 -17.18 30.82
N ARG H 455 -64.55 -16.35 31.57
CA ARG H 455 -63.49 -15.52 31.04
C ARG H 455 -62.14 -16.19 31.26
N ASN H 456 -61.88 -16.58 32.50
CA ASN H 456 -60.65 -17.28 32.85
C ASN H 456 -60.81 -18.05 34.15
N VAL H 457 -60.01 -19.09 34.33
CA VAL H 457 -60.15 -19.98 35.46
C VAL H 457 -58.80 -20.42 36.02
N SER H 458 -58.75 -20.55 37.34
CA SER H 458 -57.60 -21.12 38.04
C SER H 458 -58.03 -22.44 38.68
N ILE H 459 -57.10 -23.39 38.74
CA ILE H 459 -57.39 -24.70 39.30
C ILE H 459 -56.17 -25.21 40.06
N GLU H 460 -56.09 -24.86 41.33
CA GLU H 460 -54.94 -25.22 42.16
C GLU H 460 -55.32 -26.32 43.14
N VAL H 461 -55.16 -27.57 42.69
CA VAL H 461 -55.39 -28.72 43.55
C VAL H 461 -54.09 -29.02 44.28
N LYS H 462 -54.18 -29.78 45.37
CA LYS H 462 -53.01 -30.07 46.17
C LYS H 462 -53.34 -31.16 47.17
N THR H 463 -52.42 -32.10 47.31
CA THR H 463 -52.60 -33.20 48.23
C THR H 463 -52.53 -32.71 49.66
N ILE H 464 -53.19 -33.43 50.56
CA ILE H 464 -53.17 -33.10 51.97
C ILE H 464 -52.36 -34.15 52.74
N PRO H 465 -51.81 -33.74 53.89
CA PRO H 465 -51.09 -34.71 54.72
C PRO H 465 -52.02 -35.74 55.32
N GLY H 466 -51.46 -36.84 55.83
CA GLY H 466 -52.26 -37.89 56.42
C GLY H 466 -52.87 -38.77 55.36
N LYS H 467 -54.00 -38.34 54.81
CA LYS H 467 -54.67 -39.10 53.76
C LYS H 467 -53.84 -39.07 52.48
N PRO H 468 -53.32 -40.24 52.05
CA PRO H 468 -52.41 -40.26 50.90
C PRO H 468 -53.14 -40.17 49.56
N GLY H 469 -54.27 -40.86 49.43
CA GLY H 469 -54.99 -40.93 48.18
C GLY H 469 -56.01 -39.80 48.02
N TRP H 470 -56.11 -38.94 49.03
CA TRP H 470 -57.06 -37.84 49.02
C TRP H 470 -56.44 -36.53 48.59
N TYR H 471 -57.26 -35.66 48.01
CA TYR H 471 -56.82 -34.33 47.56
C TYR H 471 -57.81 -33.26 47.99
N SER H 472 -57.54 -32.03 47.57
CA SER H 472 -58.41 -30.91 47.90
C SER H 472 -58.24 -29.82 46.86
N CYS H 473 -59.21 -29.73 45.95
CA CYS H 473 -59.16 -28.74 44.88
C CYS H 473 -59.68 -27.39 45.34
N LYS H 474 -59.51 -26.38 44.49
CA LYS H 474 -59.98 -25.04 44.79
C LYS H 474 -59.95 -24.20 43.51
N ILE H 475 -61.05 -24.23 42.78
CA ILE H 475 -61.15 -23.48 41.54
C ILE H 475 -61.75 -22.10 41.77
N ASN H 476 -61.63 -21.27 40.76
CA ASN H 476 -62.10 -19.90 40.82
C ASN H 476 -62.39 -19.41 39.42
N VAL H 477 -63.64 -19.09 39.17
CA VAL H 477 -64.07 -18.74 37.81
C VAL H 477 -64.59 -17.30 37.74
N ILE H 478 -64.13 -16.58 36.72
CA ILE H 478 -64.64 -15.24 36.45
C ILE H 478 -65.49 -15.29 35.20
N PRO H 479 -66.82 -15.22 35.37
CA PRO H 479 -67.71 -15.30 34.22
C PRO H 479 -67.73 -14.01 33.42
N HIS H 480 -68.08 -14.10 32.14
CA HIS H 480 -68.21 -12.91 31.31
C HIS H 480 -69.28 -11.99 31.87
N ILE H 481 -68.83 -10.90 32.48
CA ILE H 481 -69.74 -9.96 33.12
C ILE H 481 -70.70 -9.35 32.12
N GLN H 482 -71.97 -9.43 32.45
CA GLN H 482 -73.02 -8.96 31.58
C GLN H 482 -73.17 -7.45 31.69
N PHE H 483 -73.79 -6.86 30.66
CA PHE H 483 -74.19 -5.47 30.71
C PHE H 483 -75.25 -5.34 31.79
N GLU H 484 -75.36 -4.16 32.40
CA GLU H 484 -76.33 -3.97 33.47
C GLU H 484 -76.91 -2.55 33.51
N GLY H 485 -76.32 -1.63 32.75
CA GLY H 485 -76.80 -0.26 32.68
C GLY H 485 -75.67 0.75 32.63
N MET H 486 -76.02 2.02 32.42
CA MET H 486 -75.01 3.07 32.35
C MET H 486 -75.62 4.47 32.38
N ASN H 487 -74.91 5.40 33.01
CA ASN H 487 -75.27 6.81 32.97
C ASN H 487 -74.59 7.48 31.80
N THR H 488 -75.03 8.69 31.47
CA THR H 488 -74.44 9.42 30.35
C THR H 488 -74.73 10.91 30.44
N THR H 489 -73.68 11.72 30.36
CA THR H 489 -73.78 13.17 30.40
C THR H 489 -73.44 13.76 29.04
N MET H 490 -74.45 14.27 28.36
CA MET H 490 -74.23 14.97 27.10
C MET H 490 -73.94 16.43 27.40
N THR H 491 -73.18 17.10 26.54
CA THR H 491 -72.87 18.51 26.75
C THR H 491 -72.30 19.13 25.49
N ILE H 492 -72.58 20.41 25.29
CA ILE H 492 -71.97 21.16 24.20
C ILE H 492 -70.67 21.77 24.71
N ASP H 493 -69.54 21.16 24.36
CA ASP H 493 -68.25 21.57 24.86
C ASP H 493 -67.77 22.88 24.25
N THR H 494 -67.75 22.93 22.92
CA THR H 494 -67.25 24.10 22.20
C THR H 494 -65.77 24.33 22.48
N ARG H 495 -65.09 23.30 22.98
CA ARG H 495 -63.66 23.36 23.30
C ARG H 495 -62.95 22.23 22.56
N LEU H 496 -63.73 21.36 21.94
CA LEU H 496 -63.19 20.21 21.24
C LEU H 496 -62.48 20.69 20.00
N GLU H 497 -63.18 21.53 19.23
CA GLU H 497 -62.61 22.11 18.01
C GLU H 497 -62.36 23.61 18.21
N PRO H 498 -61.18 23.96 18.77
CA PRO H 498 -60.88 25.37 19.08
C PRO H 498 -60.62 26.19 17.82
N GLU H 499 -60.44 25.51 16.69
CA GLU H 499 -60.16 26.19 15.43
C GLU H 499 -61.33 27.07 14.99
N LEU H 500 -62.50 26.84 15.60
CA LEU H 500 -63.72 27.56 15.21
C LEU H 500 -64.16 28.57 16.28
N PHE H 501 -63.68 28.39 17.50
CA PHE H 501 -64.11 29.22 18.62
C PHE H 501 -62.94 29.85 19.36
N GLY H 502 -61.73 29.54 18.92
CA GLY H 502 -60.54 30.06 19.57
C GLY H 502 -60.30 31.51 19.25
N THR H 503 -59.37 32.12 19.96
CA THR H 503 -59.05 33.53 19.76
C THR H 503 -58.33 33.74 18.44
N ASN H 504 -57.29 32.95 18.22
CA ASN H 504 -56.47 33.09 17.02
C ASN H 504 -57.23 32.75 15.76
N ASN H 505 -57.49 33.77 14.94
CA ASN H 505 -58.20 33.60 13.68
C ASN H 505 -57.86 34.71 12.70
N ALA I 2 -86.99 19.13 41.58
CA ALA I 2 -87.27 18.44 42.85
C ALA I 2 -85.99 17.87 43.46
N LYS I 3 -85.77 18.16 44.74
CA LYS I 3 -84.59 17.66 45.44
C LYS I 3 -84.71 16.17 45.74
N ASN I 4 -85.93 15.67 45.81
CA ASN I 4 -86.18 14.26 46.11
C ASN I 4 -85.49 13.36 45.09
N LYS I 5 -85.38 13.86 43.86
CA LYS I 5 -84.66 13.20 42.78
C LYS I 5 -85.42 11.99 42.25
N ILE I 6 -85.53 11.93 40.93
CA ILE I 6 -86.24 10.85 40.25
C ILE I 6 -85.57 9.51 40.52
N PRO I 7 -86.37 8.43 40.62
CA PRO I 7 -85.79 7.09 40.75
C PRO I 7 -84.93 6.70 39.55
N ASN I 8 -83.73 6.19 39.81
CA ASN I 8 -82.79 5.87 38.75
C ASN I 8 -83.22 4.63 37.98
N SER I 9 -83.25 4.77 36.65
CA SER I 9 -83.54 3.66 35.78
C SER I 9 -82.24 2.92 35.50
N ARG I 10 -82.23 2.10 34.46
CA ARG I 10 -81.04 1.34 34.10
C ARG I 10 -80.15 2.12 33.12
N LEU I 11 -80.72 3.12 32.46
CA LEU I 11 -79.99 3.92 31.48
C LEU I 11 -80.34 5.39 31.62
N MET I 12 -79.86 6.01 32.69
CA MET I 12 -80.20 7.39 32.97
C MET I 12 -79.27 8.35 32.23
N ILE I 13 -79.83 9.07 31.26
CA ILE I 13 -79.11 10.13 30.55
C ILE I 13 -79.69 11.46 31.02
N ASN I 14 -78.85 12.48 31.18
CA ASN I 14 -79.27 13.72 31.86
C ASN I 14 -79.05 15.00 31.06
N TYR I 15 -77.94 15.08 30.33
CA TYR I 15 -77.57 16.27 29.56
C TYR I 15 -77.28 17.46 30.48
N GLU I 16 -75.99 17.75 30.66
CA GLU I 16 -75.56 18.89 31.47
C GLU I 16 -75.64 20.18 30.67
N THR I 17 -76.26 21.19 31.27
CA THR I 17 -76.47 22.49 30.63
C THR I 17 -75.88 23.61 31.48
N ASN I 18 -75.15 23.22 32.52
CA ASN I 18 -74.56 24.19 33.43
C ASN I 18 -73.20 24.66 32.93
N VAL I 19 -72.94 25.95 33.05
CA VAL I 19 -71.68 26.52 32.59
C VAL I 19 -71.14 27.50 33.63
N ASP I 20 -69.89 27.30 34.03
CA ASP I 20 -69.23 28.20 34.96
C ASP I 20 -68.28 29.12 34.20
N GLY I 21 -67.92 30.22 34.84
CA GLY I 21 -67.01 31.18 34.26
C GLY I 21 -67.18 32.55 34.90
N VAL I 22 -66.21 33.41 34.68
CA VAL I 22 -66.21 34.73 35.29
C VAL I 22 -66.84 35.75 34.34
N LEU I 23 -67.84 36.48 34.84
CA LEU I 23 -68.60 37.40 34.02
C LEU I 23 -67.74 38.53 33.50
N LYS I 24 -68.22 39.17 32.44
CA LYS I 24 -67.47 40.22 31.78
C LYS I 24 -67.75 41.58 32.41
N LYS I 25 -66.95 42.56 32.02
CA LYS I 25 -67.13 43.94 32.48
C LYS I 25 -67.09 44.91 31.30
N LYS I 26 -68.15 45.68 31.18
CA LYS I 26 -68.26 46.68 30.12
C LYS I 26 -67.30 47.84 30.39
N GLU I 27 -66.79 48.43 29.33
CA GLU I 27 -65.77 49.48 29.44
C GLU I 27 -66.29 50.70 30.18
N LEU I 28 -65.37 51.49 30.72
CA LEU I 28 -65.72 52.72 31.44
C LEU I 28 -65.60 53.94 30.55
N PRO I 29 -66.71 54.65 30.33
CA PRO I 29 -66.63 55.90 29.58
C PRO I 29 -65.78 56.94 30.32
N TYR I 30 -64.79 57.48 29.63
CA TYR I 30 -63.89 58.47 30.23
C TYR I 30 -64.67 59.71 30.63
N ARG I 31 -65.07 59.77 31.90
CA ARG I 31 -65.89 60.87 32.38
C ARG I 31 -65.08 62.15 32.55
N VAL I 32 -65.71 63.28 32.24
CA VAL I 32 -65.09 64.59 32.38
C VAL I 32 -65.97 65.48 33.23
N LEU I 33 -65.50 65.78 34.43
CA LEU I 33 -66.21 66.68 35.31
C LEU I 33 -65.83 68.12 34.98
N VAL I 34 -66.82 69.01 34.94
CA VAL I 34 -66.56 70.44 34.82
C VAL I 34 -67.22 71.16 35.99
N VAL I 35 -66.53 72.15 36.54
CA VAL I 35 -67.02 72.87 37.69
C VAL I 35 -66.93 74.37 37.43
N GLY I 36 -68.07 75.02 37.32
CA GLY I 36 -68.14 76.46 37.15
C GLY I 36 -69.50 77.00 37.55
N ASP I 37 -69.54 78.27 37.95
CA ASP I 37 -70.79 78.93 38.32
C ASP I 37 -71.68 79.09 37.09
N LEU I 38 -72.61 78.15 36.92
CA LEU I 38 -73.50 78.16 35.76
C LEU I 38 -74.79 78.91 36.08
N SER I 39 -75.42 78.51 37.17
CA SER I 39 -76.73 79.00 37.53
C SER I 39 -76.67 80.33 38.28
N LYS I 40 -75.49 80.68 38.77
CA LYS I 40 -75.31 81.86 39.62
C LYS I 40 -76.17 81.77 40.88
N GLY I 41 -76.60 80.56 41.21
CA GLY I 41 -77.46 80.34 42.36
C GLY I 41 -78.92 80.27 41.98
N ARG I 42 -79.21 79.85 40.75
CA ARG I 42 -80.59 79.71 40.28
C ARG I 42 -80.81 78.40 39.54
N SER I 43 -80.96 77.33 40.29
CA SER I 43 -81.29 76.02 39.73
C SER I 43 -81.73 75.08 40.84
N VAL I 44 -82.42 74.01 40.45
CA VAL I 44 -82.94 73.06 41.41
C VAL I 44 -81.83 72.42 42.24
N ASP I 45 -80.75 72.06 41.57
CA ASP I 45 -79.62 71.40 42.23
C ASP I 45 -78.63 72.43 42.78
N ALA I 46 -78.77 73.69 42.36
CA ALA I 46 -77.89 74.76 42.80
C ALA I 46 -78.41 75.40 44.08
N LYS I 47 -79.72 75.45 44.23
CA LYS I 47 -80.33 76.05 45.40
C LYS I 47 -80.20 75.15 46.62
N LYS I 48 -79.84 73.90 46.39
CA LYS I 48 -79.70 72.94 47.48
C LYS I 48 -78.30 73.01 48.09
N GLU I 49 -78.14 72.44 49.28
CA GLU I 49 -76.86 72.45 49.97
C GLU I 49 -75.83 71.61 49.22
N PHE I 50 -74.56 71.98 49.34
CA PHE I 50 -73.50 71.32 48.59
C PHE I 50 -73.34 69.86 49.03
N ALA I 51 -73.77 69.56 50.25
CA ALA I 51 -73.68 68.20 50.76
C ALA I 51 -74.53 67.24 49.92
N ASP I 52 -75.48 67.80 49.18
CA ASP I 52 -76.38 67.00 48.34
C ASP I 52 -76.67 67.67 46.99
N ARG I 53 -75.68 67.65 46.10
CA ARG I 53 -75.86 68.12 44.73
C ARG I 53 -75.57 67.02 43.73
N GLU I 54 -76.62 66.38 43.24
CA GLU I 54 -76.48 65.33 42.24
C GLU I 54 -75.88 65.92 40.98
N VAL I 55 -74.71 65.41 40.61
CA VAL I 55 -74.05 65.84 39.38
C VAL I 55 -74.89 65.47 38.15
N ARG I 56 -74.87 66.33 37.13
CA ARG I 56 -75.60 66.06 35.90
C ARG I 56 -74.82 65.08 35.04
N ARG I 57 -75.25 64.90 33.80
CA ARG I 57 -74.63 63.92 32.90
C ARG I 57 -74.49 64.44 31.47
N VAL I 58 -75.48 65.20 31.03
CA VAL I 58 -75.54 65.67 29.64
C VAL I 58 -75.60 64.47 28.71
N ASN I 59 -76.46 63.50 29.05
CA ASN I 59 -76.69 62.34 28.20
C ASN I 59 -77.19 62.80 26.83
N ASN I 60 -78.23 63.61 26.85
CA ASN I 60 -78.75 64.21 25.64
C ASN I 60 -77.78 65.27 25.11
N GLY I 61 -77.98 66.51 25.53
CA GLY I 61 -77.13 67.60 25.11
C GLY I 61 -77.27 68.78 26.04
N VAL I 62 -76.43 69.80 25.85
CA VAL I 62 -76.48 71.00 26.67
C VAL I 62 -77.81 71.73 26.51
N ASP I 63 -78.60 71.34 25.51
CA ASP I 63 -79.89 71.96 25.29
C ASP I 63 -80.92 71.43 26.28
N ARG I 64 -80.87 70.14 26.58
CA ARG I 64 -81.89 69.50 27.41
C ARG I 64 -81.46 69.35 28.86
N VAL I 65 -80.15 69.25 29.10
CA VAL I 65 -79.63 69.19 30.46
C VAL I 65 -79.81 70.54 31.14
N LEU I 66 -79.90 71.57 30.31
CA LEU I 66 -80.16 72.92 30.79
C LEU I 66 -81.61 73.05 31.22
N GLU I 67 -82.51 72.72 30.30
CA GLU I 67 -83.95 72.80 30.55
C GLU I 67 -84.32 71.94 31.75
N GLU I 68 -83.48 70.95 32.05
CA GLU I 68 -83.70 70.12 33.22
C GLU I 68 -83.52 70.94 34.49
N MET I 69 -82.68 71.98 34.42
CA MET I 69 -82.50 72.91 35.52
C MET I 69 -83.37 74.14 35.33
N ASN I 70 -84.08 74.53 36.39
CA ASN I 70 -84.95 75.69 36.34
C ASN I 70 -84.15 76.99 36.42
N ILE I 71 -83.45 77.32 35.34
CA ILE I 71 -82.66 78.55 35.28
C ILE I 71 -83.52 79.70 34.77
N SER I 72 -84.06 80.47 35.70
CA SER I 72 -84.79 81.69 35.37
C SER I 72 -84.05 82.87 35.97
N PHE I 73 -84.55 84.07 35.69
CA PHE I 73 -83.96 85.27 36.24
C PHE I 73 -84.97 86.42 36.14
N ASP I 74 -85.02 87.24 37.18
CA ASP I 74 -85.96 88.35 37.26
C ASP I 74 -85.20 89.66 37.46
N PHE I 75 -84.27 89.94 36.55
CA PHE I 75 -83.46 91.15 36.63
C PHE I 75 -84.12 92.29 35.88
N GLU I 76 -83.94 93.51 36.39
CA GLU I 76 -84.57 94.70 35.81
C GLU I 76 -83.82 95.15 34.57
N ALA I 77 -84.47 96.00 33.77
CA ALA I 77 -83.82 96.55 32.59
C ALA I 77 -84.57 97.79 32.10
N PRO I 78 -83.86 98.71 31.42
CA PRO I 78 -84.48 99.93 30.90
C PRO I 78 -85.68 99.63 29.99
N ASN I 79 -86.75 100.40 30.16
CA ASN I 79 -87.98 100.18 29.42
C ASN I 79 -88.12 101.13 28.23
N PHE I 80 -88.53 100.58 27.09
CA PHE I 80 -88.74 101.37 25.88
C PHE I 80 -89.95 100.84 25.11
N VAL I 81 -90.82 100.12 25.81
CA VAL I 81 -92.00 99.52 25.20
C VAL I 81 -93.18 99.57 26.16
N SER I 82 -94.38 99.53 25.60
CA SER I 82 -95.62 99.56 26.38
C SER I 82 -95.79 100.87 27.12
N LYS I 83 -96.89 101.00 27.85
CA LYS I 83 -97.20 102.21 28.59
C LYS I 83 -96.99 102.00 30.08
N ASP I 84 -97.36 103.01 30.86
CA ASP I 84 -97.25 102.97 32.33
C ASP I 84 -95.79 102.96 32.78
N PRO I 85 -95.55 103.24 34.08
CA PRO I 85 -94.19 103.21 34.63
C PRO I 85 -93.61 101.79 34.72
N SER I 86 -92.72 101.59 35.69
CA SER I 86 -92.10 100.29 35.97
C SER I 86 -91.14 99.86 34.86
N ASN I 87 -89.87 99.72 35.23
CA ASN I 87 -88.85 99.23 34.30
C ASN I 87 -89.21 97.84 33.79
N LEU I 88 -88.73 97.52 32.60
CA LEU I 88 -89.01 96.23 32.00
C LEU I 88 -88.37 95.13 32.83
N LYS I 89 -89.15 94.10 33.13
CA LYS I 89 -88.70 93.00 33.97
C LYS I 89 -88.58 91.71 33.17
N VAL I 90 -87.38 91.43 32.68
CA VAL I 90 -87.12 90.21 31.92
C VAL I 90 -87.30 89.01 32.84
N ASN I 91 -88.27 88.16 32.52
CA ASN I 91 -88.62 87.02 33.37
C ASN I 91 -89.05 85.81 32.56
N TYR I 92 -88.10 84.92 32.30
CA TYR I 92 -88.40 83.67 31.61
C TYR I 92 -87.27 82.68 31.84
N ARG I 93 -87.60 81.39 31.83
CA ARG I 93 -86.62 80.34 32.10
C ARG I 93 -85.94 79.88 30.82
N ILE I 94 -84.65 79.59 30.92
CA ILE I 94 -83.86 79.16 29.78
C ILE I 94 -84.18 77.71 29.43
N GLU I 95 -84.55 77.48 28.17
CA GLU I 95 -84.76 76.13 27.65
C GLU I 95 -83.50 75.64 26.94
N SER I 96 -83.25 76.19 25.74
CA SER I 96 -82.08 75.83 24.95
C SER I 96 -80.95 76.82 25.18
N VAL I 97 -79.80 76.57 24.55
CA VAL I 97 -78.66 77.48 24.66
C VAL I 97 -78.81 78.65 23.68
N LYS I 98 -79.76 78.52 22.76
CA LYS I 98 -79.99 79.57 21.77
C LYS I 98 -80.92 80.64 22.33
N ASP I 99 -81.14 80.60 23.64
CA ASP I 99 -82.05 81.54 24.29
C ASP I 99 -81.41 82.92 24.44
N PHE I 100 -80.09 82.96 24.55
CA PHE I 100 -79.37 84.22 24.65
C PHE I 100 -79.28 84.93 23.29
N ARG I 101 -79.81 84.28 22.26
CA ARG I 101 -79.81 84.85 20.92
C ARG I 101 -80.74 86.06 20.86
N PRO I 102 -80.21 87.25 20.52
CA PRO I 102 -81.08 88.43 20.41
C PRO I 102 -82.18 88.23 19.39
N ASP I 103 -83.17 87.41 19.76
CA ASP I 103 -84.26 87.04 18.88
C ASP I 103 -85.24 86.19 19.68
N ALA I 104 -84.70 85.13 20.28
CA ALA I 104 -85.46 84.29 21.19
C ALA I 104 -85.83 85.09 22.42
N VAL I 105 -85.11 86.19 22.63
CA VAL I 105 -85.38 87.09 23.74
C VAL I 105 -86.67 87.87 23.47
N ALA I 106 -86.78 88.44 22.27
CA ALA I 106 -87.95 89.20 21.88
C ALA I 106 -89.20 88.34 21.81
N LYS I 107 -89.00 87.02 21.68
CA LYS I 107 -90.09 86.07 21.64
C LYS I 107 -90.54 85.70 23.04
N LYS I 108 -89.63 85.84 24.00
CA LYS I 108 -89.88 85.44 25.38
C LYS I 108 -90.41 86.59 26.23
N VAL I 109 -89.72 87.72 26.21
CA VAL I 109 -90.13 88.88 27.00
C VAL I 109 -91.48 89.40 26.51
N PRO I 110 -92.52 89.36 27.38
CA PRO I 110 -93.87 89.75 26.96
C PRO I 110 -93.97 91.16 26.36
N GLU I 111 -93.26 92.11 26.93
CA GLU I 111 -93.37 93.51 26.50
C GLU I 111 -92.85 93.72 25.09
N ILE I 112 -91.66 93.19 24.82
CA ILE I 112 -91.02 93.37 23.51
C ILE I 112 -91.86 92.71 22.41
N ARG I 113 -92.48 91.59 22.76
CA ARG I 113 -93.29 90.83 21.81
C ARG I 113 -94.44 91.66 21.24
N ALA I 114 -94.80 92.72 21.95
CA ALA I 114 -95.87 93.61 21.52
C ALA I 114 -95.49 94.37 20.25
N LEU I 115 -94.21 94.74 20.15
CA LEU I 115 -93.70 95.44 18.98
C LEU I 115 -93.48 94.48 17.83
N LEU I 116 -93.07 93.26 18.16
CA LEU I 116 -92.84 92.23 17.16
C LEU I 116 -94.17 91.76 16.58
N GLU I 117 -95.23 91.89 17.38
CA GLU I 117 -96.56 91.48 16.96
C GLU I 117 -97.08 92.40 15.86
N MET I 118 -96.74 93.69 15.95
CA MET I 118 -97.15 94.66 14.94
C MET I 118 -96.39 94.44 13.64
N LYS I 119 -95.12 94.08 13.75
CA LYS I 119 -94.28 93.86 12.58
C LYS I 119 -94.78 92.69 11.74
N GLU I 120 -95.66 91.88 12.31
CA GLU I 120 -96.29 90.79 11.58
C GLU I 120 -97.50 91.29 10.83
N ILE I 121 -98.23 92.22 11.44
CA ILE I 121 -99.46 92.75 10.88
C ILE I 121 -99.22 94.05 10.12
N LEU I 122 -98.58 95.01 10.78
CA LEU I 122 -98.35 96.32 10.19
C LEU I 122 -97.50 96.25 8.92
N ALA I 123 -96.39 95.52 8.99
CA ALA I 123 -95.45 95.45 7.87
C ALA I 123 -96.01 94.59 6.74
N SER I 124 -97.02 93.79 7.04
CA SER I 124 -97.62 92.90 6.04
C SER I 124 -98.71 93.63 5.24
N PHE I 125 -98.73 94.95 5.35
CA PHE I 125 -99.69 95.75 4.60
C PHE I 125 -99.43 95.62 3.10
N ALA I 126 -100.43 95.11 2.39
CA ALA I 126 -100.31 94.88 0.96
C ALA I 126 -100.49 96.18 0.18
N LYS I 127 -99.51 97.08 0.31
CA LYS I 127 -99.47 98.31 -0.48
C LYS I 127 -98.77 98.07 -1.81
N ASP I 128 -98.67 96.80 -2.19
CA ASP I 128 -98.07 96.40 -3.46
C ASP I 128 -99.09 95.64 -4.29
N ILE I 129 -100.07 95.03 -3.61
CA ILE I 129 -101.17 94.34 -4.27
C ILE I 129 -102.29 95.31 -4.57
N GLU I 130 -102.47 96.30 -3.70
CA GLU I 130 -103.51 97.30 -3.86
C GLU I 130 -103.02 98.43 -4.77
N ASN I 131 -101.74 98.78 -4.64
CA ASN I 131 -101.14 99.82 -5.47
C ASN I 131 -101.00 99.33 -6.91
N ASN I 132 -100.72 98.04 -7.07
CA ASN I 132 -100.69 97.41 -8.37
C ASN I 132 -102.12 97.10 -8.83
N ARG I 133 -102.82 98.13 -9.28
CA ARG I 133 -104.22 98.02 -9.63
C ARG I 133 -104.42 97.41 -11.02
N ASN I 134 -103.79 98.01 -12.03
CA ASN I 134 -103.94 97.59 -13.43
C ASN I 134 -105.40 97.44 -13.84
N LEU I 135 -106.01 98.55 -14.25
CA LEU I 135 -107.42 98.62 -14.64
C LEU I 135 -108.34 97.88 -13.66
N VAL J 79 -89.66 102.20 11.88
CA VAL J 79 -89.13 102.88 13.06
C VAL J 79 -89.28 101.99 14.30
N ILE J 80 -90.08 100.94 14.19
CA ILE J 80 -90.22 99.98 15.28
C ILE J 80 -88.91 99.20 15.44
N ASP J 81 -88.13 99.15 14.37
CA ASP J 81 -86.80 98.54 14.40
C ASP J 81 -85.87 99.34 15.29
N LYS J 82 -86.06 100.66 15.32
CA LYS J 82 -85.24 101.55 16.14
C LYS J 82 -85.43 101.24 17.62
N LEU J 83 -86.65 100.85 18.00
CA LEU J 83 -86.94 100.47 19.37
C LEU J 83 -86.22 99.18 19.75
N ILE J 84 -86.54 98.12 19.02
CA ILE J 84 -85.95 96.81 19.26
C ILE J 84 -84.42 96.86 19.29
N ASP J 85 -83.84 97.64 18.37
CA ASP J 85 -82.40 97.81 18.32
C ASP J 85 -81.88 98.53 19.56
N LEU J 86 -82.80 99.01 20.39
CA LEU J 86 -82.46 99.66 21.65
C LEU J 86 -82.94 98.80 22.81
N GLN J 87 -84.11 98.20 22.65
CA GLN J 87 -84.74 97.45 23.72
C GLN J 87 -83.93 96.20 24.07
N VAL J 88 -83.77 95.32 23.08
CA VAL J 88 -83.04 94.08 23.27
C VAL J 88 -81.58 94.39 23.58
N ASN J 89 -81.00 95.35 22.86
CA ASN J 89 -79.61 95.71 23.07
C ASN J 89 -79.33 96.29 24.46
N SER J 90 -80.39 96.47 25.25
CA SER J 90 -80.24 96.97 26.62
C SER J 90 -80.00 95.84 27.61
N ILE J 91 -80.48 94.64 27.29
CA ILE J 91 -80.38 93.49 28.19
C ILE J 91 -79.29 92.51 27.76
N ILE J 92 -78.91 92.54 26.48
CA ILE J 92 -77.80 91.72 25.99
C ILE J 92 -76.48 92.30 26.49
N SER J 93 -76.44 93.62 26.63
CA SER J 93 -75.27 94.32 27.14
C SER J 93 -75.28 94.33 28.67
N ASN J 94 -76.44 94.07 29.25
CA ASN J 94 -76.60 94.07 30.70
C ASN J 94 -75.73 93.01 31.34
N ASP J 95 -75.20 93.31 32.53
CA ASP J 95 -74.48 92.33 33.33
C ASP J 95 -75.48 91.26 33.79
N GLU J 96 -74.97 90.26 34.49
CA GLU J 96 -75.81 89.14 34.97
C GLU J 96 -76.36 88.31 33.80
N PHE J 97 -77.01 88.98 32.84
CA PHE J 97 -77.58 88.28 31.69
C PHE J 97 -76.48 87.69 30.82
N ARG J 98 -75.45 88.49 30.56
CA ARG J 98 -74.34 88.05 29.73
C ARG J 98 -73.32 87.27 30.54
N ALA J 99 -73.57 87.17 31.85
CA ALA J 99 -72.73 86.36 32.71
C ALA J 99 -73.09 84.88 32.54
N LEU J 100 -74.37 84.61 32.33
CA LEU J 100 -74.84 83.25 32.04
C LEU J 100 -74.39 82.82 30.65
N GLU J 101 -74.39 83.76 29.71
CA GLU J 101 -73.93 83.49 28.36
C GLU J 101 -72.52 82.92 28.40
N GLN J 102 -71.62 83.68 29.00
CA GLN J 102 -70.24 83.24 29.16
C GLN J 102 -70.16 81.88 29.83
N GLU J 103 -71.02 81.68 30.82
CA GLU J 103 -70.99 80.46 31.62
C GLU J 103 -71.88 79.36 31.03
N TRP J 104 -72.21 79.46 29.74
CA TRP J 104 -72.96 78.41 29.05
C TRP J 104 -72.43 78.21 27.64
N LEU J 105 -71.94 79.28 27.03
CA LEU J 105 -71.32 79.18 25.72
C LEU J 105 -70.10 78.30 25.79
N LYS J 106 -69.34 78.44 26.88
CA LYS J 106 -68.12 77.67 27.05
C LYS J 106 -68.44 76.28 27.57
N VAL J 107 -69.70 76.07 27.97
CA VAL J 107 -70.17 74.74 28.33
C VAL J 107 -70.59 74.00 27.07
N GLN J 108 -71.20 74.73 26.14
CA GLN J 108 -71.60 74.15 24.86
C GLN J 108 -70.37 73.79 24.06
N GLU J 109 -69.30 74.56 24.25
CA GLU J 109 -68.07 74.37 23.49
C GLU J 109 -67.43 73.02 23.80
N VAL J 110 -67.59 72.56 25.03
CA VAL J 110 -67.00 71.30 25.46
C VAL J 110 -67.80 70.12 24.91
N CYS J 111 -69.12 70.21 25.04
CA CYS J 111 -70.02 69.13 24.65
C CYS J 111 -70.50 69.28 23.21
N GLN J 112 -69.60 69.73 22.34
CA GLN J 112 -69.92 69.92 20.93
C GLN J 112 -69.51 68.70 20.11
N GLU J 113 -68.41 68.08 20.50
CA GLU J 113 -67.84 67.00 19.72
C GLU J 113 -68.70 65.74 19.81
N ASP J 114 -69.00 65.31 21.03
CA ASP J 114 -69.77 64.09 21.26
C ASP J 114 -69.09 62.86 20.65
N TYR J 115 -68.30 62.16 21.47
CA TYR J 115 -67.56 60.99 21.02
C TYR J 115 -68.28 59.70 21.39
N ASP J 116 -67.62 58.58 21.10
CA ASP J 116 -68.23 57.27 21.25
C ASP J 116 -68.29 56.82 22.69
N ASN J 117 -67.27 57.17 23.48
CA ASN J 117 -67.18 56.73 24.86
C ASN J 117 -66.52 57.77 25.77
N VAL J 118 -67.08 58.97 25.78
CA VAL J 118 -66.56 60.07 26.58
C VAL J 118 -67.72 60.89 27.15
N GLU J 119 -68.30 60.41 28.24
CA GLU J 119 -69.47 61.03 28.82
C GLU J 119 -69.06 62.14 29.79
N VAL J 120 -69.28 63.39 29.39
CA VAL J 120 -69.00 64.51 30.27
C VAL J 120 -70.02 64.58 31.39
N SER J 121 -69.97 65.65 32.19
CA SER J 121 -70.86 65.80 33.33
C SER J 121 -70.64 67.15 33.98
N ILE J 122 -71.70 67.69 34.58
CA ILE J 122 -71.70 69.05 35.09
C ILE J 122 -71.75 69.07 36.60
N LEU J 123 -71.42 70.23 37.17
CA LEU J 123 -71.59 70.46 38.60
C LEU J 123 -71.54 71.95 38.88
N ASP J 124 -72.67 72.63 38.69
CA ASP J 124 -72.71 74.10 38.83
C ASP J 124 -72.51 74.55 40.26
N VAL J 125 -71.34 75.12 40.55
CA VAL J 125 -71.02 75.60 41.89
C VAL J 125 -70.26 76.91 41.84
N LYS J 126 -70.66 77.84 42.70
CA LYS J 126 -69.96 79.11 42.83
C LYS J 126 -68.57 78.89 43.39
N LYS J 127 -67.64 79.73 42.98
CA LYS J 127 -66.26 79.60 43.42
C LYS J 127 -66.18 79.74 44.93
N GLU J 128 -67.01 80.63 45.47
CA GLU J 128 -67.03 80.89 46.90
C GLU J 128 -67.46 79.65 47.70
N GLU J 129 -68.36 78.86 47.12
CA GLU J 129 -68.88 77.67 47.83
C GLU J 129 -67.82 76.58 47.90
N LEU J 130 -66.74 76.73 47.14
CA LEU J 130 -65.59 75.84 47.19
C LEU J 130 -64.43 76.51 47.92
N GLN J 131 -64.37 77.82 47.81
CA GLN J 131 -63.38 78.61 48.53
C GLN J 131 -63.51 78.34 50.01
N TYR J 132 -64.76 78.35 50.47
CA TYR J 132 -65.08 78.11 51.86
C TYR J 132 -64.83 76.65 52.21
N ASP J 133 -64.96 75.77 51.22
CA ASP J 133 -64.85 74.34 51.44
C ASP J 133 -63.43 73.92 51.75
N PHE J 134 -62.52 74.17 50.81
CA PHE J 134 -61.12 73.79 50.97
C PHE J 134 -60.45 74.57 52.09
N GLU J 135 -60.76 75.86 52.18
CA GLU J 135 -60.12 76.73 53.16
C GLU J 135 -60.53 76.33 54.57
N ARG J 136 -61.62 75.58 54.67
CA ARG J 136 -62.11 75.07 55.95
C ARG J 136 -61.59 73.65 56.22
N ASN J 137 -61.28 72.92 55.15
CA ASN J 137 -60.86 71.52 55.25
C ASN J 137 -59.56 71.25 54.51
N LEU J 138 -58.65 72.21 54.54
CA LEU J 138 -57.38 72.06 53.86
C LEU J 138 -56.55 71.02 54.60
N TYR J 139 -56.69 71.02 55.92
CA TYR J 139 -55.94 70.11 56.77
C TYR J 139 -56.83 68.96 57.22
N ASP J 140 -57.79 68.61 56.37
CA ASP J 140 -58.71 67.52 56.63
C ASP J 140 -59.52 67.29 55.35
N ILE J 141 -58.81 66.98 54.27
CA ILE J 141 -59.44 66.95 52.95
C ILE J 141 -60.47 65.84 52.81
N SER J 142 -60.24 64.74 53.51
CA SER J 142 -61.13 63.57 53.41
C SER J 142 -62.55 63.90 53.85
N SER J 143 -62.70 65.02 54.57
CA SER J 143 -63.99 65.47 55.06
C SER J 143 -64.55 66.60 54.19
N SER J 144 -63.78 66.99 53.17
CA SER J 144 -64.24 68.01 52.23
C SER J 144 -65.46 67.52 51.47
N ASP J 145 -66.48 68.36 51.36
CA ASP J 145 -67.73 67.99 50.71
C ASP J 145 -67.51 67.62 49.25
N PHE J 146 -66.70 68.41 48.54
CA PHE J 146 -66.42 68.14 47.14
C PHE J 146 -65.66 66.83 46.99
N PHE J 147 -64.66 66.65 47.83
CA PHE J 147 -63.87 65.42 47.85
C PHE J 147 -64.79 64.21 48.01
N LYS J 148 -65.93 64.44 48.64
CA LYS J 148 -66.91 63.39 48.87
C LYS J 148 -67.96 63.36 47.76
N LYS J 149 -67.56 63.81 46.58
CA LYS J 149 -68.42 63.79 45.39
C LYS J 149 -67.58 63.55 44.15
N VAL J 150 -66.46 62.87 44.33
CA VAL J 150 -65.54 62.60 43.23
C VAL J 150 -64.60 61.46 43.58
N TYR J 151 -64.15 61.42 44.83
CA TYR J 151 -63.29 60.35 45.30
C TYR J 151 -64.15 59.27 45.94
N VAL J 152 -64.57 59.49 47.18
CA VAL J 152 -65.45 58.57 47.87
C VAL J 152 -66.89 58.88 47.50
N SER J 153 -67.31 58.32 46.37
CA SER J 153 -68.64 58.59 45.81
C SER J 153 -68.80 57.86 44.48
N GLU J 154 -67.76 57.92 43.66
CA GLU J 154 -67.78 57.33 42.34
C GLU J 154 -66.48 56.62 42.01
N PHE J 155 -65.36 57.18 42.46
CA PHE J 155 -64.07 56.55 42.22
C PHE J 155 -63.79 55.44 43.21
N ASP J 156 -64.14 55.68 44.46
CA ASP J 156 -63.83 54.74 45.53
C ASP J 156 -64.84 53.60 45.50
N GLN J 157 -66.13 53.95 45.45
CA GLN J 157 -67.19 52.95 45.54
C GLN J 157 -67.13 51.94 44.40
N TYR J 158 -67.73 50.79 44.65
CA TYR J 158 -67.75 49.69 43.70
C TYR J 158 -68.38 50.06 42.37
N GLY J 159 -69.70 50.07 42.30
CA GLY J 159 -70.41 50.28 41.05
C GLY J 159 -70.24 51.66 40.47
N GLY J 160 -69.50 52.52 41.15
CA GLY J 160 -69.32 53.89 40.72
C GLY J 160 -68.44 54.03 39.50
N GLU J 161 -68.73 55.04 38.68
CA GLU J 161 -67.92 55.37 37.52
C GLU J 161 -66.98 56.53 37.85
N PRO J 162 -65.67 56.29 37.86
CA PRO J 162 -64.72 57.34 38.28
C PRO J 162 -64.64 58.51 37.29
N TYR J 163 -64.22 59.67 37.78
CA TYR J 163 -64.04 60.84 36.95
C TYR J 163 -62.65 60.84 36.35
N GLY J 164 -62.43 61.72 35.38
CA GLY J 164 -61.13 61.83 34.72
C GLY J 164 -60.93 63.25 34.21
N ALA J 165 -59.89 63.90 34.70
CA ALA J 165 -59.56 65.26 34.27
C ALA J 165 -60.70 66.24 34.52
N ILE J 166 -60.74 66.81 35.71
CA ILE J 166 -61.68 67.87 36.05
C ILE J 166 -61.34 69.13 35.23
N LEU J 167 -62.32 70.00 35.05
CA LEU J 167 -62.14 71.24 34.29
C LEU J 167 -62.63 72.44 35.08
N GLY J 168 -61.71 73.21 35.62
CA GLY J 168 -62.06 74.43 36.35
C GLY J 168 -62.35 75.55 35.37
N LEU J 169 -63.60 75.99 35.35
CA LEU J 169 -64.02 77.05 34.43
C LEU J 169 -63.68 78.45 34.98
N TYR J 170 -63.00 78.48 36.12
CA TYR J 170 -62.65 79.74 36.78
C TYR J 170 -61.33 80.33 36.30
N ASN J 171 -61.06 81.56 36.71
CA ASN J 171 -59.79 82.23 36.47
C ASN J 171 -59.09 82.54 37.80
N PHE J 172 -57.88 82.00 37.97
CA PHE J 172 -57.18 82.11 39.24
C PHE J 172 -56.07 83.16 39.18
N GLU J 173 -56.09 84.05 40.16
CA GLU J 173 -55.11 85.12 40.26
C GLU J 173 -53.90 84.69 41.09
N ASN J 174 -53.09 85.66 41.50
CA ASN J 174 -51.94 85.41 42.35
C ASN J 174 -52.30 85.59 43.84
N THR J 175 -53.59 85.71 44.11
CA THR J 175 -54.05 85.93 45.48
C THR J 175 -53.62 84.78 46.37
N THR J 176 -53.55 85.05 47.67
CA THR J 176 -53.21 84.02 48.65
C THR J 176 -54.46 83.26 49.10
N ASN J 177 -55.59 83.55 48.47
CA ASN J 177 -56.82 82.79 48.70
C ASN J 177 -57.03 81.79 47.57
N ASP J 178 -56.99 82.28 46.33
CA ASP J 178 -57.16 81.44 45.15
C ASP J 178 -56.04 80.41 45.02
N ILE J 179 -54.97 80.64 45.78
CA ILE J 179 -53.83 79.73 45.78
C ILE J 179 -54.17 78.48 46.58
N ILE J 180 -55.03 78.64 47.56
CA ILE J 180 -55.49 77.54 48.38
C ILE J 180 -56.50 76.71 47.60
N TRP J 181 -57.30 77.41 46.81
CA TRP J 181 -58.33 76.79 45.98
C TRP J 181 -57.72 75.70 45.10
N LEU J 182 -56.53 75.99 44.57
CA LEU J 182 -55.80 75.04 43.74
C LEU J 182 -55.14 73.99 44.62
N THR J 183 -54.69 74.42 45.79
CA THR J 183 -54.01 73.53 46.72
C THR J 183 -54.99 72.47 47.21
N GLY J 184 -56.25 72.83 47.29
CA GLY J 184 -57.29 71.91 47.72
C GLY J 184 -57.76 71.01 46.59
N MET J 185 -58.12 71.63 45.46
CA MET J 185 -58.59 70.89 44.30
C MET J 185 -57.54 69.90 43.82
N GLY J 186 -56.28 70.28 43.97
CA GLY J 186 -55.17 69.42 43.61
C GLY J 186 -55.00 68.32 44.63
N MET J 187 -55.35 68.62 45.87
CA MET J 187 -55.31 67.62 46.94
C MET J 187 -56.27 66.47 46.63
N VAL J 188 -57.36 66.83 45.95
CA VAL J 188 -58.37 65.88 45.51
C VAL J 188 -57.90 65.14 44.26
N ALA J 189 -57.63 65.92 43.22
CA ALA J 189 -57.16 65.41 41.94
C ALA J 189 -56.03 64.41 42.10
N LYS J 190 -55.09 64.78 42.97
CA LYS J 190 -53.93 63.94 43.26
C LYS J 190 -54.35 62.55 43.69
N ASN J 191 -55.40 62.47 44.51
CA ASN J 191 -55.87 61.20 45.05
C ASN J 191 -56.89 60.54 44.13
N SER J 192 -57.85 61.33 43.67
CA SER J 192 -58.88 60.81 42.78
C SER J 192 -58.29 60.49 41.40
N HIS J 193 -57.07 60.97 41.16
CA HIS J 193 -56.38 60.76 39.89
C HIS J 193 -57.17 61.38 38.75
N ALA J 194 -57.14 62.70 38.68
CA ALA J 194 -57.96 63.45 37.73
C ALA J 194 -57.38 64.85 37.56
N PRO J 195 -56.39 65.00 36.66
CA PRO J 195 -55.69 66.25 36.41
C PRO J 195 -56.62 67.45 36.29
N PHE J 196 -56.53 68.37 37.26
CA PHE J 196 -57.43 69.52 37.29
C PHE J 196 -56.92 70.66 36.41
N ILE J 197 -57.57 70.85 35.26
CA ILE J 197 -57.19 71.88 34.31
C ILE J 197 -57.98 73.15 34.56
N ALA J 198 -57.31 74.29 34.49
CA ALA J 198 -57.97 75.58 34.71
C ALA J 198 -57.31 76.70 33.91
N SER J 199 -57.69 77.93 34.20
CA SER J 199 -57.13 79.09 33.52
C SER J 199 -56.70 80.14 34.53
N ILE J 200 -55.78 81.01 34.12
CA ILE J 200 -55.30 82.09 35.00
C ILE J 200 -55.62 83.47 34.42
N ASP J 201 -56.06 84.35 35.31
CA ASP J 201 -56.47 85.70 34.93
C ASP J 201 -55.28 86.53 34.53
N LYS J 202 -55.54 87.61 33.82
CA LYS J 202 -54.49 88.54 33.42
C LYS J 202 -53.92 89.28 34.64
N SER J 203 -54.60 89.14 35.79
CA SER J 203 -54.16 89.78 37.03
C SER J 203 -52.94 89.08 37.61
N PHE J 204 -52.59 87.94 37.02
CA PHE J 204 -51.46 87.16 37.50
C PHE J 204 -50.16 87.91 37.25
N PHE J 205 -49.95 88.31 36.00
CA PHE J 205 -48.73 88.97 35.58
C PHE J 205 -48.71 90.44 36.02
N GLY J 206 -49.71 90.84 36.79
CA GLY J 206 -49.80 92.20 37.27
C GLY J 206 -50.04 93.19 36.15
N VAL J 207 -50.94 92.84 35.23
CA VAL J 207 -51.27 93.71 34.10
C VAL J 207 -52.78 93.69 33.83
N LYS J 208 -53.31 94.85 33.47
CA LYS J 208 -54.76 95.02 33.34
C LYS J 208 -55.28 94.66 31.96
N ASP J 209 -54.38 94.35 31.04
CA ASP J 209 -54.75 93.91 29.70
C ASP J 209 -53.85 92.76 29.30
N LEU J 210 -54.45 91.61 29.00
CA LEU J 210 -53.67 90.40 28.77
C LEU J 210 -52.80 90.55 27.54
N SER J 211 -53.26 91.36 26.60
CA SER J 211 -52.50 91.61 25.38
C SER J 211 -51.14 92.24 25.68
N GLU J 212 -51.02 92.86 26.85
CA GLU J 212 -49.80 93.59 27.22
C GLU J 212 -48.81 92.69 27.95
N ILE J 213 -49.05 91.39 27.88
CA ILE J 213 -48.11 90.41 28.43
C ILE J 213 -46.98 90.21 27.44
N THR J 214 -47.24 90.52 26.18
CA THR J 214 -46.24 90.42 25.13
C THR J 214 -45.04 91.33 25.41
N HIS J 215 -45.28 92.41 26.15
CA HIS J 215 -44.23 93.38 26.44
C HIS J 215 -43.18 92.83 27.41
N ILE J 216 -43.59 91.89 28.27
CA ILE J 216 -42.67 91.29 29.22
C ILE J 216 -41.66 90.44 28.46
N LYS J 217 -40.38 90.64 28.78
CA LYS J 217 -39.32 89.96 28.06
C LYS J 217 -39.34 88.47 28.38
N SER J 218 -39.04 88.14 29.64
CA SER J 218 -38.97 86.76 30.08
C SER J 218 -39.66 86.59 31.42
N PHE J 219 -40.67 85.74 31.45
CA PHE J 219 -41.43 85.49 32.66
C PHE J 219 -40.58 84.71 33.66
N GLU J 220 -39.49 84.13 33.18
CA GLU J 220 -38.58 83.40 34.04
C GLU J 220 -37.98 84.36 35.06
N ALA J 221 -37.59 85.55 34.62
CA ALA J 221 -37.03 86.56 35.49
C ALA J 221 -38.12 87.25 36.30
N LEU J 222 -39.37 87.10 35.85
CA LEU J 222 -40.50 87.74 36.50
C LEU J 222 -40.79 87.07 37.83
N LEU J 223 -40.84 85.74 37.81
CA LEU J 223 -41.19 84.96 38.99
C LEU J 223 -40.15 85.07 40.10
N GLU J 224 -38.99 85.64 39.78
CA GLU J 224 -37.95 85.88 40.78
C GLU J 224 -38.36 87.06 41.67
N HIS J 225 -39.24 87.90 41.15
CA HIS J 225 -39.81 89.01 41.90
C HIS J 225 -40.54 88.51 43.17
N PRO J 226 -40.34 89.19 44.32
CA PRO J 226 -40.86 88.70 45.61
C PRO J 226 -42.38 88.74 45.72
N ARG J 227 -43.04 89.18 44.65
CA ARG J 227 -44.48 89.26 44.63
C ARG J 227 -45.08 87.87 44.43
N TYR J 228 -44.26 86.96 43.90
CA TYR J 228 -44.71 85.61 43.59
C TYR J 228 -44.17 84.59 44.57
N LYS J 229 -43.77 85.05 45.76
CA LYS J 229 -43.19 84.18 46.76
C LYS J 229 -44.16 83.07 47.13
N GLU J 230 -45.40 83.45 47.41
CA GLU J 230 -46.43 82.49 47.79
C GLU J 230 -46.63 81.47 46.67
N TRP J 231 -46.52 81.93 45.44
CA TRP J 231 -46.79 81.09 44.28
C TRP J 231 -45.67 80.08 44.06
N ASN J 232 -44.43 80.52 44.21
CA ASN J 232 -43.29 79.63 44.05
C ASN J 232 -43.29 78.51 45.08
N ASP J 233 -43.94 78.74 46.21
CA ASP J 233 -44.04 77.72 47.25
C ASP J 233 -45.03 76.64 46.81
N PHE J 234 -46.09 77.08 46.15
CA PHE J 234 -47.13 76.16 45.68
C PHE J 234 -46.64 75.28 44.53
N ARG J 235 -45.74 75.83 43.72
CA ARG J 235 -45.20 75.09 42.58
C ARG J 235 -44.32 73.94 43.06
N ASN J 236 -43.91 74.01 44.33
CA ASN J 236 -43.05 72.98 44.90
C ASN J 236 -43.85 71.83 45.50
N LEU J 237 -45.13 72.08 45.78
CA LEU J 237 -46.01 71.03 46.31
C LEU J 237 -46.19 69.89 45.32
N ASP J 238 -46.47 68.71 45.84
CA ASP J 238 -46.66 67.53 44.99
C ASP J 238 -47.96 67.62 44.22
N VAL J 239 -48.97 68.21 44.86
CA VAL J 239 -50.31 68.28 44.27
C VAL J 239 -50.31 69.11 43.00
N ALA J 240 -49.33 70.00 42.87
CA ALA J 240 -49.25 70.91 41.73
C ALA J 240 -48.91 70.18 40.45
N ALA J 241 -48.53 68.91 40.56
CA ALA J 241 -48.20 68.09 39.39
C ALA J 241 -49.46 67.59 38.70
N TYR J 242 -50.61 68.08 39.14
CA TYR J 242 -51.90 67.69 38.57
C TYR J 242 -52.67 68.92 38.09
N ILE J 243 -52.26 70.09 38.56
CA ILE J 243 -52.86 71.33 38.09
C ILE J 243 -52.20 71.67 36.75
N GLY J 244 -53.00 72.20 35.83
CA GLY J 244 -52.50 72.61 34.52
C GLY J 244 -53.19 73.87 34.07
N LEU J 245 -52.55 75.01 34.29
CA LEU J 245 -53.18 76.30 34.06
C LEU J 245 -52.92 76.83 32.66
N THR J 246 -53.97 77.38 32.04
CA THR J 246 -53.89 77.85 30.66
C THR J 246 -53.90 79.37 30.56
N VAL J 247 -53.20 79.90 29.54
CA VAL J 247 -53.15 81.33 29.30
C VAL J 247 -53.76 81.67 27.95
N GLY J 248 -54.48 82.78 27.90
CA GLY J 248 -55.16 83.19 26.69
C GLY J 248 -56.61 82.71 26.73
N ASP J 249 -57.48 83.51 26.11
CA ASP J 249 -58.91 83.23 26.11
C ASP J 249 -59.43 83.35 24.68
N PHE J 250 -60.11 82.33 24.19
CA PHE J 250 -60.62 82.35 22.83
C PHE J 250 -61.95 83.05 22.78
N MET J 251 -62.19 83.76 21.68
CA MET J 251 -63.46 84.43 21.49
C MET J 251 -64.53 83.38 21.18
N LEU J 252 -65.58 83.34 21.99
CA LEU J 252 -66.58 82.27 21.91
C LEU J 252 -67.87 82.73 21.25
N ARG J 253 -68.01 84.03 21.06
CA ARG J 253 -69.16 84.55 20.34
C ARG J 253 -68.80 85.78 19.54
N GLN J 254 -69.26 85.79 18.29
CA GLN J 254 -69.10 86.95 17.45
C GLN J 254 -70.24 87.92 17.73
N PRO J 255 -69.92 89.20 17.98
CA PRO J 255 -70.98 90.20 18.23
C PRO J 255 -71.93 90.32 17.05
N TYR J 256 -73.09 90.93 17.24
CA TYR J 256 -74.16 90.88 16.26
C TYR J 256 -74.18 92.07 15.30
N ASN J 257 -73.86 91.80 14.04
CA ASN J 257 -74.00 92.77 12.96
C ASN J 257 -74.99 92.23 11.93
N PRO J 258 -75.52 93.11 11.07
CA PRO J 258 -76.44 92.64 10.05
C PRO J 258 -75.69 91.95 8.90
N GLU J 259 -74.57 92.52 8.50
CA GLU J 259 -73.77 91.97 7.41
C GLU J 259 -72.84 90.86 7.92
N ASN J 260 -72.61 90.84 9.23
CA ASN J 260 -71.78 89.81 9.86
C ASN J 260 -72.47 89.21 11.07
N ASN J 261 -72.69 87.90 11.02
CA ASN J 261 -73.35 87.18 12.11
C ASN J 261 -74.72 87.78 12.41
N PRO J 262 -75.63 87.73 11.43
CA PRO J 262 -76.98 88.27 11.60
C PRO J 262 -77.85 87.39 12.49
N VAL J 263 -78.58 88.00 13.41
CA VAL J 263 -79.47 87.25 14.28
C VAL J 263 -80.53 86.57 13.44
N GLN J 264 -80.64 85.26 13.60
CA GLN J 264 -81.61 84.49 12.84
C GLN J 264 -83.02 84.88 13.27
N TYR J 265 -83.62 85.79 12.51
CA TYR J 265 -84.96 86.29 12.82
C TYR J 265 -86.01 85.20 12.59
N LYS J 266 -87.27 85.58 12.73
CA LYS J 266 -88.38 84.65 12.55
C LYS J 266 -88.91 84.70 11.12
N LEU J 267 -89.88 83.84 10.81
CA LEU J 267 -90.37 83.67 9.43
C LEU J 267 -91.22 84.85 8.95
N MET J 268 -91.37 85.88 9.78
CA MET J 268 -92.11 87.08 9.40
C MET J 268 -91.65 88.31 10.18
N GLU J 269 -91.27 88.10 11.43
CA GLU J 269 -90.80 89.19 12.28
C GLU J 269 -89.39 89.63 11.87
N GLY J 270 -89.31 90.66 11.04
CA GLY J 270 -88.04 91.18 10.57
C GLY J 270 -87.16 91.56 11.75
N PHE J 271 -86.04 90.85 11.89
CA PHE J 271 -85.15 91.06 13.02
C PHE J 271 -83.69 91.05 12.61
N ASN J 272 -83.38 90.47 11.45
CA ASN J 272 -82.01 90.32 11.00
C ASN J 272 -81.25 91.64 10.94
N GLU J 273 -81.97 92.72 10.67
CA GLU J 273 -81.40 94.05 10.75
C GLU J 273 -81.30 94.45 12.22
N PHE J 274 -80.18 94.09 12.84
CA PHE J 274 -80.02 94.27 14.28
C PHE J 274 -78.54 94.30 14.63
N VAL J 275 -78.09 95.41 15.21
CA VAL J 275 -76.69 95.60 15.54
C VAL J 275 -76.42 95.44 17.03
N ASP J 276 -75.14 95.45 17.40
CA ASP J 276 -74.70 95.42 18.78
C ASP J 276 -73.79 96.64 19.00
N TYR J 277 -73.05 96.67 20.12
CA TYR J 277 -72.23 97.83 20.45
C TYR J 277 -70.91 97.45 21.13
N ASP J 278 -69.85 97.35 20.35
CA ASP J 278 -68.52 97.05 20.87
C ASP J 278 -67.47 97.63 19.94
N LYS J 279 -66.22 97.67 20.39
CA LYS J 279 -65.13 98.24 19.60
C LYS J 279 -63.75 97.60 19.87
N ASN J 280 -63.11 98.01 20.96
CA ASN J 280 -61.74 97.62 21.24
C ASN J 280 -61.59 96.16 21.67
N GLU J 281 -61.79 95.89 22.96
CA GLU J 281 -61.64 94.53 23.49
C GLU J 281 -62.48 94.35 24.74
N SER J 282 -63.76 94.03 24.53
CA SER J 282 -64.68 93.73 25.63
C SER J 282 -66.00 93.21 25.06
N TYR J 283 -65.96 92.01 24.49
CA TYR J 283 -67.17 91.36 23.99
C TYR J 283 -67.07 89.84 24.11
N LEU J 284 -67.18 89.36 25.35
CA LEU J 284 -67.29 87.94 25.67
C LEU J 284 -66.03 87.14 25.36
N TRP J 285 -65.57 86.41 26.36
CA TRP J 285 -64.40 85.56 26.22
C TRP J 285 -64.63 84.23 26.93
N GLY J 286 -63.75 83.28 26.66
CA GLY J 286 -63.80 81.98 27.32
C GLY J 286 -62.40 81.41 27.46
N PRO J 287 -62.15 80.70 28.57
CA PRO J 287 -60.79 80.23 28.89
C PRO J 287 -60.32 79.09 27.98
N ALA J 288 -59.02 79.12 27.64
CA ALA J 288 -58.42 78.15 26.73
C ALA J 288 -58.53 76.74 27.26
N SER J 289 -58.74 76.63 28.56
CA SER J 289 -58.82 75.34 29.22
C SER J 289 -59.85 74.43 28.55
N ILE J 290 -60.88 75.04 27.97
CA ILE J 290 -61.94 74.26 27.33
C ILE J 290 -61.36 73.44 26.20
N HIS J 291 -60.73 74.11 25.24
CA HIS J 291 -60.16 73.43 24.08
C HIS J 291 -59.10 72.46 24.52
N LEU J 292 -58.44 72.76 25.64
CA LEU J 292 -57.43 71.88 26.15
C LEU J 292 -58.06 70.55 26.54
N VAL J 293 -59.13 70.60 27.33
CA VAL J 293 -59.83 69.39 27.73
C VAL J 293 -60.57 68.80 26.54
N LYS J 294 -61.11 69.66 25.69
CA LYS J 294 -61.85 69.21 24.52
C LYS J 294 -60.93 68.54 23.50
N ASN J 295 -59.62 68.59 23.76
CA ASN J 295 -58.65 67.83 22.97
C ASN J 295 -58.26 66.54 23.66
N MET J 296 -58.29 66.54 24.99
CA MET J 296 -58.06 65.32 25.75
C MET J 296 -59.16 64.32 25.43
N MET J 297 -60.37 64.83 25.25
CA MET J 297 -61.49 63.97 24.85
C MET J 297 -61.19 63.43 23.46
N ARG J 298 -60.80 64.31 22.56
CA ARG J 298 -60.43 63.92 21.21
C ARG J 298 -59.29 62.91 21.25
N SER J 299 -58.32 63.19 22.11
CA SER J 299 -57.21 62.28 22.32
C SER J 299 -57.63 61.12 23.19
N TYR J 300 -58.71 60.46 22.81
CA TYR J 300 -59.20 59.33 23.57
C TYR J 300 -60.16 58.54 22.72
N ASP J 301 -61.02 59.23 22.00
CA ASP J 301 -61.92 58.57 21.07
C ASP J 301 -61.13 58.06 19.88
N LYS J 302 -60.16 58.86 19.44
CA LYS J 302 -59.33 58.50 18.30
C LYS J 302 -58.23 57.53 18.74
N THR J 303 -57.26 58.04 19.48
CA THR J 303 -56.25 57.19 20.10
C THR J 303 -56.89 56.53 21.33
N ARG J 304 -56.14 56.41 22.42
CA ARG J 304 -56.70 55.90 23.67
C ARG J 304 -56.05 56.56 24.88
N TRP J 305 -54.82 57.05 24.70
CA TRP J 305 -54.09 57.75 25.75
C TRP J 305 -53.91 59.22 25.39
N PHE J 306 -53.09 59.92 26.16
CA PHE J 306 -53.00 61.37 26.06
C PHE J 306 -51.66 61.88 25.55
N GLN J 307 -51.18 61.31 24.45
CA GLN J 307 -50.02 61.83 23.78
C GLN J 307 -50.46 62.81 22.71
N TYR J 308 -51.73 62.71 22.33
CA TYR J 308 -52.27 63.42 21.19
C TYR J 308 -52.87 64.77 21.56
N ILE J 309 -52.19 65.51 22.43
CA ILE J 309 -52.68 66.81 22.90
C ILE J 309 -51.60 67.89 22.85
N ARG J 310 -50.57 67.66 22.04
CA ARG J 310 -49.46 68.58 21.94
C ARG J 310 -49.00 68.75 20.51
N GLY J 311 -48.51 69.94 20.19
CA GLY J 311 -47.93 70.20 18.88
C GLY J 311 -48.98 70.35 17.81
N VAL J 312 -48.53 70.73 16.63
CA VAL J 312 -49.40 70.92 15.48
C VAL J 312 -49.75 69.60 14.83
N GLU J 313 -48.70 68.91 14.37
CA GLU J 313 -48.86 67.69 13.60
C GLU J 313 -49.49 66.60 14.45
N SER J 314 -49.17 66.60 15.74
CA SER J 314 -49.70 65.59 16.66
C SER J 314 -51.05 66.03 17.25
N GLY J 315 -51.02 66.58 18.45
CA GLY J 315 -52.24 66.89 19.18
C GLY J 315 -52.83 68.24 18.89
N GLY J 316 -52.73 69.13 19.87
CA GLY J 316 -53.46 70.39 19.87
C GLY J 316 -53.31 71.24 18.62
N TYR J 317 -54.37 71.27 17.82
CA TYR J 317 -54.41 72.10 16.64
C TYR J 317 -55.62 73.04 16.71
N VAL J 318 -56.74 72.52 17.19
CA VAL J 318 -57.96 73.31 17.39
C VAL J 318 -58.35 74.05 16.11
N LYS J 319 -59.02 73.35 15.22
CA LYS J 319 -59.34 73.87 13.91
C LYS J 319 -60.63 74.71 13.96
N ASN J 320 -60.65 75.81 13.21
CA ASN J 320 -61.85 76.60 13.02
C ASN J 320 -62.37 77.25 14.29
N LEU J 321 -61.83 78.44 14.61
CA LEU J 321 -62.28 79.19 15.78
C LEU J 321 -63.16 80.37 15.40
N VAL J 322 -63.91 80.88 16.38
CA VAL J 322 -64.83 81.97 16.14
C VAL J 322 -64.09 83.30 16.14
N ALA J 323 -63.61 83.69 14.97
CA ALA J 323 -62.93 84.97 14.82
C ALA J 323 -63.94 86.11 14.85
N CYS J 324 -63.54 87.28 14.37
CA CYS J 324 -64.43 88.42 14.29
C CYS J 324 -63.93 89.42 13.25
N VAL J 325 -64.87 90.06 12.57
CA VAL J 325 -64.56 91.06 11.55
C VAL J 325 -65.43 92.29 11.77
N TYR J 326 -64.90 93.45 11.41
CA TYR J 326 -65.62 94.70 11.62
C TYR J 326 -65.17 95.78 10.65
N ASP J 327 -66.14 96.59 10.23
CA ASP J 327 -65.91 97.69 9.30
C ASP J 327 -65.98 99.03 10.01
N ASN J 328 -64.86 99.50 10.51
CA ASN J 328 -64.82 100.81 11.18
C ASN J 328 -64.74 101.93 10.15
N LYS J 329 -63.77 101.83 9.26
CA LYS J 329 -63.57 102.82 8.19
C LYS J 329 -62.90 102.17 6.99
N GLY J 330 -62.02 101.20 7.26
CA GLY J 330 -61.35 100.46 6.20
C GLY J 330 -62.29 99.50 5.50
N ILE J 331 -61.83 98.26 5.31
CA ILE J 331 -62.60 97.24 4.61
C ILE J 331 -62.57 95.93 5.37
N LEU J 332 -63.41 95.81 6.39
CA LEU J 332 -63.54 94.59 7.18
C LEU J 332 -62.18 94.09 7.68
N GLU J 333 -61.64 94.79 8.67
CA GLU J 333 -60.37 94.43 9.28
C GLU J 333 -60.59 93.30 10.28
N THR J 334 -60.08 92.11 9.95
CA THR J 334 -60.33 90.92 10.78
C THR J 334 -59.73 91.07 12.18
N LYS J 335 -60.29 90.33 13.13
CA LYS J 335 -59.85 90.36 14.51
C LYS J 335 -59.47 88.94 14.93
N SER J 336 -58.22 88.75 15.35
CA SER J 336 -57.71 87.43 15.68
C SER J 336 -58.55 86.78 16.78
N PRO J 337 -58.84 85.48 16.64
CA PRO J 337 -59.76 84.79 17.56
C PRO J 337 -59.23 84.72 18.98
N LEU J 338 -57.92 84.79 19.12
CA LEU J 338 -57.28 84.64 20.43
C LEU J 338 -57.08 85.98 21.11
N ASN J 339 -57.08 85.93 22.44
CA ASN J 339 -56.90 87.12 23.27
C ASN J 339 -55.55 87.75 23.00
N VAL J 340 -54.52 86.91 22.92
CA VAL J 340 -53.14 87.38 22.81
C VAL J 340 -52.36 86.57 21.76
N LEU J 341 -51.54 87.29 21.00
CA LEU J 341 -50.78 86.71 19.91
C LEU J 341 -49.37 86.36 20.37
N PHE J 342 -49.25 85.27 21.11
CA PHE J 342 -47.97 84.82 21.62
C PHE J 342 -46.97 84.63 20.51
N ALA J 343 -45.75 85.09 20.75
CA ALA J 343 -44.64 84.86 19.83
C ALA J 343 -44.04 83.49 20.13
N ASP J 344 -42.87 83.21 19.57
CA ASP J 344 -42.27 81.89 19.69
C ASP J 344 -41.68 81.65 21.08
N TYR J 345 -40.83 82.57 21.54
CA TYR J 345 -40.15 82.39 22.81
C TYR J 345 -41.12 82.61 23.97
N MET J 346 -42.31 83.10 23.67
CA MET J 346 -43.37 83.18 24.67
C MET J 346 -43.91 81.78 24.95
N GLU J 347 -44.04 80.98 23.89
CA GLU J 347 -44.51 79.60 23.99
C GLU J 347 -43.67 78.83 24.99
N LEU J 348 -42.39 79.14 25.01
CA LEU J 348 -41.44 78.45 25.84
C LEU J 348 -41.30 79.11 27.19
N SER J 349 -41.11 80.42 27.18
CA SER J 349 -40.88 81.18 28.41
C SER J 349 -42.09 81.13 29.35
N LEU J 350 -43.18 80.53 28.88
CA LEU J 350 -44.33 80.27 29.74
C LEU J 350 -44.27 78.84 30.29
N ALA J 351 -43.78 77.91 29.46
CA ALA J 351 -43.74 76.51 29.84
C ALA J 351 -42.89 76.30 31.09
N ASN J 352 -41.96 77.21 31.32
CA ASN J 352 -41.06 77.13 32.45
C ASN J 352 -41.72 77.64 33.74
N ILE J 353 -42.70 78.52 33.57
CA ILE J 353 -43.43 79.08 34.71
C ILE J 353 -44.47 78.08 35.20
N GLY J 354 -44.82 77.13 34.34
CA GLY J 354 -45.79 76.10 34.67
C GLY J 354 -47.15 76.50 34.16
N LEU J 355 -47.16 77.06 32.96
CA LEU J 355 -48.38 77.54 32.34
C LEU J 355 -48.56 76.93 30.98
N ILE J 356 -49.80 76.89 30.52
CA ILE J 356 -50.14 76.32 29.22
C ILE J 356 -50.62 77.43 28.28
N PRO J 357 -49.73 77.90 27.40
CA PRO J 357 -50.10 78.96 26.46
C PRO J 357 -50.94 78.44 25.30
N PHE J 358 -51.99 79.19 24.94
CA PHE J 358 -52.87 78.83 23.82
C PHE J 358 -52.55 79.71 22.62
N VAL J 359 -51.41 79.46 22.00
CA VAL J 359 -50.86 80.34 20.97
C VAL J 359 -51.61 80.24 19.66
N SER J 360 -51.68 81.36 18.94
CA SER J 360 -52.45 81.44 17.72
C SER J 360 -51.53 81.58 16.51
N GLU J 361 -52.00 81.12 15.36
CA GLU J 361 -51.30 81.37 14.10
C GLU J 361 -51.92 82.60 13.48
N LYS J 362 -51.10 83.63 13.28
CA LYS J 362 -51.57 84.93 12.85
C LYS J 362 -52.37 84.87 11.54
N GLY J 363 -53.63 85.26 11.61
CA GLY J 363 -54.50 85.29 10.44
C GLY J 363 -55.18 83.97 10.15
N THR J 364 -54.48 82.87 10.43
CA THR J 364 -54.99 81.53 10.10
C THR J 364 -56.29 81.20 10.83
N SER J 365 -56.62 82.01 11.85
CA SER J 365 -57.83 81.81 12.64
C SER J 365 -57.81 80.44 13.32
N ASN J 366 -56.63 80.03 13.77
CA ASN J 366 -56.44 78.75 14.46
C ASN J 366 -55.47 78.88 15.63
N ALA J 367 -55.20 77.76 16.29
CA ALA J 367 -54.35 77.74 17.46
C ALA J 367 -53.53 76.45 17.53
N CYS J 368 -52.98 76.16 18.70
CA CYS J 368 -52.28 74.91 18.99
C CYS J 368 -51.62 75.00 20.36
N PHE J 369 -51.60 73.87 21.06
CA PHE J 369 -50.89 73.78 22.34
C PHE J 369 -49.52 73.18 22.13
N PHE J 370 -48.49 74.01 22.20
CA PHE J 370 -47.12 73.52 22.11
C PHE J 370 -46.68 72.92 23.43
N SER J 371 -46.98 73.62 24.51
CA SER J 371 -46.61 73.19 25.84
C SER J 371 -47.83 72.70 26.58
N VAL J 372 -47.64 71.62 27.33
CA VAL J 372 -48.67 71.12 28.22
C VAL J 372 -48.01 70.73 29.52
N ASN J 373 -47.56 71.74 30.26
CA ASN J 373 -46.87 71.51 31.51
C ASN J 373 -47.75 71.85 32.70
N SER J 374 -47.54 71.11 33.77
CA SER J 374 -48.21 71.38 35.04
C SER J 374 -47.55 72.55 35.71
N ALA J 375 -48.04 72.90 36.89
CA ALA J 375 -47.47 74.01 37.64
C ALA J 375 -46.30 73.55 38.49
N LYS J 376 -45.92 72.29 38.34
CA LYS J 376 -44.82 71.74 39.13
C LYS J 376 -43.48 72.35 38.70
N LYS J 377 -42.64 72.65 39.68
CA LYS J 377 -41.33 73.24 39.40
C LYS J 377 -40.48 72.24 38.62
N VAL J 378 -39.68 72.75 37.70
CA VAL J 378 -38.90 71.89 36.82
C VAL J 378 -37.52 71.55 37.42
N GLU J 379 -37.06 72.39 38.35
CA GLU J 379 -35.76 72.21 38.98
C GLU J 379 -34.65 72.20 37.91
N GLU J 380 -33.48 71.66 38.25
CA GLU J 380 -32.38 71.59 37.29
C GLU J 380 -31.44 70.43 37.63
N PHE J 381 -30.84 70.50 38.80
CA PHE J 381 -30.00 69.42 39.33
C PHE J 381 -28.71 69.23 38.53
N VAL J 382 -27.74 68.59 39.17
CA VAL J 382 -26.45 68.33 38.55
C VAL J 382 -26.46 66.99 37.84
N ASP J 383 -26.87 65.95 38.57
CA ASP J 383 -26.96 64.61 37.98
C ASP J 383 -27.97 64.64 36.83
N GLY J 384 -27.53 64.15 35.67
CA GLY J 384 -28.34 64.22 34.46
C GLY J 384 -29.68 63.50 34.57
N PHE J 385 -29.66 62.31 35.19
CA PHE J 385 -30.87 61.54 35.36
C PHE J 385 -31.91 62.32 36.17
N ASP J 386 -31.49 62.82 37.32
CA ASP J 386 -32.38 63.58 38.20
C ASP J 386 -32.98 64.76 37.44
N SER J 387 -32.17 65.40 36.61
CA SER J 387 -32.60 66.57 35.86
C SER J 387 -33.70 66.20 34.87
N ALA J 388 -33.63 64.98 34.35
CA ALA J 388 -34.59 64.51 33.35
C ALA J 388 -35.89 64.07 34.02
N ASN J 389 -35.76 63.51 35.22
CA ASN J 389 -36.93 63.14 36.01
C ASN J 389 -37.90 64.30 36.14
N SER J 390 -37.37 65.41 36.64
CA SER J 390 -38.18 66.59 36.94
C SER J 390 -38.77 67.21 35.68
N ARG J 391 -38.19 66.87 34.53
CA ARG J 391 -38.66 67.44 33.27
C ARG J 391 -39.88 66.68 32.76
N LEU J 392 -39.98 65.41 33.14
CA LEU J 392 -41.07 64.54 32.70
C LEU J 392 -42.23 64.61 33.69
N ILE J 393 -41.92 64.89 34.94
CA ILE J 393 -42.95 64.93 35.96
C ILE J 393 -43.76 66.20 35.81
N ALA J 394 -43.09 67.30 35.47
CA ALA J 394 -43.75 68.57 35.24
C ALA J 394 -44.70 68.47 34.06
N ASN J 395 -44.36 67.59 33.12
CA ASN J 395 -45.15 67.40 31.92
C ASN J 395 -46.50 66.77 32.23
N LEU J 396 -47.55 67.53 31.95
CA LEU J 396 -48.91 67.12 32.29
C LEU J 396 -49.34 65.89 31.53
N SER J 397 -49.01 65.84 30.25
CA SER J 397 -49.51 64.80 29.35
C SER J 397 -49.18 63.39 29.84
N TYR J 398 -48.09 63.25 30.58
CA TYR J 398 -47.71 61.95 31.12
C TYR J 398 -48.52 61.60 32.36
N THR J 399 -48.63 62.55 33.28
CA THR J 399 -49.40 62.35 34.50
C THR J 399 -50.86 62.09 34.19
N MET J 400 -51.29 62.44 32.98
CA MET J 400 -52.61 62.08 32.51
C MET J 400 -52.64 60.59 32.22
N CYS J 401 -51.53 60.08 31.67
CA CYS J 401 -51.42 58.68 31.27
C CYS J 401 -51.15 57.80 32.47
N ILE J 402 -50.20 58.20 33.30
CA ILE J 402 -49.87 57.43 34.48
C ILE J 402 -51.11 57.33 35.36
N SER J 403 -51.95 58.36 35.29
CA SER J 403 -53.19 58.37 36.05
C SER J 403 -54.14 57.29 35.55
N ARG J 404 -54.07 56.99 34.26
CA ARG J 404 -54.97 56.02 33.66
C ARG J 404 -54.63 54.60 34.09
N ILE J 405 -53.45 54.43 34.69
CA ILE J 405 -53.07 53.13 35.22
C ILE J 405 -53.69 52.95 36.60
N SER J 406 -53.76 54.03 37.35
CA SER J 406 -54.43 54.01 38.65
C SER J 406 -55.91 53.66 38.47
N HIS J 407 -56.50 54.17 37.39
CA HIS J 407 -57.88 53.85 37.06
C HIS J 407 -58.02 52.44 36.54
N TYR J 408 -56.89 51.75 36.40
CA TYR J 408 -56.91 50.36 36.01
C TYR J 408 -56.78 49.50 37.25
N ILE J 409 -55.79 49.81 38.09
CA ILE J 409 -55.58 49.06 39.31
C ILE J 409 -56.82 49.16 40.20
N LYS J 410 -57.02 50.31 40.84
CA LYS J 410 -58.22 50.52 41.65
C LYS J 410 -59.45 50.62 40.76
N CYS J 411 -59.82 49.51 40.15
CA CYS J 411 -60.97 49.44 39.26
C CYS J 411 -61.21 48.03 38.77
N VAL J 412 -60.13 47.40 38.30
CA VAL J 412 -60.21 46.10 37.67
C VAL J 412 -59.74 44.99 38.61
N ILE J 413 -58.62 45.20 39.28
CA ILE J 413 -58.09 44.19 40.18
C ILE J 413 -59.02 43.98 41.39
N ARG J 414 -59.99 44.88 41.53
CA ARG J 414 -61.01 44.76 42.56
C ARG J 414 -61.81 43.48 42.38
N ASP J 415 -61.89 43.01 41.15
CA ASP J 415 -62.63 41.79 40.85
C ASP J 415 -62.03 40.60 41.60
N LYS J 416 -60.71 40.44 41.49
CA LYS J 416 -60.01 39.35 42.15
C LYS J 416 -59.45 39.82 43.48
N ILE J 417 -60.36 40.21 44.37
CA ILE J 417 -59.97 40.70 45.69
C ILE J 417 -59.88 39.55 46.67
N GLY J 418 -60.60 38.47 46.38
CA GLY J 418 -60.69 37.33 47.28
C GLY J 418 -60.01 36.11 46.70
N SER J 419 -59.74 36.15 45.39
CA SER J 419 -59.11 35.03 44.72
C SER J 419 -57.71 34.80 45.27
N ILE J 420 -57.27 33.56 45.21
CA ILE J 420 -55.93 33.22 45.67
C ILE J 420 -54.92 33.59 44.60
N VAL J 421 -54.07 34.54 44.93
CA VAL J 421 -53.07 35.04 44.00
C VAL J 421 -51.74 35.22 44.70
N ASP J 422 -50.69 35.40 43.91
CA ASP J 422 -49.34 35.47 44.43
C ASP J 422 -48.59 36.67 43.91
N VAL J 423 -47.36 36.81 44.38
CA VAL J 423 -46.46 37.84 43.91
C VAL J 423 -46.23 37.67 42.41
N GLU J 424 -46.23 36.43 41.96
CA GLU J 424 -45.94 36.11 40.56
C GLU J 424 -47.19 36.17 39.70
N SER J 425 -48.35 36.28 40.34
CA SER J 425 -49.63 36.28 39.63
C SER J 425 -50.13 37.69 39.38
N ILE J 426 -49.89 38.57 40.36
CA ILE J 426 -50.29 39.96 40.23
C ILE J 426 -49.37 40.67 39.23
N GLN J 427 -48.13 40.20 39.16
CA GLN J 427 -47.16 40.73 38.21
C GLN J 427 -47.51 40.28 36.79
N LYS J 428 -48.39 39.30 36.70
CA LYS J 428 -48.85 38.77 35.43
C LYS J 428 -50.02 39.59 34.92
N ILE J 429 -51.08 39.66 35.73
CA ILE J 429 -52.31 40.36 35.37
C ILE J 429 -52.05 41.83 35.05
N LEU J 430 -51.21 42.47 35.86
CA LEU J 430 -50.97 43.89 35.71
C LEU J 430 -50.05 44.17 34.53
N SER J 431 -49.17 43.22 34.23
CA SER J 431 -48.21 43.40 33.15
C SER J 431 -48.78 42.99 31.80
N ASP J 432 -49.51 41.87 31.78
CA ASP J 432 -50.11 41.36 30.56
C ASP J 432 -51.00 42.40 29.90
N TRP J 433 -51.54 43.30 30.74
CA TRP J 433 -52.38 44.38 30.25
C TRP J 433 -51.53 45.45 29.61
N ILE J 434 -50.73 46.12 30.43
CA ILE J 434 -49.95 47.27 30.00
C ILE J 434 -48.99 46.94 28.86
N SER J 435 -48.73 45.65 28.67
CA SER J 435 -47.78 45.20 27.67
C SER J 435 -48.20 45.59 26.25
N GLU J 436 -49.50 45.72 26.01
CA GLU J 436 -50.00 46.04 24.69
C GLU J 436 -49.86 47.53 24.36
N PHE J 437 -49.27 48.28 25.29
CA PHE J 437 -49.17 49.73 25.17
C PHE J 437 -47.73 50.21 25.30
N VAL J 438 -46.79 49.28 25.18
CA VAL J 438 -45.36 49.60 25.27
C VAL J 438 -44.59 49.09 24.08
N THR J 439 -43.86 50.00 23.44
CA THR J 439 -43.07 49.64 22.27
C THR J 439 -41.80 50.47 22.24
N THR J 440 -40.97 50.17 21.25
CA THR J 440 -39.75 50.91 21.01
C THR J 440 -39.74 51.37 19.55
N VAL J 441 -40.30 50.54 18.69
CA VAL J 441 -40.40 50.87 17.27
C VAL J 441 -41.38 52.01 17.06
N TYR J 442 -41.12 52.83 16.04
CA TYR J 442 -41.99 53.96 15.73
C TYR J 442 -42.85 53.68 14.52
N GLN J 443 -44.12 54.03 14.64
CA GLN J 443 -45.06 53.82 13.55
C GLN J 443 -45.16 55.08 12.69
N PRO J 444 -45.45 54.90 11.40
CA PRO J 444 -45.65 56.07 10.53
C PRO J 444 -46.80 56.93 11.02
N THR J 445 -46.70 58.24 10.84
CA THR J 445 -47.71 59.19 11.29
C THR J 445 -47.71 59.22 12.83
N PRO J 446 -48.21 60.34 13.39
CA PRO J 446 -48.22 60.47 14.85
C PRO J 446 -49.30 59.63 15.50
N LEU J 447 -50.49 59.66 14.89
CA LEU J 447 -51.65 59.01 15.48
C LEU J 447 -51.43 57.51 15.62
N GLU J 448 -50.88 56.89 14.58
CA GLU J 448 -50.69 55.45 14.54
C GLU J 448 -49.68 54.99 15.59
N MET J 449 -48.91 55.94 16.12
CA MET J 449 -47.88 55.64 17.10
C MET J 449 -48.31 56.06 18.51
N ALA J 450 -49.13 57.10 18.61
CA ALA J 450 -49.61 57.58 19.91
C ALA J 450 -50.51 56.55 20.58
N ARG J 451 -50.87 55.49 19.86
CA ARG J 451 -51.53 54.34 20.46
C ARG J 451 -50.67 53.81 21.59
N TYR J 452 -49.36 53.92 21.41
CA TYR J 452 -48.37 53.46 22.38
C TYR J 452 -47.79 54.63 23.18
N PRO J 453 -48.35 54.92 24.35
CA PRO J 453 -47.79 56.02 25.14
C PRO J 453 -46.42 55.69 25.73
N PHE J 454 -46.31 54.55 26.40
CA PHE J 454 -45.12 54.25 27.17
C PHE J 454 -44.04 53.60 26.32
N ARG J 455 -42.80 53.67 26.83
CA ARG J 455 -41.66 53.06 26.16
C ARG J 455 -41.36 51.69 26.77
N ASN J 456 -41.24 51.66 28.09
CA ASN J 456 -41.02 50.42 28.83
C ASN J 456 -41.43 50.57 30.28
N VAL J 457 -41.76 49.44 30.91
CA VAL J 457 -42.30 49.45 32.26
C VAL J 457 -41.74 48.32 33.10
N SER J 458 -41.52 48.60 34.38
CA SER J 458 -41.16 47.59 35.37
C SER J 458 -42.30 47.47 36.37
N ILE J 459 -42.52 46.26 36.89
CA ILE J 459 -43.59 46.01 37.84
C ILE J 459 -43.13 44.99 38.87
N GLU J 460 -42.52 45.49 39.94
CA GLU J 460 -41.97 44.64 40.99
C GLU J 460 -42.85 44.67 42.23
N VAL J 461 -43.84 43.79 42.27
CA VAL J 461 -44.68 43.66 43.45
C VAL J 461 -44.03 42.66 44.40
N LYS J 462 -44.43 42.69 45.66
CA LYS J 462 -43.81 41.84 46.65
C LYS J 462 -44.63 41.86 47.92
N THR J 463 -44.82 40.68 48.50
CA THR J 463 -45.60 40.57 49.72
C THR J 463 -44.85 41.18 50.88
N ILE J 464 -45.60 41.63 51.88
CA ILE J 464 -45.01 42.20 53.08
C ILE J 464 -45.20 41.26 54.26
N PRO J 465 -44.32 41.36 55.26
CA PRO J 465 -44.48 40.53 56.47
C PRO J 465 -45.70 40.96 57.27
N GLY J 466 -46.13 40.12 58.19
CA GLY J 466 -47.29 40.43 59.02
C GLY J 466 -48.57 40.14 58.26
N LYS J 467 -48.99 41.10 57.46
CA LYS J 467 -50.21 40.96 56.66
C LYS J 467 -50.00 39.90 55.57
N PRO J 468 -50.71 38.77 55.64
CA PRO J 468 -50.47 37.68 54.70
C PRO J 468 -51.11 37.90 53.33
N GLY J 469 -52.32 38.44 53.33
CA GLY J 469 -53.07 38.61 52.10
C GLY J 469 -52.80 39.95 51.43
N TRP J 470 -51.95 40.77 52.05
CA TRP J 470 -51.64 42.09 51.52
C TRP J 470 -50.34 42.12 50.73
N TYR J 471 -50.25 43.05 49.79
CA TYR J 471 -49.05 43.22 48.96
C TYR J 471 -48.68 44.68 48.85
N SER J 472 -47.64 44.96 48.08
CA SER J 472 -47.17 46.32 47.86
C SER J 472 -46.44 46.41 46.54
N CYS J 473 -47.12 46.96 45.54
CA CYS J 473 -46.56 47.10 44.20
C CYS J 473 -45.68 48.35 44.09
N LYS J 474 -44.98 48.46 42.97
CA LYS J 474 -44.11 49.59 42.71
C LYS J 474 -43.74 49.60 41.24
N ILE J 475 -44.55 50.26 40.43
CA ILE J 475 -44.28 50.35 39.00
C ILE J 475 -43.48 51.58 38.66
N ASN J 476 -42.98 51.60 37.44
CA ASN J 476 -42.16 52.69 36.96
C ASN J 476 -42.24 52.75 35.45
N VAL J 477 -42.76 53.86 34.94
CA VAL J 477 -43.02 53.98 33.50
C VAL J 477 -42.20 55.08 32.86
N ILE J 478 -41.59 54.77 31.73
CA ILE J 478 -40.89 55.76 30.93
C ILE J 478 -41.71 56.06 29.69
N PRO J 479 -42.36 57.22 29.66
CA PRO J 479 -43.19 57.55 28.49
C PRO J 479 -42.35 57.98 27.30
N HIS J 480 -42.91 57.83 26.10
CA HIS J 480 -42.23 58.28 24.89
C HIS J 480 -41.99 59.77 24.95
N ILE J 481 -40.74 60.15 25.18
CA ILE J 481 -40.38 61.55 25.34
C ILE J 481 -40.65 62.32 24.07
N GLN J 482 -41.38 63.42 24.25
CA GLN J 482 -41.80 64.24 23.13
C GLN J 482 -40.68 65.15 22.68
N PHE J 483 -40.79 65.63 21.45
CA PHE J 483 -39.90 66.67 20.96
C PHE J 483 -40.17 67.93 21.77
N GLU J 484 -39.16 68.79 21.90
CA GLU J 484 -39.33 69.99 22.71
C GLU J 484 -38.52 71.18 22.17
N GLY J 485 -37.63 70.94 21.22
CA GLY J 485 -36.84 72.00 20.61
C GLY J 485 -35.42 71.57 20.34
N MET J 486 -34.65 72.42 19.67
CA MET J 486 -33.25 72.11 19.36
C MET J 486 -32.49 73.31 18.82
N ASN J 487 -31.22 73.40 19.17
CA ASN J 487 -30.33 74.39 18.58
C ASN J 487 -29.65 73.82 17.35
N THR J 488 -29.02 74.68 16.56
CA THR J 488 -28.36 74.23 15.34
C THR J 488 -27.32 75.25 14.86
N THR J 489 -26.10 74.76 14.63
CA THR J 489 -25.01 75.60 14.15
C THR J 489 -24.65 75.20 12.73
N MET J 490 -24.97 76.08 11.78
CA MET J 490 -24.57 75.87 10.40
C MET J 490 -23.19 76.46 10.19
N THR J 491 -22.42 75.92 9.26
CA THR J 491 -21.08 76.43 9.00
C THR J 491 -20.55 75.90 7.68
N ILE J 492 -19.75 76.71 7.00
CA ILE J 492 -19.03 76.26 5.82
C ILE J 492 -17.70 75.66 6.25
N ASP J 493 -17.62 74.34 6.27
CA ASP J 493 -16.44 73.64 6.76
C ASP J 493 -15.26 73.72 5.79
N THR J 494 -15.50 73.34 4.54
CA THR J 494 -14.46 73.30 3.53
C THR J 494 -13.36 72.30 3.91
N ARG J 495 -13.69 71.39 4.81
CA ARG J 495 -12.76 70.36 5.26
C ARG J 495 -13.40 68.99 5.07
N LEU J 496 -14.67 69.00 4.70
CA LEU J 496 -15.42 67.78 4.52
C LEU J 496 -14.92 67.07 3.29
N GLU J 497 -14.83 67.81 2.19
CA GLU J 497 -14.31 67.28 0.93
C GLU J 497 -12.94 67.88 0.63
N PRO J 498 -11.86 67.28 1.17
CA PRO J 498 -10.52 67.83 0.99
C PRO J 498 -9.99 67.65 -0.43
N GLU J 499 -10.67 66.83 -1.22
CA GLU J 499 -10.26 66.56 -2.58
C GLU J 499 -10.33 67.82 -3.44
N LEU J 500 -11.05 68.84 -2.96
CA LEU J 500 -11.26 70.06 -3.72
C LEU J 500 -10.48 71.25 -3.15
N PHE J 501 -10.07 71.15 -1.89
CA PHE J 501 -9.42 72.25 -1.19
C PHE J 501 -8.08 71.84 -0.59
N GLY J 502 -7.73 70.57 -0.74
CA GLY J 502 -6.51 70.04 -0.17
C GLY J 502 -5.28 70.49 -0.94
N THR J 503 -4.11 70.26 -0.37
CA THR J 503 -2.87 70.65 -1.01
C THR J 503 -2.58 69.77 -2.22
N ASN J 504 -2.66 68.46 -2.02
CA ASN J 504 -2.34 67.50 -3.07
C ASN J 504 -3.33 67.57 -4.23
N ASN J 505 -2.85 68.04 -5.37
CA ASN J 505 -3.67 68.16 -6.56
C ASN J 505 -2.82 68.14 -7.82
N ALA K 2 -25.36 92.69 20.73
CA ALA K 2 -25.79 92.95 22.10
C ALA K 2 -25.37 91.81 23.03
N LYS K 3 -24.73 92.17 24.15
CA LYS K 3 -24.30 91.18 25.12
C LYS K 3 -25.47 90.62 25.92
N ASN K 4 -26.56 91.37 25.99
CA ASN K 4 -27.74 90.95 26.73
C ASN K 4 -28.29 89.65 26.20
N LYS K 5 -28.10 89.43 24.90
CA LYS K 5 -28.45 88.19 24.22
C LYS K 5 -29.96 88.04 24.05
N ILE K 6 -30.37 87.70 22.85
CA ILE K 6 -31.77 87.53 22.50
C ILE K 6 -32.39 86.39 23.31
N PRO K 7 -33.68 86.54 23.67
CA PRO K 7 -34.38 85.43 24.35
C PRO K 7 -34.46 84.18 23.49
N ASN K 8 -34.12 83.03 24.06
CA ASN K 8 -34.08 81.80 23.30
C ASN K 8 -35.46 81.28 22.97
N SER K 9 -35.66 80.98 21.69
CA SER K 9 -36.91 80.39 21.23
C SER K 9 -36.81 78.88 21.40
N ARG K 10 -37.68 78.14 20.73
CA ARG K 10 -37.68 76.69 20.80
C ARG K 10 -36.77 76.06 19.74
N LEU K 11 -36.45 76.83 18.70
CA LEU K 11 -35.62 76.35 17.61
C LEU K 11 -34.62 77.40 17.17
N MET K 12 -33.63 77.65 18.00
CA MET K 12 -32.67 78.70 17.74
C MET K 12 -31.55 78.20 16.83
N ILE K 13 -31.52 78.72 15.60
CA ILE K 13 -30.43 78.45 14.66
C ILE K 13 -29.61 79.74 14.56
N ASN K 14 -28.28 79.62 14.45
CA ASN K 14 -27.40 80.78 14.59
C ASN K 14 -26.43 81.01 13.43
N TYR K 15 -25.89 79.93 12.86
CA TYR K 15 -24.92 79.99 11.78
C TYR K 15 -23.60 80.63 12.25
N GLU K 16 -22.59 79.79 12.48
CA GLU K 16 -21.27 80.24 12.89
C GLU K 16 -20.47 80.72 11.68
N THR K 17 -19.89 81.91 11.80
CA THR K 17 -19.13 82.54 10.72
C THR K 17 -17.73 82.88 11.19
N ASN K 18 -17.38 82.41 12.39
CA ASN K 18 -16.08 82.68 12.96
C ASN K 18 -15.05 81.66 12.51
N VAL K 19 -13.85 82.14 12.19
CA VAL K 19 -12.77 81.27 11.73
C VAL K 19 -11.46 81.64 12.41
N ASP K 20 -10.82 80.64 13.01
CA ASP K 20 -9.52 80.83 13.65
C ASP K 20 -8.42 80.30 12.74
N GLY K 21 -7.20 80.75 13.00
CA GLY K 21 -6.04 80.32 12.23
C GLY K 21 -4.94 81.33 12.32
N VAL K 22 -3.74 80.92 11.94
CA VAL K 22 -2.56 81.77 12.04
C VAL K 22 -2.33 82.50 10.72
N LEU K 23 -2.21 83.82 10.80
CA LEU K 23 -2.10 84.66 9.62
C LEU K 23 -0.83 84.36 8.84
N LYS K 24 -0.83 84.76 7.58
CA LYS K 24 0.28 84.48 6.69
C LYS K 24 1.33 85.57 6.75
N LYS K 25 2.48 85.31 6.15
CA LYS K 25 3.57 86.27 6.08
C LYS K 25 4.09 86.37 4.65
N LYS K 26 4.07 87.59 4.12
CA LYS K 26 4.56 87.86 2.78
C LYS K 26 6.08 87.73 2.74
N GLU K 27 6.62 87.30 1.61
CA GLU K 27 8.04 87.04 1.48
C GLU K 27 8.87 88.30 1.67
N LEU K 28 10.15 88.11 2.00
CA LEU K 28 11.08 89.21 2.19
C LEU K 28 11.92 89.47 0.95
N PRO K 29 11.79 90.66 0.36
CA PRO K 29 12.67 91.00 -0.76
C PRO K 29 14.13 91.04 -0.34
N TYR K 30 14.98 90.31 -1.03
CA TYR K 30 16.40 90.26 -0.72
C TYR K 30 17.03 91.64 -0.88
N ARG K 31 17.13 92.36 0.22
CA ARG K 31 17.64 93.73 0.18
C ARG K 31 19.14 93.77 -0.02
N VAL K 32 19.60 94.74 -0.78
CA VAL K 32 21.03 94.94 -1.02
C VAL K 32 21.42 96.35 -0.68
N LEU K 33 22.20 96.49 0.39
CA LEU K 33 22.70 97.78 0.81
C LEU K 33 23.98 98.10 0.04
N VAL K 34 24.11 99.34 -0.43
CA VAL K 34 25.36 99.81 -1.01
C VAL K 34 25.81 101.05 -0.27
N VAL K 35 27.10 101.15 -0.03
CA VAL K 35 27.66 102.27 0.72
C VAL K 35 28.84 102.85 -0.02
N GLY K 36 28.67 104.09 -0.50
CA GLY K 36 29.73 104.81 -1.18
C GLY K 36 29.47 106.30 -1.18
N ASP K 37 30.54 107.09 -1.26
CA ASP K 37 30.42 108.54 -1.29
C ASP K 37 29.78 108.98 -2.60
N LEU K 38 28.46 109.21 -2.56
CA LEU K 38 27.70 109.59 -3.74
C LEU K 38 27.64 111.10 -3.88
N SER K 39 27.19 111.74 -2.80
CA SER K 39 26.91 113.17 -2.81
C SER K 39 28.16 114.01 -2.57
N LYS K 40 29.23 113.37 -2.09
CA LYS K 40 30.45 114.07 -1.69
C LYS K 40 30.18 115.11 -0.61
N GLY K 41 29.04 114.95 0.07
CA GLY K 41 28.63 115.88 1.11
C GLY K 41 27.65 116.92 0.59
N ARG K 42 26.88 116.56 -0.43
CA ARG K 42 25.89 117.47 -1.00
C ARG K 42 24.55 116.77 -1.25
N SER K 43 23.79 116.58 -0.18
CA SER K 43 22.45 116.03 -0.30
C SER K 43 21.70 116.24 1.01
N VAL K 44 20.38 116.15 0.93
CA VAL K 44 19.54 116.40 2.11
C VAL K 44 19.85 115.42 3.23
N ASP K 45 20.03 114.15 2.87
CA ASP K 45 20.31 113.10 3.86
C ASP K 45 21.81 112.99 4.14
N ALA K 46 22.62 113.60 3.29
CA ALA K 46 24.08 113.57 3.43
C ALA K 46 24.57 114.69 4.32
N LYS K 47 23.89 115.83 4.27
CA LYS K 47 24.28 116.98 5.07
C LYS K 47 23.92 116.79 6.54
N LYS K 48 23.07 115.80 6.81
CA LYS K 48 22.64 115.53 8.17
C LYS K 48 23.64 114.62 8.89
N GLU K 49 23.54 114.55 10.22
CA GLU K 49 24.43 113.73 11.01
C GLU K 49 24.18 112.25 10.75
N PHE K 50 25.22 111.44 10.89
CA PHE K 50 25.15 110.03 10.57
C PHE K 50 24.18 109.29 11.50
N ALA K 51 23.97 109.86 12.68
CA ALA K 51 23.06 109.26 13.65
C ALA K 51 21.63 109.22 13.10
N ASP K 52 21.36 110.05 12.09
CA ASP K 52 20.03 110.12 11.49
C ASP K 52 20.10 110.29 9.96
N ARG K 53 20.45 109.20 9.27
CA ARG K 53 20.41 109.17 7.80
C ARG K 53 19.48 108.08 7.31
N GLU K 54 18.28 108.47 6.95
CA GLU K 54 17.31 107.53 6.41
C GLU K 54 17.84 106.95 5.10
N VAL K 55 18.02 105.64 5.07
CA VAL K 55 18.46 104.94 3.87
C VAL K 55 17.41 105.08 2.77
N ARG K 56 17.87 105.18 1.53
CA ARG K 56 16.97 105.27 0.38
C ARG K 56 16.46 103.88 0.02
N ARG K 57 15.79 103.77 -1.12
CA ARG K 57 15.17 102.51 -1.53
C ARG K 57 15.35 102.22 -3.01
N VAL K 58 15.29 103.27 -3.82
CA VAL K 58 15.32 103.13 -5.28
C VAL K 58 14.12 102.30 -5.73
N ASN K 59 12.94 102.62 -5.18
CA ASN K 59 11.70 101.97 -5.60
C ASN K 59 11.49 102.18 -7.09
N ASN K 60 11.53 103.45 -7.48
CA ASN K 60 11.44 103.80 -8.88
C ASN K 60 12.70 103.38 -9.62
N GLY K 61 13.66 104.30 -9.70
CA GLY K 61 14.93 104.03 -10.36
C GLY K 61 15.99 105.01 -9.93
N VAL K 62 17.22 104.78 -10.36
CA VAL K 62 18.32 105.67 -10.03
C VAL K 62 18.11 107.06 -10.60
N ASP K 63 17.14 107.21 -11.49
CA ASP K 63 16.83 108.50 -12.08
C ASP K 63 16.06 109.38 -11.10
N ARG K 64 15.12 108.77 -10.38
CA ARG K 64 14.22 109.53 -9.51
C ARG K 64 14.67 109.54 -8.05
N VAL K 65 15.40 108.51 -7.63
CA VAL K 65 15.93 108.46 -6.27
C VAL K 65 17.05 109.49 -6.15
N LEU K 66 17.63 109.84 -7.29
CA LEU K 66 18.67 110.86 -7.36
C LEU K 66 18.03 112.24 -7.19
N GLU K 67 17.06 112.52 -8.04
CA GLU K 67 16.34 113.79 -8.02
C GLU K 67 15.72 114.04 -6.65
N GLU K 68 15.49 112.96 -5.91
CA GLU K 68 14.96 113.06 -4.56
C GLU K 68 16.00 113.71 -3.65
N MET K 69 17.28 113.53 -3.98
CA MET K 69 18.37 114.18 -3.25
C MET K 69 18.81 115.44 -3.97
N ASN K 70 18.94 116.53 -3.22
CA ASN K 70 19.35 117.80 -3.80
C ASN K 70 20.85 117.83 -4.07
N ILE K 71 21.27 117.11 -5.10
CA ILE K 71 22.68 117.07 -5.49
C ILE K 71 22.98 118.19 -6.48
N SER K 72 23.49 119.29 -5.95
CA SER K 72 23.96 120.39 -6.78
C SER K 72 25.45 120.58 -6.55
N PHE K 73 26.05 121.48 -7.30
CA PHE K 73 27.46 121.79 -7.13
C PHE K 73 27.78 123.14 -7.76
N ASP K 74 28.61 123.91 -7.08
CA ASP K 74 28.98 125.25 -7.52
C ASP K 74 30.49 125.35 -7.70
N PHE K 75 31.04 124.47 -8.53
CA PHE K 75 32.48 124.44 -8.77
C PHE K 75 32.84 125.32 -9.96
N GLU K 76 34.02 125.95 -9.89
CA GLU K 76 34.47 126.87 -10.92
C GLU K 76 34.98 126.11 -12.14
N ALA K 77 35.10 126.82 -13.26
CA ALA K 77 35.65 126.22 -14.47
C ALA K 77 36.09 127.30 -15.45
N PRO K 78 37.07 126.99 -16.32
CA PRO K 78 37.56 127.94 -17.31
C PRO K 78 36.44 128.49 -18.20
N ASN K 79 36.48 129.80 -18.45
CA ASN K 79 35.43 130.47 -19.22
C ASN K 79 35.85 130.69 -20.67
N PHE K 80 34.92 130.41 -21.59
CA PHE K 80 35.16 130.61 -23.01
C PHE K 80 33.89 131.11 -23.70
N VAL K 81 32.97 131.64 -22.90
CA VAL K 81 31.68 132.10 -23.41
C VAL K 81 31.27 133.39 -22.69
N SER K 82 30.42 134.18 -23.34
CA SER K 82 29.91 135.42 -22.78
C SER K 82 31.02 136.45 -22.58
N LYS K 83 30.64 137.62 -22.09
CA LYS K 83 31.59 138.71 -21.88
C LYS K 83 31.88 138.88 -20.39
N ASP K 84 32.63 139.92 -20.06
CA ASP K 84 32.99 140.26 -18.68
C ASP K 84 33.93 139.20 -18.07
N PRO K 85 34.56 139.54 -16.93
CA PRO K 85 35.44 138.58 -16.24
C PRO K 85 34.67 137.44 -15.57
N SER K 86 35.24 136.89 -14.50
CA SER K 86 34.62 135.83 -13.71
C SER K 86 34.59 134.50 -14.46
N ASN K 87 35.27 133.51 -13.91
CA ASN K 87 35.27 132.16 -14.46
C ASN K 87 33.85 131.60 -14.49
N LEU K 88 33.61 130.69 -15.43
CA LEU K 88 32.29 130.09 -15.56
C LEU K 88 31.97 129.26 -14.32
N LYS K 89 30.78 129.48 -13.78
CA LYS K 89 30.36 128.82 -12.56
C LYS K 89 29.23 127.83 -12.84
N VAL K 90 29.59 126.57 -13.03
CA VAL K 90 28.60 125.52 -13.27
C VAL K 90 27.75 125.34 -12.02
N ASN K 91 26.45 125.61 -12.14
CA ASN K 91 25.55 125.56 -11.00
C ASN K 91 24.16 125.07 -11.38
N TYR K 92 23.95 123.77 -11.18
CA TYR K 92 22.64 123.18 -11.42
C TYR K 92 22.54 121.84 -10.72
N ARG K 93 21.34 121.46 -10.31
CA ARG K 93 21.12 120.22 -9.58
C ARG K 93 20.87 119.06 -10.52
N ILE K 94 21.40 117.89 -10.16
CA ILE K 94 21.25 116.69 -10.95
C ILE K 94 19.85 116.10 -10.82
N GLU K 95 19.18 115.92 -11.95
CA GLU K 95 17.87 115.26 -11.98
C GLU K 95 18.05 113.78 -12.31
N SER K 96 18.36 113.49 -13.56
CA SER K 96 18.57 112.12 -14.03
C SER K 96 20.05 111.77 -14.03
N VAL K 97 20.36 110.52 -14.39
CA VAL K 97 21.75 110.07 -14.46
C VAL K 97 22.38 110.50 -15.78
N LYS K 98 21.54 110.92 -16.73
CA LYS K 98 22.01 111.34 -18.04
C LYS K 98 22.44 112.80 -18.01
N ASP K 99 22.58 113.35 -16.81
CA ASP K 99 22.95 114.76 -16.65
C ASP K 99 24.43 114.98 -16.92
N PHE K 100 25.25 113.96 -16.67
CA PHE K 100 26.67 114.03 -16.93
C PHE K 100 26.99 113.91 -18.42
N ARG K 101 25.95 113.71 -19.22
CA ARG K 101 26.09 113.59 -20.66
C ARG K 101 26.51 114.93 -21.26
N PRO K 102 27.68 114.99 -21.93
CA PRO K 102 28.09 116.25 -22.56
C PRO K 102 27.06 116.75 -23.57
N ASP K 103 25.95 117.25 -23.07
CA ASP K 103 24.83 117.68 -23.88
C ASP K 103 23.78 118.29 -22.96
N ALA K 104 23.38 117.50 -21.98
CA ALA K 104 22.48 117.96 -20.94
C ALA K 104 23.19 119.05 -20.12
N VAL K 105 24.51 119.07 -20.21
CA VAL K 105 25.31 120.08 -19.54
C VAL K 105 25.14 121.43 -20.23
N ALA K 106 25.25 121.44 -21.56
CA ALA K 106 25.10 122.66 -22.34
C ALA K 106 23.69 123.22 -22.26
N LYS K 107 22.75 122.36 -21.89
CA LYS K 107 21.35 122.76 -21.73
C LYS K 107 21.11 123.36 -20.35
N LYS K 108 21.96 122.97 -19.40
CA LYS K 108 21.81 123.39 -18.02
C LYS K 108 22.60 124.66 -17.69
N VAL K 109 23.89 124.66 -18.02
CA VAL K 109 24.74 125.81 -17.75
C VAL K 109 24.27 127.02 -18.56
N PRO K 110 23.84 128.10 -17.87
CA PRO K 110 23.28 129.26 -18.57
C PRO K 110 24.21 129.87 -19.64
N GLU K 111 25.50 129.94 -19.35
CA GLU K 111 26.44 130.60 -20.25
C GLU K 111 26.59 129.85 -21.57
N ILE K 112 26.79 128.54 -21.49
CA ILE K 112 27.00 127.72 -22.68
C ILE K 112 25.77 127.74 -23.57
N ARG K 113 24.60 127.80 -22.94
CA ARG K 113 23.32 127.78 -23.66
C ARG K 113 23.20 128.96 -24.62
N ALA K 114 23.99 130.00 -24.38
CA ALA K 114 23.99 131.19 -25.23
C ALA K 114 24.52 130.87 -26.62
N LEU K 115 25.52 130.00 -26.68
CA LEU K 115 26.11 129.58 -27.95
C LEU K 115 25.22 128.57 -28.66
N LEU K 116 24.57 127.73 -27.87
CA LEU K 116 23.66 126.72 -28.40
C LEU K 116 22.40 127.39 -28.94
N GLU K 117 22.07 128.55 -28.38
CA GLU K 117 20.89 129.30 -28.79
C GLU K 117 21.08 129.86 -30.21
N MET K 118 22.31 130.25 -30.53
CA MET K 118 22.63 130.77 -31.86
C MET K 118 22.59 129.65 -32.90
N LYS K 119 23.06 128.47 -32.50
CA LYS K 119 23.10 127.32 -33.40
C LYS K 119 21.71 126.89 -33.83
N GLU K 120 20.69 127.37 -33.13
CA GLU K 120 19.31 127.11 -33.50
C GLU K 120 18.84 128.12 -34.54
N ILE K 121 19.30 129.36 -34.38
CA ILE K 121 18.89 130.46 -35.25
C ILE K 121 19.89 130.68 -36.38
N LEU K 122 21.16 130.84 -36.03
CA LEU K 122 22.20 131.14 -37.01
C LEU K 122 22.34 130.03 -38.05
N ALA K 123 22.42 128.79 -37.58
CA ALA K 123 22.64 127.65 -38.48
C ALA K 123 21.40 127.33 -39.30
N SER K 124 20.25 127.84 -38.86
CA SER K 124 18.99 127.59 -39.55
C SER K 124 18.77 128.58 -40.69
N PHE K 125 19.83 129.31 -41.06
CA PHE K 125 19.74 130.25 -42.16
C PHE K 125 19.44 129.53 -43.46
N ALA K 126 18.32 129.87 -44.08
CA ALA K 126 17.89 129.24 -45.31
C ALA K 126 18.64 129.79 -46.51
N LYS K 127 19.94 129.48 -46.58
CA LYS K 127 20.76 129.83 -47.74
C LYS K 127 20.68 128.73 -48.80
N ASP K 128 19.65 127.91 -48.70
CA ASP K 128 19.40 126.84 -49.65
C ASP K 128 18.02 127.04 -50.29
N ILE K 129 17.14 127.74 -49.56
CA ILE K 129 15.82 128.07 -50.07
C ILE K 129 15.87 129.38 -50.84
N GLU K 130 16.74 130.28 -50.40
CA GLU K 130 16.91 131.59 -51.04
C GLU K 130 17.88 131.48 -52.21
N ASN K 131 18.92 130.66 -52.05
CA ASN K 131 19.90 130.44 -53.12
C ASN K 131 19.27 129.65 -54.26
N ASN K 132 18.38 128.72 -53.92
CA ASN K 132 17.59 127.99 -54.89
C ASN K 132 16.44 128.86 -55.39
N ARG K 133 16.76 129.80 -56.27
CA ARG K 133 15.78 130.78 -56.73
C ARG K 133 14.88 130.22 -57.83
N ASN K 134 15.50 129.69 -58.89
CA ASN K 134 14.77 129.19 -60.06
C ASN K 134 13.73 130.18 -60.58
N LEU K 135 14.17 131.10 -61.43
CA LEU K 135 13.32 132.16 -61.99
C LEU K 135 12.43 132.84 -60.94
N VAL L 79 32.15 127.55 -36.41
CA VAL L 79 33.25 127.82 -35.49
C VAL L 79 32.75 127.87 -34.05
N ILE L 80 31.43 127.96 -33.87
CA ILE L 80 30.83 127.91 -32.55
C ILE L 80 31.00 126.51 -31.96
N ASP L 81 31.17 125.52 -32.84
CA ASP L 81 31.44 124.15 -32.42
C ASP L 81 32.82 124.07 -31.76
N LYS L 82 33.76 124.89 -32.22
CA LYS L 82 35.10 124.92 -31.68
C LYS L 82 35.08 125.37 -30.22
N LEU L 83 34.17 126.27 -29.89
CA LEU L 83 34.00 126.74 -28.51
C LEU L 83 33.48 125.62 -27.62
N ILE L 84 32.30 125.12 -27.96
CA ILE L 84 31.65 124.06 -27.20
C ILE L 84 32.58 122.85 -27.00
N ASP L 85 33.31 122.50 -28.05
CA ASP L 85 34.27 121.40 -27.97
C ASP L 85 35.40 121.71 -27.00
N LEU L 86 35.45 122.95 -26.53
CA LEU L 86 36.43 123.38 -25.55
C LEU L 86 35.73 123.68 -24.23
N GLN L 87 34.56 124.29 -24.32
CA GLN L 87 33.84 124.74 -23.13
C GLN L 87 33.39 123.57 -22.27
N VAL L 88 32.56 122.70 -22.86
CA VAL L 88 32.05 121.55 -22.15
C VAL L 88 33.19 120.61 -21.78
N ASN L 89 34.12 120.41 -22.72
CA ASN L 89 35.26 119.51 -22.48
C ASN L 89 36.17 120.00 -21.35
N SER L 90 35.90 121.19 -20.82
CA SER L 90 36.67 121.73 -19.72
C SER L 90 36.14 121.28 -18.36
N ILE L 91 34.85 120.96 -18.31
CA ILE L 91 34.21 120.57 -17.05
C ILE L 91 33.96 119.06 -16.96
N ILE L 92 33.91 118.39 -18.11
CA ILE L 92 33.79 116.93 -18.13
C ILE L 92 35.11 116.30 -17.71
N SER L 93 36.20 116.97 -18.03
CA SER L 93 37.54 116.53 -17.66
C SER L 93 37.88 117.00 -16.25
N ASN L 94 37.14 117.99 -15.76
CA ASN L 94 37.39 118.56 -14.44
C ASN L 94 37.17 117.51 -13.36
N ASP L 95 37.98 117.60 -12.31
CA ASP L 95 37.78 116.76 -11.13
C ASP L 95 36.47 117.17 -10.45
N GLU L 96 36.13 116.46 -9.38
CA GLU L 96 34.89 116.72 -8.65
C GLU L 96 33.65 116.41 -9.50
N PHE L 97 33.59 116.98 -10.71
CA PHE L 97 32.47 116.74 -11.61
C PHE L 97 32.44 115.29 -12.07
N ARG L 98 33.60 114.78 -12.47
CA ARG L 98 33.68 113.41 -12.94
C ARG L 98 33.84 112.44 -11.78
N ALA L 99 33.90 112.98 -10.56
CA ALA L 99 33.94 112.15 -9.37
C ALA L 99 32.52 111.66 -9.04
N LEU L 100 31.54 112.50 -9.33
CA LEU L 100 30.13 112.11 -9.16
C LEU L 100 29.73 111.12 -10.25
N GLU L 101 30.26 111.30 -11.45
CA GLU L 101 30.02 110.38 -12.55
C GLU L 101 30.38 108.96 -12.13
N GLN L 102 31.63 108.80 -11.71
CA GLN L 102 32.11 107.50 -11.25
C GLN L 102 31.23 106.96 -10.13
N GLU L 103 30.79 107.86 -9.25
CA GLU L 103 30.03 107.46 -8.08
C GLU L 103 28.52 107.45 -8.35
N TRP L 104 28.13 107.38 -9.62
CA TRP L 104 26.72 107.25 -9.99
C TRP L 104 26.55 106.30 -11.16
N LEU L 105 27.53 106.25 -12.04
CA LEU L 105 27.52 105.31 -13.14
C LEU L 105 27.54 103.89 -12.60
N LYS L 106 28.33 103.68 -11.55
CA LYS L 106 28.45 102.35 -10.97
C LYS L 106 27.28 102.08 -10.03
N VAL L 107 26.49 103.11 -9.75
CA VAL L 107 25.25 102.93 -9.01
C VAL L 107 24.14 102.53 -9.96
N GLN L 108 24.17 103.09 -11.17
CA GLN L 108 23.20 102.75 -12.19
C GLN L 108 23.43 101.33 -12.66
N GLU L 109 24.69 100.90 -12.62
CA GLU L 109 25.07 99.58 -13.11
C GLU L 109 24.44 98.48 -12.26
N VAL L 110 24.27 98.76 -10.97
CA VAL L 110 23.70 97.77 -10.05
C VAL L 110 22.20 97.67 -10.26
N CYS L 111 21.53 98.82 -10.34
CA CYS L 111 20.07 98.88 -10.42
C CYS L 111 19.60 98.92 -11.87
N GLN L 112 20.28 98.15 -12.72
CA GLN L 112 19.93 98.09 -14.14
C GLN L 112 19.02 96.89 -14.42
N GLU L 113 19.25 95.81 -13.70
CA GLU L 113 18.54 94.57 -13.95
C GLU L 113 17.07 94.66 -13.56
N ASP L 114 16.83 95.05 -12.31
CA ASP L 114 15.48 95.14 -11.75
C ASP L 114 14.77 93.79 -11.80
N TYR L 115 14.86 93.04 -10.70
CA TYR L 115 14.25 91.72 -10.61
C TYR L 115 12.91 91.76 -9.90
N ASP L 116 12.33 90.58 -9.69
CA ASP L 116 10.98 90.46 -9.17
C ASP L 116 10.91 90.72 -7.68
N ASN L 117 11.94 90.30 -6.94
CA ASN L 117 11.96 90.43 -5.49
C ASN L 117 13.37 90.68 -4.95
N VAL L 118 13.99 91.76 -5.42
CA VAL L 118 15.33 92.13 -5.00
C VAL L 118 15.44 93.65 -4.92
N GLU L 119 14.97 94.20 -3.80
CA GLU L 119 14.93 95.64 -3.62
C GLU L 119 16.25 96.16 -3.07
N VAL L 120 17.03 96.83 -3.91
CA VAL L 120 18.27 97.44 -3.46
C VAL L 120 17.98 98.64 -2.57
N SER L 121 19.03 99.37 -2.20
CA SER L 121 18.90 100.51 -1.30
C SER L 121 20.24 101.22 -1.14
N ILE L 122 20.19 102.52 -0.92
CA ILE L 122 21.38 103.35 -0.92
C ILE L 122 21.71 103.87 0.47
N LEU L 123 22.93 104.35 0.63
CA LEU L 123 23.34 105.04 1.84
C LEU L 123 24.61 105.84 1.58
N ASP L 124 24.47 107.03 1.03
CA ASP L 124 25.63 107.84 0.63
C ASP L 124 26.41 108.33 1.83
N VAL L 125 27.59 107.76 2.04
CA VAL L 125 28.45 108.15 3.16
C VAL L 125 29.91 108.17 2.74
N LYS L 126 30.61 109.22 3.16
CA LYS L 126 32.04 109.33 2.92
C LYS L 126 32.77 108.26 3.69
N LYS L 127 33.89 107.80 3.13
CA LYS L 127 34.67 106.75 3.77
C LYS L 127 35.18 107.22 5.12
N GLU L 128 35.52 108.50 5.21
CA GLU L 128 36.03 109.07 6.44
C GLU L 128 34.99 109.04 7.56
N GLU L 129 33.72 109.19 7.20
CA GLU L 129 32.64 109.24 8.20
C GLU L 129 32.40 107.85 8.79
N LEU L 130 32.96 106.83 8.16
CA LEU L 130 32.92 105.46 8.67
C LEU L 130 34.27 105.07 9.26
N GLN L 131 35.33 105.66 8.70
CA GLN L 131 36.68 105.46 9.22
C GLN L 131 36.71 105.88 10.67
N TYR L 132 36.11 107.04 10.93
CA TYR L 132 36.05 107.58 12.27
C TYR L 132 35.11 106.76 13.14
N ASP L 133 34.14 106.13 12.50
CA ASP L 133 33.11 105.39 13.23
C ASP L 133 33.66 104.12 13.85
N PHE L 134 34.16 103.22 13.01
CA PHE L 134 34.70 101.95 13.47
C PHE L 134 35.95 102.13 14.31
N GLU L 135 36.81 103.06 13.91
CA GLU L 135 38.08 103.27 14.59
C GLU L 135 37.84 103.82 15.99
N ARG L 136 36.65 104.38 16.20
CA ARG L 136 36.25 104.89 17.51
C ARG L 136 35.50 103.84 18.33
N ASN L 137 34.86 102.90 17.63
CA ASN L 137 34.00 101.89 18.26
C ASN L 137 34.38 100.47 17.84
N LEU L 138 35.67 100.23 17.65
CA LEU L 138 36.11 98.91 17.22
C LEU L 138 35.93 97.95 18.39
N TYR L 139 36.15 98.46 19.59
CA TYR L 139 36.04 97.65 20.80
C TYR L 139 34.72 97.93 21.51
N ASP L 140 33.71 98.27 20.72
CA ASP L 140 32.38 98.54 21.23
C ASP L 140 31.45 98.70 20.02
N ILE L 141 31.37 97.66 19.22
CA ILE L 141 30.70 97.75 17.93
C ILE L 141 29.20 98.00 18.06
N SER L 142 28.61 97.46 19.13
CA SER L 142 27.16 97.57 19.33
C SER L 142 26.71 99.02 19.44
N SER L 143 27.66 99.91 19.70
CA SER L 143 27.39 101.34 19.83
C SER L 143 27.77 102.08 18.55
N SER L 144 28.29 101.36 17.57
CA SER L 144 28.64 101.96 16.27
C SER L 144 27.38 102.47 15.58
N ASP L 145 27.44 103.69 15.05
CA ASP L 145 26.28 104.31 14.43
C ASP L 145 25.78 103.51 13.24
N PHE L 146 26.72 103.04 12.41
CA PHE L 146 26.36 102.25 11.24
C PHE L 146 25.73 100.93 11.65
N PHE L 147 26.34 100.28 12.62
CA PHE L 147 25.82 99.04 13.17
C PHE L 147 24.39 99.23 13.64
N LYS L 148 24.05 100.46 14.00
CA LYS L 148 22.71 100.79 14.46
C LYS L 148 21.84 101.29 13.30
N LYS L 149 22.15 100.83 12.09
CA LYS L 149 21.39 101.17 10.90
C LYS L 149 21.39 99.99 9.93
N VAL L 150 21.54 98.80 10.48
CA VAL L 150 21.62 97.59 9.67
C VAL L 150 21.32 96.36 10.53
N TYR L 151 21.84 96.35 11.75
CA TYR L 151 21.59 95.26 12.68
C TYR L 151 20.37 95.60 13.54
N VAL L 152 20.59 96.44 14.55
CA VAL L 152 19.52 96.90 15.42
C VAL L 152 18.86 98.11 14.76
N SER L 153 17.91 97.83 13.87
CA SER L 153 17.24 98.86 13.09
C SER L 153 16.28 98.23 12.09
N GLU L 154 16.74 97.17 11.45
CA GLU L 154 15.97 96.49 10.42
C GLU L 154 16.08 94.97 10.53
N PHE L 155 17.26 94.49 10.90
CA PHE L 155 17.45 93.04 11.06
C PHE L 155 16.95 92.56 12.40
N ASP L 156 17.22 93.34 13.44
CA ASP L 156 16.89 92.96 14.80
C ASP L 156 15.40 93.20 15.04
N GLN L 157 14.94 94.39 14.72
CA GLN L 157 13.56 94.78 15.00
C GLN L 157 12.55 93.89 14.31
N TYR L 158 11.35 93.87 14.88
CA TYR L 158 10.26 93.05 14.39
C TYR L 158 9.90 93.34 12.93
N GLY L 159 9.12 94.40 12.70
CA GLY L 159 8.61 94.70 11.38
C GLY L 159 9.67 95.08 10.37
N GLY L 160 10.92 95.12 10.81
CA GLY L 160 12.01 95.53 9.94
C GLY L 160 12.35 94.52 8.87
N GLU L 161 12.81 95.02 7.72
CA GLU L 161 13.26 94.16 6.64
C GLU L 161 14.80 94.09 6.64
N PRO L 162 15.37 92.90 6.90
CA PRO L 162 16.82 92.79 7.04
C PRO L 162 17.58 93.01 5.72
N TYR L 163 18.83 93.40 5.83
CA TYR L 163 19.68 93.59 4.66
C TYR L 163 20.35 92.28 4.28
N GLY L 164 20.95 92.25 3.10
CA GLY L 164 21.63 91.06 2.62
C GLY L 164 22.75 91.44 1.66
N ALA L 165 23.97 91.08 2.01
CA ALA L 165 25.15 91.37 1.19
C ALA L 165 25.32 92.86 0.92
N ILE L 166 26.00 93.53 1.83
CA ILE L 166 26.38 94.93 1.64
C ILE L 166 27.39 95.04 0.49
N LEU L 167 27.48 96.22 -0.10
CA LEU L 167 28.39 96.46 -1.22
C LEU L 167 29.23 97.70 -0.98
N GLY L 168 30.50 97.51 -0.64
CA GLY L 168 31.41 98.62 -0.44
C GLY L 168 31.92 99.12 -1.77
N LEU L 169 31.55 100.35 -2.12
CA LEU L 169 31.95 100.94 -3.38
C LEU L 169 33.36 101.53 -3.32
N TYR L 170 34.03 101.34 -2.19
CA TYR L 170 35.37 101.90 -1.99
C TYR L 170 36.48 100.97 -2.48
N ASN L 171 37.70 101.50 -2.48
CA ASN L 171 38.90 100.74 -2.79
C ASN L 171 39.84 100.71 -1.58
N PHE L 172 40.14 99.53 -1.07
CA PHE L 172 40.92 99.39 0.15
C PHE L 172 42.36 99.00 -0.13
N GLU L 173 43.28 99.75 0.47
CA GLU L 173 44.70 99.53 0.30
C GLU L 173 45.23 98.59 1.38
N ASN L 174 46.55 98.53 1.52
CA ASN L 174 47.21 97.73 2.55
C ASN L 174 47.47 98.56 3.81
N THR L 175 46.89 99.76 3.86
CA THR L 175 47.10 100.65 4.99
C THR L 175 46.65 99.99 6.27
N THR L 176 47.19 100.45 7.39
CA THR L 176 46.78 99.96 8.71
C THR L 176 45.56 100.73 9.24
N ASN L 177 45.01 101.60 8.40
CA ASN L 177 43.76 102.29 8.73
C ASN L 177 42.59 101.62 8.01
N ASP L 178 42.74 101.45 6.69
CA ASP L 178 41.71 100.82 5.87
C ASP L 178 41.52 99.34 6.25
N ILE L 179 42.47 98.82 7.03
CA ILE L 179 42.40 97.44 7.48
C ILE L 179 41.40 97.33 8.62
N ILE L 180 41.26 98.42 9.36
CA ILE L 180 40.30 98.48 10.46
C ILE L 180 38.90 98.66 9.89
N TRP L 181 38.81 99.43 8.82
CA TRP L 181 37.55 99.69 8.13
C TRP L 181 36.85 98.37 7.77
N LEU L 182 37.64 97.40 7.34
CA LEU L 182 37.13 96.08 7.00
C LEU L 182 36.86 95.29 8.27
N THR L 183 37.72 95.49 9.26
CA THR L 183 37.62 94.78 10.52
C THR L 183 36.33 95.17 11.23
N GLY L 184 35.90 96.41 11.01
CA GLY L 184 34.68 96.92 11.60
C GLY L 184 33.45 96.50 10.81
N MET L 185 33.48 96.77 9.51
CA MET L 185 32.36 96.42 8.62
C MET L 185 32.08 94.93 8.66
N GLY L 186 33.14 94.14 8.82
CA GLY L 186 33.01 92.71 8.93
C GLY L 186 32.47 92.33 10.29
N MET L 187 32.78 93.14 11.30
CA MET L 187 32.25 92.92 12.65
C MET L 187 30.73 93.04 12.64
N VAL L 188 30.23 93.90 11.75
CA VAL L 188 28.80 94.10 11.54
C VAL L 188 28.21 92.97 10.70
N ALA L 189 28.75 92.82 9.50
CA ALA L 189 28.33 91.81 8.54
C ALA L 189 28.24 90.44 9.20
N LYS L 190 29.25 90.12 9.99
CA LYS L 190 29.32 88.85 10.70
C LYS L 190 28.06 88.62 11.53
N ASN L 191 27.60 89.68 12.20
CA ASN L 191 26.45 89.59 13.08
C ASN L 191 25.14 89.81 12.33
N SER L 192 25.09 90.85 11.50
CA SER L 192 23.91 91.15 10.73
C SER L 192 23.68 90.09 9.65
N HIS L 193 24.70 89.28 9.41
CA HIS L 193 24.65 88.23 8.39
C HIS L 193 24.43 88.83 7.00
N ALA L 194 25.48 89.45 6.48
CA ALA L 194 25.40 90.19 5.24
C ALA L 194 26.79 90.39 4.65
N PRO L 195 27.27 89.39 3.90
CA PRO L 195 28.61 89.37 3.30
C PRO L 195 29.00 90.69 2.66
N PHE L 196 29.99 91.36 3.24
CA PHE L 196 30.39 92.68 2.76
C PHE L 196 31.39 92.58 1.60
N ILE L 197 30.91 92.85 0.40
CA ILE L 197 31.73 92.77 -0.81
C ILE L 197 32.34 94.13 -1.12
N ALA L 198 33.61 94.14 -1.51
CA ALA L 198 34.29 95.38 -1.84
C ALA L 198 35.37 95.17 -2.89
N SER L 199 36.20 96.19 -3.11
CA SER L 199 37.29 96.10 -4.08
C SER L 199 38.59 96.58 -3.46
N ILE L 200 39.71 96.16 -4.02
CA ILE L 200 41.03 96.57 -3.54
C ILE L 200 41.80 97.35 -4.59
N ASP L 201 42.45 98.41 -4.14
CA ASP L 201 43.19 99.32 -5.01
C ASP L 201 44.45 98.63 -5.52
N LYS L 202 45.01 99.18 -6.61
CA LYS L 202 46.24 98.67 -7.16
C LYS L 202 47.42 98.95 -6.22
N SER L 203 47.18 99.78 -5.20
CA SER L 203 48.21 100.11 -4.21
C SER L 203 48.48 98.95 -3.28
N PHE L 204 47.65 97.92 -3.37
CA PHE L 204 47.79 96.75 -2.52
C PHE L 204 49.07 96.00 -2.84
N PHE L 205 49.22 95.65 -4.11
CA PHE L 205 50.36 94.87 -4.58
C PHE L 205 51.61 95.72 -4.70
N GLY L 206 51.53 96.97 -4.25
CA GLY L 206 52.67 97.87 -4.29
C GLY L 206 53.07 98.24 -5.70
N VAL L 207 52.07 98.49 -6.56
CA VAL L 207 52.32 98.86 -7.95
C VAL L 207 51.38 99.98 -8.38
N LYS L 208 51.90 100.89 -9.20
CA LYS L 208 51.18 102.12 -9.56
C LYS L 208 50.29 101.95 -10.78
N ASP L 209 50.36 100.78 -11.40
CA ASP L 209 49.50 100.46 -12.54
C ASP L 209 49.02 99.03 -12.40
N LEU L 210 47.71 98.85 -12.34
CA LEU L 210 47.14 97.54 -12.02
C LEU L 210 47.49 96.54 -13.12
N SER L 211 47.66 97.03 -14.34
CA SER L 211 48.01 96.17 -15.46
C SER L 211 49.36 95.47 -15.22
N GLU L 212 50.18 96.04 -14.34
CA GLU L 212 51.53 95.53 -14.10
C GLU L 212 51.55 94.49 -12.99
N ILE L 213 50.36 94.02 -12.62
CA ILE L 213 50.25 92.94 -11.65
C ILE L 213 50.52 91.62 -12.35
N THR L 214 50.33 91.61 -13.65
CA THR L 214 50.59 90.42 -14.47
C THR L 214 52.06 90.00 -14.38
N HIS L 215 52.94 90.95 -14.10
CA HIS L 215 54.37 90.68 -14.04
C HIS L 215 54.75 89.84 -12.82
N ILE L 216 53.97 89.96 -11.74
CA ILE L 216 54.23 89.20 -10.53
C ILE L 216 53.97 87.72 -10.82
N LYS L 217 54.92 86.88 -10.43
CA LYS L 217 54.82 85.46 -10.71
C LYS L 217 53.72 84.83 -9.89
N SER L 218 53.91 84.80 -8.57
CA SER L 218 52.96 84.18 -7.67
C SER L 218 52.73 85.06 -6.45
N PHE L 219 51.48 85.46 -6.25
CA PHE L 219 51.12 86.32 -5.13
C PHE L 219 51.21 85.55 -3.83
N GLU L 220 51.27 84.23 -3.94
CA GLU L 220 51.41 83.39 -2.76
C GLU L 220 52.73 83.69 -2.08
N ALA L 221 53.80 83.83 -2.87
CA ALA L 221 55.12 84.14 -2.33
C ALA L 221 55.21 85.63 -1.97
N LEU L 222 54.29 86.42 -2.50
CA LEU L 222 54.28 87.86 -2.26
C LEU L 222 53.89 88.15 -0.81
N LEU L 223 52.80 87.53 -0.38
CA LEU L 223 52.25 87.77 0.95
C LEU L 223 53.18 87.31 2.07
N GLU L 224 54.22 86.56 1.72
CA GLU L 224 55.21 86.15 2.69
C GLU L 224 56.12 87.33 3.05
N HIS L 225 56.16 88.32 2.16
CA HIS L 225 56.89 89.57 2.39
C HIS L 225 56.35 90.28 3.65
N PRO L 226 57.26 90.81 4.50
CA PRO L 226 56.86 91.37 5.80
C PRO L 226 56.06 92.66 5.70
N ARG L 227 55.78 93.10 4.48
CA ARG L 227 55.02 94.30 4.25
C ARG L 227 53.54 94.03 4.48
N TYR L 228 53.17 92.75 4.40
CA TYR L 228 51.77 92.33 4.53
C TYR L 228 51.49 91.69 5.88
N LYS L 229 52.35 91.96 6.85
CA LYS L 229 52.21 91.34 8.17
C LYS L 229 50.86 91.68 8.78
N GLU L 230 50.52 92.97 8.75
CA GLU L 230 49.25 93.43 9.31
C GLU L 230 48.08 92.75 8.62
N TRP L 231 48.24 92.52 7.31
CA TRP L 231 47.17 91.97 6.50
C TRP L 231 46.95 90.49 6.80
N ASN L 232 48.05 89.75 6.95
CA ASN L 232 47.97 88.33 7.25
C ASN L 232 47.30 88.08 8.59
N ASP L 233 47.37 89.07 9.49
CA ASP L 233 46.73 88.95 10.79
C ASP L 233 45.22 89.07 10.64
N PHE L 234 44.81 89.96 9.74
CA PHE L 234 43.40 90.20 9.49
C PHE L 234 42.73 89.01 8.81
N ARG L 235 43.48 88.30 7.98
CA ARG L 235 42.95 87.16 7.26
C ARG L 235 42.65 86.02 8.22
N ASN L 236 43.22 86.10 9.41
CA ASN L 236 43.04 85.06 10.42
C ASN L 236 41.80 85.31 11.27
N LEU L 237 41.33 86.55 11.29
CA LEU L 237 40.12 86.90 12.03
C LEU L 237 38.89 86.19 11.50
N ASP L 238 37.91 85.96 12.36
CA ASP L 238 36.69 85.27 11.97
C ASP L 238 35.84 86.15 11.05
N VAL L 239 35.86 87.45 11.31
CA VAL L 239 35.04 88.39 10.56
C VAL L 239 35.41 88.43 9.09
N ALA L 240 36.65 88.04 8.78
CA ALA L 240 37.15 88.09 7.42
C ALA L 240 36.48 87.06 6.52
N ALA L 241 35.72 86.15 7.13
CA ALA L 241 35.01 85.11 6.38
C ALA L 241 33.74 85.68 5.75
N TYR L 242 33.56 87.00 5.85
CA TYR L 242 32.39 87.67 5.28
C TYR L 242 32.82 88.76 4.31
N ILE L 243 34.08 89.17 4.39
CA ILE L 243 34.62 90.12 3.43
C ILE L 243 34.96 89.37 2.16
N GLY L 244 34.72 89.99 1.02
CA GLY L 244 35.03 89.40 -0.27
C GLY L 244 35.54 90.46 -1.23
N LEU L 245 36.85 90.57 -1.35
CA LEU L 245 37.46 91.66 -2.09
C LEU L 245 37.72 91.29 -3.54
N THR L 246 37.41 92.23 -4.44
CA THR L 246 37.52 92.00 -5.88
C THR L 246 38.71 92.73 -6.51
N VAL L 247 39.29 92.13 -7.54
CA VAL L 247 40.41 92.73 -8.28
C VAL L 247 40.02 92.98 -9.72
N GLY L 248 40.47 94.10 -10.26
CA GLY L 248 40.12 94.51 -11.61
C GLY L 248 38.94 95.45 -11.60
N ASP L 249 38.93 96.37 -12.55
CA ASP L 249 37.89 97.38 -12.64
C ASP L 249 37.38 97.45 -14.07
N PHE L 250 36.07 97.34 -14.25
CA PHE L 250 35.50 97.34 -15.58
C PHE L 250 35.27 98.76 -16.04
N MET L 251 35.44 98.99 -17.34
CA MET L 251 35.22 100.29 -17.92
C MET L 251 33.71 100.54 -17.96
N LEU L 252 33.27 101.61 -17.33
CA LEU L 252 31.83 101.86 -17.17
C LEU L 252 31.30 102.93 -18.10
N ARG L 253 32.21 103.65 -18.76
CA ARG L 253 31.80 104.63 -19.74
C ARG L 253 32.80 104.70 -20.88
N GLN L 254 32.27 104.71 -22.09
CA GLN L 254 33.09 104.91 -23.27
C GLN L 254 33.27 106.41 -23.48
N PRO L 255 34.51 106.87 -23.67
CA PRO L 255 34.76 108.29 -23.93
C PRO L 255 34.05 108.77 -25.19
N TYR L 256 33.91 110.08 -25.36
CA TYR L 256 33.04 110.63 -26.40
C TYR L 256 33.75 110.95 -27.71
N ASN L 257 33.43 110.17 -28.74
CA ASN L 257 33.89 110.44 -30.10
C ASN L 257 32.67 110.66 -31.00
N PRO L 258 32.88 111.27 -32.16
CA PRO L 258 31.74 111.48 -33.07
C PRO L 258 31.37 110.19 -33.78
N GLU L 259 32.38 109.44 -34.23
CA GLU L 259 32.16 108.18 -34.94
C GLU L 259 31.92 107.03 -33.95
N ASN L 260 32.33 107.23 -32.70
CA ASN L 260 32.14 106.23 -31.65
C ASN L 260 31.51 106.85 -30.40
N ASN L 261 30.35 106.35 -30.02
CA ASN L 261 29.65 106.85 -28.84
C ASN L 261 29.41 108.36 -28.94
N PRO L 262 28.64 108.78 -29.96
CA PRO L 262 28.33 110.20 -30.16
C PRO L 262 27.34 110.72 -29.13
N VAL L 263 27.61 111.90 -28.58
CA VAL L 263 26.70 112.51 -27.62
C VAL L 263 25.36 112.78 -28.29
N GLN L 264 24.30 112.27 -27.70
CA GLN L 264 22.97 112.43 -28.26
C GLN L 264 22.56 113.89 -28.18
N TYR L 265 22.77 114.61 -29.28
CA TYR L 265 22.47 116.04 -29.33
C TYR L 265 20.96 116.27 -29.29
N LYS L 266 20.57 117.52 -29.46
CA LYS L 266 19.16 117.91 -29.44
C LYS L 266 18.58 117.94 -30.85
N LEU L 267 17.27 118.19 -30.97
CA LEU L 267 16.57 118.09 -32.24
C LEU L 267 16.91 119.23 -33.21
N MET L 268 17.82 120.11 -32.82
CA MET L 268 18.25 121.20 -33.70
C MET L 268 19.66 121.68 -33.35
N GLU L 269 19.99 121.65 -32.06
CA GLU L 269 21.32 122.07 -31.61
C GLU L 269 22.37 121.03 -31.95
N GLY L 270 23.04 121.22 -33.08
CA GLY L 270 24.08 120.31 -33.53
C GLY L 270 25.15 120.14 -32.47
N PHE L 271 25.26 118.93 -31.95
CA PHE L 271 26.19 118.65 -30.86
C PHE L 271 26.93 117.33 -31.05
N ASN L 272 26.37 116.45 -31.88
CA ASN L 272 26.93 115.11 -32.07
C ASN L 272 28.40 115.15 -32.49
N GLU L 273 28.78 116.20 -33.21
CA GLU L 273 30.18 116.43 -33.53
C GLU L 273 30.88 116.98 -32.30
N PHE L 274 31.37 116.08 -31.46
CA PHE L 274 31.93 116.47 -30.18
C PHE L 274 32.88 115.39 -29.66
N VAL L 275 34.13 115.77 -29.46
CA VAL L 275 35.16 114.82 -29.04
C VAL L 275 35.52 114.97 -27.57
N ASP L 276 36.34 114.04 -27.08
CA ASP L 276 36.88 114.10 -25.73
C ASP L 276 38.41 114.03 -25.83
N TYR L 277 39.10 113.79 -24.72
CA TYR L 277 40.57 113.80 -24.71
C TYR L 277 41.17 112.75 -23.79
N ASP L 278 41.52 111.61 -24.35
CA ASP L 278 42.16 110.54 -23.59
C ASP L 278 43.02 109.69 -24.52
N LYS L 279 43.86 108.83 -23.95
CA LYS L 279 44.76 108.00 -24.75
C LYS L 279 45.09 106.65 -24.10
N ASN L 280 46.02 106.67 -23.15
CA ASN L 280 46.57 105.43 -22.58
C ASN L 280 45.59 104.72 -21.64
N GLU L 281 45.55 105.11 -20.38
CA GLU L 281 44.68 104.48 -19.39
C GLU L 281 44.33 105.46 -18.27
N SER L 282 43.31 106.26 -18.52
CA SER L 282 42.79 107.19 -17.52
C SER L 282 41.49 107.83 -18.02
N TYR L 283 40.44 107.02 -18.13
CA TYR L 283 39.13 107.53 -18.50
C TYR L 283 38.01 106.72 -17.85
N LEU L 284 37.85 106.94 -16.55
CA LEU L 284 36.73 106.41 -15.77
C LEU L 284 36.74 104.90 -15.61
N TRP L 285 36.66 104.46 -14.36
CA TRP L 285 36.62 103.04 -14.05
C TRP L 285 35.60 102.78 -12.96
N GLY L 286 35.28 101.51 -12.75
CA GLY L 286 34.37 101.09 -11.70
C GLY L 286 34.77 99.72 -11.18
N PRO L 287 34.59 99.49 -9.87
CA PRO L 287 35.07 98.25 -9.24
C PRO L 287 34.24 97.02 -9.62
N ALA L 288 34.92 95.88 -9.77
CA ALA L 288 34.30 94.64 -10.21
C ALA L 288 33.24 94.17 -9.23
N SER L 289 33.32 94.68 -8.01
CA SER L 289 32.41 94.30 -6.96
C SER L 289 30.95 94.48 -7.39
N ILE L 290 30.71 95.45 -8.27
CA ILE L 290 29.35 95.72 -8.73
C ILE L 290 28.78 94.49 -9.41
N HIS L 291 29.46 94.03 -10.45
CA HIS L 291 28.99 92.88 -11.20
C HIS L 291 28.93 91.66 -10.33
N LEU L 292 29.78 91.62 -9.32
CA LEU L 292 29.78 90.50 -8.40
C LEU L 292 28.45 90.47 -7.65
N VAL L 293 28.05 91.60 -7.08
CA VAL L 293 26.79 91.69 -6.37
C VAL L 293 25.64 91.62 -7.37
N LYS L 294 25.82 92.24 -8.52
CA LYS L 294 24.78 92.27 -9.53
C LYS L 294 24.56 90.88 -10.13
N ASN L 295 25.39 89.92 -9.74
CA ASN L 295 25.19 88.52 -10.07
C ASN L 295 24.54 87.75 -8.93
N MET L 296 24.81 88.18 -7.71
CA MET L 296 24.15 87.60 -6.54
C MET L 296 22.66 87.90 -6.62
N MET L 297 22.32 89.09 -7.12
CA MET L 297 20.93 89.44 -7.34
C MET L 297 20.35 88.51 -8.39
N ARG L 298 21.08 88.36 -9.49
CA ARG L 298 20.67 87.46 -10.56
C ARG L 298 20.55 86.04 -10.02
N SER L 299 21.51 85.66 -9.20
CA SER L 299 21.47 84.35 -8.55
C SER L 299 20.51 84.38 -7.38
N TYR L 300 19.29 84.82 -7.64
CA TYR L 300 18.28 84.88 -6.60
C TYR L 300 16.92 84.99 -7.23
N ASP L 301 16.82 85.82 -8.26
CA ASP L 301 15.57 85.95 -9.00
C ASP L 301 15.36 84.69 -9.82
N LYS L 302 16.44 84.17 -10.39
CA LYS L 302 16.38 82.96 -11.20
C LYS L 302 16.33 81.73 -10.32
N THR L 303 17.46 81.42 -9.68
CA THR L 303 17.50 80.37 -8.69
C THR L 303 16.88 80.92 -7.40
N ARG L 304 17.47 80.58 -6.25
CA ARG L 304 17.02 81.15 -4.98
C ARG L 304 18.18 81.33 -4.01
N TRP L 305 19.23 80.52 -4.19
CA TRP L 305 20.43 80.60 -3.37
C TRP L 305 21.61 81.09 -4.20
N PHE L 306 22.82 81.00 -3.63
CA PHE L 306 23.99 81.63 -4.22
C PHE L 306 25.05 80.64 -4.70
N GLN L 307 24.61 79.63 -5.46
CA GLN L 307 25.55 78.74 -6.13
C GLN L 307 25.83 79.28 -7.53
N TYR L 308 24.95 80.14 -7.99
CA TYR L 308 24.94 80.58 -9.38
C TYR L 308 25.75 81.87 -9.58
N ILE L 309 26.92 81.94 -8.95
CA ILE L 309 27.77 83.13 -9.03
C ILE L 309 29.22 82.80 -9.32
N ARG L 310 29.45 81.60 -9.85
CA ARG L 310 30.80 81.12 -10.13
C ARG L 310 30.87 80.40 -11.46
N GLY L 311 32.02 80.52 -12.12
CA GLY L 311 32.26 79.77 -13.34
C GLY L 311 31.55 80.38 -14.53
N VAL L 312 31.84 79.84 -15.70
CA VAL L 312 31.24 80.30 -16.94
C VAL L 312 29.85 79.71 -17.12
N GLU L 313 29.80 78.39 -17.18
CA GLU L 313 28.58 77.67 -17.48
C GLU L 313 27.54 77.90 -16.39
N SER L 314 28.00 78.02 -15.14
CA SER L 314 27.11 78.24 -14.01
C SER L 314 26.82 79.71 -13.79
N GLY L 315 27.53 80.34 -12.85
CA GLY L 315 27.24 81.69 -12.45
C GLY L 315 27.93 82.77 -13.27
N GLY L 316 28.89 83.43 -12.66
CA GLY L 316 29.48 84.65 -13.20
C GLY L 316 29.95 84.58 -14.64
N TYR L 317 29.19 85.21 -15.53
CA TYR L 317 29.56 85.31 -16.93
C TYR L 317 29.63 86.77 -17.35
N VAL L 318 28.68 87.57 -16.85
CA VAL L 318 28.66 89.00 -17.10
C VAL L 318 28.74 89.32 -18.60
N LYS L 319 27.60 89.24 -19.26
CA LYS L 319 27.54 89.38 -20.70
C LYS L 319 27.48 90.84 -21.11
N ASN L 320 28.17 91.18 -22.19
CA ASN L 320 28.06 92.51 -22.80
C ASN L 320 28.57 93.63 -21.92
N LEU L 321 29.88 93.89 -21.97
CA LEU L 321 30.48 94.98 -21.21
C LEU L 321 30.82 96.18 -22.09
N VAL L 322 31.02 97.33 -21.46
CA VAL L 322 31.30 98.55 -22.18
C VAL L 322 32.78 98.62 -22.55
N ALA L 323 33.10 98.08 -23.72
CA ALA L 323 34.47 98.12 -24.23
C ALA L 323 34.80 99.52 -24.72
N CYS L 324 35.85 99.63 -25.53
CA CYS L 324 36.22 100.90 -26.13
C CYS L 324 37.05 100.69 -27.37
N VAL L 325 36.87 101.56 -28.36
CA VAL L 325 37.61 101.51 -29.60
C VAL L 325 38.14 102.89 -29.95
N TYR L 326 39.28 102.94 -30.63
CA TYR L 326 39.90 104.21 -30.97
C TYR L 326 40.79 104.10 -32.19
N ASP L 327 40.79 105.17 -32.98
CA ASP L 327 41.58 105.24 -34.20
C ASP L 327 42.75 106.20 -34.02
N ASN L 328 43.89 105.68 -33.58
CA ASN L 328 45.08 106.49 -33.42
C ASN L 328 45.79 106.68 -34.75
N LYS L 329 46.07 105.57 -35.43
CA LYS L 329 46.72 105.59 -36.74
C LYS L 329 46.33 104.35 -37.55
N GLY L 330 46.12 103.24 -36.85
CA GLY L 330 45.68 102.00 -37.47
C GLY L 330 44.24 102.07 -37.91
N ILE L 331 43.48 101.02 -37.60
CA ILE L 331 42.08 100.92 -37.98
C ILE L 331 41.22 100.46 -36.80
N LEU L 332 40.88 101.40 -35.92
CA LEU L 332 40.02 101.12 -34.78
C LEU L 332 40.51 99.94 -33.96
N GLU L 333 41.60 100.14 -33.22
CA GLU L 333 42.16 99.11 -32.38
C GLU L 333 41.37 99.03 -31.07
N THR L 334 40.65 97.93 -30.88
CA THR L 334 39.76 97.78 -29.74
C THR L 334 40.52 97.78 -28.42
N LYS L 335 39.83 98.17 -27.34
CA LYS L 335 40.40 98.22 -26.01
C LYS L 335 39.60 97.34 -25.08
N SER L 336 40.26 96.36 -24.47
CA SER L 336 39.58 95.38 -23.62
C SER L 336 38.82 96.07 -22.49
N PRO L 337 37.61 95.61 -22.19
CA PRO L 337 36.73 96.28 -21.23
C PRO L 337 37.31 96.25 -19.82
N LEU L 338 38.14 95.25 -19.54
CA LEU L 338 38.68 95.06 -18.20
C LEU L 338 40.00 95.78 -18.00
N ASN L 339 40.26 96.16 -16.75
CA ASN L 339 41.47 96.85 -16.39
C ASN L 339 42.70 95.99 -16.68
N VAL L 340 42.59 94.71 -16.33
CA VAL L 340 43.73 93.80 -16.42
C VAL L 340 43.31 92.45 -17.01
N LEU L 341 44.17 91.91 -17.87
CA LEU L 341 43.91 90.67 -18.58
C LEU L 341 44.54 89.50 -17.85
N PHE L 342 43.90 89.08 -16.76
CA PHE L 342 44.41 87.96 -15.97
C PHE L 342 44.57 86.71 -16.80
N ALA L 343 45.70 86.03 -16.59
CA ALA L 343 45.93 84.74 -17.22
C ALA L 343 45.26 83.66 -16.38
N ASP L 344 45.58 82.40 -16.65
CA ASP L 344 44.91 81.29 -16.00
C ASP L 344 45.37 81.11 -14.55
N TYR L 345 46.68 81.01 -14.34
CA TYR L 345 47.20 80.76 -13.02
C TYR L 345 47.09 82.00 -12.14
N MET L 346 46.73 83.13 -12.75
CA MET L 346 46.41 84.33 -11.98
C MET L 346 45.06 84.14 -11.30
N GLU L 347 44.11 83.53 -12.01
CA GLU L 347 42.78 83.26 -11.49
C GLU L 347 42.86 82.49 -10.19
N LEU L 348 43.86 81.62 -10.12
CA LEU L 348 44.03 80.73 -8.98
C LEU L 348 44.94 81.37 -7.94
N SER L 349 46.08 81.88 -8.39
CA SER L 349 47.08 82.44 -7.50
C SER L 349 46.56 83.68 -6.76
N LEU L 350 45.36 84.12 -7.11
CA LEU L 350 44.69 85.18 -6.36
C LEU L 350 43.72 84.58 -5.36
N ALA L 351 43.08 83.47 -5.74
CA ALA L 351 42.08 82.84 -4.88
C ALA L 351 42.68 82.42 -3.54
N ASN L 352 43.98 82.20 -3.53
CA ASN L 352 44.68 81.77 -2.33
C ASN L 352 44.99 82.95 -1.41
N ILE L 353 45.09 84.14 -1.99
CA ILE L 353 45.37 85.34 -1.23
C ILE L 353 44.09 85.83 -0.56
N GLY L 354 42.95 85.38 -1.06
CA GLY L 354 41.66 85.76 -0.51
C GLY L 354 41.09 86.90 -1.30
N LEU L 355 41.26 86.84 -2.62
CA LEU L 355 40.80 87.88 -3.52
C LEU L 355 39.91 87.30 -4.59
N ILE L 356 39.06 88.16 -5.16
CA ILE L 356 38.14 87.75 -6.20
C ILE L 356 38.53 88.41 -7.53
N PRO L 357 39.21 87.66 -8.39
CA PRO L 357 39.63 88.21 -9.68
C PRO L 357 38.48 88.28 -10.69
N PHE L 358 38.40 89.40 -11.42
CA PHE L 358 37.37 89.60 -12.43
C PHE L 358 37.97 89.42 -13.83
N VAL L 359 38.28 88.18 -14.16
CA VAL L 359 39.07 87.86 -15.35
C VAL L 359 38.27 88.03 -16.64
N SER L 360 38.95 88.43 -17.70
CA SER L 360 38.31 88.72 -18.97
C SER L 360 38.67 87.68 -20.02
N GLU L 361 37.78 87.48 -20.98
CA GLU L 361 38.09 86.66 -22.15
C GLU L 361 38.58 87.60 -23.24
N LYS L 362 39.81 87.39 -23.68
CA LYS L 362 40.47 88.29 -24.60
C LYS L 362 39.69 88.51 -25.89
N GLY L 363 39.28 89.76 -26.12
CA GLY L 363 38.55 90.12 -27.33
C GLY L 363 37.05 89.92 -27.21
N THR L 364 36.64 88.88 -26.48
CA THR L 364 35.23 88.52 -26.37
C THR L 364 34.39 89.64 -25.74
N SER L 365 35.06 90.62 -25.14
CA SER L 365 34.38 91.74 -24.49
C SER L 365 33.47 91.24 -23.37
N ASN L 366 33.92 90.21 -22.65
CA ASN L 366 33.18 89.63 -21.54
C ASN L 366 34.10 89.26 -20.38
N ALA L 367 33.51 88.67 -19.34
CA ALA L 367 34.25 88.33 -18.14
C ALA L 367 33.71 87.04 -17.52
N CYS L 368 34.05 86.81 -16.25
CA CYS L 368 33.52 85.69 -15.46
C CYS L 368 34.26 85.62 -14.14
N PHE L 369 33.55 85.25 -13.08
CA PHE L 369 34.16 85.02 -11.78
C PHE L 369 34.43 83.54 -11.59
N PHE L 370 35.69 83.14 -11.68
CA PHE L 370 36.07 81.75 -11.42
C PHE L 370 36.14 81.49 -9.93
N SER L 371 36.77 82.42 -9.21
CA SER L 371 36.93 82.30 -7.79
C SER L 371 36.02 83.27 -7.07
N VAL L 372 35.43 82.81 -5.99
CA VAL L 372 34.65 83.66 -5.11
C VAL L 372 35.00 83.31 -3.68
N ASN L 373 36.22 83.67 -3.30
CA ASN L 373 36.71 83.39 -1.97
C ASN L 373 36.74 84.63 -1.10
N SER L 374 36.52 84.41 0.19
CA SER L 374 36.62 85.46 1.18
C SER L 374 38.08 85.72 1.48
N ALA L 375 38.34 86.64 2.38
CA ALA L 375 39.71 86.97 2.76
C ALA L 375 40.19 86.05 3.86
N LYS L 376 39.39 85.05 4.22
CA LYS L 376 39.76 84.13 5.28
C LYS L 376 40.91 83.23 4.83
N LYS L 377 41.85 82.98 5.74
CA LYS L 377 42.99 82.13 5.44
C LYS L 377 42.52 80.71 5.19
N VAL L 378 43.16 80.04 4.25
CA VAL L 378 42.75 78.70 3.83
C VAL L 378 43.40 77.60 4.68
N GLU L 379 44.52 77.93 5.31
CA GLU L 379 45.28 76.97 6.11
C GLU L 379 45.66 75.75 5.27
N GLU L 380 45.98 74.63 5.93
CA GLU L 380 46.33 73.41 5.20
C GLU L 380 46.04 72.17 6.04
N PHE L 381 46.69 72.07 7.18
CA PHE L 381 46.44 71.01 8.17
C PHE L 381 46.84 69.62 7.65
N VAL L 382 47.03 68.71 8.59
CA VAL L 382 47.43 67.35 8.28
C VAL L 382 46.21 66.47 8.09
N ASP L 383 45.31 66.49 9.07
CA ASP L 383 44.08 65.73 8.98
C ASP L 383 43.26 66.21 7.79
N GLY L 384 42.88 65.27 6.92
CA GLY L 384 42.19 65.59 5.69
C GLY L 384 40.88 66.34 5.88
N PHE L 385 40.10 65.92 6.87
CA PHE L 385 38.83 66.57 7.15
C PHE L 385 39.03 68.04 7.49
N ASP L 386 39.93 68.30 8.43
CA ASP L 386 40.21 69.67 8.87
C ASP L 386 40.64 70.52 7.67
N SER L 387 41.41 69.93 6.78
CA SER L 387 41.92 70.64 5.61
C SER L 387 40.79 71.05 4.69
N ALA L 388 39.75 70.22 4.64
CA ALA L 388 38.61 70.46 3.77
C ALA L 388 37.67 71.50 4.37
N ASN L 389 37.56 71.48 5.70
CA ASN L 389 36.77 72.48 6.42
C ASN L 389 37.17 73.89 6.01
N SER L 390 38.46 74.16 6.15
CA SER L 390 38.99 75.50 5.90
C SER L 390 38.86 75.91 4.44
N ARG L 391 38.67 74.93 3.56
CA ARG L 391 38.57 75.20 2.14
C ARG L 391 37.16 75.66 1.78
N LEU L 392 36.19 75.21 2.57
CA LEU L 392 34.79 75.53 2.33
C LEU L 392 34.40 76.81 3.06
N ILE L 393 35.07 77.08 4.17
CA ILE L 393 34.74 78.24 4.97
C ILE L 393 35.25 79.50 4.28
N ALA L 394 36.42 79.39 3.67
CA ALA L 394 37.00 80.51 2.93
C ALA L 394 36.12 80.85 1.75
N ASN L 395 35.41 79.86 1.23
CA ASN L 395 34.53 80.03 0.07
C ASN L 395 33.34 80.92 0.42
N LEU L 396 33.28 82.07 -0.25
CA LEU L 396 32.26 83.07 0.04
C LEU L 396 30.86 82.57 -0.28
N SER L 397 30.73 81.89 -1.41
CA SER L 397 29.42 81.50 -1.94
C SER L 397 28.60 80.68 -0.94
N TYR L 398 29.28 79.93 -0.08
CA TYR L 398 28.59 79.14 0.94
C TYR L 398 28.13 80.00 2.10
N THR L 399 29.03 80.85 2.61
CA THR L 399 28.70 81.74 3.73
C THR L 399 27.58 82.70 3.33
N MET L 400 27.35 82.85 2.04
CA MET L 400 26.20 83.60 1.56
C MET L 400 24.95 82.78 1.81
N CYS L 401 25.05 81.47 1.62
CA CYS L 401 23.93 80.56 1.77
C CYS L 401 23.64 80.26 3.22
N ILE L 402 24.69 79.94 3.96
CA ILE L 402 24.53 79.64 5.37
C ILE L 402 23.95 80.87 6.06
N SER L 403 24.26 82.04 5.54
CA SER L 403 23.73 83.28 6.07
C SER L 403 22.22 83.36 5.87
N ARG L 404 21.74 82.76 4.78
CA ARG L 404 20.32 82.82 4.46
C ARG L 404 19.50 81.97 5.39
N ILE L 405 20.16 81.11 6.16
CA ILE L 405 19.48 80.31 7.17
C ILE L 405 19.29 81.13 8.44
N SER L 406 20.27 81.97 8.74
CA SER L 406 20.15 82.89 9.86
C SER L 406 18.99 83.85 9.62
N HIS L 407 18.81 84.27 8.38
CA HIS L 407 17.70 85.13 8.01
C HIS L 407 16.40 84.38 8.01
N TYR L 408 16.46 83.07 8.27
CA TYR L 408 15.26 82.27 8.39
C TYR L 408 14.93 82.11 9.86
N ILE L 409 15.92 81.71 10.64
CA ILE L 409 15.74 81.53 12.07
C ILE L 409 15.30 82.86 12.70
N LYS L 410 16.24 83.79 12.87
CA LYS L 410 15.90 85.11 13.39
C LYS L 410 15.08 85.90 12.37
N CYS L 411 13.85 85.46 12.16
CA CYS L 411 12.95 86.09 11.20
C CYS L 411 11.58 85.42 11.23
N VAL L 412 11.59 84.09 11.15
CA VAL L 412 10.38 83.31 11.01
C VAL L 412 9.98 82.66 12.33
N ILE L 413 10.94 82.06 13.03
CA ILE L 413 10.64 81.39 14.28
C ILE L 413 10.22 82.41 15.35
N ARG L 414 10.41 83.69 15.05
CA ARG L 414 9.96 84.76 15.91
C ARG L 414 8.45 84.72 16.10
N ASP L 415 7.75 84.17 15.12
CA ASP L 415 6.30 84.07 15.18
C ASP L 415 5.88 83.21 16.37
N LYS L 416 6.48 82.03 16.48
CA LYS L 416 6.16 81.11 17.58
C LYS L 416 7.15 81.30 18.72
N ILE L 417 7.15 82.49 19.29
CA ILE L 417 8.05 82.82 20.38
C ILE L 417 7.40 82.48 21.72
N GLY L 418 6.07 82.43 21.73
CA GLY L 418 5.32 82.20 22.95
C GLY L 418 4.62 80.87 22.92
N SER L 419 4.51 80.28 21.74
CA SER L 419 3.84 78.99 21.58
C SER L 419 4.57 77.92 22.35
N ILE L 420 3.83 76.91 22.79
CA ILE L 420 4.43 75.80 23.51
C ILE L 420 5.06 74.84 22.51
N VAL L 421 6.37 74.72 22.59
CA VAL L 421 7.13 73.88 21.69
C VAL L 421 8.19 73.11 22.44
N ASP L 422 8.75 72.11 21.78
CA ASP L 422 9.70 71.20 22.40
C ASP L 422 10.97 71.05 21.60
N VAL L 423 11.87 70.25 22.14
CA VAL L 423 13.10 69.90 21.46
C VAL L 423 12.77 69.18 20.15
N GLU L 424 11.68 68.41 20.17
CA GLU L 424 11.30 67.61 19.03
C GLU L 424 10.42 68.38 18.05
N SER L 425 9.99 69.57 18.46
CA SER L 425 9.10 70.39 17.64
C SER L 425 9.88 71.43 16.85
N ILE L 426 10.93 71.98 17.47
CA ILE L 426 11.78 72.96 16.80
C ILE L 426 12.63 72.27 15.74
N GLN L 427 12.96 71.01 16.00
CA GLN L 427 13.72 70.21 15.06
C GLN L 427 12.85 69.82 13.86
N LYS L 428 11.55 70.01 14.02
CA LYS L 428 10.59 69.75 12.95
C LYS L 428 10.45 70.96 12.04
N ILE L 429 10.09 72.10 12.64
CA ILE L 429 9.85 73.33 11.91
C ILE L 429 11.09 73.77 11.12
N LEU L 430 12.25 73.65 11.76
CA LEU L 430 13.48 74.12 11.15
C LEU L 430 13.96 73.16 10.07
N SER L 431 13.66 71.88 10.23
CA SER L 431 14.11 70.86 9.30
C SER L 431 13.15 70.72 8.11
N ASP L 432 11.86 70.75 8.40
CA ASP L 432 10.83 70.59 7.36
C ASP L 432 11.00 71.66 6.29
N TRP L 433 11.58 72.78 6.67
CA TRP L 433 11.84 73.86 5.74
C TRP L 433 13.04 73.52 4.87
N ILE L 434 14.20 73.45 5.50
CA ILE L 434 15.47 73.27 4.79
C ILE L 434 15.50 71.97 3.98
N SER L 435 14.58 71.06 4.28
CA SER L 435 14.55 69.76 3.63
C SER L 435 14.31 69.87 2.12
N GLU L 436 13.61 70.92 1.69
CA GLU L 436 13.28 71.09 0.28
C GLU L 436 14.47 71.62 -0.52
N PHE L 437 15.60 71.80 0.15
CA PHE L 437 16.78 72.40 -0.46
C PHE L 437 18.00 71.51 -0.32
N VAL L 438 17.77 70.25 0.01
CA VAL L 438 18.88 69.29 0.17
C VAL L 438 18.64 68.05 -0.66
N THR L 439 19.64 67.71 -1.48
CA THR L 439 19.55 66.55 -2.33
C THR L 439 20.92 65.91 -2.50
N THR L 440 20.94 64.79 -3.20
CA THR L 440 22.17 64.11 -3.54
C THR L 440 22.21 63.89 -5.04
N VAL L 441 21.04 63.67 -5.63
CA VAL L 441 20.94 63.48 -7.07
C VAL L 441 21.23 64.78 -7.80
N TYR L 442 21.81 64.68 -8.99
CA TYR L 442 22.14 65.86 -9.78
C TYR L 442 21.15 66.05 -10.93
N GLN L 443 20.72 67.29 -11.10
CA GLN L 443 19.77 67.62 -12.14
C GLN L 443 20.51 68.08 -13.40
N PRO L 444 19.92 67.84 -14.58
CA PRO L 444 20.54 68.31 -15.81
C PRO L 444 20.67 69.83 -15.81
N THR L 445 21.73 70.35 -16.44
CA THR L 445 22.00 71.78 -16.47
C THR L 445 22.37 72.28 -15.07
N PRO L 446 23.09 73.39 -15.00
CA PRO L 446 23.52 73.91 -13.69
C PRO L 446 22.38 74.57 -12.94
N LEU L 447 21.58 75.36 -13.65
CA LEU L 447 20.53 76.15 -13.02
C LEU L 447 19.51 75.26 -12.34
N GLU L 448 19.11 74.19 -13.03
CA GLU L 448 18.07 73.30 -12.52
C GLU L 448 18.51 72.57 -11.26
N MET L 449 19.82 72.59 -11.00
CA MET L 449 20.39 71.89 -9.85
C MET L 449 20.79 72.87 -8.75
N ALA L 450 21.17 74.09 -9.13
CA ALA L 450 21.56 75.12 -8.16
C ALA L 450 20.38 75.53 -7.28
N ARG L 451 19.18 75.06 -7.63
CA ARG L 451 18.02 75.22 -6.75
C ARG L 451 18.35 74.59 -5.41
N TYR L 452 19.15 73.53 -5.45
CA TYR L 452 19.56 72.80 -4.25
C TYR L 452 20.99 73.14 -3.86
N PRO L 453 21.17 74.10 -2.94
CA PRO L 453 22.53 74.44 -2.54
C PRO L 453 23.19 73.33 -1.70
N PHE L 454 22.49 72.89 -0.65
CA PHE L 454 23.11 71.99 0.32
C PHE L 454 23.03 70.54 -0.10
N ARG L 455 23.90 69.72 0.49
CA ARG L 455 23.92 68.28 0.24
C ARG L 455 23.15 67.55 1.33
N ASN L 456 23.49 67.84 2.58
CA ASN L 456 22.79 67.25 3.72
C ASN L 456 22.99 68.09 4.96
N VAL L 457 22.06 67.98 5.91
CA VAL L 457 22.06 68.84 7.08
C VAL L 457 21.67 68.07 8.33
N SER L 458 22.30 68.42 9.45
CA SER L 458 21.93 67.92 10.76
C SER L 458 21.41 69.09 11.60
N ILE L 459 20.44 68.81 12.47
CA ILE L 459 19.85 69.85 13.31
C ILE L 459 19.53 69.27 14.68
N GLU L 460 20.51 69.35 15.58
CA GLU L 460 20.39 68.79 16.91
C GLU L 460 20.19 69.89 17.94
N VAL L 461 18.93 70.26 18.17
CA VAL L 461 18.61 71.23 19.21
C VAL L 461 18.42 70.49 20.52
N LYS L 462 18.48 71.21 21.62
CA LYS L 462 18.38 70.59 22.93
C LYS L 462 18.22 71.65 23.99
N THR L 463 17.31 71.38 24.92
CA THR L 463 17.03 72.32 25.99
C THR L 463 18.21 72.37 26.95
N ILE L 464 18.36 73.50 27.62
CA ILE L 464 19.42 73.68 28.61
C ILE L 464 18.82 73.71 30.01
N PRO L 465 19.63 73.35 31.01
CA PRO L 465 19.15 73.43 32.39
C PRO L 465 18.97 74.88 32.83
N GLY L 466 18.26 75.08 33.93
CA GLY L 466 18.02 76.42 34.45
C GLY L 466 16.90 77.09 33.68
N LYS L 467 17.24 77.68 32.53
CA LYS L 467 16.25 78.35 31.70
C LYS L 467 15.30 77.32 31.09
N PRO L 468 14.01 77.36 31.47
CA PRO L 468 13.08 76.33 31.01
C PRO L 468 12.59 76.55 29.58
N GLY L 469 12.31 77.79 29.22
CA GLY L 469 11.75 78.12 27.92
C GLY L 469 12.82 78.37 26.88
N TRP L 470 14.08 78.27 27.27
CA TRP L 470 15.19 78.53 26.36
C TRP L 470 15.78 77.25 25.78
N TYR L 471 16.36 77.35 24.59
CA TYR L 471 17.00 76.23 23.92
C TYR L 471 18.34 76.62 23.34
N SER L 472 18.98 75.68 22.65
CA SER L 472 20.28 75.93 22.04
C SER L 472 20.47 74.98 20.86
N CYS L 473 20.29 75.51 19.66
CA CYS L 473 20.43 74.72 18.45
C CYS L 473 21.88 74.59 18.01
N LYS L 474 22.13 73.75 17.03
CA LYS L 474 23.45 73.53 16.50
C LYS L 474 23.36 72.78 15.17
N ILE L 475 23.24 73.53 14.09
CA ILE L 475 23.13 72.93 12.77
C ILE L 475 24.49 72.79 12.11
N ASN L 476 24.52 72.04 11.04
CA ASN L 476 25.75 71.76 10.32
C ASN L 476 25.42 71.40 8.88
N VAL L 477 25.87 72.23 7.95
CA VAL L 477 25.50 72.07 6.55
C VAL L 477 26.70 71.77 5.67
N ILE L 478 26.54 70.77 4.80
CA ILE L 478 27.55 70.46 3.81
C ILE L 478 27.05 70.89 2.44
N PRO L 479 27.58 72.00 1.92
CA PRO L 479 27.11 72.48 0.63
C PRO L 479 27.66 71.67 -0.52
N HIS L 480 26.96 71.67 -1.65
CA HIS L 480 27.43 70.98 -2.85
C HIS L 480 28.77 71.56 -3.30
N ILE L 481 29.83 70.80 -3.05
CA ILE L 481 31.17 71.25 -3.36
C ILE L 481 31.35 71.48 -4.84
N GLN L 482 31.84 72.68 -5.16
CA GLN L 482 32.00 73.09 -6.53
C GLN L 482 33.26 72.50 -7.12
N PHE L 483 33.31 72.47 -8.45
CA PHE L 483 34.52 72.11 -9.16
C PHE L 483 35.55 73.20 -8.88
N GLU L 484 36.83 72.86 -8.93
CA GLU L 484 37.87 73.85 -8.64
C GLU L 484 39.15 73.64 -9.45
N GLY L 485 39.25 72.49 -10.13
CA GLY L 485 40.41 72.20 -10.97
C GLY L 485 40.82 70.75 -10.89
N MET L 486 41.78 70.36 -11.72
CA MET L 486 42.27 68.98 -11.72
C MET L 486 43.53 68.80 -12.55
N ASN L 487 44.40 67.91 -12.10
CA ASN L 487 45.57 67.50 -12.87
C ASN L 487 45.22 66.30 -13.73
N THR L 488 46.09 65.98 -14.69
CA THR L 488 45.85 64.85 -15.57
C THR L 488 47.13 64.38 -16.25
N THR L 489 47.39 63.09 -16.13
CA THR L 489 48.57 62.47 -16.73
C THR L 489 48.14 61.54 -17.87
N MET L 490 48.44 61.96 -19.10
CA MET L 490 48.19 61.11 -20.25
C MET L 490 49.41 60.23 -20.47
N THR L 491 49.21 59.05 -21.05
CA THR L 491 50.33 58.15 -21.29
C THR L 491 49.92 57.05 -22.26
N ILE L 492 50.86 56.60 -23.09
CA ILE L 492 50.64 55.44 -23.93
C ILE L 492 51.04 54.19 -23.16
N ASP L 493 50.04 53.47 -22.67
CA ASP L 493 50.28 52.31 -21.81
C ASP L 493 50.80 51.10 -22.59
N THR L 494 50.08 50.73 -23.64
CA THR L 494 50.42 49.55 -24.44
C THR L 494 50.34 48.28 -23.60
N ARG L 495 49.63 48.36 -22.48
CA ARG L 495 49.45 47.22 -21.57
C ARG L 495 47.97 46.99 -21.36
N LEU L 496 47.16 47.92 -21.86
CA LEU L 496 45.73 47.87 -21.68
C LEU L 496 45.18 46.73 -22.52
N GLU L 497 45.57 46.69 -23.79
CA GLU L 497 45.17 45.63 -24.70
C GLU L 497 46.37 44.73 -25.01
N PRO L 498 46.62 43.72 -24.17
CA PRO L 498 47.79 42.85 -24.35
C PRO L 498 47.63 41.90 -25.54
N GLU L 499 46.41 41.81 -26.07
CA GLU L 499 46.13 40.92 -27.18
C GLU L 499 46.89 41.35 -28.45
N LEU L 500 47.40 42.59 -28.45
CA LEU L 500 48.08 43.15 -29.61
C LEU L 500 49.59 43.28 -29.40
N PHE L 501 50.02 43.29 -28.14
CA PHE L 501 51.43 43.51 -27.80
C PHE L 501 52.00 42.41 -26.92
N GLY L 502 51.15 41.44 -26.57
CA GLY L 502 51.57 40.36 -25.70
C GLY L 502 52.44 39.36 -26.43
N THR L 503 53.06 38.46 -25.67
CA THR L 503 53.94 37.46 -26.23
C THR L 503 53.14 36.42 -27.01
N ASN L 504 52.10 35.88 -26.36
CA ASN L 504 51.29 34.83 -26.96
C ASN L 504 50.53 35.32 -28.19
N ASN L 505 50.91 34.82 -29.36
CA ASN L 505 50.27 35.18 -30.61
C ASN L 505 50.47 34.10 -31.67
#